data_1SOU
#
_entry.id   1SOU
#
_entity_poly.entity_id   1
_entity_poly.type   'polypeptide(L)'
_entity_poly.pdbx_seq_one_letter_code
;MLKSELRKKVLHKRINLSEEERRRLSEKVISNLKSLPEFKKSKKVALYCPIKGEVDLTPLFPEVLKEKELILPKVEGNEI
SLYRVHSPACLGVGAFGIMEPVEGERVNPEDVDFIAVPGVAFDLEGYRLGFGKGYYDRLLKRVKGLKVGVAYSFQVFERL
PRDAWDIPVDVLVTEKNVRRLRDGRSLEHHHHHH
;
_entity_poly.pdbx_strand_id   A
#
# COMPACT_ATOMS: atom_id res chain seq x y z
N MET A 1 -12.03 21.69 -7.03
CA MET A 1 -12.09 21.15 -5.66
C MET A 1 -10.79 21.45 -4.92
N LEU A 2 -10.70 21.03 -3.66
CA LEU A 2 -9.48 21.20 -2.88
C LEU A 2 -8.60 19.97 -3.02
N LYS A 3 -9.03 19.05 -3.87
CA LYS A 3 -8.36 17.76 -4.08
C LYS A 3 -6.87 17.91 -4.39
N SER A 4 -6.54 18.78 -5.35
CA SER A 4 -5.16 18.93 -5.80
C SER A 4 -4.32 19.63 -4.73
N GLU A 5 -4.89 20.64 -4.09
CA GLU A 5 -4.16 21.41 -3.08
C GLU A 5 -3.95 20.59 -1.82
N LEU A 6 -4.93 19.80 -1.44
CA LEU A 6 -4.84 18.99 -0.24
C LEU A 6 -3.76 17.91 -0.41
N ARG A 7 -3.66 17.37 -1.61
CA ARG A 7 -2.58 16.43 -1.94
C ARG A 7 -1.23 17.12 -1.77
N LYS A 8 -1.15 18.34 -2.28
CA LYS A 8 0.09 19.10 -2.32
C LYS A 8 0.56 19.50 -0.93
N LYS A 9 -0.33 20.12 -0.16
CA LYS A 9 0.04 20.67 1.15
C LYS A 9 0.52 19.58 2.11
N VAL A 10 -0.08 18.40 2.01
CA VAL A 10 0.32 17.27 2.84
C VAL A 10 1.62 16.66 2.32
N LEU A 11 1.72 16.56 0.99
CA LEU A 11 2.89 15.97 0.35
C LEU A 11 4.15 16.79 0.65
N HIS A 12 3.99 18.10 0.76
CA HIS A 12 5.09 19.01 1.04
C HIS A 12 5.77 18.66 2.37
N LYS A 13 4.98 18.41 3.40
CA LYS A 13 5.54 18.05 4.70
C LYS A 13 5.90 16.57 4.73
N ARG A 14 5.17 15.79 3.93
CA ARG A 14 5.39 14.36 3.83
C ARG A 14 6.82 14.04 3.41
N ILE A 15 7.34 14.78 2.44
CA ILE A 15 8.70 14.57 1.95
C ILE A 15 9.71 15.38 2.75
N ASN A 16 9.21 16.11 3.74
CA ASN A 16 10.07 16.93 4.59
C ASN A 16 10.55 16.12 5.79
N LEU A 17 9.83 15.05 6.10
CA LEU A 17 10.19 14.17 7.21
C LEU A 17 11.62 13.68 7.06
N SER A 18 12.35 13.66 8.16
CA SER A 18 13.75 13.31 8.13
C SER A 18 13.94 11.82 8.35
N GLU A 19 14.95 11.24 7.69
CA GLU A 19 15.20 9.80 7.74
C GLU A 19 15.45 9.33 9.16
N GLU A 20 15.91 10.24 10.01
CA GLU A 20 16.17 9.94 11.41
C GLU A 20 14.92 9.35 12.06
N GLU A 21 13.88 10.16 12.13
CA GLU A 21 12.60 9.75 12.70
C GLU A 21 11.88 8.79 11.77
N ARG A 22 11.94 9.08 10.48
CA ARG A 22 11.24 8.29 9.47
C ARG A 22 11.65 6.83 9.51
N ARG A 23 12.95 6.56 9.52
CA ARG A 23 13.45 5.19 9.47
C ARG A 23 13.04 4.42 10.72
N ARG A 24 12.98 5.11 11.84
CA ARG A 24 12.60 4.49 13.10
C ARG A 24 11.12 4.14 13.10
N LEU A 25 10.30 5.02 12.53
CA LEU A 25 8.87 4.78 12.42
C LEU A 25 8.59 3.68 11.39
N SER A 26 9.37 3.67 10.32
CA SER A 26 9.29 2.64 9.30
C SER A 26 9.55 1.27 9.90
N GLU A 27 10.52 1.21 10.81
CA GLU A 27 10.83 -0.03 11.52
C GLU A 27 9.60 -0.54 12.25
N LYS A 28 8.91 0.36 12.92
CA LYS A 28 7.70 0.03 13.66
C LYS A 28 6.62 -0.51 12.73
N VAL A 29 6.44 0.13 11.59
CA VAL A 29 5.48 -0.32 10.59
C VAL A 29 5.86 -1.70 10.07
N ILE A 30 7.14 -1.88 9.77
CA ILE A 30 7.67 -3.17 9.32
C ILE A 30 7.37 -4.25 10.35
N SER A 31 7.77 -4.01 11.59
CA SER A 31 7.57 -4.96 12.65
C SER A 31 6.09 -5.27 12.85
N ASN A 32 5.26 -4.24 12.84
CA ASN A 32 3.82 -4.41 12.99
C ASN A 32 3.24 -5.27 11.87
N LEU A 33 3.53 -4.87 10.64
CA LEU A 33 3.03 -5.55 9.46
C LEU A 33 3.49 -7.01 9.42
N LYS A 34 4.72 -7.23 9.83
CA LYS A 34 5.32 -8.56 9.78
C LYS A 34 4.85 -9.43 10.95
N SER A 35 4.37 -8.79 12.01
CA SER A 35 3.88 -9.52 13.18
C SER A 35 2.43 -9.91 13.01
N LEU A 36 1.73 -9.24 12.09
CA LEU A 36 0.34 -9.59 11.77
C LEU A 36 0.23 -11.06 11.37
N PRO A 37 -0.56 -11.85 12.13
CA PRO A 37 -0.70 -13.30 11.90
C PRO A 37 -1.26 -13.62 10.52
N GLU A 38 -1.96 -12.66 9.94
CA GLU A 38 -2.55 -12.85 8.62
C GLU A 38 -1.49 -12.69 7.54
N PHE A 39 -0.42 -11.97 7.87
CA PHE A 39 0.71 -11.82 6.96
C PHE A 39 1.50 -13.12 6.92
N LYS A 40 1.35 -13.91 7.97
CA LYS A 40 1.96 -15.22 8.06
C LYS A 40 1.28 -16.19 7.11
N LYS A 41 -0.01 -15.97 6.86
CA LYS A 41 -0.79 -16.86 6.02
C LYS A 41 -0.80 -16.36 4.57
N SER A 42 -0.87 -15.05 4.39
CA SER A 42 -0.89 -14.45 3.06
C SER A 42 0.36 -14.85 2.28
N LYS A 43 0.15 -15.47 1.13
CA LYS A 43 1.23 -16.04 0.35
C LYS A 43 1.77 -15.03 -0.64
N LYS A 44 0.87 -14.30 -1.27
CA LYS A 44 1.24 -13.29 -2.23
C LYS A 44 1.32 -11.92 -1.57
N VAL A 45 2.53 -11.41 -1.40
CA VAL A 45 2.71 -10.11 -0.77
C VAL A 45 3.15 -9.08 -1.79
N ALA A 46 2.20 -8.25 -2.22
CA ALA A 46 2.48 -7.23 -3.23
C ALA A 46 2.66 -5.87 -2.57
N LEU A 47 3.67 -5.14 -3.00
CA LEU A 47 3.91 -3.80 -2.51
C LEU A 47 3.83 -2.80 -3.64
N TYR A 48 3.44 -1.57 -3.34
CA TYR A 48 3.39 -0.52 -4.35
C TYR A 48 4.81 0.00 -4.61
N CYS A 49 5.22 1.02 -3.84
CA CYS A 49 6.56 1.58 -3.94
C CYS A 49 6.71 2.80 -3.04
N PRO A 50 7.73 2.80 -2.17
CA PRO A 50 8.07 3.96 -1.35
C PRO A 50 9.04 4.88 -2.09
N ILE A 51 8.58 6.07 -2.45
CA ILE A 51 9.38 6.98 -3.26
C ILE A 51 9.48 8.37 -2.65
N LYS A 52 8.37 8.93 -2.23
CA LYS A 52 8.34 10.32 -1.82
C LYS A 52 8.46 10.45 -0.30
N GLY A 53 7.42 10.02 0.41
CA GLY A 53 7.42 10.14 1.85
C GLY A 53 6.63 9.02 2.48
N GLU A 54 6.87 7.81 2.02
CA GLU A 54 6.16 6.67 2.49
C GLU A 54 7.01 5.99 3.54
N VAL A 55 6.76 4.72 3.71
CA VAL A 55 7.40 3.92 4.74
C VAL A 55 8.51 3.09 4.11
N ASP A 56 9.63 3.01 4.79
CA ASP A 56 10.78 2.26 4.29
C ASP A 56 10.53 0.76 4.38
N LEU A 57 9.70 0.26 3.47
CA LEU A 57 9.42 -1.17 3.37
C LEU A 57 10.41 -1.83 2.42
N THR A 58 11.24 -0.99 1.79
CA THR A 58 12.26 -1.45 0.87
C THR A 58 13.24 -2.46 1.51
N PRO A 59 13.77 -2.18 2.72
CA PRO A 59 14.69 -3.10 3.41
C PRO A 59 14.03 -4.39 3.87
N LEU A 60 12.71 -4.47 3.75
CA LEU A 60 11.97 -5.66 4.19
C LEU A 60 11.91 -6.69 3.06
N PHE A 61 12.37 -6.31 1.88
CA PHE A 61 12.38 -7.21 0.73
C PHE A 61 13.07 -8.54 1.04
N PRO A 62 14.31 -8.53 1.61
CA PRO A 62 15.01 -9.77 1.99
C PRO A 62 14.16 -10.70 2.87
N GLU A 63 13.43 -10.11 3.82
CA GLU A 63 12.57 -10.90 4.70
C GLU A 63 11.43 -11.53 3.92
N VAL A 64 10.83 -10.74 3.05
CA VAL A 64 9.71 -11.22 2.24
C VAL A 64 10.16 -12.35 1.30
N LEU A 65 11.26 -12.10 0.59
CA LEU A 65 11.81 -13.06 -0.37
C LEU A 65 12.09 -14.41 0.30
N LYS A 66 12.49 -14.36 1.56
CA LYS A 66 12.80 -15.55 2.34
C LYS A 66 11.56 -16.42 2.53
N GLU A 67 10.45 -15.81 2.90
CA GLU A 67 9.26 -16.55 3.31
C GLU A 67 8.21 -16.61 2.20
N LYS A 68 7.72 -15.45 1.78
CA LYS A 68 6.62 -15.37 0.84
C LYS A 68 7.09 -14.90 -0.52
N GLU A 69 6.15 -14.62 -1.41
CA GLU A 69 6.47 -14.11 -2.73
C GLU A 69 6.34 -12.60 -2.75
N LEU A 70 7.46 -11.93 -2.99
CA LEU A 70 7.47 -10.49 -3.13
C LEU A 70 6.94 -10.11 -4.50
N ILE A 71 5.81 -9.42 -4.53
CA ILE A 71 5.21 -9.05 -5.79
C ILE A 71 5.29 -7.54 -6.00
N LEU A 72 5.84 -7.14 -7.13
CA LEU A 72 5.97 -5.74 -7.46
C LEU A 72 5.23 -5.42 -8.76
N PRO A 73 4.74 -4.18 -8.89
CA PRO A 73 4.00 -3.75 -10.07
C PRO A 73 4.90 -3.53 -11.28
N LYS A 74 4.57 -4.20 -12.38
CA LYS A 74 5.34 -4.07 -13.61
C LYS A 74 4.46 -3.45 -14.69
N VAL A 75 4.93 -2.36 -15.27
CA VAL A 75 4.16 -1.66 -16.29
C VAL A 75 4.53 -2.20 -17.67
N GLU A 76 3.63 -2.98 -18.25
CA GLU A 76 3.90 -3.59 -19.55
C GLU A 76 3.35 -2.71 -20.68
N GLY A 77 2.35 -1.90 -20.35
CA GLY A 77 1.76 -1.02 -21.33
C GLY A 77 0.50 -0.37 -20.78
N ASN A 78 0.69 0.67 -19.98
CA ASN A 78 -0.40 1.38 -19.30
C ASN A 78 -1.00 0.53 -18.18
N GLU A 79 -1.46 -0.68 -18.53
CA GLU A 79 -2.01 -1.57 -17.53
C GLU A 79 -0.85 -2.28 -16.83
N ILE A 80 -1.01 -2.47 -15.53
CA ILE A 80 0.07 -3.01 -14.72
C ILE A 80 -0.19 -4.46 -14.35
N SER A 81 0.78 -5.31 -14.61
CA SER A 81 0.73 -6.70 -14.18
C SER A 81 1.63 -6.87 -12.97
N LEU A 82 1.46 -7.96 -12.24
CA LEU A 82 2.23 -8.17 -11.03
C LEU A 82 3.13 -9.39 -11.16
N TYR A 83 4.42 -9.19 -10.95
CA TYR A 83 5.38 -10.27 -11.05
C TYR A 83 5.88 -10.66 -9.67
N ARG A 84 5.94 -11.97 -9.41
CA ARG A 84 6.43 -12.45 -8.12
C ARG A 84 7.92 -12.75 -8.21
N VAL A 85 8.64 -12.43 -7.15
CA VAL A 85 10.05 -12.78 -7.07
C VAL A 85 10.34 -13.50 -5.76
N HIS A 86 11.20 -14.51 -5.82
CA HIS A 86 11.64 -15.23 -4.64
C HIS A 86 13.12 -14.99 -4.42
N SER A 87 13.69 -14.15 -5.27
CA SER A 87 15.10 -13.83 -5.22
C SER A 87 15.34 -12.41 -5.72
N PRO A 88 16.39 -11.75 -5.24
CA PRO A 88 16.74 -10.39 -5.67
C PRO A 88 17.40 -10.38 -7.05
N ALA A 89 16.83 -11.15 -7.97
CA ALA A 89 17.42 -11.33 -9.29
C ALA A 89 17.00 -10.24 -10.26
N CYS A 90 15.76 -10.31 -10.71
CA CYS A 90 15.29 -9.40 -11.75
C CYS A 90 14.58 -8.19 -11.16
N LEU A 91 15.35 -7.14 -10.94
CA LEU A 91 14.80 -5.85 -10.51
C LEU A 91 15.48 -4.73 -11.26
N GLY A 92 14.83 -4.23 -12.31
CA GLY A 92 15.43 -3.20 -13.13
C GLY A 92 14.56 -1.98 -13.25
N VAL A 93 15.17 -0.83 -13.46
CA VAL A 93 14.43 0.42 -13.59
C VAL A 93 13.84 0.55 -14.99
N GLY A 94 12.53 0.39 -15.08
CA GLY A 94 11.86 0.51 -16.36
C GLY A 94 11.01 1.74 -16.44
N ALA A 95 10.31 2.05 -15.36
CA ALA A 95 9.42 3.21 -15.31
C ALA A 95 10.18 4.46 -14.88
N PHE A 96 9.46 5.40 -14.27
CA PHE A 96 10.01 6.71 -13.92
C PHE A 96 10.88 6.63 -12.66
N GLY A 97 11.91 5.80 -12.73
CA GLY A 97 12.87 5.73 -11.64
C GLY A 97 12.64 4.56 -10.72
N ILE A 98 11.48 3.95 -10.83
CA ILE A 98 11.15 2.80 -9.98
C ILE A 98 11.58 1.49 -10.64
N MET A 99 11.94 0.53 -9.81
CA MET A 99 12.38 -0.77 -10.30
C MET A 99 11.18 -1.71 -10.47
N GLU A 100 11.20 -2.47 -11.55
CA GLU A 100 10.13 -3.41 -11.85
C GLU A 100 10.74 -4.72 -12.37
N PRO A 101 10.10 -5.86 -12.07
CA PRO A 101 10.53 -7.16 -12.56
C PRO A 101 10.06 -7.40 -14.00
N VAL A 102 11.00 -7.33 -14.93
CA VAL A 102 10.66 -7.48 -16.35
C VAL A 102 10.73 -8.94 -16.78
N GLU A 103 11.47 -9.73 -16.03
CA GLU A 103 11.60 -11.16 -16.30
C GLU A 103 11.26 -11.96 -15.05
N GLY A 104 10.35 -12.90 -15.19
CA GLY A 104 9.98 -13.71 -14.07
C GLY A 104 8.66 -14.41 -14.28
N GLU A 105 7.89 -14.53 -13.21
CA GLU A 105 6.62 -15.23 -13.26
C GLU A 105 5.48 -14.23 -13.17
N ARG A 106 4.69 -14.20 -14.25
CA ARG A 106 3.58 -13.25 -14.36
C ARG A 106 2.38 -13.74 -13.56
N VAL A 107 2.00 -12.98 -12.54
CA VAL A 107 0.89 -13.33 -11.68
C VAL A 107 -0.25 -12.34 -11.89
N ASN A 108 -1.48 -12.83 -11.87
CA ASN A 108 -2.63 -11.95 -12.01
C ASN A 108 -2.91 -11.27 -10.67
N PRO A 109 -3.22 -9.97 -10.69
CA PRO A 109 -3.37 -9.16 -9.47
C PRO A 109 -4.44 -9.67 -8.51
N GLU A 110 -5.41 -10.41 -9.04
CA GLU A 110 -6.51 -10.91 -8.23
C GLU A 110 -6.07 -12.14 -7.42
N ASP A 111 -4.88 -12.63 -7.73
CA ASP A 111 -4.31 -13.78 -7.02
C ASP A 111 -3.58 -13.33 -5.78
N VAL A 112 -3.38 -12.02 -5.65
CA VAL A 112 -2.63 -11.45 -4.54
C VAL A 112 -3.49 -11.40 -3.27
N ASP A 113 -3.00 -12.05 -2.22
CA ASP A 113 -3.69 -12.08 -0.94
C ASP A 113 -3.54 -10.74 -0.23
N PHE A 114 -2.29 -10.31 -0.10
CA PHE A 114 -1.95 -9.17 0.72
C PHE A 114 -1.20 -8.14 -0.10
N ILE A 115 -1.71 -6.91 -0.12
CA ILE A 115 -1.04 -5.83 -0.84
C ILE A 115 -0.91 -4.60 0.03
N ALA A 116 0.24 -3.94 -0.07
CA ALA A 116 0.51 -2.75 0.72
C ALA A 116 0.53 -1.52 -0.18
N VAL A 117 -0.49 -0.69 -0.04
CA VAL A 117 -0.62 0.50 -0.86
C VAL A 117 -0.61 1.77 -0.01
N PRO A 118 0.35 2.65 -0.26
CA PRO A 118 0.44 3.94 0.42
C PRO A 118 -0.43 4.99 -0.24
N GLY A 119 -0.68 6.08 0.47
CA GLY A 119 -1.44 7.18 -0.08
C GLY A 119 -1.00 8.49 0.54
N VAL A 120 -1.18 9.59 -0.18
CA VAL A 120 -0.79 10.91 0.31
C VAL A 120 -1.45 11.22 1.66
N ALA A 121 -2.74 10.96 1.73
CA ALA A 121 -3.48 11.19 2.96
C ALA A 121 -4.50 10.07 3.16
N PHE A 122 -4.76 9.76 4.42
CA PHE A 122 -5.75 8.76 4.79
C PHE A 122 -6.69 9.33 5.84
N ASP A 123 -7.80 8.64 6.08
CA ASP A 123 -8.73 9.03 7.12
C ASP A 123 -9.00 7.82 8.03
N LEU A 124 -9.98 7.92 8.92
CA LEU A 124 -10.25 6.85 9.87
C LEU A 124 -11.29 5.87 9.34
N GLU A 125 -11.72 6.05 8.11
CA GLU A 125 -12.72 5.17 7.51
C GLU A 125 -12.10 4.32 6.41
N GLY A 126 -11.02 4.83 5.81
CA GLY A 126 -10.29 4.03 4.84
C GLY A 126 -10.27 4.65 3.46
N TYR A 127 -10.43 5.96 3.40
CA TYR A 127 -10.43 6.66 2.13
C TYR A 127 -9.10 7.34 1.89
N ARG A 128 -8.81 7.62 0.63
CA ARG A 128 -7.61 8.32 0.26
C ARG A 128 -8.00 9.54 -0.56
N LEU A 129 -7.01 10.27 -1.03
CA LEU A 129 -7.27 11.39 -1.92
C LEU A 129 -6.72 11.10 -3.31
N GLY A 130 -6.14 9.92 -3.45
CA GLY A 130 -5.59 9.49 -4.74
C GLY A 130 -4.31 10.19 -5.10
N PHE A 131 -3.73 9.79 -6.23
CA PHE A 131 -2.53 10.43 -6.77
C PHE A 131 -2.85 10.99 -8.16
N GLY A 132 -2.99 10.07 -9.10
CA GLY A 132 -3.37 10.42 -10.45
C GLY A 132 -4.13 9.28 -11.10
N LYS A 133 -5.33 9.57 -11.57
CA LYS A 133 -6.18 8.52 -12.13
C LYS A 133 -5.91 8.34 -13.62
N GLY A 134 -6.07 7.13 -14.10
CA GLY A 134 -5.86 6.86 -15.50
C GLY A 134 -5.67 5.37 -15.78
N TYR A 135 -4.62 4.80 -15.20
CA TYR A 135 -4.29 3.40 -15.47
C TYR A 135 -3.98 2.65 -14.17
N TYR A 136 -3.51 3.38 -13.17
CA TYR A 136 -3.09 2.76 -11.91
C TYR A 136 -4.31 2.35 -11.09
N ASP A 137 -5.38 3.10 -11.26
CA ASP A 137 -6.65 2.79 -10.61
C ASP A 137 -7.24 1.52 -11.21
N ARG A 138 -6.83 1.21 -12.44
CA ARG A 138 -7.25 -0.01 -13.11
C ARG A 138 -6.60 -1.22 -12.44
N LEU A 139 -5.36 -1.04 -11.99
CA LEU A 139 -4.65 -2.07 -11.25
C LEU A 139 -5.35 -2.30 -9.92
N LEU A 140 -5.86 -1.22 -9.34
CA LEU A 140 -6.59 -1.29 -8.08
C LEU A 140 -7.92 -2.01 -8.26
N LYS A 141 -8.46 -1.98 -9.48
CA LYS A 141 -9.68 -2.71 -9.79
C LYS A 141 -9.40 -4.20 -9.96
N ARG A 142 -8.15 -4.52 -10.24
CA ARG A 142 -7.72 -5.89 -10.39
C ARG A 142 -7.55 -6.53 -9.01
N VAL A 143 -6.77 -5.88 -8.15
CA VAL A 143 -6.46 -6.40 -6.82
C VAL A 143 -7.62 -6.19 -5.87
N LYS A 144 -8.37 -7.24 -5.61
CA LYS A 144 -9.53 -7.15 -4.72
C LYS A 144 -9.31 -7.97 -3.45
N GLY A 145 -8.05 -8.18 -3.12
CA GLY A 145 -7.71 -8.90 -1.90
C GLY A 145 -7.67 -7.98 -0.69
N LEU A 146 -6.69 -8.19 0.19
CA LEU A 146 -6.54 -7.35 1.36
C LEU A 146 -5.66 -6.14 1.04
N LYS A 147 -6.31 -5.01 0.82
CA LYS A 147 -5.60 -3.78 0.51
C LYS A 147 -5.23 -3.05 1.80
N VAL A 148 -3.97 -3.09 2.13
CA VAL A 148 -3.50 -2.48 3.37
C VAL A 148 -2.86 -1.12 3.09
N GLY A 149 -3.46 -0.08 3.64
CA GLY A 149 -2.91 1.24 3.52
C GLY A 149 -1.77 1.45 4.49
N VAL A 150 -0.60 1.78 3.96
CA VAL A 150 0.58 1.97 4.78
C VAL A 150 1.03 3.43 4.75
N ALA A 151 0.97 4.10 5.90
CA ALA A 151 1.36 5.50 5.98
C ALA A 151 1.66 5.90 7.42
N TYR A 152 2.02 7.16 7.61
CA TYR A 152 2.29 7.69 8.94
C TYR A 152 1.06 8.42 9.47
N SER A 153 0.95 8.52 10.78
CA SER A 153 -0.18 9.16 11.42
C SER A 153 -0.30 10.64 11.02
N PHE A 154 0.82 11.24 10.64
CA PHE A 154 0.84 12.64 10.23
C PHE A 154 -0.03 12.84 8.99
N GLN A 155 -0.02 11.84 8.10
CA GLN A 155 -0.77 11.91 6.86
C GLN A 155 -2.18 11.32 7.04
N VAL A 156 -2.53 11.03 8.27
CA VAL A 156 -3.84 10.47 8.58
C VAL A 156 -4.70 11.49 9.32
N PHE A 157 -5.94 11.63 8.88
CA PHE A 157 -6.90 12.52 9.52
C PHE A 157 -8.10 11.70 9.97
N GLU A 158 -9.17 12.38 10.38
CA GLU A 158 -10.38 11.67 10.79
C GLU A 158 -11.24 11.36 9.57
N ARG A 159 -11.48 12.37 8.75
CA ARG A 159 -12.24 12.20 7.51
C ARG A 159 -11.64 13.05 6.40
N LEU A 160 -11.72 12.53 5.19
CA LEU A 160 -11.26 13.25 4.01
C LEU A 160 -12.43 13.53 3.08
N PRO A 161 -12.37 14.65 2.34
CA PRO A 161 -13.38 14.96 1.34
C PRO A 161 -13.32 13.97 0.17
N ARG A 162 -14.28 13.06 0.13
CA ARG A 162 -14.30 12.05 -0.91
C ARG A 162 -14.72 12.64 -2.25
N ASP A 163 -13.78 12.70 -3.18
CA ASP A 163 -14.01 13.29 -4.50
C ASP A 163 -15.07 12.51 -5.26
N ALA A 164 -14.67 11.37 -5.82
CA ALA A 164 -15.62 10.55 -6.57
C ALA A 164 -15.60 9.11 -6.11
N TRP A 165 -14.84 8.26 -6.79
CA TRP A 165 -14.80 6.86 -6.46
C TRP A 165 -13.38 6.37 -6.30
N ASP A 166 -12.67 6.95 -5.33
CA ASP A 166 -11.37 6.43 -4.94
C ASP A 166 -11.57 5.14 -4.15
N ILE A 167 -10.70 4.18 -4.36
CA ILE A 167 -10.87 2.85 -3.78
C ILE A 167 -10.45 2.81 -2.30
N PRO A 168 -11.40 2.46 -1.42
CA PRO A 168 -11.14 2.32 0.01
C PRO A 168 -10.35 1.05 0.32
N VAL A 169 -9.53 1.10 1.36
CA VAL A 169 -8.69 -0.04 1.73
C VAL A 169 -9.39 -0.94 2.73
N ASP A 170 -8.81 -2.11 2.96
CA ASP A 170 -9.37 -3.11 3.88
C ASP A 170 -8.77 -2.94 5.27
N VAL A 171 -7.47 -2.67 5.31
CA VAL A 171 -6.75 -2.48 6.56
C VAL A 171 -5.90 -1.22 6.47
N LEU A 172 -5.58 -0.62 7.61
CA LEU A 172 -4.76 0.59 7.63
C LEU A 172 -3.71 0.49 8.73
N VAL A 173 -2.44 0.53 8.35
CA VAL A 173 -1.35 0.39 9.31
C VAL A 173 -0.52 1.66 9.37
N THR A 174 -0.35 2.18 10.58
CA THR A 174 0.47 3.36 10.78
C THR A 174 1.69 3.02 11.62
N GLU A 175 2.44 4.04 12.01
CA GLU A 175 3.65 3.84 12.79
C GLU A 175 3.31 3.76 14.28
N LYS A 176 2.09 4.18 14.63
CA LYS A 176 1.68 4.24 16.01
C LYS A 176 0.59 3.23 16.34
N ASN A 177 -0.44 3.17 15.50
CA ASN A 177 -1.62 2.35 15.81
C ASN A 177 -2.03 1.46 14.64
N VAL A 178 -2.85 0.46 14.94
CA VAL A 178 -3.37 -0.44 13.94
C VAL A 178 -4.84 -0.13 13.69
N ARG A 179 -5.18 0.16 12.45
CA ARG A 179 -6.56 0.46 12.09
C ARG A 179 -7.15 -0.68 11.27
N ARG A 180 -8.33 -1.12 11.64
CA ARG A 180 -9.01 -2.19 10.94
C ARG A 180 -10.36 -1.68 10.44
N LEU A 181 -10.62 -1.86 9.16
CA LEU A 181 -11.81 -1.30 8.55
C LEU A 181 -12.80 -2.40 8.19
N ARG A 182 -12.78 -3.45 9.00
CA ARG A 182 -13.58 -4.64 8.74
C ARG A 182 -14.39 -5.04 9.98
N ASP A 183 -14.65 -4.06 10.84
CA ASP A 183 -15.47 -4.31 12.04
C ASP A 183 -16.89 -4.69 11.66
N GLY A 184 -17.44 -5.64 12.41
CA GLY A 184 -18.81 -6.06 12.19
C GLY A 184 -19.76 -5.30 13.08
N ARG A 185 -21.05 -5.34 12.76
CA ARG A 185 -22.03 -4.60 13.53
C ARG A 185 -22.99 -5.56 14.23
N SER A 186 -23.69 -6.36 13.46
CA SER A 186 -24.70 -7.27 14.00
C SER A 186 -24.87 -8.49 13.09
N LEU A 187 -25.33 -9.60 13.65
CA LEU A 187 -25.50 -10.83 12.89
C LEU A 187 -26.88 -11.42 13.13
N GLU A 188 -27.55 -11.82 12.05
CA GLU A 188 -28.87 -12.43 12.13
C GLU A 188 -28.83 -13.85 11.59
N HIS A 189 -29.68 -14.71 12.12
CA HIS A 189 -29.82 -16.06 11.58
C HIS A 189 -31.16 -16.16 10.85
N HIS A 190 -32.23 -16.26 11.63
CA HIS A 190 -33.57 -16.08 11.09
C HIS A 190 -34.31 -15.07 11.95
N HIS A 191 -33.96 -13.81 11.74
CA HIS A 191 -34.56 -12.71 12.49
C HIS A 191 -35.39 -11.86 11.54
N HIS A 192 -35.27 -12.15 10.25
CA HIS A 192 -35.99 -11.40 9.23
C HIS A 192 -37.46 -11.83 9.21
N HIS A 193 -38.20 -11.39 10.23
CA HIS A 193 -39.62 -11.68 10.39
C HIS A 193 -39.85 -13.13 10.79
N HIS A 194 -41.02 -13.39 11.36
CA HIS A 194 -41.39 -14.73 11.79
C HIS A 194 -42.80 -15.05 11.33
N MET A 1 -9.52 24.41 -7.66
CA MET A 1 -9.43 22.95 -7.39
C MET A 1 -8.63 22.72 -6.12
N LEU A 2 -9.09 21.78 -5.31
CA LEU A 2 -8.42 21.45 -4.05
C LEU A 2 -7.46 20.28 -4.26
N LYS A 3 -7.63 19.59 -5.38
CA LYS A 3 -6.83 18.41 -5.70
C LYS A 3 -5.34 18.70 -5.61
N SER A 4 -4.90 19.68 -6.38
CA SER A 4 -3.48 20.02 -6.45
C SER A 4 -2.94 20.46 -5.09
N GLU A 5 -3.74 21.20 -4.34
CA GLU A 5 -3.30 21.70 -3.05
C GLU A 5 -3.17 20.58 -2.03
N LEU A 6 -4.24 19.79 -1.87
CA LEU A 6 -4.25 18.74 -0.86
C LEU A 6 -3.16 17.72 -1.15
N ARG A 7 -2.92 17.47 -2.43
CA ARG A 7 -1.83 16.60 -2.87
C ARG A 7 -0.50 17.08 -2.30
N LYS A 8 -0.15 18.31 -2.64
CA LYS A 8 1.16 18.86 -2.35
C LYS A 8 1.30 19.21 -0.86
N LYS A 9 0.22 19.72 -0.27
CA LYS A 9 0.24 20.22 1.09
C LYS A 9 0.59 19.13 2.09
N VAL A 10 0.07 17.94 1.87
CA VAL A 10 0.37 16.81 2.75
C VAL A 10 1.65 16.12 2.30
N LEU A 11 1.82 15.97 0.99
CA LEU A 11 2.99 15.30 0.42
C LEU A 11 4.28 16.02 0.81
N HIS A 12 4.22 17.35 0.85
CA HIS A 12 5.40 18.15 1.16
C HIS A 12 5.94 17.80 2.54
N LYS A 13 5.05 17.40 3.43
CA LYS A 13 5.43 17.09 4.80
C LYS A 13 5.97 15.67 4.92
N ARG A 14 5.32 14.70 4.27
CA ARG A 14 5.69 13.30 4.40
C ARG A 14 7.12 13.07 3.93
N ILE A 15 7.51 13.74 2.86
CA ILE A 15 8.84 13.58 2.31
C ILE A 15 9.83 14.53 2.95
N ASN A 16 9.34 15.40 3.83
CA ASN A 16 10.18 16.41 4.47
C ASN A 16 10.61 15.95 5.87
N LEU A 17 9.94 14.91 6.37
CA LEU A 17 10.27 14.35 7.67
C LEU A 17 11.76 14.02 7.78
N SER A 18 12.32 14.22 8.95
CA SER A 18 13.75 13.98 9.17
C SER A 18 14.08 12.53 8.92
N GLU A 19 15.26 12.26 8.38
CA GLU A 19 15.67 10.91 8.03
C GLU A 19 15.67 9.98 9.23
N GLU A 20 16.30 10.43 10.32
CA GLU A 20 16.41 9.63 11.53
C GLU A 20 15.03 9.34 12.13
N GLU A 21 14.20 10.37 12.16
CA GLU A 21 12.84 10.24 12.69
C GLU A 21 12.03 9.29 11.81
N ARG A 22 12.16 9.46 10.50
CA ARG A 22 11.45 8.65 9.52
C ARG A 22 11.80 7.18 9.69
N ARG A 23 13.09 6.91 9.90
CA ARG A 23 13.56 5.54 10.08
C ARG A 23 13.04 4.92 11.37
N ARG A 24 12.72 5.77 12.35
CA ARG A 24 12.16 5.28 13.60
C ARG A 24 10.66 5.07 13.48
N LEU A 25 10.07 5.70 12.48
CA LEU A 25 8.64 5.55 12.21
C LEU A 25 8.40 4.32 11.32
N SER A 26 9.11 4.28 10.19
CA SER A 26 9.03 3.15 9.28
C SER A 26 9.42 1.86 10.01
N GLU A 27 10.36 2.00 10.94
CA GLU A 27 10.76 0.92 11.83
C GLU A 27 9.55 0.25 12.46
N LYS A 28 8.66 1.05 13.01
CA LYS A 28 7.52 0.54 13.74
C LYS A 28 6.40 0.13 12.79
N VAL A 29 6.36 0.75 11.61
CA VAL A 29 5.42 0.33 10.58
C VAL A 29 5.75 -1.08 10.11
N ILE A 30 7.02 -1.31 9.80
CA ILE A 30 7.49 -2.62 9.36
C ILE A 30 7.31 -3.64 10.47
N SER A 31 7.70 -3.28 11.69
CA SER A 31 7.59 -4.16 12.83
C SER A 31 6.14 -4.51 13.11
N ASN A 32 5.25 -3.52 13.01
CA ASN A 32 3.83 -3.72 13.24
C ASN A 32 3.24 -4.64 12.17
N LEU A 33 3.50 -4.29 10.91
CA LEU A 33 3.03 -5.07 9.79
C LEU A 33 3.53 -6.51 9.88
N LYS A 34 4.77 -6.66 10.32
CA LYS A 34 5.39 -7.97 10.44
C LYS A 34 4.80 -8.76 11.61
N SER A 35 4.42 -8.04 12.67
CA SER A 35 3.86 -8.68 13.86
C SER A 35 2.42 -9.13 13.63
N LEU A 36 1.80 -8.59 12.58
CA LEU A 36 0.44 -9.01 12.21
C LEU A 36 0.39 -10.51 11.97
N PRO A 37 -0.54 -11.22 12.64
CA PRO A 37 -0.73 -12.66 12.45
C PRO A 37 -1.08 -13.00 11.01
N GLU A 38 -1.80 -12.09 10.36
CA GLU A 38 -2.19 -12.26 8.97
C GLU A 38 -0.97 -12.21 8.06
N PHE A 39 0.00 -11.37 8.42
CA PHE A 39 1.21 -11.22 7.62
C PHE A 39 1.99 -12.54 7.55
N LYS A 40 1.87 -13.33 8.61
CA LYS A 40 2.49 -14.64 8.64
C LYS A 40 1.87 -15.53 7.58
N LYS A 41 0.56 -15.42 7.42
CA LYS A 41 -0.19 -16.25 6.49
C LYS A 41 -0.08 -15.71 5.06
N SER A 42 0.00 -14.39 4.94
CA SER A 42 0.12 -13.74 3.64
C SER A 42 1.32 -14.28 2.87
N LYS A 43 1.04 -15.09 1.86
CA LYS A 43 2.08 -15.75 1.08
C LYS A 43 2.34 -14.99 -0.21
N LYS A 44 1.31 -14.36 -0.73
CA LYS A 44 1.43 -13.53 -1.92
C LYS A 44 1.44 -12.05 -1.52
N VAL A 45 2.63 -11.48 -1.44
CA VAL A 45 2.78 -10.13 -0.92
C VAL A 45 3.18 -9.16 -2.04
N ALA A 46 2.25 -8.30 -2.41
CA ALA A 46 2.49 -7.30 -3.44
C ALA A 46 2.81 -5.96 -2.82
N LEU A 47 3.78 -5.25 -3.38
CA LEU A 47 4.14 -3.94 -2.88
C LEU A 47 3.94 -2.87 -3.96
N TYR A 48 3.56 -1.68 -3.52
CA TYR A 48 3.27 -0.58 -4.42
C TYR A 48 4.54 0.20 -4.76
N CYS A 49 5.65 -0.20 -4.13
CA CYS A 49 6.95 0.45 -4.32
C CYS A 49 6.93 1.89 -3.80
N PRO A 50 7.41 2.10 -2.56
CA PRO A 50 7.45 3.42 -1.93
C PRO A 50 8.55 4.32 -2.51
N ILE A 51 8.20 5.15 -3.47
CA ILE A 51 9.12 6.14 -4.00
C ILE A 51 8.99 7.43 -3.22
N LYS A 52 10.01 8.29 -3.32
CA LYS A 52 10.06 9.56 -2.58
C LYS A 52 10.27 9.32 -1.09
N GLY A 53 9.40 8.51 -0.51
CA GLY A 53 9.49 8.14 0.88
C GLY A 53 8.39 7.15 1.21
N GLU A 54 7.21 7.70 1.51
CA GLU A 54 5.98 6.93 1.71
C GLU A 54 6.18 5.69 2.58
N VAL A 55 6.99 5.85 3.63
CA VAL A 55 7.39 4.74 4.49
C VAL A 55 8.29 3.78 3.74
N ASP A 56 9.58 3.89 3.99
CA ASP A 56 10.57 3.08 3.29
C ASP A 56 10.51 1.62 3.75
N LEU A 57 9.72 0.83 3.02
CA LEU A 57 9.56 -0.59 3.31
C LEU A 57 10.61 -1.42 2.58
N THR A 58 11.66 -0.75 2.11
CA THR A 58 12.71 -1.41 1.35
C THR A 58 13.47 -2.48 2.16
N PRO A 59 13.75 -2.28 3.47
CA PRO A 59 14.40 -3.32 4.29
C PRO A 59 13.52 -4.57 4.46
N LEU A 60 12.25 -4.46 4.07
CA LEU A 60 11.32 -5.58 4.20
C LEU A 60 11.36 -6.47 2.96
N PHE A 61 11.92 -5.96 1.87
CA PHE A 61 12.03 -6.71 0.63
C PHE A 61 12.78 -8.04 0.82
N PRO A 62 13.98 -8.04 1.46
CA PRO A 62 14.71 -9.28 1.74
C PRO A 62 13.89 -10.28 2.53
N GLU A 63 13.06 -9.77 3.43
CA GLU A 63 12.20 -10.61 4.26
C GLU A 63 11.12 -11.27 3.41
N VAL A 64 10.52 -10.50 2.52
CA VAL A 64 9.49 -11.02 1.63
C VAL A 64 10.09 -12.06 0.69
N LEU A 65 11.25 -11.77 0.13
CA LEU A 65 11.92 -12.69 -0.78
C LEU A 65 12.40 -13.95 -0.05
N LYS A 66 12.51 -13.86 1.26
CA LYS A 66 13.01 -14.97 2.05
C LYS A 66 11.96 -16.08 2.21
N GLU A 67 10.69 -15.69 2.34
CA GLU A 67 9.65 -16.66 2.60
C GLU A 67 8.52 -16.60 1.56
N LYS A 68 8.07 -15.41 1.24
CA LYS A 68 6.85 -15.23 0.46
C LYS A 68 7.18 -14.90 -1.00
N GLU A 69 6.13 -14.62 -1.77
CA GLU A 69 6.28 -14.19 -3.15
C GLU A 69 6.17 -12.67 -3.23
N LEU A 70 7.22 -12.02 -3.69
CA LEU A 70 7.26 -10.58 -3.81
C LEU A 70 6.64 -10.14 -5.12
N ILE A 71 5.40 -9.66 -5.08
CA ILE A 71 4.70 -9.24 -6.27
C ILE A 71 4.93 -7.75 -6.53
N LEU A 72 5.55 -7.45 -7.65
CA LEU A 72 5.81 -6.07 -8.04
C LEU A 72 5.10 -5.75 -9.33
N PRO A 73 4.47 -4.56 -9.40
CA PRO A 73 3.74 -4.13 -10.60
C PRO A 73 4.68 -3.66 -11.72
N LYS A 74 4.61 -4.34 -12.85
CA LYS A 74 5.40 -3.96 -14.00
C LYS A 74 4.51 -3.30 -15.04
N VAL A 75 4.78 -2.04 -15.34
CA VAL A 75 3.96 -1.31 -16.30
C VAL A 75 4.44 -1.54 -17.72
N GLU A 76 3.82 -2.50 -18.39
CA GLU A 76 4.17 -2.81 -19.77
C GLU A 76 3.21 -2.09 -20.72
N GLY A 77 3.37 -0.77 -20.79
CA GLY A 77 2.47 0.05 -21.59
C GLY A 77 1.21 0.39 -20.83
N ASN A 78 0.09 -0.17 -21.27
CA ASN A 78 -1.16 -0.04 -20.53
C ASN A 78 -1.40 -1.31 -19.74
N GLU A 79 -0.79 -2.39 -20.19
CA GLU A 79 -0.86 -3.67 -19.52
C GLU A 79 0.04 -3.70 -18.31
N ILE A 80 -0.49 -3.28 -17.16
CA ILE A 80 0.25 -3.40 -15.93
C ILE A 80 0.13 -4.83 -15.42
N SER A 81 1.26 -5.48 -15.29
CA SER A 81 1.30 -6.89 -14.95
C SER A 81 1.88 -7.09 -13.56
N LEU A 82 1.20 -7.90 -12.77
CA LEU A 82 1.68 -8.24 -11.43
C LEU A 82 2.71 -9.36 -11.52
N TYR A 83 3.98 -9.01 -11.38
CA TYR A 83 5.06 -9.97 -11.49
C TYR A 83 5.49 -10.49 -10.14
N ARG A 84 5.39 -11.79 -9.93
CA ARG A 84 5.90 -12.39 -8.71
C ARG A 84 7.39 -12.65 -8.88
N VAL A 85 8.17 -12.24 -7.90
CA VAL A 85 9.61 -12.38 -7.95
C VAL A 85 10.10 -13.06 -6.67
N HIS A 86 10.96 -14.06 -6.83
CA HIS A 86 11.59 -14.69 -5.69
C HIS A 86 13.11 -14.66 -5.88
N SER A 87 13.55 -13.87 -6.84
CA SER A 87 14.96 -13.76 -7.16
C SER A 87 15.48 -12.37 -6.80
N PRO A 88 16.32 -12.26 -5.77
CA PRO A 88 16.88 -10.99 -5.29
C PRO A 88 17.97 -10.44 -6.21
N ALA A 89 17.85 -10.71 -7.51
CA ALA A 89 18.87 -10.29 -8.48
C ALA A 89 18.26 -9.86 -9.82
N CYS A 90 17.11 -10.44 -10.17
CA CYS A 90 16.51 -10.25 -11.48
C CYS A 90 15.67 -8.97 -11.56
N LEU A 91 16.14 -7.92 -10.92
CA LEU A 91 15.43 -6.64 -10.94
C LEU A 91 16.12 -5.67 -11.89
N GLY A 92 15.35 -4.74 -12.45
CA GLY A 92 15.90 -3.74 -13.32
C GLY A 92 15.41 -2.36 -12.97
N VAL A 93 15.90 -1.33 -13.64
CA VAL A 93 15.45 0.03 -13.40
C VAL A 93 15.22 0.75 -14.72
N GLY A 94 13.97 0.81 -15.15
CA GLY A 94 13.66 1.47 -16.40
C GLY A 94 12.28 2.11 -16.41
N ALA A 95 11.34 1.50 -15.70
CA ALA A 95 9.97 2.00 -15.70
C ALA A 95 9.84 3.22 -14.82
N PHE A 96 9.93 4.41 -15.44
CA PHE A 96 9.73 5.69 -14.76
C PHE A 96 10.90 6.04 -13.83
N GLY A 97 11.25 5.10 -12.96
CA GLY A 97 12.34 5.31 -12.03
C GLY A 97 12.26 4.37 -10.86
N ILE A 98 11.77 3.17 -11.10
CA ILE A 98 11.59 2.17 -10.05
C ILE A 98 12.36 0.91 -10.41
N MET A 99 12.41 -0.04 -9.49
CA MET A 99 13.04 -1.31 -9.75
C MET A 99 11.98 -2.32 -10.20
N GLU A 100 11.71 -2.34 -11.49
CA GLU A 100 10.69 -3.24 -12.02
C GLU A 100 11.31 -4.60 -12.35
N PRO A 101 10.52 -5.68 -12.21
CA PRO A 101 11.00 -7.03 -12.50
C PRO A 101 11.16 -7.28 -14.00
N VAL A 102 12.41 -7.32 -14.44
CA VAL A 102 12.70 -7.69 -15.82
C VAL A 102 12.57 -9.20 -15.98
N GLU A 103 12.74 -9.90 -14.88
CA GLU A 103 12.55 -11.33 -14.82
C GLU A 103 11.50 -11.64 -13.76
N GLY A 104 10.50 -12.43 -14.12
CA GLY A 104 9.46 -12.76 -13.19
C GLY A 104 8.34 -13.55 -13.83
N GLU A 105 7.18 -13.53 -13.20
CA GLU A 105 6.04 -14.28 -13.71
C GLU A 105 4.77 -13.44 -13.57
N ARG A 106 4.00 -13.36 -14.63
CA ARG A 106 2.77 -12.56 -14.64
C ARG A 106 1.63 -13.32 -13.96
N VAL A 107 1.19 -12.80 -12.83
CA VAL A 107 0.14 -13.42 -12.05
C VAL A 107 -1.18 -12.65 -12.24
N ASN A 108 -2.29 -13.34 -12.04
CA ASN A 108 -3.61 -12.72 -12.15
C ASN A 108 -3.96 -12.01 -10.86
N PRO A 109 -4.64 -10.84 -10.95
CA PRO A 109 -4.92 -9.98 -9.80
C PRO A 109 -5.80 -10.64 -8.74
N GLU A 110 -6.56 -11.65 -9.14
CA GLU A 110 -7.45 -12.35 -8.22
C GLU A 110 -6.65 -13.18 -7.22
N ASP A 111 -5.40 -13.48 -7.54
CA ASP A 111 -4.55 -14.30 -6.69
C ASP A 111 -3.89 -13.48 -5.59
N VAL A 112 -3.95 -12.15 -5.71
CA VAL A 112 -3.33 -11.27 -4.74
C VAL A 112 -3.92 -11.48 -3.35
N ASP A 113 -3.09 -11.97 -2.45
CA ASP A 113 -3.50 -12.25 -1.08
C ASP A 113 -3.29 -11.03 -0.20
N PHE A 114 -2.08 -10.49 -0.25
CA PHE A 114 -1.71 -9.34 0.56
C PHE A 114 -1.04 -8.29 -0.33
N ILE A 115 -1.36 -7.03 -0.12
CA ILE A 115 -0.73 -5.95 -0.86
C ILE A 115 -0.57 -4.70 0.01
N ALA A 116 0.57 -4.05 -0.13
CA ALA A 116 0.88 -2.86 0.66
C ALA A 116 0.85 -1.62 -0.23
N VAL A 117 -0.16 -0.79 -0.03
CA VAL A 117 -0.35 0.40 -0.85
C VAL A 117 -0.37 1.65 0.01
N PRO A 118 0.67 2.49 -0.11
CA PRO A 118 0.72 3.78 0.59
C PRO A 118 -0.15 4.84 -0.08
N GLY A 119 -0.39 5.93 0.63
CA GLY A 119 -1.14 7.03 0.08
C GLY A 119 -0.75 8.34 0.73
N VAL A 120 -1.12 9.46 0.11
CA VAL A 120 -0.77 10.77 0.62
C VAL A 120 -1.46 11.03 1.95
N ALA A 121 -2.71 10.58 2.06
CA ALA A 121 -3.48 10.74 3.28
C ALA A 121 -4.49 9.60 3.41
N PHE A 122 -4.94 9.35 4.63
CA PHE A 122 -5.94 8.31 4.90
C PHE A 122 -6.96 8.83 5.90
N ASP A 123 -8.07 8.14 6.03
CA ASP A 123 -9.08 8.50 7.02
C ASP A 123 -9.43 7.31 7.91
N LEU A 124 -10.44 7.48 8.74
CA LEU A 124 -10.81 6.48 9.73
C LEU A 124 -11.79 5.45 9.18
N GLU A 125 -12.21 5.62 7.93
CA GLU A 125 -13.16 4.70 7.34
C GLU A 125 -12.47 3.77 6.34
N GLY A 126 -11.40 4.26 5.73
CA GLY A 126 -10.58 3.39 4.91
C GLY A 126 -10.36 3.90 3.51
N TYR A 127 -10.34 5.21 3.33
CA TYR A 127 -10.09 5.78 2.02
C TYR A 127 -8.71 6.44 1.98
N ARG A 128 -8.12 6.48 0.79
CA ARG A 128 -6.79 7.06 0.64
C ARG A 128 -6.80 8.19 -0.38
N LEU A 129 -5.92 9.16 -0.18
CA LEU A 129 -5.69 10.19 -1.17
C LEU A 129 -4.62 9.73 -2.15
N GLY A 130 -4.92 9.80 -3.44
CA GLY A 130 -3.98 9.35 -4.44
C GLY A 130 -3.07 10.47 -4.92
N PHE A 131 -2.59 10.35 -6.14
CA PHE A 131 -1.66 11.33 -6.71
C PHE A 131 -2.42 12.54 -7.26
N GLY A 132 -3.74 12.52 -7.14
CA GLY A 132 -4.54 13.64 -7.60
C GLY A 132 -4.60 13.74 -9.11
N LYS A 133 -4.61 12.60 -9.79
CA LYS A 133 -4.76 12.56 -11.24
C LYS A 133 -5.34 11.24 -11.71
N GLY A 134 -5.63 10.35 -10.77
CA GLY A 134 -6.07 9.01 -11.13
C GLY A 134 -4.91 8.13 -11.54
N TYR A 135 -5.16 7.24 -12.49
CA TYR A 135 -4.16 6.32 -13.03
C TYR A 135 -3.92 5.15 -12.08
N TYR A 136 -4.11 3.94 -12.62
CA TYR A 136 -3.93 2.68 -11.88
C TYR A 136 -5.05 2.49 -10.86
N ASP A 137 -5.97 3.45 -10.85
CA ASP A 137 -7.17 3.40 -10.02
C ASP A 137 -8.02 2.20 -10.42
N ARG A 138 -8.14 2.00 -11.73
CA ARG A 138 -8.94 0.92 -12.30
C ARG A 138 -8.44 -0.44 -11.82
N LEU A 139 -7.16 -0.50 -11.46
CA LEU A 139 -6.55 -1.73 -10.97
C LEU A 139 -6.95 -1.97 -9.52
N LEU A 140 -6.65 -0.99 -8.66
CA LEU A 140 -6.90 -1.14 -7.23
C LEU A 140 -8.38 -1.11 -6.89
N LYS A 141 -9.19 -0.69 -7.87
CA LYS A 141 -10.64 -0.70 -7.72
C LYS A 141 -11.17 -2.14 -7.87
N ARG A 142 -10.49 -2.91 -8.70
CA ARG A 142 -10.90 -4.28 -8.97
C ARG A 142 -10.18 -5.27 -8.06
N VAL A 143 -8.89 -5.03 -7.84
CA VAL A 143 -8.09 -5.90 -6.99
C VAL A 143 -8.47 -5.71 -5.53
N LYS A 144 -9.41 -6.52 -5.08
CA LYS A 144 -9.79 -6.49 -3.68
C LYS A 144 -9.21 -7.68 -2.95
N GLY A 145 -7.90 -7.67 -2.82
CA GLY A 145 -7.23 -8.58 -1.90
C GLY A 145 -7.17 -7.96 -0.53
N LEU A 146 -6.15 -8.29 0.25
CA LEU A 146 -5.93 -7.60 1.50
C LEU A 146 -5.16 -6.32 1.23
N LYS A 147 -5.89 -5.25 0.96
CA LYS A 147 -5.26 -3.97 0.65
C LYS A 147 -4.88 -3.25 1.92
N VAL A 148 -3.59 -3.29 2.24
CA VAL A 148 -3.08 -2.67 3.44
C VAL A 148 -2.48 -1.31 3.13
N GLY A 149 -3.09 -0.28 3.66
CA GLY A 149 -2.59 1.06 3.48
C GLY A 149 -1.43 1.36 4.40
N VAL A 150 -0.29 1.67 3.82
CA VAL A 150 0.91 1.97 4.59
C VAL A 150 1.09 3.46 4.75
N ALA A 151 0.91 3.95 5.97
CA ALA A 151 1.02 5.38 6.23
C ALA A 151 1.40 5.63 7.68
N TYR A 152 1.60 6.90 7.99
CA TYR A 152 1.85 7.32 9.37
C TYR A 152 0.54 7.79 9.97
N SER A 153 0.39 7.66 11.29
CA SER A 153 -0.84 8.06 11.96
C SER A 153 -1.10 9.57 11.79
N PHE A 154 -0.04 10.30 11.42
CA PHE A 154 -0.18 11.73 11.14
C PHE A 154 -1.11 11.96 9.96
N GLN A 155 -1.08 11.02 9.01
CA GLN A 155 -1.81 11.15 7.76
C GLN A 155 -3.25 10.67 7.90
N VAL A 156 -3.58 10.16 9.08
CA VAL A 156 -4.90 9.61 9.32
C VAL A 156 -5.83 10.68 9.87
N PHE A 157 -6.79 11.09 9.06
CA PHE A 157 -7.78 12.06 9.47
C PHE A 157 -9.11 11.35 9.72
N GLU A 158 -10.13 12.11 10.09
CA GLU A 158 -11.45 11.55 10.31
C GLU A 158 -12.04 11.05 8.99
N ARG A 159 -12.17 11.97 8.04
CA ARG A 159 -12.66 11.66 6.71
C ARG A 159 -11.94 12.51 5.67
N LEU A 160 -11.59 11.89 4.55
CA LEU A 160 -10.93 12.60 3.48
C LEU A 160 -11.94 13.11 2.46
N PRO A 161 -11.61 14.20 1.76
CA PRO A 161 -12.35 14.63 0.58
C PRO A 161 -12.21 13.59 -0.52
N ARG A 162 -13.24 12.77 -0.69
CA ARG A 162 -13.17 11.64 -1.59
C ARG A 162 -13.22 12.10 -3.04
N ASP A 163 -12.57 11.33 -3.91
CA ASP A 163 -12.41 11.69 -5.30
C ASP A 163 -13.37 10.88 -6.17
N ALA A 164 -13.23 11.01 -7.48
CA ALA A 164 -13.99 10.18 -8.42
C ALA A 164 -13.32 8.83 -8.53
N TRP A 165 -12.00 8.83 -8.29
CA TRP A 165 -11.23 7.62 -8.25
C TRP A 165 -11.08 7.17 -6.80
N ASP A 166 -12.21 6.84 -6.20
CA ASP A 166 -12.29 6.48 -4.79
C ASP A 166 -11.74 5.08 -4.56
N ILE A 167 -10.57 5.00 -3.93
CA ILE A 167 -9.92 3.72 -3.70
C ILE A 167 -9.87 3.41 -2.20
N PRO A 168 -10.73 2.50 -1.74
CA PRO A 168 -10.76 2.07 -0.33
C PRO A 168 -9.77 0.95 -0.04
N VAL A 169 -9.42 0.79 1.22
CA VAL A 169 -8.50 -0.26 1.65
C VAL A 169 -9.13 -1.15 2.72
N ASP A 170 -8.43 -2.21 3.09
CA ASP A 170 -8.94 -3.17 4.07
C ASP A 170 -8.36 -2.88 5.44
N VAL A 171 -7.05 -2.76 5.54
CA VAL A 171 -6.38 -2.54 6.81
C VAL A 171 -5.43 -1.36 6.70
N LEU A 172 -5.50 -0.44 7.63
CA LEU A 172 -4.61 0.72 7.66
C LEU A 172 -3.56 0.54 8.75
N VAL A 173 -2.33 0.30 8.34
CA VAL A 173 -1.23 0.07 9.27
C VAL A 173 -0.38 1.32 9.41
N THR A 174 -0.12 1.70 10.65
CA THR A 174 0.71 2.86 10.93
C THR A 174 1.84 2.48 11.89
N GLU A 175 2.61 3.46 12.32
CA GLU A 175 3.72 3.22 13.24
C GLU A 175 3.22 3.06 14.67
N LYS A 176 1.94 3.33 14.87
CA LYS A 176 1.34 3.27 16.19
C LYS A 176 0.18 2.26 16.23
N ASN A 177 -0.86 2.51 15.45
CA ASN A 177 -2.08 1.73 15.56
C ASN A 177 -2.31 0.82 14.36
N VAL A 178 -3.02 -0.28 14.62
CA VAL A 178 -3.44 -1.20 13.58
C VAL A 178 -4.91 -1.00 13.31
N ARG A 179 -5.23 -0.26 12.26
CA ARG A 179 -6.61 0.06 11.96
C ARG A 179 -7.19 -0.94 10.96
N ARG A 180 -7.68 -2.06 11.49
CA ARG A 180 -8.33 -3.06 10.67
C ARG A 180 -9.74 -2.58 10.33
N LEU A 181 -9.89 -2.05 9.13
CA LEU A 181 -11.11 -1.35 8.75
C LEU A 181 -11.99 -2.22 7.86
N ARG A 182 -11.85 -3.54 7.99
CA ARG A 182 -12.68 -4.44 7.22
C ARG A 182 -14.04 -4.60 7.87
N ASP A 183 -14.86 -3.57 7.73
CA ASP A 183 -16.21 -3.55 8.26
C ASP A 183 -17.02 -2.50 7.52
N GLY A 184 -18.34 -2.65 7.51
CA GLY A 184 -19.18 -1.66 6.86
C GLY A 184 -19.25 -0.39 7.68
N ARG A 185 -20.04 -0.43 8.73
CA ARG A 185 -20.16 0.69 9.67
C ARG A 185 -20.92 0.24 10.90
N SER A 186 -20.82 -1.05 11.20
CA SER A 186 -21.60 -1.64 12.28
C SER A 186 -21.05 -1.24 13.64
N LEU A 187 -21.94 -0.93 14.57
CA LEU A 187 -21.53 -0.48 15.90
C LEU A 187 -22.50 -1.02 16.95
N GLU A 188 -23.35 -1.95 16.55
CA GLU A 188 -24.34 -2.52 17.45
C GLU A 188 -23.71 -3.62 18.31
N HIS A 189 -22.60 -3.28 18.96
CA HIS A 189 -21.88 -4.18 19.85
C HIS A 189 -22.79 -4.69 20.96
N HIS A 190 -23.65 -3.79 21.43
CA HIS A 190 -24.63 -4.12 22.45
C HIS A 190 -25.77 -3.12 22.35
N HIS A 191 -26.50 -3.19 21.25
CA HIS A 191 -27.55 -2.22 20.94
C HIS A 191 -28.80 -2.51 21.75
N HIS A 192 -29.04 -3.78 22.02
CA HIS A 192 -30.20 -4.17 22.80
C HIS A 192 -29.93 -4.02 24.29
N HIS A 193 -30.64 -3.11 24.92
CA HIS A 193 -30.47 -2.86 26.35
C HIS A 193 -31.45 -3.73 27.15
N HIS A 194 -31.44 -3.57 28.46
CA HIS A 194 -32.32 -4.36 29.32
C HIS A 194 -32.93 -3.47 30.41
N MET A 1 -10.35 21.15 -9.10
CA MET A 1 -9.28 20.79 -8.15
C MET A 1 -9.58 21.32 -6.76
N LEU A 2 -9.15 20.60 -5.75
CA LEU A 2 -9.33 20.99 -4.36
C LEU A 2 -8.34 20.24 -3.47
N LYS A 3 -8.25 18.93 -3.68
CA LYS A 3 -7.39 18.09 -2.87
C LYS A 3 -5.91 18.31 -3.20
N SER A 4 -5.65 19.03 -4.27
CA SER A 4 -4.29 19.25 -4.76
C SER A 4 -3.44 19.97 -3.72
N GLU A 5 -3.97 21.04 -3.15
CA GLU A 5 -3.23 21.83 -2.17
C GLU A 5 -3.07 21.06 -0.86
N LEU A 6 -4.08 20.28 -0.52
CA LEU A 6 -4.04 19.43 0.67
C LEU A 6 -3.00 18.34 0.49
N ARG A 7 -3.00 17.73 -0.69
CA ARG A 7 -2.08 16.66 -1.03
C ARG A 7 -0.64 17.12 -0.90
N LYS A 8 -0.36 18.33 -1.39
CA LYS A 8 0.97 18.89 -1.29
C LYS A 8 1.31 19.25 0.16
N LYS A 9 0.34 19.80 0.86
CA LYS A 9 0.54 20.25 2.23
C LYS A 9 0.98 19.10 3.14
N VAL A 10 0.33 17.95 2.99
CA VAL A 10 0.69 16.79 3.79
C VAL A 10 2.03 16.23 3.34
N LEU A 11 2.20 16.09 2.03
CA LEU A 11 3.43 15.55 1.45
C LEU A 11 4.64 16.39 1.85
N HIS A 12 4.44 17.69 1.86
CA HIS A 12 5.48 18.66 2.22
C HIS A 12 6.10 18.32 3.56
N LYS A 13 5.27 17.90 4.50
CA LYS A 13 5.70 17.66 5.86
C LYS A 13 6.17 16.22 6.06
N ARG A 14 6.09 15.40 5.01
CA ARG A 14 6.48 14.00 5.10
C ARG A 14 7.90 13.79 4.60
N ILE A 15 8.20 14.32 3.43
CA ILE A 15 9.48 14.07 2.78
C ILE A 15 10.56 15.00 3.31
N ASN A 16 10.16 16.13 3.88
CA ASN A 16 11.10 17.12 4.39
C ASN A 16 11.69 16.67 5.73
N LEU A 17 11.03 15.69 6.36
CA LEU A 17 11.50 15.15 7.62
C LEU A 17 12.88 14.52 7.46
N SER A 18 13.63 14.48 8.55
CA SER A 18 14.95 13.87 8.55
C SER A 18 14.83 12.38 8.24
N GLU A 19 15.80 11.84 7.52
CA GLU A 19 15.78 10.43 7.14
C GLU A 19 15.69 9.55 8.39
N GLU A 20 16.55 9.85 9.35
CA GLU A 20 16.60 9.13 10.62
C GLU A 20 15.22 9.15 11.30
N GLU A 21 14.63 10.33 11.37
CA GLU A 21 13.34 10.52 12.01
C GLU A 21 12.28 9.66 11.33
N ARG A 22 12.19 9.81 10.02
CA ARG A 22 11.19 9.09 9.22
C ARG A 22 11.43 7.58 9.27
N ARG A 23 12.70 7.19 9.23
CA ARG A 23 13.06 5.78 9.27
C ARG A 23 12.76 5.17 10.63
N ARG A 24 12.95 5.96 11.69
CA ARG A 24 12.69 5.50 13.05
C ARG A 24 11.19 5.26 13.23
N LEU A 25 10.39 6.03 12.49
CA LEU A 25 8.95 5.84 12.48
C LEU A 25 8.58 4.62 11.64
N SER A 26 9.20 4.53 10.45
CA SER A 26 8.96 3.41 9.54
C SER A 26 9.30 2.08 10.23
N GLU A 27 10.32 2.12 11.09
CA GLU A 27 10.70 0.99 11.92
C GLU A 27 9.49 0.37 12.62
N LYS A 28 8.72 1.23 13.28
CA LYS A 28 7.60 0.78 14.09
C LYS A 28 6.44 0.34 13.22
N VAL A 29 6.34 0.93 12.02
CA VAL A 29 5.34 0.51 11.05
C VAL A 29 5.66 -0.90 10.56
N ILE A 30 6.91 -1.12 10.20
CA ILE A 30 7.37 -2.44 9.77
C ILE A 30 7.19 -3.46 10.89
N SER A 31 7.52 -3.05 12.10
CA SER A 31 7.38 -3.92 13.27
C SER A 31 5.92 -4.31 13.48
N ASN A 32 5.04 -3.34 13.30
CA ASN A 32 3.60 -3.56 13.46
C ASN A 32 3.08 -4.51 12.38
N LEU A 33 3.48 -4.25 11.14
CA LEU A 33 3.09 -5.09 10.02
C LEU A 33 3.61 -6.51 10.20
N LYS A 34 4.84 -6.63 10.67
CA LYS A 34 5.45 -7.93 10.96
C LYS A 34 4.71 -8.63 12.10
N SER A 35 4.19 -7.83 13.02
CA SER A 35 3.50 -8.36 14.18
C SER A 35 2.15 -8.95 13.79
N LEU A 36 1.59 -8.48 12.68
CA LEU A 36 0.36 -9.01 12.15
C LEU A 36 0.52 -10.48 11.76
N PRO A 37 -0.26 -11.38 12.37
CA PRO A 37 -0.20 -12.82 12.08
C PRO A 37 -0.57 -13.13 10.62
N GLU A 38 -1.48 -12.34 10.08
CA GLU A 38 -1.94 -12.52 8.70
C GLU A 38 -0.82 -12.20 7.71
N PHE A 39 0.16 -11.43 8.17
CA PHE A 39 1.28 -11.02 7.34
C PHE A 39 2.18 -12.23 7.04
N LYS A 40 2.21 -13.17 7.95
CA LYS A 40 2.94 -14.42 7.73
C LYS A 40 2.02 -15.47 7.13
N LYS A 41 0.74 -15.41 7.48
CA LYS A 41 -0.24 -16.35 6.98
C LYS A 41 -0.36 -16.24 5.47
N SER A 42 -0.52 -15.02 4.97
CA SER A 42 -0.59 -14.79 3.55
C SER A 42 0.82 -14.61 2.99
N LYS A 43 1.17 -15.44 2.02
CA LYS A 43 2.52 -15.47 1.48
C LYS A 43 2.65 -14.62 0.23
N LYS A 44 1.55 -14.36 -0.44
CA LYS A 44 1.60 -13.58 -1.67
C LYS A 44 1.45 -12.10 -1.37
N VAL A 45 2.58 -11.39 -1.29
CA VAL A 45 2.57 -9.99 -0.94
C VAL A 45 3.09 -9.14 -2.08
N ALA A 46 2.23 -8.26 -2.58
CA ALA A 46 2.59 -7.35 -3.64
C ALA A 46 2.93 -5.98 -3.06
N LEU A 47 3.99 -5.36 -3.56
CA LEU A 47 4.37 -4.03 -3.12
C LEU A 47 4.21 -3.04 -4.25
N TYR A 48 3.69 -1.85 -3.93
CA TYR A 48 3.49 -0.81 -4.94
C TYR A 48 4.76 0.01 -5.12
N CYS A 49 5.77 -0.28 -4.29
CA CYS A 49 7.05 0.42 -4.32
C CYS A 49 6.90 1.88 -3.91
N PRO A 50 7.28 2.20 -2.66
CA PRO A 50 7.21 3.57 -2.15
C PRO A 50 8.28 4.47 -2.74
N ILE A 51 7.86 5.57 -3.33
CA ILE A 51 8.79 6.54 -3.89
C ILE A 51 8.76 7.84 -3.09
N LYS A 52 9.87 8.57 -3.09
CA LYS A 52 10.00 9.80 -2.31
C LYS A 52 9.90 9.50 -0.81
N GLY A 53 10.12 8.26 -0.44
CA GLY A 53 10.02 7.87 0.93
C GLY A 53 8.73 7.12 1.21
N GLU A 54 7.67 7.87 1.53
CA GLU A 54 6.38 7.31 1.92
C GLU A 54 6.53 6.53 3.22
N VAL A 55 6.93 5.28 3.07
CA VAL A 55 7.25 4.39 4.18
C VAL A 55 8.33 3.45 3.70
N ASP A 56 9.51 3.51 4.32
CA ASP A 56 10.63 2.74 3.85
C ASP A 56 10.45 1.26 4.15
N LEU A 57 10.06 0.51 3.12
CA LEU A 57 9.87 -0.92 3.24
C LEU A 57 10.95 -1.67 2.48
N THR A 58 11.97 -0.94 2.02
CA THR A 58 13.03 -1.53 1.23
C THR A 58 13.88 -2.55 2.02
N PRO A 59 14.19 -2.31 3.32
CA PRO A 59 14.94 -3.28 4.12
C PRO A 59 14.11 -4.50 4.52
N LEU A 60 12.88 -4.56 4.03
CA LEU A 60 12.00 -5.68 4.31
C LEU A 60 12.00 -6.67 3.15
N PHE A 61 12.46 -6.22 1.98
CA PHE A 61 12.52 -7.07 0.79
C PHE A 61 13.26 -8.39 1.06
N PRO A 62 14.44 -8.36 1.73
CA PRO A 62 15.13 -9.60 2.13
C PRO A 62 14.21 -10.60 2.84
N GLU A 63 13.41 -10.09 3.78
CA GLU A 63 12.51 -10.96 4.54
C GLU A 63 11.34 -11.40 3.68
N VAL A 64 10.92 -10.54 2.76
CA VAL A 64 9.81 -10.86 1.87
C VAL A 64 10.13 -12.07 1.00
N LEU A 65 11.34 -12.10 0.45
CA LEU A 65 11.74 -13.23 -0.41
C LEU A 65 12.00 -14.48 0.42
N LYS A 66 12.07 -14.33 1.74
CA LYS A 66 12.29 -15.45 2.64
C LYS A 66 10.96 -16.01 3.14
N GLU A 67 10.16 -15.16 3.79
CA GLU A 67 8.89 -15.60 4.35
C GLU A 67 7.85 -15.81 3.26
N LYS A 68 7.89 -14.92 2.28
CA LYS A 68 6.80 -14.77 1.33
C LYS A 68 7.27 -14.90 -0.10
N GLU A 69 6.37 -14.59 -1.01
CA GLU A 69 6.68 -14.46 -2.41
C GLU A 69 6.32 -13.04 -2.84
N LEU A 70 7.21 -12.40 -3.59
CA LEU A 70 7.05 -11.00 -3.93
C LEU A 70 6.32 -10.83 -5.26
N ILE A 71 5.33 -9.96 -5.28
CA ILE A 71 4.63 -9.61 -6.50
C ILE A 71 4.79 -8.11 -6.75
N LEU A 72 5.24 -7.75 -7.94
CA LEU A 72 5.42 -6.34 -8.28
C LEU A 72 4.67 -6.01 -9.58
N PRO A 73 4.10 -4.80 -9.67
CA PRO A 73 3.37 -4.36 -10.85
C PRO A 73 4.28 -3.80 -11.94
N LYS A 74 3.89 -4.03 -13.19
CA LYS A 74 4.63 -3.49 -14.32
C LYS A 74 3.66 -2.89 -15.34
N VAL A 75 3.99 -1.71 -15.84
CA VAL A 75 3.14 -1.03 -16.80
C VAL A 75 3.68 -1.25 -18.22
N GLU A 76 2.84 -1.76 -19.09
CA GLU A 76 3.25 -2.07 -20.46
C GLU A 76 2.44 -1.27 -21.47
N GLY A 77 2.25 0.01 -21.17
CA GLY A 77 1.51 0.89 -22.06
C GLY A 77 0.28 1.45 -21.40
N ASN A 78 -0.84 0.78 -21.58
CA ASN A 78 -2.08 1.18 -20.91
C ASN A 78 -2.43 0.14 -19.86
N GLU A 79 -1.98 -1.09 -20.09
CA GLU A 79 -2.26 -2.18 -19.20
C GLU A 79 -1.15 -2.33 -18.17
N ILE A 80 -1.55 -2.51 -16.93
CA ILE A 80 -0.61 -2.75 -15.85
C ILE A 80 -0.88 -4.13 -15.27
N SER A 81 0.16 -4.95 -15.18
CA SER A 81 0.01 -6.32 -14.74
C SER A 81 0.92 -6.59 -13.56
N LEU A 82 0.87 -7.81 -13.04
CA LEU A 82 1.66 -8.20 -11.90
C LEU A 82 2.65 -9.28 -12.31
N TYR A 83 3.88 -9.19 -11.82
CA TYR A 83 4.90 -10.18 -12.15
C TYR A 83 5.44 -10.85 -10.89
N ARG A 84 5.80 -12.12 -11.04
CA ARG A 84 6.18 -12.96 -9.91
C ARG A 84 7.68 -12.92 -9.65
N VAL A 85 8.04 -12.45 -8.47
CA VAL A 85 9.43 -12.38 -8.06
C VAL A 85 9.67 -13.24 -6.82
N HIS A 86 10.40 -14.32 -7.00
CA HIS A 86 10.81 -15.15 -5.88
C HIS A 86 12.25 -15.59 -6.07
N SER A 87 13.01 -14.72 -6.72
CA SER A 87 14.41 -14.96 -7.01
C SER A 87 15.14 -13.63 -7.17
N PRO A 88 16.39 -13.55 -6.73
CA PRO A 88 17.20 -12.33 -6.81
C PRO A 88 17.66 -12.04 -8.23
N ALA A 89 18.25 -10.85 -8.42
CA ALA A 89 18.80 -10.44 -9.73
C ALA A 89 17.71 -10.31 -10.79
N CYS A 90 16.47 -10.20 -10.35
CA CYS A 90 15.34 -10.06 -11.26
C CYS A 90 14.69 -8.69 -11.10
N LEU A 91 15.28 -7.86 -10.26
CA LEU A 91 14.70 -6.57 -9.92
C LEU A 91 15.50 -5.43 -10.55
N GLY A 92 14.82 -4.57 -11.29
CA GLY A 92 15.46 -3.43 -11.89
C GLY A 92 14.54 -2.23 -11.89
N VAL A 93 14.86 -1.23 -12.69
CA VAL A 93 14.03 -0.04 -12.79
C VAL A 93 13.59 0.17 -14.23
N GLY A 94 12.29 0.15 -14.46
CA GLY A 94 11.76 0.32 -15.80
C GLY A 94 10.79 1.48 -15.91
N ALA A 95 9.50 1.16 -15.88
CA ALA A 95 8.47 2.17 -16.04
C ALA A 95 8.39 3.10 -14.84
N PHE A 96 8.32 4.40 -15.13
CA PHE A 96 8.16 5.46 -14.12
C PHE A 96 9.42 5.66 -13.29
N GLY A 97 9.92 4.59 -12.71
CA GLY A 97 11.08 4.67 -11.85
C GLY A 97 10.88 3.94 -10.54
N ILE A 98 10.15 2.84 -10.60
CA ILE A 98 9.90 2.01 -9.43
C ILE A 98 10.67 0.70 -9.54
N MET A 99 10.66 -0.09 -8.49
CA MET A 99 11.28 -1.41 -8.51
C MET A 99 10.46 -2.33 -9.39
N GLU A 100 10.94 -2.57 -10.59
CA GLU A 100 10.18 -3.29 -11.60
C GLU A 100 10.86 -4.61 -11.93
N PRO A 101 10.07 -5.70 -12.00
CA PRO A 101 10.55 -6.97 -12.52
C PRO A 101 10.77 -6.87 -14.02
N VAL A 102 12.01 -7.09 -14.45
CA VAL A 102 12.40 -6.91 -15.85
C VAL A 102 11.49 -7.70 -16.79
N GLU A 103 11.76 -8.99 -16.93
CA GLU A 103 10.93 -9.87 -17.75
C GLU A 103 10.74 -11.18 -16.99
N GLY A 104 9.58 -11.80 -17.13
CA GLY A 104 9.35 -13.06 -16.43
C GLY A 104 7.91 -13.50 -16.43
N GLU A 105 7.52 -14.18 -15.36
CA GLU A 105 6.19 -14.77 -15.23
C GLU A 105 5.22 -13.80 -14.55
N ARG A 106 3.95 -13.93 -14.89
CA ARG A 106 2.92 -13.01 -14.39
C ARG A 106 2.13 -13.63 -13.24
N VAL A 107 1.45 -12.78 -12.50
CA VAL A 107 0.62 -13.20 -11.38
C VAL A 107 -0.80 -12.67 -11.55
N ASN A 108 -1.78 -13.52 -11.29
CA ASN A 108 -3.17 -13.10 -11.31
C ASN A 108 -3.52 -12.45 -9.97
N PRO A 109 -4.30 -11.35 -9.99
CA PRO A 109 -4.77 -10.70 -8.76
C PRO A 109 -5.56 -11.68 -7.90
N GLU A 110 -6.08 -12.71 -8.55
CA GLU A 110 -6.80 -13.79 -7.90
C GLU A 110 -5.90 -14.53 -6.89
N ASP A 111 -4.62 -14.59 -7.20
CA ASP A 111 -3.65 -15.33 -6.39
C ASP A 111 -3.02 -14.41 -5.33
N VAL A 112 -3.25 -13.12 -5.47
CA VAL A 112 -2.67 -12.14 -4.55
C VAL A 112 -3.45 -12.11 -3.24
N ASP A 113 -2.72 -12.27 -2.14
CA ASP A 113 -3.32 -12.22 -0.82
C ASP A 113 -3.18 -10.84 -0.22
N PHE A 114 -1.96 -10.33 -0.22
CA PHE A 114 -1.64 -9.07 0.45
C PHE A 114 -1.03 -8.09 -0.54
N ILE A 115 -1.28 -6.81 -0.32
CA ILE A 115 -0.65 -5.77 -1.10
C ILE A 115 -0.41 -4.54 -0.24
N ALA A 116 0.74 -3.92 -0.41
CA ALA A 116 1.12 -2.76 0.38
C ALA A 116 1.04 -1.49 -0.46
N VAL A 117 0.10 -0.63 -0.12
CA VAL A 117 -0.13 0.59 -0.86
C VAL A 117 0.19 1.81 0.00
N PRO A 118 1.05 2.71 -0.51
CA PRO A 118 1.38 3.96 0.16
C PRO A 118 0.32 5.03 -0.11
N GLY A 119 0.64 6.27 0.24
CA GLY A 119 -0.32 7.35 0.05
C GLY A 119 0.04 8.56 0.88
N VAL A 120 -0.33 9.73 0.37
CA VAL A 120 -0.02 10.98 1.05
C VAL A 120 -0.92 11.18 2.27
N ALA A 121 -2.18 10.79 2.14
CA ALA A 121 -3.12 10.90 3.24
C ALA A 121 -4.06 9.70 3.23
N PHE A 122 -4.79 9.50 4.32
CA PHE A 122 -5.74 8.40 4.40
C PHE A 122 -7.01 8.82 5.12
N ASP A 123 -8.11 8.20 4.70
CA ASP A 123 -9.44 8.50 5.20
C ASP A 123 -9.86 7.44 6.22
N LEU A 124 -10.79 7.78 7.10
CA LEU A 124 -11.26 6.86 8.13
C LEU A 124 -12.13 5.75 7.52
N GLU A 125 -12.77 6.06 6.40
CA GLU A 125 -13.57 5.08 5.68
C GLU A 125 -12.69 4.26 4.75
N GLY A 126 -11.43 4.68 4.64
CA GLY A 126 -10.47 3.90 3.89
C GLY A 126 -10.01 4.54 2.60
N TYR A 127 -10.55 5.73 2.29
CA TYR A 127 -10.19 6.42 1.04
C TYR A 127 -8.72 6.81 1.04
N ARG A 128 -8.17 6.99 -0.15
CA ARG A 128 -6.75 7.25 -0.31
C ARG A 128 -6.49 8.73 -0.60
N LEU A 129 -6.84 9.14 -1.83
CA LEU A 129 -6.67 10.54 -2.27
C LEU A 129 -5.19 10.91 -2.49
N GLY A 130 -4.30 10.03 -2.04
CA GLY A 130 -2.86 10.29 -2.05
C GLY A 130 -2.33 10.85 -3.36
N PHE A 131 -2.63 10.18 -4.47
CA PHE A 131 -2.17 10.63 -5.79
C PHE A 131 -2.83 9.80 -6.88
N GLY A 132 -2.56 10.14 -8.13
CA GLY A 132 -3.10 9.38 -9.23
C GLY A 132 -3.31 10.22 -10.48
N LYS A 133 -2.47 10.01 -11.48
CA LYS A 133 -2.68 10.60 -12.80
C LYS A 133 -2.95 9.49 -13.80
N GLY A 134 -2.00 8.57 -13.91
CA GLY A 134 -2.23 7.37 -14.70
C GLY A 134 -3.28 6.50 -14.04
N TYR A 135 -4.09 5.84 -14.85
CA TYR A 135 -5.24 5.11 -14.33
C TYR A 135 -4.83 3.74 -13.81
N TYR A 136 -3.86 3.74 -12.90
CA TYR A 136 -3.37 2.51 -12.29
C TYR A 136 -4.32 2.07 -11.17
N ASP A 137 -5.22 2.97 -10.81
CA ASP A 137 -6.28 2.66 -9.86
C ASP A 137 -7.17 1.56 -10.42
N ARG A 138 -7.17 1.42 -11.74
CA ARG A 138 -7.91 0.37 -12.42
C ARG A 138 -7.36 -1.00 -12.00
N LEU A 139 -6.10 -1.02 -11.59
CA LEU A 139 -5.49 -2.23 -11.06
C LEU A 139 -5.83 -2.36 -9.58
N LEU A 140 -5.81 -1.24 -8.88
CA LEU A 140 -6.13 -1.21 -7.45
C LEU A 140 -7.57 -1.64 -7.19
N LYS A 141 -8.48 -1.30 -8.09
CA LYS A 141 -9.86 -1.72 -7.99
C LYS A 141 -10.07 -3.10 -8.62
N ARG A 142 -8.99 -3.67 -9.15
CA ARG A 142 -9.05 -4.99 -9.76
C ARG A 142 -8.51 -6.04 -8.79
N VAL A 143 -7.48 -5.67 -8.04
CA VAL A 143 -6.92 -6.55 -7.05
C VAL A 143 -7.71 -6.45 -5.74
N LYS A 144 -8.71 -7.29 -5.61
CA LYS A 144 -9.51 -7.30 -4.39
C LYS A 144 -8.95 -8.31 -3.40
N GLY A 145 -7.72 -8.06 -2.98
CA GLY A 145 -7.12 -8.83 -1.91
C GLY A 145 -7.12 -8.03 -0.63
N LEU A 146 -6.18 -8.31 0.26
CA LEU A 146 -6.04 -7.51 1.47
C LEU A 146 -5.21 -6.27 1.18
N LYS A 147 -5.90 -5.18 0.87
CA LYS A 147 -5.23 -3.92 0.58
C LYS A 147 -4.75 -3.25 1.86
N VAL A 148 -3.45 -3.33 2.08
CA VAL A 148 -2.85 -2.77 3.28
C VAL A 148 -2.32 -1.37 3.00
N GLY A 149 -2.93 -0.39 3.63
CA GLY A 149 -2.45 0.97 3.53
C GLY A 149 -1.35 1.22 4.53
N VAL A 150 -0.17 1.52 4.03
CA VAL A 150 0.99 1.71 4.89
C VAL A 150 1.33 3.19 4.99
N ALA A 151 1.07 3.77 6.16
CA ALA A 151 1.30 5.20 6.36
C ALA A 151 1.45 5.54 7.83
N TYR A 152 1.61 6.81 8.12
CA TYR A 152 1.77 7.29 9.48
C TYR A 152 0.44 7.85 10.00
N SER A 153 0.35 8.07 11.30
CA SER A 153 -0.91 8.44 11.93
C SER A 153 -1.27 9.90 11.68
N PHE A 154 -0.28 10.73 11.38
CA PHE A 154 -0.53 12.14 11.10
C PHE A 154 -1.07 12.32 9.68
N GLN A 155 -1.26 11.20 8.99
CA GLN A 155 -1.80 11.21 7.64
C GLN A 155 -3.27 10.83 7.65
N VAL A 156 -3.75 10.35 8.79
CA VAL A 156 -5.11 9.86 8.89
C VAL A 156 -6.05 10.98 9.34
N PHE A 157 -6.97 11.33 8.46
CA PHE A 157 -7.96 12.35 8.77
C PHE A 157 -9.34 11.69 8.85
N GLU A 158 -10.37 12.49 9.15
CA GLU A 158 -11.73 11.98 9.16
C GLU A 158 -12.15 11.53 7.77
N ARG A 159 -12.46 12.50 6.93
CA ARG A 159 -12.94 12.23 5.58
C ARG A 159 -12.36 13.22 4.60
N LEU A 160 -11.87 12.68 3.49
CA LEU A 160 -11.20 13.46 2.47
C LEU A 160 -12.12 13.68 1.27
N PRO A 161 -11.92 14.77 0.51
CA PRO A 161 -12.68 15.01 -0.71
C PRO A 161 -12.33 14.00 -1.80
N ARG A 162 -13.21 13.02 -1.98
CA ARG A 162 -12.99 11.96 -2.96
C ARG A 162 -13.60 12.35 -4.30
N ASP A 163 -12.97 11.90 -5.38
CA ASP A 163 -13.44 12.18 -6.73
C ASP A 163 -14.75 11.45 -7.00
N ALA A 164 -14.68 10.13 -7.06
CA ALA A 164 -15.86 9.30 -7.28
C ALA A 164 -15.67 7.93 -6.66
N TRP A 165 -15.06 7.02 -7.40
CA TRP A 165 -14.85 5.66 -6.92
C TRP A 165 -13.42 5.44 -6.47
N ASP A 166 -13.03 6.10 -5.41
CA ASP A 166 -11.72 5.90 -4.80
C ASP A 166 -11.81 4.70 -3.87
N ILE A 167 -11.16 3.60 -4.24
CA ILE A 167 -11.34 2.35 -3.52
C ILE A 167 -10.60 2.36 -2.17
N PRO A 168 -11.35 2.13 -1.10
CA PRO A 168 -10.81 2.12 0.27
C PRO A 168 -9.85 0.95 0.51
N VAL A 169 -8.95 1.14 1.46
CA VAL A 169 -8.06 0.08 1.90
C VAL A 169 -8.77 -0.82 2.91
N ASP A 170 -8.15 -1.93 3.26
CA ASP A 170 -8.78 -2.90 4.15
C ASP A 170 -8.09 -2.89 5.51
N VAL A 171 -6.77 -2.92 5.49
CA VAL A 171 -5.98 -2.87 6.70
C VAL A 171 -5.02 -1.69 6.66
N LEU A 172 -5.24 -0.71 7.52
CA LEU A 172 -4.41 0.47 7.54
C LEU A 172 -3.36 0.38 8.65
N VAL A 173 -2.14 0.06 8.27
CA VAL A 173 -1.07 -0.08 9.25
C VAL A 173 -0.37 1.25 9.47
N THR A 174 -0.52 1.79 10.67
CA THR A 174 0.06 3.07 11.00
C THR A 174 1.29 2.90 11.89
N GLU A 175 1.85 4.03 12.31
CA GLU A 175 3.02 4.05 13.17
C GLU A 175 2.68 3.63 14.59
N LYS A 176 1.40 3.62 14.92
CA LYS A 176 0.95 3.43 16.29
C LYS A 176 0.08 2.19 16.46
N ASN A 177 -0.93 2.02 15.60
CA ASN A 177 -1.86 0.93 15.79
C ASN A 177 -2.31 0.33 14.45
N VAL A 178 -2.97 -0.80 14.52
CA VAL A 178 -3.51 -1.45 13.33
C VAL A 178 -4.95 -0.99 13.09
N ARG A 179 -5.14 -0.12 12.11
CA ARG A 179 -6.46 0.37 11.77
C ARG A 179 -7.18 -0.66 10.91
N ARG A 180 -7.83 -1.61 11.57
CA ARG A 180 -8.60 -2.62 10.87
C ARG A 180 -9.94 -2.02 10.45
N LEU A 181 -10.06 -1.71 9.17
CA LEU A 181 -11.23 -1.00 8.66
C LEU A 181 -12.38 -1.97 8.39
N ARG A 182 -12.51 -2.96 9.28
CA ARG A 182 -13.61 -3.92 9.23
C ARG A 182 -14.54 -3.66 10.40
N ASP A 183 -14.64 -2.40 10.80
CA ASP A 183 -15.44 -1.99 11.94
C ASP A 183 -16.90 -2.40 11.76
N GLY A 184 -17.48 -2.07 10.62
CA GLY A 184 -18.81 -2.55 10.28
C GLY A 184 -19.93 -1.67 10.80
N ARG A 185 -19.61 -0.69 11.64
CA ARG A 185 -20.63 0.21 12.17
C ARG A 185 -20.86 1.35 11.20
N SER A 186 -21.99 1.30 10.51
CA SER A 186 -22.36 2.35 9.56
C SER A 186 -23.85 2.64 9.67
N LEU A 187 -24.16 3.81 10.22
CA LEU A 187 -25.55 4.23 10.39
C LEU A 187 -26.20 4.48 9.04
N GLU A 188 -27.49 4.20 8.95
CA GLU A 188 -28.23 4.34 7.69
C GLU A 188 -28.56 5.80 7.39
N HIS A 189 -27.89 6.72 8.07
CA HIS A 189 -28.11 8.15 7.87
C HIS A 189 -27.73 8.58 6.46
N HIS A 190 -27.00 7.70 5.77
CA HIS A 190 -26.59 7.95 4.39
C HIS A 190 -27.77 7.82 3.43
N HIS A 191 -28.94 7.40 3.93
CA HIS A 191 -30.11 7.24 3.08
C HIS A 191 -30.51 8.58 2.45
N HIS A 192 -30.23 8.71 1.18
CA HIS A 192 -30.61 9.88 0.40
C HIS A 192 -30.33 9.58 -1.07
N HIS A 193 -30.41 8.31 -1.41
CA HIS A 193 -30.06 7.84 -2.73
C HIS A 193 -31.31 7.67 -3.59
N HIS A 194 -31.30 8.31 -4.73
CA HIS A 194 -32.41 8.21 -5.67
C HIS A 194 -32.04 7.24 -6.80
N MET A 1 -12.02 21.77 -6.23
CA MET A 1 -11.03 20.81 -6.76
C MET A 1 -9.72 20.92 -5.99
N LEU A 2 -9.82 21.23 -4.70
CA LEU A 2 -8.64 21.45 -3.88
C LEU A 2 -8.06 20.13 -3.39
N LYS A 3 -8.76 19.03 -3.68
CA LYS A 3 -8.36 17.70 -3.22
C LYS A 3 -6.99 17.30 -3.76
N SER A 4 -6.68 17.75 -4.98
CA SER A 4 -5.40 17.41 -5.60
C SER A 4 -4.28 18.31 -5.08
N GLU A 5 -4.62 19.54 -4.74
CA GLU A 5 -3.64 20.49 -4.25
C GLU A 5 -3.37 20.27 -2.77
N LEU A 6 -4.37 19.78 -2.05
CA LEU A 6 -4.20 19.39 -0.66
C LEU A 6 -3.12 18.32 -0.56
N ARG A 7 -3.16 17.39 -1.49
CA ARG A 7 -2.21 16.29 -1.54
C ARG A 7 -0.77 16.78 -1.64
N LYS A 8 -0.56 17.88 -2.35
CA LYS A 8 0.79 18.40 -2.56
C LYS A 8 1.43 18.84 -1.25
N LYS A 9 0.72 19.63 -0.46
CA LYS A 9 1.29 20.16 0.77
C LYS A 9 1.41 19.06 1.82
N VAL A 10 0.49 18.10 1.78
CA VAL A 10 0.55 16.96 2.70
C VAL A 10 1.74 16.07 2.34
N LEU A 11 2.01 15.96 1.04
CA LEU A 11 3.17 15.24 0.54
C LEU A 11 4.45 15.93 1.01
N HIS A 12 4.51 17.22 0.75
CA HIS A 12 5.66 18.05 1.13
C HIS A 12 5.87 18.00 2.65
N LYS A 13 4.79 17.88 3.40
CA LYS A 13 4.87 17.83 4.85
C LYS A 13 5.31 16.44 5.32
N ARG A 14 4.81 15.41 4.66
CA ARG A 14 5.15 14.04 5.03
C ARG A 14 6.62 13.76 4.78
N ILE A 15 7.15 14.31 3.68
CA ILE A 15 8.56 14.12 3.35
C ILE A 15 9.42 15.25 3.94
N ASN A 16 8.81 16.09 4.76
CA ASN A 16 9.55 17.15 5.45
C ASN A 16 10.17 16.61 6.73
N LEU A 17 9.63 15.48 7.17
CA LEU A 17 10.16 14.79 8.34
C LEU A 17 11.60 14.35 8.10
N SER A 18 12.41 14.37 9.15
CA SER A 18 13.82 14.00 9.04
C SER A 18 13.96 12.54 8.61
N GLU A 19 14.98 12.26 7.82
CA GLU A 19 15.15 10.93 7.23
C GLU A 19 15.56 9.90 8.28
N GLU A 20 16.42 10.30 9.21
CA GLU A 20 16.82 9.39 10.29
C GLU A 20 15.62 9.07 11.16
N GLU A 21 14.80 10.07 11.41
CA GLU A 21 13.55 9.88 12.12
C GLU A 21 12.64 8.95 11.33
N ARG A 22 12.63 9.13 10.02
CA ARG A 22 11.81 8.31 9.13
C ARG A 22 12.21 6.86 9.25
N ARG A 23 13.51 6.58 9.30
CA ARG A 23 14.00 5.21 9.44
C ARG A 23 13.41 4.57 10.71
N ARG A 24 13.36 5.36 11.77
CA ARG A 24 12.88 4.89 13.07
C ARG A 24 11.37 4.68 13.06
N LEU A 25 10.65 5.62 12.46
CA LEU A 25 9.19 5.53 12.37
C LEU A 25 8.78 4.38 11.45
N SER A 26 9.52 4.20 10.38
CA SER A 26 9.29 3.12 9.44
C SER A 26 9.37 1.78 10.15
N GLU A 27 10.35 1.63 11.03
CA GLU A 27 10.54 0.39 11.77
C GLU A 27 9.28 0.06 12.56
N LYS A 28 8.62 1.08 13.11
CA LYS A 28 7.39 0.88 13.85
C LYS A 28 6.32 0.26 12.95
N VAL A 29 6.09 0.89 11.80
CA VAL A 29 5.09 0.43 10.85
C VAL A 29 5.42 -0.98 10.36
N ILE A 30 6.70 -1.20 10.03
CA ILE A 30 7.16 -2.50 9.57
C ILE A 30 6.93 -3.57 10.63
N SER A 31 7.28 -3.25 11.88
CA SER A 31 7.14 -4.21 12.97
C SER A 31 5.66 -4.53 13.22
N ASN A 32 4.80 -3.55 13.01
CA ASN A 32 3.37 -3.75 13.18
C ASN A 32 2.83 -4.73 12.14
N LEU A 33 3.08 -4.42 10.87
CA LEU A 33 2.65 -5.28 9.77
C LEU A 33 3.31 -6.65 9.88
N LYS A 34 4.51 -6.67 10.43
CA LYS A 34 5.27 -7.90 10.63
C LYS A 34 4.60 -8.78 11.67
N SER A 35 4.02 -8.14 12.70
CA SER A 35 3.38 -8.88 13.78
C SER A 35 1.94 -9.28 13.42
N LEU A 36 1.43 -8.66 12.36
CA LEU A 36 0.10 -8.98 11.86
C LEU A 36 0.01 -10.47 11.50
N PRO A 37 -0.94 -11.20 12.10
CA PRO A 37 -1.04 -12.67 11.98
C PRO A 37 -1.13 -13.15 10.54
N GLU A 38 -1.95 -12.49 9.74
CA GLU A 38 -2.14 -12.86 8.34
C GLU A 38 -0.82 -12.75 7.54
N PHE A 39 0.10 -11.92 8.00
CA PHE A 39 1.37 -11.74 7.32
C PHE A 39 2.25 -12.97 7.46
N LYS A 40 2.20 -13.61 8.62
CA LYS A 40 2.98 -14.82 8.86
C LYS A 40 2.28 -16.05 8.28
N LYS A 41 1.12 -15.83 7.69
CA LYS A 41 0.36 -16.90 7.09
C LYS A 41 0.44 -16.86 5.56
N SER A 42 0.13 -15.68 5.02
CA SER A 42 -0.02 -15.50 3.57
C SER A 42 1.33 -15.58 2.86
N LYS A 43 1.28 -15.86 1.57
CA LYS A 43 2.49 -15.99 0.76
C LYS A 43 2.61 -14.88 -0.28
N LYS A 44 1.48 -14.44 -0.83
CA LYS A 44 1.50 -13.44 -1.89
C LYS A 44 1.47 -12.03 -1.29
N VAL A 45 2.63 -11.43 -1.20
CA VAL A 45 2.75 -10.10 -0.63
C VAL A 45 3.18 -9.10 -1.70
N ALA A 46 2.24 -8.27 -2.13
CA ALA A 46 2.52 -7.26 -3.13
C ALA A 46 2.79 -5.92 -2.48
N LEU A 47 3.80 -5.22 -2.96
CA LEU A 47 4.11 -3.88 -2.46
C LEU A 47 4.12 -2.90 -3.61
N TYR A 48 3.83 -1.64 -3.33
CA TYR A 48 3.89 -0.61 -4.36
C TYR A 48 5.33 -0.16 -4.59
N CYS A 49 5.72 0.97 -3.98
CA CYS A 49 7.08 1.49 -4.08
C CYS A 49 7.20 2.80 -3.33
N PRO A 50 8.04 2.85 -2.28
CA PRO A 50 8.31 4.05 -1.52
C PRO A 50 9.48 4.86 -2.11
N ILE A 51 9.15 5.93 -2.82
CA ILE A 51 10.17 6.80 -3.38
C ILE A 51 10.08 8.20 -2.79
N LYS A 52 11.23 8.82 -2.54
CA LYS A 52 11.32 10.17 -1.97
C LYS A 52 10.93 10.17 -0.48
N GLY A 53 9.78 9.60 -0.18
CA GLY A 53 9.32 9.50 1.19
C GLY A 53 8.68 8.17 1.46
N GLU A 54 7.85 8.11 2.51
CA GLU A 54 7.11 6.93 2.89
C GLU A 54 7.98 5.92 3.59
N VAL A 55 7.30 5.18 4.44
CA VAL A 55 7.89 4.09 5.22
C VAL A 55 8.93 3.30 4.44
N ASP A 56 10.11 3.17 5.03
CA ASP A 56 11.24 2.46 4.44
C ASP A 56 10.95 0.97 4.34
N LEU A 57 10.14 0.58 3.36
CA LEU A 57 9.81 -0.82 3.16
C LEU A 57 10.85 -1.49 2.28
N THR A 58 11.72 -0.68 1.69
CA THR A 58 12.75 -1.16 0.77
C THR A 58 13.62 -2.28 1.38
N PRO A 59 14.17 -2.09 2.60
CA PRO A 59 15.02 -3.12 3.24
C PRO A 59 14.26 -4.41 3.59
N LEU A 60 12.94 -4.40 3.44
CA LEU A 60 12.14 -5.58 3.77
C LEU A 60 11.94 -6.45 2.54
N PHE A 61 12.24 -5.89 1.36
CA PHE A 61 12.13 -6.63 0.10
C PHE A 61 12.91 -7.95 0.13
N PRO A 62 14.21 -7.94 0.51
CA PRO A 62 15.02 -9.17 0.57
C PRO A 62 14.40 -10.25 1.45
N GLU A 63 13.77 -9.83 2.55
CA GLU A 63 13.16 -10.79 3.48
C GLU A 63 11.96 -11.47 2.84
N VAL A 64 11.04 -10.66 2.31
CA VAL A 64 9.84 -11.18 1.66
C VAL A 64 10.22 -12.02 0.45
N LEU A 65 11.29 -11.60 -0.24
CA LEU A 65 11.77 -12.31 -1.42
C LEU A 65 12.30 -13.70 -1.08
N LYS A 66 12.74 -13.88 0.16
CA LYS A 66 13.27 -15.16 0.61
C LYS A 66 12.17 -16.06 1.16
N GLU A 67 11.35 -15.50 2.06
CA GLU A 67 10.31 -16.29 2.72
C GLU A 67 9.12 -16.53 1.81
N LYS A 68 8.68 -15.48 1.15
CA LYS A 68 7.37 -15.45 0.54
C LYS A 68 7.46 -15.16 -0.96
N GLU A 69 6.30 -14.95 -1.57
CA GLU A 69 6.22 -14.61 -2.97
C GLU A 69 5.98 -13.10 -3.11
N LEU A 70 7.04 -12.37 -3.40
CA LEU A 70 6.99 -10.93 -3.48
C LEU A 70 6.41 -10.47 -4.81
N ILE A 71 5.31 -9.74 -4.77
CA ILE A 71 4.69 -9.25 -5.98
C ILE A 71 5.01 -7.78 -6.19
N LEU A 72 5.67 -7.49 -7.32
CA LEU A 72 6.04 -6.12 -7.64
C LEU A 72 5.29 -5.62 -8.87
N PRO A 73 4.89 -4.34 -8.89
CA PRO A 73 4.15 -3.76 -9.98
C PRO A 73 5.03 -3.10 -11.05
N LYS A 74 4.91 -3.57 -12.29
CA LYS A 74 5.62 -2.97 -13.40
C LYS A 74 4.65 -2.17 -14.25
N VAL A 75 5.05 -0.96 -14.61
CA VAL A 75 4.25 -0.13 -15.49
C VAL A 75 4.51 -0.53 -16.94
N GLU A 76 3.59 -1.28 -17.52
CA GLU A 76 3.76 -1.76 -18.89
C GLU A 76 3.25 -0.72 -19.87
N GLY A 77 2.41 0.18 -19.36
CA GLY A 77 1.84 1.23 -20.19
C GLY A 77 0.56 1.74 -19.59
N ASN A 78 0.70 2.64 -18.60
CA ASN A 78 -0.43 3.15 -17.80
C ASN A 78 -0.99 2.07 -16.89
N GLU A 79 -1.28 0.91 -17.45
CA GLU A 79 -1.79 -0.22 -16.68
C GLU A 79 -0.62 -0.95 -16.01
N ILE A 80 -0.93 -1.65 -14.93
CA ILE A 80 0.09 -2.30 -14.13
C ILE A 80 0.13 -3.80 -14.37
N SER A 81 1.33 -4.32 -14.59
CA SER A 81 1.55 -5.74 -14.68
C SER A 81 2.35 -6.20 -13.46
N LEU A 82 1.74 -7.04 -12.64
CA LEU A 82 2.40 -7.54 -11.44
C LEU A 82 3.30 -8.72 -11.78
N TYR A 83 4.45 -8.79 -11.14
CA TYR A 83 5.36 -9.91 -11.34
C TYR A 83 5.47 -10.75 -10.09
N ARG A 84 5.55 -12.05 -10.28
CA ARG A 84 5.71 -13.01 -9.19
C ARG A 84 7.20 -13.20 -8.92
N VAL A 85 7.73 -12.41 -8.00
CA VAL A 85 9.16 -12.37 -7.78
C VAL A 85 9.58 -13.28 -6.63
N HIS A 86 10.34 -14.30 -6.96
CA HIS A 86 11.03 -15.11 -5.96
C HIS A 86 12.42 -15.46 -6.51
N SER A 87 12.79 -14.74 -7.57
CA SER A 87 14.10 -14.92 -8.19
C SER A 87 15.04 -13.81 -7.70
N PRO A 88 15.97 -14.14 -6.80
CA PRO A 88 16.84 -13.15 -6.14
C PRO A 88 17.77 -12.42 -7.11
N ALA A 89 18.15 -13.08 -8.20
CA ALA A 89 19.08 -12.48 -9.14
C ALA A 89 18.36 -11.61 -10.16
N CYS A 90 17.05 -11.77 -10.26
CA CYS A 90 16.27 -11.01 -11.23
C CYS A 90 15.80 -9.69 -10.60
N LEU A 91 16.72 -8.75 -10.48
CA LEU A 91 16.42 -7.44 -9.94
C LEU A 91 17.07 -6.36 -10.79
N GLY A 92 16.24 -5.51 -11.37
CA GLY A 92 16.75 -4.44 -12.20
C GLY A 92 15.88 -3.21 -12.13
N VAL A 93 16.29 -2.17 -12.83
CA VAL A 93 15.49 -0.94 -12.91
C VAL A 93 15.26 -0.56 -14.37
N GLY A 94 14.04 -0.21 -14.70
CA GLY A 94 13.70 0.07 -16.08
C GLY A 94 13.52 1.56 -16.35
N ALA A 95 12.40 2.11 -15.90
CA ALA A 95 12.09 3.50 -16.14
C ALA A 95 11.85 4.25 -14.84
N PHE A 96 12.10 5.56 -14.87
CA PHE A 96 11.83 6.48 -13.75
C PHE A 96 12.83 6.31 -12.61
N GLY A 97 13.08 5.06 -12.22
CA GLY A 97 13.98 4.80 -11.11
C GLY A 97 13.39 3.81 -10.12
N ILE A 98 12.31 3.14 -10.54
CA ILE A 98 11.72 2.08 -9.73
C ILE A 98 12.28 0.74 -10.15
N MET A 99 12.05 -0.29 -9.34
CA MET A 99 12.62 -1.59 -9.60
C MET A 99 11.66 -2.46 -10.40
N GLU A 100 12.12 -2.88 -11.57
CA GLU A 100 11.32 -3.70 -12.47
C GLU A 100 12.03 -5.02 -12.74
N PRO A 101 11.39 -6.15 -12.41
CA PRO A 101 11.93 -7.48 -12.68
C PRO A 101 12.09 -7.74 -14.17
N VAL A 102 13.31 -8.09 -14.58
CA VAL A 102 13.62 -8.29 -15.99
C VAL A 102 12.84 -9.46 -16.58
N GLU A 103 12.94 -10.61 -15.94
CA GLU A 103 12.24 -11.81 -16.38
C GLU A 103 11.43 -12.41 -15.24
N GLY A 104 10.21 -12.82 -15.54
CA GLY A 104 9.35 -13.40 -14.53
C GLY A 104 7.95 -13.65 -15.04
N GLU A 105 7.15 -14.27 -14.22
CA GLU A 105 5.76 -14.53 -14.55
C GLU A 105 4.87 -13.42 -14.00
N ARG A 106 3.87 -13.03 -14.77
CA ARG A 106 2.97 -11.97 -14.34
C ARG A 106 1.75 -12.52 -13.62
N VAL A 107 1.36 -11.84 -12.56
CA VAL A 107 0.22 -12.22 -11.75
C VAL A 107 -0.89 -11.18 -11.90
N ASN A 108 -2.13 -11.64 -11.90
CA ASN A 108 -3.28 -10.75 -12.01
C ASN A 108 -3.76 -10.36 -10.61
N PRO A 109 -4.39 -9.18 -10.47
CA PRO A 109 -4.87 -8.67 -9.18
C PRO A 109 -5.76 -9.67 -8.43
N GLU A 110 -6.42 -10.54 -9.18
CA GLU A 110 -7.28 -11.57 -8.61
C GLU A 110 -6.52 -12.50 -7.66
N ASP A 111 -5.28 -12.84 -8.04
CA ASP A 111 -4.48 -13.78 -7.25
C ASP A 111 -3.80 -13.09 -6.07
N VAL A 112 -3.82 -11.75 -6.09
CA VAL A 112 -3.21 -10.97 -5.02
C VAL A 112 -3.86 -11.28 -3.68
N ASP A 113 -3.10 -11.94 -2.82
CA ASP A 113 -3.56 -12.31 -1.50
C ASP A 113 -3.48 -11.10 -0.56
N PHE A 114 -2.29 -10.51 -0.52
CA PHE A 114 -2.04 -9.32 0.29
C PHE A 114 -1.34 -8.25 -0.55
N ILE A 115 -1.79 -7.02 -0.42
CA ILE A 115 -1.13 -5.91 -1.09
C ILE A 115 -0.99 -4.72 -0.15
N ALA A 116 0.16 -4.06 -0.20
CA ALA A 116 0.43 -2.94 0.67
C ALA A 116 0.92 -1.75 -0.14
N VAL A 117 0.19 -0.64 -0.05
CA VAL A 117 0.54 0.56 -0.79
C VAL A 117 0.65 1.76 0.14
N PRO A 118 1.66 2.61 -0.09
CA PRO A 118 1.84 3.85 0.67
C PRO A 118 0.93 4.95 0.16
N GLY A 119 1.07 6.16 0.70
CA GLY A 119 0.22 7.25 0.27
C GLY A 119 0.69 8.60 0.75
N VAL A 120 -0.20 9.57 0.66
CA VAL A 120 0.10 10.93 1.07
C VAL A 120 -0.80 11.36 2.22
N ALA A 121 -2.10 11.14 2.05
CA ALA A 121 -3.07 11.50 3.08
C ALA A 121 -4.14 10.43 3.19
N PHE A 122 -4.54 10.12 4.42
CA PHE A 122 -5.57 9.11 4.67
C PHE A 122 -6.58 9.63 5.69
N ASP A 123 -7.70 8.93 5.85
CA ASP A 123 -8.69 9.31 6.85
C ASP A 123 -9.19 8.10 7.63
N LEU A 124 -10.25 8.30 8.42
CA LEU A 124 -10.80 7.26 9.29
C LEU A 124 -11.73 6.31 8.53
N GLU A 125 -12.25 6.76 7.39
CA GLU A 125 -13.25 6.01 6.67
C GLU A 125 -12.61 5.09 5.63
N GLY A 126 -11.33 5.30 5.36
CA GLY A 126 -10.59 4.37 4.54
C GLY A 126 -10.27 4.91 3.16
N TYR A 127 -10.46 6.21 2.98
CA TYR A 127 -10.18 6.84 1.70
C TYR A 127 -8.73 7.29 1.66
N ARG A 128 -8.13 7.24 0.48
CA ARG A 128 -6.69 7.44 0.37
C ARG A 128 -6.31 8.43 -0.72
N LEU A 129 -5.44 9.35 -0.38
CA LEU A 129 -4.77 10.18 -1.35
C LEU A 129 -3.34 9.67 -1.50
N GLY A 130 -3.11 8.87 -2.51
CA GLY A 130 -1.82 8.22 -2.67
C GLY A 130 -0.94 8.89 -3.71
N PHE A 131 0.17 8.24 -4.04
CA PHE A 131 1.09 8.75 -5.04
C PHE A 131 1.03 7.89 -6.30
N GLY A 132 0.77 8.54 -7.42
CA GLY A 132 0.72 7.82 -8.69
C GLY A 132 0.22 8.70 -9.80
N LYS A 133 0.28 8.20 -11.02
CA LYS A 133 -0.20 8.93 -12.18
C LYS A 133 -0.57 7.96 -13.30
N GLY A 134 -1.85 7.63 -13.38
CA GLY A 134 -2.32 6.70 -14.39
C GLY A 134 -3.58 6.00 -13.95
N TYR A 135 -4.14 5.17 -14.81
CA TYR A 135 -5.36 4.46 -14.48
C TYR A 135 -5.04 3.08 -13.93
N TYR A 136 -4.85 3.01 -12.62
CA TYR A 136 -4.54 1.77 -11.94
C TYR A 136 -5.82 1.03 -11.56
N ASP A 137 -6.90 1.38 -12.26
CA ASP A 137 -8.23 0.82 -12.02
C ASP A 137 -8.23 -0.70 -12.13
N ARG A 138 -7.53 -1.22 -13.14
CA ARG A 138 -7.50 -2.66 -13.37
C ARG A 138 -6.76 -3.40 -12.27
N LEU A 139 -6.06 -2.64 -11.43
CA LEU A 139 -5.31 -3.22 -10.34
C LEU A 139 -6.14 -3.26 -9.06
N LEU A 140 -6.34 -2.09 -8.44
CA LEU A 140 -6.95 -1.99 -7.13
C LEU A 140 -8.40 -2.45 -7.11
N LYS A 141 -9.09 -2.30 -8.23
CA LYS A 141 -10.51 -2.63 -8.31
C LYS A 141 -10.71 -4.13 -8.56
N ARG A 142 -9.66 -4.82 -8.97
CA ARG A 142 -9.75 -6.25 -9.22
C ARG A 142 -9.16 -7.06 -8.07
N VAL A 143 -8.39 -6.38 -7.21
CA VAL A 143 -7.88 -7.01 -6.01
C VAL A 143 -9.02 -7.22 -5.02
N LYS A 144 -9.22 -8.46 -4.60
CA LYS A 144 -10.28 -8.78 -3.68
C LYS A 144 -9.70 -9.26 -2.35
N GLY A 145 -8.37 -9.26 -2.29
CA GLY A 145 -7.69 -9.61 -1.06
C GLY A 145 -7.65 -8.45 -0.09
N LEU A 146 -6.68 -8.45 0.80
CA LEU A 146 -6.61 -7.40 1.83
C LEU A 146 -5.85 -6.19 1.32
N LYS A 147 -6.52 -5.03 1.32
CA LYS A 147 -5.87 -3.79 0.93
C LYS A 147 -5.20 -3.17 2.15
N VAL A 148 -3.88 -3.24 2.20
CA VAL A 148 -3.13 -2.67 3.29
C VAL A 148 -2.62 -1.27 2.91
N GLY A 149 -3.13 -0.27 3.61
CA GLY A 149 -2.69 1.09 3.39
C GLY A 149 -1.66 1.49 4.41
N VAL A 150 -0.51 1.95 3.94
CA VAL A 150 0.58 2.34 4.82
C VAL A 150 0.65 3.85 4.95
N ALA A 151 0.57 4.35 6.17
CA ALA A 151 0.63 5.79 6.40
C ALA A 151 1.03 6.14 7.83
N TYR A 152 1.58 7.32 8.01
CA TYR A 152 1.89 7.82 9.35
C TYR A 152 0.71 8.61 9.89
N SER A 153 0.48 8.45 11.20
CA SER A 153 -0.67 9.06 11.86
C SER A 153 -0.69 10.58 11.70
N PHE A 154 0.49 11.17 11.49
CA PHE A 154 0.62 12.61 11.32
C PHE A 154 -0.20 13.09 10.12
N GLN A 155 -0.20 12.30 9.06
CA GLN A 155 -0.83 12.70 7.80
C GLN A 155 -2.11 11.91 7.57
N VAL A 156 -2.70 11.42 8.64
CA VAL A 156 -3.96 10.73 8.57
C VAL A 156 -5.01 11.51 9.36
N PHE A 157 -5.90 12.16 8.65
CA PHE A 157 -6.86 13.06 9.26
C PHE A 157 -8.16 12.33 9.56
N GLU A 158 -9.14 13.06 10.10
CA GLU A 158 -10.43 12.48 10.44
C GLU A 158 -11.14 11.96 9.20
N ARG A 159 -11.44 12.85 8.26
CA ARG A 159 -12.06 12.45 7.00
C ARG A 159 -11.70 13.44 5.91
N LEU A 160 -11.35 12.92 4.75
CA LEU A 160 -10.86 13.74 3.65
C LEU A 160 -11.96 14.04 2.64
N PRO A 161 -11.81 15.15 1.89
CA PRO A 161 -12.73 15.50 0.79
C PRO A 161 -12.69 14.43 -0.30
N ARG A 162 -13.82 13.80 -0.53
CA ARG A 162 -13.92 12.70 -1.47
C ARG A 162 -15.03 12.97 -2.48
N ASP A 163 -15.23 12.04 -3.39
CA ASP A 163 -16.27 12.20 -4.40
C ASP A 163 -17.45 11.29 -4.09
N ALA A 164 -17.44 10.10 -4.65
CA ALA A 164 -18.54 9.16 -4.42
C ALA A 164 -18.06 7.71 -4.50
N TRP A 165 -17.81 7.14 -3.34
CA TRP A 165 -17.42 5.73 -3.21
C TRP A 165 -16.24 5.36 -4.09
N ASP A 166 -15.05 5.72 -3.63
CA ASP A 166 -13.82 5.31 -4.28
C ASP A 166 -13.45 3.91 -3.78
N ILE A 167 -12.25 3.45 -4.09
CA ILE A 167 -11.78 2.15 -3.61
C ILE A 167 -11.01 2.31 -2.29
N PRO A 168 -11.66 1.96 -1.17
CA PRO A 168 -11.07 2.09 0.16
C PRO A 168 -10.18 0.90 0.52
N VAL A 169 -9.40 1.06 1.57
CA VAL A 169 -8.53 -0.02 2.04
C VAL A 169 -9.24 -0.90 3.05
N ASP A 170 -8.67 -2.06 3.35
CA ASP A 170 -9.24 -2.97 4.33
C ASP A 170 -8.52 -2.84 5.65
N VAL A 171 -7.21 -2.65 5.58
CA VAL A 171 -6.40 -2.49 6.77
C VAL A 171 -5.51 -1.26 6.62
N LEU A 172 -5.77 -0.25 7.42
CA LEU A 172 -4.96 0.96 7.41
C LEU A 172 -3.96 0.91 8.56
N VAL A 173 -2.69 0.75 8.22
CA VAL A 173 -1.65 0.55 9.20
C VAL A 173 -0.98 1.87 9.56
N THR A 174 -1.04 2.21 10.84
CA THR A 174 -0.34 3.37 11.35
C THR A 174 0.82 2.89 12.23
N GLU A 175 1.58 3.82 12.78
CA GLU A 175 2.73 3.45 13.60
C GLU A 175 2.31 3.26 15.06
N LYS A 176 1.01 3.26 15.32
CA LYS A 176 0.50 3.04 16.67
C LYS A 176 -0.63 2.02 16.70
N ASN A 177 -1.57 2.14 15.76
CA ASN A 177 -2.76 1.31 15.79
C ASN A 177 -2.99 0.61 14.44
N VAL A 178 -3.90 -0.35 14.43
CA VAL A 178 -4.23 -1.11 13.24
C VAL A 178 -5.70 -0.91 12.90
N ARG A 179 -5.98 -0.25 11.79
CA ARG A 179 -7.35 0.07 11.42
C ARG A 179 -7.92 -1.01 10.49
N ARG A 180 -8.69 -1.92 11.07
CA ARG A 180 -9.39 -2.92 10.28
C ARG A 180 -10.76 -2.40 9.85
N LEU A 181 -10.88 -2.09 8.57
CA LEU A 181 -12.08 -1.46 8.04
C LEU A 181 -12.96 -2.48 7.33
N ARG A 182 -12.67 -3.76 7.56
CA ARG A 182 -13.42 -4.86 6.96
C ARG A 182 -14.88 -4.83 7.38
N ASP A 183 -15.11 -4.46 8.64
CA ASP A 183 -16.47 -4.39 9.16
C ASP A 183 -16.94 -2.94 9.26
N GLY A 184 -16.15 -2.10 9.92
CA GLY A 184 -16.53 -0.71 10.11
C GLY A 184 -17.62 -0.57 11.15
N ARG A 185 -17.82 -1.61 11.95
CA ARG A 185 -18.86 -1.62 12.97
C ARG A 185 -18.25 -1.66 14.36
N SER A 186 -16.92 -1.63 14.39
CA SER A 186 -16.18 -1.69 15.64
C SER A 186 -16.15 -0.33 16.35
N LEU A 187 -16.69 0.68 15.69
CA LEU A 187 -16.75 2.02 16.25
C LEU A 187 -18.20 2.45 16.39
N GLU A 188 -18.47 3.29 17.37
CA GLU A 188 -19.81 3.80 17.58
C GLU A 188 -20.15 4.84 16.52
N HIS A 189 -21.41 4.89 16.12
CA HIS A 189 -21.87 5.91 15.18
C HIS A 189 -21.66 7.28 15.80
N HIS A 190 -21.24 8.24 14.99
CA HIS A 190 -20.86 9.55 15.51
C HIS A 190 -22.08 10.38 15.87
N HIS A 191 -22.72 10.00 16.96
CA HIS A 191 -23.86 10.71 17.50
C HIS A 191 -23.94 10.46 19.00
N HIS A 192 -24.13 11.52 19.75
CA HIS A 192 -24.18 11.40 21.20
C HIS A 192 -25.50 11.95 21.72
N HIS A 193 -26.21 11.17 22.53
CA HIS A 193 -27.53 11.55 23.00
C HIS A 193 -27.46 12.54 24.16
N HIS A 194 -26.91 13.71 23.90
CA HIS A 194 -26.80 14.76 24.89
C HIS A 194 -26.99 16.11 24.23
N MET A 1 -11.35 24.37 0.09
CA MET A 1 -9.94 24.16 -0.30
C MET A 1 -9.86 23.28 -1.54
N LEU A 2 -8.71 23.30 -2.19
CA LEU A 2 -8.47 22.46 -3.35
C LEU A 2 -7.82 21.16 -2.92
N LYS A 3 -8.33 20.05 -3.44
CA LYS A 3 -7.87 18.72 -3.03
C LYS A 3 -6.41 18.49 -3.44
N SER A 4 -5.99 19.09 -4.54
CA SER A 4 -4.62 18.93 -5.00
C SER A 4 -3.70 19.91 -4.27
N GLU A 5 -4.23 21.06 -3.88
CA GLU A 5 -3.47 22.02 -3.10
C GLU A 5 -3.26 21.47 -1.69
N LEU A 6 -4.31 20.87 -1.15
CA LEU A 6 -4.23 20.17 0.13
C LEU A 6 -3.25 19.02 0.03
N ARG A 7 -3.27 18.33 -1.10
CA ARG A 7 -2.36 17.23 -1.37
C ARG A 7 -0.92 17.70 -1.31
N LYS A 8 -0.69 18.92 -1.81
CA LYS A 8 0.64 19.53 -1.83
C LYS A 8 1.14 19.79 -0.41
N LYS A 9 0.23 20.21 0.46
CA LYS A 9 0.55 20.44 1.86
C LYS A 9 1.00 19.17 2.55
N VAL A 10 0.27 18.09 2.28
CA VAL A 10 0.58 16.79 2.86
C VAL A 10 1.91 16.28 2.28
N LEU A 11 2.02 16.33 0.97
CA LEU A 11 3.22 15.89 0.26
C LEU A 11 4.47 16.58 0.83
N HIS A 12 4.37 17.90 1.00
CA HIS A 12 5.47 18.70 1.52
C HIS A 12 5.89 18.22 2.90
N LYS A 13 4.93 18.09 3.80
CA LYS A 13 5.22 17.73 5.18
C LYS A 13 5.77 16.31 5.29
N ARG A 14 5.23 15.41 4.47
CA ARG A 14 5.64 14.01 4.49
C ARG A 14 7.13 13.85 4.21
N ILE A 15 7.61 14.48 3.15
CA ILE A 15 9.01 14.32 2.77
C ILE A 15 9.91 15.31 3.50
N ASN A 16 9.32 16.15 4.34
CA ASN A 16 10.09 17.10 5.14
C ASN A 16 10.50 16.49 6.47
N LEU A 17 9.94 15.33 6.79
CA LEU A 17 10.32 14.62 8.00
C LEU A 17 11.78 14.19 7.90
N SER A 18 12.52 14.36 8.98
CA SER A 18 13.94 14.03 8.99
C SER A 18 14.14 12.53 8.88
N GLU A 19 15.31 12.11 8.42
CA GLU A 19 15.60 10.71 8.16
C GLU A 19 15.52 9.88 9.43
N GLU A 20 16.27 10.27 10.45
CA GLU A 20 16.32 9.53 11.71
C GLU A 20 14.93 9.38 12.32
N GLU A 21 14.18 10.48 12.34
CA GLU A 21 12.82 10.49 12.88
C GLU A 21 11.91 9.59 12.05
N ARG A 22 12.01 9.75 10.73
CA ARG A 22 11.19 8.98 9.80
C ARG A 22 11.47 7.50 9.92
N ARG A 23 12.75 7.15 9.97
CA ARG A 23 13.17 5.76 10.07
C ARG A 23 12.63 5.11 11.34
N ARG A 24 12.58 5.88 12.42
CA ARG A 24 12.04 5.39 13.68
C ARG A 24 10.56 5.05 13.51
N LEU A 25 9.85 5.89 12.75
CA LEU A 25 8.43 5.68 12.48
C LEU A 25 8.22 4.48 11.58
N SER A 26 8.94 4.44 10.46
CA SER A 26 8.82 3.35 9.50
C SER A 26 9.23 2.02 10.13
N GLU A 27 10.22 2.05 11.01
CA GLU A 27 10.66 0.86 11.71
C GLU A 27 9.53 0.28 12.55
N LYS A 28 8.76 1.17 13.17
CA LYS A 28 7.59 0.76 13.94
C LYS A 28 6.53 0.14 13.03
N VAL A 29 6.39 0.72 11.83
CA VAL A 29 5.46 0.19 10.84
C VAL A 29 5.88 -1.21 10.40
N ILE A 30 7.16 -1.36 10.09
CA ILE A 30 7.72 -2.64 9.68
C ILE A 30 7.54 -3.68 10.77
N SER A 31 7.90 -3.32 11.99
CA SER A 31 7.77 -4.21 13.13
C SER A 31 6.30 -4.60 13.33
N ASN A 32 5.42 -3.63 13.14
CA ASN A 32 3.99 -3.84 13.28
C ASN A 32 3.46 -4.81 12.23
N LEU A 33 3.74 -4.52 10.96
CA LEU A 33 3.28 -5.36 9.86
C LEU A 33 3.89 -6.76 9.94
N LYS A 34 5.17 -6.82 10.30
CA LYS A 34 5.88 -8.08 10.41
C LYS A 34 5.28 -8.96 11.50
N SER A 35 4.75 -8.32 12.53
CA SER A 35 4.15 -9.04 13.65
C SER A 35 2.70 -9.42 13.34
N LEU A 36 2.10 -8.72 12.38
CA LEU A 36 0.71 -8.98 11.98
C LEU A 36 0.51 -10.47 11.68
N PRO A 37 -0.32 -11.15 12.49
CA PRO A 37 -0.52 -12.61 12.38
C PRO A 37 -0.92 -13.07 10.99
N GLU A 38 -1.66 -12.24 10.27
CA GLU A 38 -2.15 -12.61 8.95
C GLU A 38 -1.09 -12.35 7.89
N PHE A 39 -0.19 -11.41 8.15
CA PHE A 39 0.94 -11.15 7.26
C PHE A 39 1.98 -12.25 7.46
N LYS A 40 1.82 -12.98 8.54
CA LYS A 40 2.66 -14.11 8.84
C LYS A 40 2.18 -15.33 8.05
N LYS A 41 0.91 -15.30 7.64
CA LYS A 41 0.30 -16.42 6.93
C LYS A 41 0.16 -16.12 5.44
N SER A 42 0.34 -14.85 5.07
CA SER A 42 0.10 -14.42 3.71
C SER A 42 1.05 -15.08 2.72
N LYS A 43 0.57 -15.27 1.49
CA LYS A 43 1.35 -15.91 0.46
C LYS A 43 1.77 -14.91 -0.62
N LYS A 44 0.76 -14.39 -1.32
CA LYS A 44 1.00 -13.49 -2.43
C LYS A 44 0.99 -12.05 -1.92
N VAL A 45 2.17 -11.52 -1.63
CA VAL A 45 2.28 -10.19 -1.07
C VAL A 45 2.71 -9.19 -2.14
N ALA A 46 1.78 -8.35 -2.54
CA ALA A 46 2.06 -7.32 -3.52
C ALA A 46 2.43 -6.01 -2.83
N LEU A 47 3.63 -5.53 -3.10
CA LEU A 47 4.10 -4.27 -2.53
C LEU A 47 4.05 -3.18 -3.58
N TYR A 48 3.44 -2.05 -3.23
CA TYR A 48 3.21 -0.97 -4.17
C TYR A 48 4.48 -0.15 -4.41
N CYS A 49 5.56 -0.52 -3.70
CA CYS A 49 6.86 0.13 -3.83
C CYS A 49 6.82 1.58 -3.33
N PRO A 50 7.22 1.80 -2.07
CA PRO A 50 7.18 3.12 -1.45
C PRO A 50 8.36 4.00 -1.86
N ILE A 51 8.05 5.22 -2.31
CA ILE A 51 9.07 6.18 -2.70
C ILE A 51 8.83 7.52 -2.02
N LYS A 52 9.88 8.34 -1.94
CA LYS A 52 9.78 9.72 -1.43
C LYS A 52 9.46 9.77 0.07
N GLY A 53 8.27 9.33 0.45
CA GLY A 53 7.90 9.35 1.85
C GLY A 53 6.79 8.36 2.16
N GLU A 54 6.63 7.36 1.31
CA GLU A 54 5.55 6.39 1.45
C GLU A 54 5.91 5.29 2.46
N VAL A 55 6.63 5.67 3.51
CA VAL A 55 7.12 4.73 4.52
C VAL A 55 8.20 3.82 3.93
N ASP A 56 9.42 3.95 4.42
CA ASP A 56 10.53 3.15 3.92
C ASP A 56 10.41 1.69 4.35
N LEU A 57 9.58 0.95 3.62
CA LEU A 57 9.41 -0.48 3.82
C LEU A 57 10.45 -1.25 3.04
N THR A 58 11.36 -0.51 2.40
CA THR A 58 12.38 -1.07 1.54
C THR A 58 13.22 -2.16 2.23
N PRO A 59 13.72 -1.93 3.48
CA PRO A 59 14.49 -2.94 4.20
C PRO A 59 13.68 -4.21 4.52
N LEU A 60 12.37 -4.16 4.32
CA LEU A 60 11.51 -5.32 4.58
C LEU A 60 11.34 -6.14 3.31
N PHE A 61 11.70 -5.56 2.17
CA PHE A 61 11.63 -6.26 0.88
C PHE A 61 12.44 -7.56 0.90
N PRO A 62 13.71 -7.55 1.37
CA PRO A 62 14.51 -8.78 1.48
C PRO A 62 13.81 -9.89 2.26
N GLU A 63 13.01 -9.52 3.24
CA GLU A 63 12.27 -10.48 4.04
C GLU A 63 11.14 -11.10 3.23
N VAL A 64 10.33 -10.25 2.61
CA VAL A 64 9.20 -10.70 1.81
C VAL A 64 9.68 -11.52 0.62
N LEU A 65 10.80 -11.11 0.05
CA LEU A 65 11.38 -11.77 -1.10
C LEU A 65 11.89 -13.17 -0.73
N LYS A 66 12.19 -13.36 0.53
CA LYS A 66 12.76 -14.61 1.01
C LYS A 66 11.67 -15.56 1.50
N GLU A 67 10.84 -15.09 2.41
CA GLU A 67 9.78 -15.92 2.98
C GLU A 67 8.58 -16.05 2.06
N LYS A 68 8.09 -14.93 1.57
CA LYS A 68 6.83 -14.91 0.85
C LYS A 68 7.06 -14.86 -0.66
N GLU A 69 5.98 -14.68 -1.40
CA GLU A 69 6.05 -14.47 -2.83
C GLU A 69 5.80 -12.99 -3.12
N LEU A 70 6.87 -12.27 -3.40
CA LEU A 70 6.80 -10.82 -3.59
C LEU A 70 6.26 -10.49 -4.99
N ILE A 71 5.10 -9.87 -5.03
CA ILE A 71 4.51 -9.47 -6.29
C ILE A 71 4.73 -7.98 -6.51
N LEU A 72 5.44 -7.65 -7.57
CA LEU A 72 5.75 -6.27 -7.88
C LEU A 72 5.05 -5.83 -9.16
N PRO A 73 4.53 -4.60 -9.19
CA PRO A 73 3.87 -4.05 -10.37
C PRO A 73 4.89 -3.63 -11.44
N LYS A 74 4.78 -4.24 -12.62
CA LYS A 74 5.64 -3.91 -13.73
C LYS A 74 4.80 -3.34 -14.87
N VAL A 75 5.39 -2.50 -15.70
CA VAL A 75 4.67 -1.91 -16.81
C VAL A 75 5.00 -2.66 -18.11
N GLU A 76 3.99 -3.30 -18.66
CA GLU A 76 4.14 -4.07 -19.89
C GLU A 76 3.38 -3.40 -21.02
N GLY A 77 4.11 -2.80 -21.94
CA GLY A 77 3.49 -2.10 -23.05
C GLY A 77 2.62 -0.94 -22.58
N ASN A 78 3.11 -0.24 -21.56
CA ASN A 78 2.42 0.90 -20.96
C ASN A 78 1.12 0.47 -20.27
N GLU A 79 1.00 -0.83 -20.02
CA GLU A 79 -0.11 -1.36 -19.24
C GLU A 79 0.45 -2.09 -18.02
N ILE A 80 -0.16 -1.87 -16.87
CA ILE A 80 0.38 -2.42 -15.64
C ILE A 80 0.02 -3.89 -15.48
N SER A 81 1.00 -4.67 -15.07
CA SER A 81 0.82 -6.08 -14.80
C SER A 81 1.60 -6.45 -13.56
N LEU A 82 1.35 -7.62 -13.00
CA LEU A 82 2.03 -8.03 -11.78
C LEU A 82 3.02 -9.14 -12.06
N TYR A 83 4.24 -8.98 -11.55
CA TYR A 83 5.26 -10.00 -11.67
C TYR A 83 5.67 -10.51 -10.29
N ARG A 84 5.56 -11.81 -10.11
CA ARG A 84 5.88 -12.45 -8.85
C ARG A 84 7.31 -12.94 -8.85
N VAL A 85 8.09 -12.41 -7.92
CA VAL A 85 9.48 -12.81 -7.75
C VAL A 85 9.74 -13.13 -6.29
N HIS A 86 10.73 -13.97 -6.03
CA HIS A 86 11.15 -14.27 -4.67
C HIS A 86 12.54 -14.89 -4.71
N SER A 87 13.40 -14.23 -5.46
CA SER A 87 14.78 -14.63 -5.64
C SER A 87 15.60 -13.40 -6.02
N PRO A 88 16.93 -13.44 -5.84
CA PRO A 88 17.79 -12.30 -6.21
C PRO A 88 17.85 -12.07 -7.72
N ALA A 89 18.38 -10.91 -8.11
CA ALA A 89 18.49 -10.52 -9.52
C ALA A 89 17.10 -10.33 -10.15
N CYS A 90 17.05 -10.48 -11.48
CA CYS A 90 15.81 -10.37 -12.28
C CYS A 90 15.15 -8.99 -12.16
N LEU A 91 15.82 -8.05 -11.49
CA LEU A 91 15.32 -6.70 -11.35
C LEU A 91 15.95 -5.78 -12.39
N GLY A 92 15.22 -4.77 -12.82
CA GLY A 92 15.75 -3.82 -13.78
C GLY A 92 14.87 -2.59 -13.89
N VAL A 93 15.19 -1.73 -14.85
CA VAL A 93 14.40 -0.52 -15.09
C VAL A 93 14.13 -0.35 -16.58
N GLY A 94 12.86 -0.34 -16.95
CA GLY A 94 12.49 -0.16 -18.35
C GLY A 94 11.45 0.93 -18.53
N ALA A 95 10.56 1.05 -17.55
CA ALA A 95 9.52 2.06 -17.58
C ALA A 95 10.01 3.40 -17.05
N PHE A 96 9.12 4.16 -16.40
CA PHE A 96 9.40 5.50 -15.86
C PHE A 96 10.79 5.62 -15.25
N GLY A 97 11.10 4.72 -14.33
CA GLY A 97 12.37 4.79 -13.62
C GLY A 97 12.27 4.12 -12.27
N ILE A 98 11.70 2.93 -12.28
CA ILE A 98 11.41 2.20 -11.06
C ILE A 98 12.01 0.80 -11.16
N MET A 99 12.44 0.23 -10.05
CA MET A 99 13.00 -1.12 -10.05
C MET A 99 11.90 -2.15 -10.28
N GLU A 100 11.71 -2.50 -11.54
CA GLU A 100 10.67 -3.44 -11.92
C GLU A 100 11.27 -4.81 -12.18
N PRO A 101 10.55 -5.88 -11.81
CA PRO A 101 10.97 -7.24 -12.09
C PRO A 101 10.84 -7.57 -13.58
N VAL A 102 11.98 -7.61 -14.27
CA VAL A 102 11.99 -7.84 -15.70
C VAL A 102 11.62 -9.30 -16.00
N GLU A 103 12.20 -10.20 -15.22
CA GLU A 103 11.92 -11.61 -15.37
C GLU A 103 11.13 -12.10 -14.17
N GLY A 104 10.67 -13.34 -14.24
CA GLY A 104 9.87 -13.89 -13.16
C GLY A 104 8.63 -14.57 -13.68
N GLU A 105 7.57 -14.52 -12.89
CA GLU A 105 6.32 -15.20 -13.24
C GLU A 105 5.16 -14.21 -13.21
N ARG A 106 4.44 -14.10 -14.32
CA ARG A 106 3.36 -13.12 -14.44
C ARG A 106 2.11 -13.57 -13.66
N VAL A 107 1.63 -12.70 -12.80
CA VAL A 107 0.49 -13.01 -11.95
C VAL A 107 -0.66 -12.02 -12.18
N ASN A 108 -1.87 -12.55 -12.20
CA ASN A 108 -3.07 -11.74 -12.32
C ASN A 108 -3.47 -11.24 -10.93
N PRO A 109 -3.85 -9.94 -10.80
CA PRO A 109 -4.27 -9.34 -9.51
C PRO A 109 -5.29 -10.18 -8.74
N GLU A 110 -6.02 -11.02 -9.46
CA GLU A 110 -7.01 -11.91 -8.86
C GLU A 110 -6.37 -12.85 -7.84
N ASP A 111 -5.13 -13.25 -8.12
CA ASP A 111 -4.43 -14.25 -7.33
C ASP A 111 -3.80 -13.63 -6.07
N VAL A 112 -3.70 -12.31 -6.06
CA VAL A 112 -3.07 -11.60 -4.94
C VAL A 112 -3.98 -11.60 -3.72
N ASP A 113 -3.52 -12.24 -2.65
CA ASP A 113 -4.32 -12.33 -1.43
C ASP A 113 -3.97 -11.20 -0.45
N PHE A 114 -2.76 -10.68 -0.55
CA PHE A 114 -2.32 -9.60 0.34
C PHE A 114 -1.62 -8.51 -0.46
N ILE A 115 -2.12 -7.28 -0.37
CA ILE A 115 -1.50 -6.17 -1.05
C ILE A 115 -1.33 -4.99 -0.11
N ALA A 116 -0.19 -4.32 -0.22
CA ALA A 116 0.12 -3.19 0.65
C ALA A 116 0.30 -1.93 -0.19
N VAL A 117 -0.66 -1.02 -0.09
CA VAL A 117 -0.65 0.21 -0.86
C VAL A 117 -0.54 1.42 0.06
N PRO A 118 0.52 2.22 -0.11
CA PRO A 118 0.69 3.47 0.63
C PRO A 118 -0.24 4.57 0.12
N GLY A 119 0.16 5.81 0.31
CA GLY A 119 -0.68 6.93 -0.03
C GLY A 119 -0.33 8.14 0.81
N VAL A 120 -0.11 9.27 0.14
CA VAL A 120 0.32 10.49 0.80
C VAL A 120 -0.67 10.94 1.88
N ALA A 121 -1.95 10.83 1.59
CA ALA A 121 -2.97 11.23 2.55
C ALA A 121 -4.04 10.16 2.68
N PHE A 122 -4.31 9.77 3.91
CA PHE A 122 -5.35 8.80 4.23
C PHE A 122 -6.36 9.42 5.19
N ASP A 123 -7.54 8.81 5.26
CA ASP A 123 -8.55 9.22 6.22
C ASP A 123 -8.90 8.03 7.12
N LEU A 124 -9.73 8.24 8.13
CA LEU A 124 -10.02 7.19 9.11
C LEU A 124 -11.18 6.29 8.68
N GLU A 125 -11.71 6.53 7.49
CA GLU A 125 -12.75 5.67 6.95
C GLU A 125 -12.17 4.70 5.92
N GLY A 126 -11.16 5.15 5.18
CA GLY A 126 -10.43 4.25 4.32
C GLY A 126 -10.18 4.79 2.92
N TYR A 127 -10.35 6.08 2.72
CA TYR A 127 -10.18 6.67 1.40
C TYR A 127 -8.84 7.37 1.27
N ARG A 128 -8.39 7.55 0.04
CA ARG A 128 -7.11 8.16 -0.23
C ARG A 128 -7.29 9.49 -0.97
N LEU A 129 -6.29 10.36 -0.87
CA LEU A 129 -6.32 11.63 -1.59
C LEU A 129 -5.51 11.52 -2.88
N GLY A 130 -4.94 10.34 -3.12
CA GLY A 130 -4.19 10.09 -4.33
C GLY A 130 -2.84 10.77 -4.34
N PHE A 131 -2.12 10.65 -5.45
CA PHE A 131 -0.82 11.27 -5.61
C PHE A 131 -0.62 11.76 -7.03
N GLY A 132 -0.86 13.05 -7.24
CA GLY A 132 -0.72 13.63 -8.56
C GLY A 132 -1.87 13.25 -9.47
N LYS A 133 -1.84 12.04 -9.98
CA LYS A 133 -2.87 11.55 -10.89
C LYS A 133 -3.54 10.32 -10.33
N GLY A 134 -4.42 9.70 -11.11
CA GLY A 134 -5.08 8.49 -10.69
C GLY A 134 -5.36 7.56 -11.86
N TYR A 135 -4.46 6.61 -12.10
CA TYR A 135 -4.62 5.65 -13.19
C TYR A 135 -4.40 4.24 -12.68
N TYR A 136 -4.28 3.29 -13.61
CA TYR A 136 -4.01 1.88 -13.29
C TYR A 136 -5.19 1.27 -12.52
N ASP A 137 -6.38 1.79 -12.81
CA ASP A 137 -7.61 1.31 -12.18
C ASP A 137 -7.86 -0.15 -12.54
N ARG A 138 -7.42 -0.53 -13.75
CA ARG A 138 -7.61 -1.89 -14.24
C ARG A 138 -6.96 -2.91 -13.30
N LEU A 139 -5.99 -2.47 -12.52
CA LEU A 139 -5.35 -3.31 -11.55
C LEU A 139 -6.02 -3.14 -10.19
N LEU A 140 -6.00 -1.92 -9.69
CA LEU A 140 -6.45 -1.61 -8.33
C LEU A 140 -7.91 -1.97 -8.09
N LYS A 141 -8.73 -1.85 -9.12
CA LYS A 141 -10.17 -2.09 -8.98
C LYS A 141 -10.48 -3.58 -8.90
N ARG A 142 -9.58 -4.41 -9.41
CA ARG A 142 -9.85 -5.84 -9.49
C ARG A 142 -9.12 -6.63 -8.40
N VAL A 143 -8.15 -6.01 -7.74
CA VAL A 143 -7.48 -6.66 -6.61
C VAL A 143 -8.45 -6.79 -5.44
N LYS A 144 -9.07 -7.97 -5.33
CA LYS A 144 -10.01 -8.23 -4.24
C LYS A 144 -9.29 -8.71 -3.00
N GLY A 145 -7.97 -8.90 -3.12
CA GLY A 145 -7.16 -9.33 -2.00
C GLY A 145 -7.20 -8.32 -0.87
N LEU A 146 -6.71 -8.73 0.30
CA LEU A 146 -6.75 -7.91 1.50
C LEU A 146 -6.13 -6.55 1.24
N LYS A 147 -6.97 -5.53 1.25
CA LYS A 147 -6.53 -4.18 0.93
C LYS A 147 -5.92 -3.53 2.16
N VAL A 148 -4.60 -3.53 2.22
CA VAL A 148 -3.89 -2.96 3.34
C VAL A 148 -3.24 -1.64 2.95
N GLY A 149 -3.56 -0.60 3.69
CA GLY A 149 -2.94 0.70 3.47
C GLY A 149 -1.86 0.96 4.50
N VAL A 150 -0.74 1.51 4.05
CA VAL A 150 0.39 1.75 4.95
C VAL A 150 0.74 3.24 4.97
N ALA A 151 0.75 3.84 6.16
CA ALA A 151 1.06 5.27 6.27
C ALA A 151 1.41 5.68 7.70
N TYR A 152 1.96 6.88 7.84
CA TYR A 152 2.23 7.47 9.15
C TYR A 152 0.96 8.14 9.67
N SER A 153 0.78 8.18 10.99
CA SER A 153 -0.39 8.82 11.57
C SER A 153 -0.35 10.33 11.33
N PHE A 154 0.86 10.86 11.15
CA PHE A 154 1.05 12.27 10.85
C PHE A 154 0.32 12.67 9.57
N GLN A 155 0.13 11.70 8.69
CA GLN A 155 -0.41 11.95 7.36
C GLN A 155 -1.77 11.28 7.19
N VAL A 156 -2.33 10.82 8.30
CA VAL A 156 -3.66 10.26 8.29
C VAL A 156 -4.61 11.21 8.99
N PHE A 157 -5.54 11.75 8.24
CA PHE A 157 -6.49 12.70 8.76
C PHE A 157 -7.76 11.99 9.17
N GLU A 158 -8.52 12.60 10.06
CA GLU A 158 -9.77 12.04 10.55
C GLU A 158 -10.70 11.72 9.39
N ARG A 159 -10.97 12.72 8.55
CA ARG A 159 -11.78 12.54 7.36
C ARG A 159 -11.29 13.46 6.26
N LEU A 160 -11.48 13.03 5.02
CA LEU A 160 -11.05 13.80 3.86
C LEU A 160 -12.19 13.94 2.87
N PRO A 161 -12.14 14.95 1.98
CA PRO A 161 -13.11 15.07 0.89
C PRO A 161 -13.09 13.81 0.02
N ARG A 162 -14.18 13.06 0.06
CA ARG A 162 -14.21 11.73 -0.55
C ARG A 162 -14.25 11.84 -2.07
N ASP A 163 -13.39 11.09 -2.72
CA ASP A 163 -13.31 11.12 -4.18
C ASP A 163 -14.35 10.18 -4.77
N ALA A 164 -14.22 9.87 -6.06
CA ALA A 164 -15.22 9.08 -6.75
C ALA A 164 -14.65 7.75 -7.17
N TRP A 165 -15.09 6.71 -6.46
CA TRP A 165 -14.81 5.31 -6.80
C TRP A 165 -13.42 4.87 -6.36
N ASP A 166 -12.77 5.69 -5.51
CA ASP A 166 -11.50 5.29 -4.92
C ASP A 166 -11.74 4.11 -3.98
N ILE A 167 -11.04 3.02 -4.23
CA ILE A 167 -11.27 1.78 -3.49
C ILE A 167 -10.66 1.86 -2.08
N PRO A 168 -11.52 1.78 -1.05
CA PRO A 168 -11.10 1.90 0.34
C PRO A 168 -10.34 0.67 0.82
N VAL A 169 -9.44 0.89 1.77
CA VAL A 169 -8.69 -0.20 2.37
C VAL A 169 -9.46 -0.82 3.52
N ASP A 170 -9.28 -2.12 3.73
CA ASP A 170 -9.95 -2.84 4.80
C ASP A 170 -9.13 -2.73 6.07
N VAL A 171 -7.81 -2.85 5.91
CA VAL A 171 -6.90 -2.79 7.03
C VAL A 171 -5.90 -1.64 6.86
N LEU A 172 -5.76 -0.83 7.89
CA LEU A 172 -4.80 0.27 7.86
C LEU A 172 -3.66 -0.01 8.83
N VAL A 173 -2.46 -0.16 8.30
CA VAL A 173 -1.28 -0.36 9.10
C VAL A 173 -0.56 0.97 9.30
N THR A 174 -0.57 1.44 10.53
CA THR A 174 0.06 2.69 10.86
C THR A 174 1.32 2.46 11.69
N GLU A 175 2.04 3.53 11.95
CA GLU A 175 3.24 3.51 12.79
C GLU A 175 2.95 2.92 14.17
N LYS A 176 1.75 3.17 14.69
CA LYS A 176 1.42 2.82 16.06
C LYS A 176 0.91 1.38 16.16
N ASN A 177 -0.16 1.08 15.45
CA ASN A 177 -0.78 -0.23 15.53
C ASN A 177 -1.57 -0.54 14.25
N VAL A 178 -2.08 -1.75 14.17
CA VAL A 178 -2.94 -2.15 13.05
C VAL A 178 -4.38 -1.79 13.36
N ARG A 179 -4.99 -0.98 12.51
CA ARG A 179 -6.38 -0.59 12.71
C ARG A 179 -7.18 -0.88 11.46
N ARG A 180 -8.19 -1.73 11.59
CA ARG A 180 -9.06 -2.04 10.46
C ARG A 180 -10.10 -0.95 10.32
N LEU A 181 -10.38 -0.59 9.08
CA LEU A 181 -11.36 0.44 8.78
C LEU A 181 -12.61 -0.23 8.25
N ARG A 182 -12.76 -0.27 6.92
CA ARG A 182 -13.80 -1.05 6.25
C ARG A 182 -15.21 -0.46 6.44
N ASP A 183 -15.56 -0.16 7.67
CA ASP A 183 -16.91 0.29 8.00
C ASP A 183 -17.22 1.65 7.38
N GLY A 184 -18.18 1.65 6.49
CA GLY A 184 -18.65 2.86 5.87
C GLY A 184 -20.14 2.84 5.69
N ARG A 185 -20.86 3.55 6.54
CA ARG A 185 -22.31 3.57 6.48
C ARG A 185 -22.80 4.67 5.58
N SER A 186 -22.73 4.43 4.28
CA SER A 186 -23.18 5.40 3.29
C SER A 186 -24.41 4.88 2.57
N LEU A 187 -24.53 3.55 2.47
CA LEU A 187 -25.62 2.92 1.72
C LEU A 187 -25.60 3.39 0.27
N GLU A 188 -24.40 3.70 -0.23
CA GLU A 188 -24.23 4.28 -1.55
C GLU A 188 -24.57 3.28 -2.66
N HIS A 189 -25.82 3.35 -3.11
CA HIS A 189 -26.26 2.61 -4.29
C HIS A 189 -27.29 3.46 -5.03
N HIS A 190 -26.88 4.04 -6.15
CA HIS A 190 -27.77 4.88 -6.94
C HIS A 190 -28.92 4.03 -7.49
N HIS A 191 -30.12 4.29 -7.02
CA HIS A 191 -31.27 3.47 -7.37
C HIS A 191 -32.46 4.32 -7.79
N HIS A 192 -33.13 3.89 -8.85
CA HIS A 192 -34.37 4.52 -9.28
C HIS A 192 -35.39 3.44 -9.62
N HIS A 193 -36.41 3.33 -8.79
CA HIS A 193 -37.43 2.28 -8.93
C HIS A 193 -38.06 2.26 -10.33
N HIS A 194 -38.69 3.37 -10.72
CA HIS A 194 -39.25 3.51 -12.05
C HIS A 194 -39.68 4.96 -12.26
N MET A 1 -10.14 25.61 0.61
CA MET A 1 -9.66 24.23 0.87
C MET A 1 -8.70 23.78 -0.23
N LEU A 2 -9.20 23.76 -1.48
CA LEU A 2 -8.43 23.31 -2.63
C LEU A 2 -8.03 21.83 -2.48
N LYS A 3 -8.82 20.94 -3.05
CA LYS A 3 -8.59 19.50 -2.89
C LYS A 3 -7.33 19.07 -3.64
N SER A 4 -7.11 19.69 -4.80
CA SER A 4 -5.99 19.33 -5.65
C SER A 4 -4.68 19.80 -5.03
N GLU A 5 -4.74 20.89 -4.28
CA GLU A 5 -3.57 21.43 -3.62
C GLU A 5 -3.40 20.82 -2.23
N LEU A 6 -4.50 20.36 -1.65
CA LEU A 6 -4.48 19.71 -0.35
C LEU A 6 -3.59 18.46 -0.39
N ARG A 7 -3.74 17.65 -1.43
CA ARG A 7 -2.94 16.44 -1.57
C ARG A 7 -1.47 16.78 -1.78
N LYS A 8 -1.20 17.97 -2.29
CA LYS A 8 0.17 18.40 -2.54
C LYS A 8 0.86 18.72 -1.22
N LYS A 9 0.16 19.42 -0.34
CA LYS A 9 0.68 19.74 0.99
C LYS A 9 0.92 18.46 1.78
N VAL A 10 0.13 17.45 1.48
CA VAL A 10 0.28 16.15 2.09
C VAL A 10 1.47 15.40 1.49
N LEU A 11 1.45 15.25 0.17
CA LEU A 11 2.46 14.49 -0.54
C LEU A 11 3.86 15.07 -0.35
N HIS A 12 3.97 16.40 -0.50
CA HIS A 12 5.27 17.06 -0.45
C HIS A 12 5.90 16.97 0.94
N LYS A 13 5.06 16.73 1.95
CA LYS A 13 5.54 16.58 3.31
C LYS A 13 6.19 15.22 3.51
N ARG A 14 5.50 14.19 3.03
CA ARG A 14 5.89 12.80 3.31
C ARG A 14 7.13 12.40 2.51
N ILE A 15 7.30 13.00 1.35
CA ILE A 15 8.46 12.70 0.51
C ILE A 15 9.69 13.46 0.99
N ASN A 16 9.53 14.19 2.08
CA ASN A 16 10.63 14.92 2.68
C ASN A 16 10.90 14.38 4.08
N LEU A 17 10.37 15.07 5.10
CA LEU A 17 10.52 14.66 6.50
C LEU A 17 11.99 14.55 6.91
N SER A 18 12.22 14.31 8.19
CA SER A 18 13.55 13.96 8.64
C SER A 18 13.80 12.50 8.28
N GLU A 19 14.86 12.27 7.53
CA GLU A 19 15.09 10.93 6.96
C GLU A 19 15.58 9.95 8.01
N GLU A 20 16.27 10.47 9.02
CA GLU A 20 16.65 9.64 10.15
C GLU A 20 15.39 9.16 10.85
N GLU A 21 14.47 10.11 11.04
CA GLU A 21 13.17 9.84 11.65
C GLU A 21 12.42 8.78 10.87
N ARG A 22 12.34 8.98 9.54
CA ARG A 22 11.61 8.07 8.66
C ARG A 22 12.06 6.62 8.85
N ARG A 23 13.36 6.40 8.93
CA ARG A 23 13.90 5.05 8.97
C ARG A 23 13.55 4.31 10.26
N ARG A 24 13.74 4.97 11.40
CA ARG A 24 13.44 4.33 12.69
C ARG A 24 11.93 4.23 12.92
N LEU A 25 11.16 5.04 12.21
CA LEU A 25 9.71 4.91 12.23
C LEU A 25 9.27 3.75 11.36
N SER A 26 9.91 3.61 10.21
CA SER A 26 9.63 2.52 9.29
C SER A 26 9.91 1.17 9.96
N GLU A 27 10.94 1.15 10.80
CA GLU A 27 11.27 -0.04 11.58
C GLU A 27 10.07 -0.45 12.45
N LYS A 28 9.41 0.53 13.03
CA LYS A 28 8.24 0.28 13.86
C LYS A 28 7.07 -0.20 13.00
N VAL A 29 6.88 0.44 11.86
CA VAL A 29 5.80 0.09 10.94
C VAL A 29 5.96 -1.35 10.43
N ILE A 30 7.18 -1.69 10.02
CA ILE A 30 7.47 -3.04 9.53
C ILE A 30 7.18 -4.08 10.62
N SER A 31 7.61 -3.79 11.84
CA SER A 31 7.38 -4.68 12.96
C SER A 31 5.89 -4.88 13.20
N ASN A 32 5.12 -3.82 13.03
CA ASN A 32 3.67 -3.86 13.22
C ASN A 32 3.00 -4.65 12.09
N LEU A 33 3.39 -4.34 10.86
CA LEU A 33 2.84 -5.00 9.68
C LEU A 33 3.16 -6.49 9.69
N LYS A 34 4.36 -6.84 10.12
CA LYS A 34 4.79 -8.22 10.17
C LYS A 34 4.22 -8.91 11.41
N SER A 35 3.78 -8.10 12.37
CA SER A 35 3.15 -8.63 13.57
C SER A 35 1.73 -9.09 13.24
N LEU A 36 1.16 -8.48 12.20
CA LEU A 36 -0.14 -8.90 11.69
C LEU A 36 -0.14 -10.38 11.33
N PRO A 37 -1.14 -11.12 11.81
CA PRO A 37 -1.28 -12.54 11.49
C PRO A 37 -1.55 -12.76 10.00
N GLU A 38 -2.03 -11.71 9.34
CA GLU A 38 -2.33 -11.77 7.92
C GLU A 38 -1.06 -11.87 7.09
N PHE A 39 0.05 -11.39 7.65
CA PHE A 39 1.34 -11.50 6.99
C PHE A 39 1.76 -12.97 6.94
N LYS A 40 1.31 -13.73 7.92
CA LYS A 40 1.58 -15.15 7.97
C LYS A 40 0.50 -15.92 7.20
N LYS A 41 -0.70 -15.36 7.18
CA LYS A 41 -1.80 -15.94 6.43
C LYS A 41 -1.51 -15.97 4.95
N SER A 42 -0.89 -14.91 4.46
CA SER A 42 -0.72 -14.71 3.03
C SER A 42 0.59 -15.32 2.53
N LYS A 43 0.48 -15.99 1.39
CA LYS A 43 1.65 -16.51 0.69
C LYS A 43 2.13 -15.49 -0.34
N LYS A 44 1.24 -14.55 -0.65
CA LYS A 44 1.48 -13.61 -1.74
C LYS A 44 1.45 -12.18 -1.23
N VAL A 45 2.62 -11.62 -0.97
CA VAL A 45 2.73 -10.27 -0.41
C VAL A 45 3.11 -9.28 -1.50
N ALA A 46 2.17 -8.46 -1.90
CA ALA A 46 2.39 -7.46 -2.94
C ALA A 46 2.67 -6.10 -2.34
N LEU A 47 3.74 -5.48 -2.80
CA LEU A 47 4.09 -4.14 -2.35
C LEU A 47 3.95 -3.16 -3.52
N TYR A 48 3.25 -2.06 -3.28
CA TYR A 48 2.97 -1.10 -4.35
C TYR A 48 4.17 -0.21 -4.63
N CYS A 49 5.29 -0.50 -3.95
CA CYS A 49 6.55 0.23 -4.13
C CYS A 49 6.45 1.64 -3.52
N PRO A 50 7.39 1.98 -2.62
CA PRO A 50 7.40 3.27 -1.93
C PRO A 50 7.94 4.41 -2.79
N ILE A 51 7.48 4.48 -4.04
CA ILE A 51 7.91 5.52 -4.97
C ILE A 51 7.55 6.92 -4.45
N LYS A 52 6.44 7.00 -3.73
CA LYS A 52 6.01 8.23 -3.08
C LYS A 52 5.54 7.91 -1.67
N GLY A 53 6.18 6.91 -1.08
CA GLY A 53 5.77 6.42 0.22
C GLY A 53 6.57 7.04 1.35
N GLU A 54 5.90 7.23 2.48
CA GLU A 54 6.52 7.84 3.66
C GLU A 54 7.29 6.80 4.48
N VAL A 55 7.02 5.53 4.20
CA VAL A 55 7.64 4.43 4.93
C VAL A 55 8.70 3.74 4.07
N ASP A 56 9.87 3.52 4.65
CA ASP A 56 10.95 2.82 3.96
C ASP A 56 10.72 1.32 4.00
N LEU A 57 9.96 0.81 3.04
CA LEU A 57 9.71 -0.62 2.94
C LEU A 57 10.79 -1.29 2.09
N THR A 58 11.71 -0.47 1.59
CA THR A 58 12.79 -0.93 0.74
C THR A 58 13.71 -1.95 1.43
N PRO A 59 14.17 -1.71 2.68
CA PRO A 59 15.06 -2.65 3.38
C PRO A 59 14.36 -3.94 3.77
N LEU A 60 13.05 -4.02 3.56
CA LEU A 60 12.29 -5.21 3.93
C LEU A 60 12.28 -6.22 2.78
N PHE A 61 12.55 -5.73 1.57
CA PHE A 61 12.54 -6.58 0.36
C PHE A 61 13.38 -7.86 0.55
N PRO A 62 14.66 -7.74 0.99
CA PRO A 62 15.53 -8.91 1.20
C PRO A 62 14.88 -10.00 2.07
N GLU A 63 14.16 -9.60 3.10
CA GLU A 63 13.54 -10.56 4.00
C GLU A 63 12.26 -11.13 3.40
N VAL A 64 11.50 -10.30 2.69
CA VAL A 64 10.30 -10.78 2.03
C VAL A 64 10.65 -11.85 1.02
N LEU A 65 11.70 -11.61 0.24
CA LEU A 65 12.18 -12.56 -0.75
C LEU A 65 12.69 -13.84 -0.09
N LYS A 66 13.13 -13.72 1.16
CA LYS A 66 13.62 -14.85 1.92
C LYS A 66 12.46 -15.73 2.39
N GLU A 67 11.34 -15.10 2.72
CA GLU A 67 10.21 -15.81 3.27
C GLU A 67 9.17 -16.18 2.22
N LYS A 68 8.52 -15.17 1.65
CA LYS A 68 7.32 -15.39 0.87
C LYS A 68 7.43 -14.80 -0.53
N GLU A 69 6.31 -14.79 -1.26
CA GLU A 69 6.29 -14.28 -2.62
C GLU A 69 6.09 -12.77 -2.60
N LEU A 70 7.06 -12.05 -3.13
CA LEU A 70 6.99 -10.60 -3.21
C LEU A 70 6.44 -10.19 -4.56
N ILE A 71 5.21 -9.72 -4.58
CA ILE A 71 4.59 -9.27 -5.81
C ILE A 71 4.89 -7.80 -6.04
N LEU A 72 5.60 -7.50 -7.11
CA LEU A 72 6.03 -6.14 -7.39
C LEU A 72 5.37 -5.62 -8.67
N PRO A 73 5.17 -4.30 -8.75
CA PRO A 73 4.55 -3.65 -9.91
C PRO A 73 5.52 -3.44 -11.07
N LYS A 74 5.13 -3.90 -12.24
CA LYS A 74 5.88 -3.66 -13.47
C LYS A 74 5.16 -2.62 -14.31
N VAL A 75 5.82 -1.50 -14.57
CA VAL A 75 5.18 -0.40 -15.27
C VAL A 75 5.28 -0.59 -16.78
N GLU A 76 4.18 -0.99 -17.39
CA GLU A 76 4.13 -1.24 -18.82
C GLU A 76 3.39 -0.12 -19.54
N GLY A 77 4.07 0.99 -19.74
CA GLY A 77 3.50 2.09 -20.49
C GLY A 77 2.46 2.88 -19.69
N ASN A 78 1.24 2.35 -19.66
CA ASN A 78 0.13 3.05 -19.02
C ASN A 78 -0.52 2.19 -17.93
N GLU A 79 -0.25 0.90 -17.94
CA GLU A 79 -0.79 0.01 -16.91
C GLU A 79 0.33 -0.78 -16.26
N ILE A 80 0.01 -1.43 -15.15
CA ILE A 80 1.00 -2.15 -14.38
C ILE A 80 0.67 -3.63 -14.31
N SER A 81 1.64 -4.45 -14.68
CA SER A 81 1.52 -5.89 -14.54
C SER A 81 2.19 -6.33 -13.25
N LEU A 82 1.54 -7.19 -12.49
CA LEU A 82 2.10 -7.66 -11.24
C LEU A 82 2.91 -8.93 -11.47
N TYR A 83 4.11 -8.97 -10.94
CA TYR A 83 5.00 -10.11 -11.13
C TYR A 83 5.38 -10.76 -9.82
N ARG A 84 5.58 -12.07 -9.88
CA ARG A 84 6.03 -12.87 -8.76
C ARG A 84 7.53 -12.76 -8.61
N VAL A 85 7.98 -12.07 -7.57
CA VAL A 85 9.39 -11.91 -7.32
C VAL A 85 9.81 -12.69 -6.08
N HIS A 86 10.69 -13.66 -6.26
CA HIS A 86 11.26 -14.38 -5.14
C HIS A 86 12.78 -14.29 -5.21
N SER A 87 13.30 -14.18 -6.43
CA SER A 87 14.74 -14.01 -6.64
C SER A 87 15.10 -12.52 -6.65
N PRO A 88 16.06 -12.12 -5.81
CA PRO A 88 16.53 -10.72 -5.73
C PRO A 88 17.12 -10.21 -7.05
N ALA A 89 17.38 -11.13 -7.97
CA ALA A 89 17.94 -10.77 -9.28
C ALA A 89 16.85 -10.33 -10.25
N CYS A 90 15.62 -10.24 -9.76
CA CYS A 90 14.49 -9.85 -10.59
C CYS A 90 14.31 -8.33 -10.58
N LEU A 91 15.17 -7.65 -9.84
CA LEU A 91 15.08 -6.21 -9.69
C LEU A 91 15.84 -5.51 -10.82
N GLY A 92 15.09 -4.81 -11.67
CA GLY A 92 15.70 -4.06 -12.75
C GLY A 92 15.19 -2.64 -12.82
N VAL A 93 15.96 -1.77 -13.45
CA VAL A 93 15.58 -0.37 -13.60
C VAL A 93 14.58 -0.22 -14.74
N GLY A 94 13.46 0.43 -14.45
CA GLY A 94 12.41 0.60 -15.43
C GLY A 94 12.65 1.75 -16.39
N ALA A 95 11.64 2.59 -16.57
CA ALA A 95 11.71 3.67 -17.55
C ALA A 95 11.83 5.05 -16.89
N PHE A 96 11.91 5.07 -15.58
CA PHE A 96 11.97 6.32 -14.83
C PHE A 96 12.92 6.22 -13.64
N GLY A 97 13.95 5.38 -13.77
CA GLY A 97 14.91 5.21 -12.68
C GLY A 97 14.30 4.54 -11.47
N ILE A 98 13.35 3.65 -11.71
CA ILE A 98 12.69 2.92 -10.65
C ILE A 98 13.02 1.44 -10.73
N MET A 99 12.78 0.70 -9.66
CA MET A 99 13.07 -0.73 -9.64
C MET A 99 11.80 -1.54 -9.78
N GLU A 100 11.73 -2.33 -10.84
CA GLU A 100 10.56 -3.15 -11.11
C GLU A 100 10.98 -4.54 -11.60
N PRO A 101 10.12 -5.56 -11.41
CA PRO A 101 10.42 -6.95 -11.74
C PRO A 101 10.63 -7.19 -13.25
N VAL A 102 11.81 -7.67 -13.60
CA VAL A 102 12.13 -7.91 -15.00
C VAL A 102 11.86 -9.35 -15.43
N GLU A 103 12.13 -10.31 -14.54
CA GLU A 103 11.97 -11.72 -14.88
C GLU A 103 11.29 -12.50 -13.75
N GLY A 104 10.06 -12.91 -14.00
CA GLY A 104 9.33 -13.69 -13.04
C GLY A 104 8.02 -14.18 -13.62
N GLU A 105 7.25 -14.90 -12.83
CA GLU A 105 5.93 -15.36 -13.26
C GLU A 105 4.93 -14.23 -13.09
N ARG A 106 4.28 -13.82 -14.17
CA ARG A 106 3.29 -12.77 -14.09
C ARG A 106 2.06 -13.28 -13.36
N VAL A 107 1.58 -12.48 -12.41
CA VAL A 107 0.48 -12.89 -11.55
C VAL A 107 -0.74 -12.01 -11.80
N ASN A 108 -1.89 -12.64 -11.93
CA ASN A 108 -3.14 -11.92 -12.06
C ASN A 108 -3.40 -11.11 -10.80
N PRO A 109 -3.78 -9.83 -10.94
CA PRO A 109 -4.04 -8.95 -9.79
C PRO A 109 -5.09 -9.52 -8.84
N GLU A 110 -6.05 -10.25 -9.38
CA GLU A 110 -7.12 -10.85 -8.59
C GLU A 110 -6.56 -12.02 -7.76
N ASP A 111 -5.43 -12.55 -8.17
CA ASP A 111 -4.80 -13.67 -7.48
C ASP A 111 -4.02 -13.18 -6.26
N VAL A 112 -3.74 -11.88 -6.23
CA VAL A 112 -3.04 -11.27 -5.09
C VAL A 112 -3.86 -11.45 -3.82
N ASP A 113 -3.20 -11.90 -2.77
CA ASP A 113 -3.89 -12.18 -1.52
C ASP A 113 -3.71 -11.03 -0.54
N PHE A 114 -2.51 -10.48 -0.49
CA PHE A 114 -2.19 -9.38 0.41
C PHE A 114 -1.44 -8.30 -0.36
N ILE A 115 -1.88 -7.06 -0.24
CA ILE A 115 -1.18 -5.96 -0.88
C ILE A 115 -1.10 -4.75 0.05
N ALA A 116 0.05 -4.11 0.06
CA ALA A 116 0.27 -2.95 0.89
C ALA A 116 0.48 -1.71 0.03
N VAL A 117 -0.43 -0.76 0.15
CA VAL A 117 -0.40 0.45 -0.64
C VAL A 117 -0.22 1.68 0.25
N PRO A 118 0.89 2.41 0.05
CA PRO A 118 1.13 3.66 0.76
C PRO A 118 0.27 4.79 0.21
N GLY A 119 -0.91 4.97 0.78
CA GLY A 119 -1.82 5.99 0.34
C GLY A 119 -1.34 7.38 0.70
N VAL A 120 -1.79 8.38 -0.04
CA VAL A 120 -1.38 9.76 0.20
C VAL A 120 -1.85 10.23 1.58
N ALA A 121 -3.12 9.97 1.87
CA ALA A 121 -3.70 10.34 3.15
C ALA A 121 -4.92 9.46 3.41
N PHE A 122 -5.30 9.33 4.66
CA PHE A 122 -6.45 8.50 5.02
C PHE A 122 -7.37 9.24 5.97
N ASP A 123 -8.64 8.83 5.97
CA ASP A 123 -9.60 9.37 6.92
C ASP A 123 -9.96 8.30 7.95
N LEU A 124 -10.96 8.58 8.78
CA LEU A 124 -11.32 7.65 9.86
C LEU A 124 -12.16 6.48 9.36
N GLU A 125 -12.34 6.37 8.04
CA GLU A 125 -13.17 5.31 7.50
C GLU A 125 -12.37 4.42 6.55
N GLY A 126 -11.46 5.02 5.80
CA GLY A 126 -10.59 4.25 4.92
C GLY A 126 -10.44 4.85 3.54
N TYR A 127 -10.90 6.09 3.36
CA TYR A 127 -10.81 6.75 2.07
C TYR A 127 -9.57 7.62 1.98
N ARG A 128 -9.24 8.07 0.78
CA ARG A 128 -8.08 8.91 0.56
C ARG A 128 -8.51 10.19 -0.13
N LEU A 129 -7.54 10.89 -0.72
CA LEU A 129 -7.81 12.12 -1.45
C LEU A 129 -7.41 11.95 -2.91
N GLY A 130 -7.31 10.69 -3.34
CA GLY A 130 -6.88 10.39 -4.68
C GLY A 130 -5.38 10.54 -4.86
N PHE A 131 -4.91 10.30 -6.06
CA PHE A 131 -3.49 10.45 -6.37
C PHE A 131 -3.31 11.00 -7.79
N GLY A 132 -4.21 10.62 -8.68
CA GLY A 132 -4.14 11.07 -10.05
C GLY A 132 -5.02 10.24 -10.96
N LYS A 133 -5.12 10.64 -12.22
CA LYS A 133 -5.91 9.90 -13.18
C LYS A 133 -5.01 9.04 -14.05
N GLY A 134 -5.35 7.77 -14.16
CA GLY A 134 -4.59 6.86 -14.98
C GLY A 134 -5.18 5.47 -14.95
N TYR A 135 -4.32 4.48 -14.80
CA TYR A 135 -4.76 3.09 -14.67
C TYR A 135 -4.15 2.44 -13.45
N TYR A 136 -3.52 3.27 -12.62
CA TYR A 136 -2.94 2.80 -11.37
C TYR A 136 -4.07 2.45 -10.41
N ASP A 137 -5.10 3.28 -10.45
CA ASP A 137 -6.30 3.07 -9.67
C ASP A 137 -7.09 1.88 -10.23
N ARG A 138 -7.03 1.72 -11.54
CA ARG A 138 -7.71 0.61 -12.21
C ARG A 138 -7.06 -0.71 -11.79
N LEU A 139 -5.76 -0.66 -11.50
CA LEU A 139 -5.03 -1.82 -10.99
C LEU A 139 -5.53 -2.16 -9.59
N LEU A 140 -5.67 -1.14 -8.75
CA LEU A 140 -6.08 -1.33 -7.36
C LEU A 140 -7.44 -2.02 -7.25
N LYS A 141 -8.35 -1.69 -8.16
CA LYS A 141 -9.69 -2.27 -8.13
C LYS A 141 -9.68 -3.65 -8.78
N ARG A 142 -8.68 -3.90 -9.62
CA ARG A 142 -8.52 -5.18 -10.27
C ARG A 142 -7.94 -6.20 -9.29
N VAL A 143 -7.24 -5.70 -8.27
CA VAL A 143 -6.74 -6.54 -7.19
C VAL A 143 -7.88 -6.84 -6.22
N LYS A 144 -8.21 -8.12 -6.07
CA LYS A 144 -9.33 -8.51 -5.21
C LYS A 144 -8.82 -8.93 -3.83
N GLY A 145 -7.51 -8.92 -3.66
CA GLY A 145 -6.92 -9.31 -2.39
C GLY A 145 -7.09 -8.27 -1.31
N LEU A 146 -6.55 -8.58 -0.13
CA LEU A 146 -6.68 -7.70 1.04
C LEU A 146 -5.92 -6.40 0.81
N LYS A 147 -6.64 -5.29 0.90
CA LYS A 147 -6.06 -3.98 0.67
C LYS A 147 -5.62 -3.34 1.98
N VAL A 148 -4.31 -3.24 2.17
CA VAL A 148 -3.76 -2.68 3.37
C VAL A 148 -3.15 -1.31 3.09
N GLY A 149 -3.53 -0.33 3.88
CA GLY A 149 -2.99 1.01 3.74
C GLY A 149 -1.91 1.28 4.75
N VAL A 150 -0.73 1.62 4.27
CA VAL A 150 0.40 1.88 5.16
C VAL A 150 0.75 3.36 5.19
N ALA A 151 0.57 3.99 6.33
CA ALA A 151 0.86 5.40 6.51
C ALA A 151 1.03 5.73 7.98
N TYR A 152 1.60 6.88 8.28
CA TYR A 152 1.80 7.30 9.65
C TYR A 152 0.57 8.02 10.19
N SER A 153 0.45 8.05 11.51
CA SER A 153 -0.72 8.59 12.18
C SER A 153 -0.94 10.08 11.89
N PHE A 154 0.14 10.80 11.56
CA PHE A 154 0.02 12.25 11.35
C PHE A 154 -0.59 12.55 9.98
N GLN A 155 -0.74 11.54 9.14
CA GLN A 155 -1.38 11.72 7.84
C GLN A 155 -2.76 11.07 7.81
N VAL A 156 -3.22 10.65 8.98
CA VAL A 156 -4.57 10.15 9.12
C VAL A 156 -5.46 11.23 9.72
N PHE A 157 -6.45 11.67 8.95
CA PHE A 157 -7.30 12.77 9.37
C PHE A 157 -8.71 12.28 9.66
N GLU A 158 -9.57 13.19 10.05
CA GLU A 158 -10.95 12.86 10.41
C GLU A 158 -11.76 12.48 9.18
N ARG A 159 -12.01 13.46 8.33
CA ARG A 159 -12.84 13.25 7.15
C ARG A 159 -12.21 13.93 5.94
N LEU A 160 -11.85 13.14 4.95
CA LEU A 160 -11.34 13.69 3.70
C LEU A 160 -12.46 13.74 2.67
N PRO A 161 -12.36 14.65 1.69
CA PRO A 161 -13.33 14.72 0.59
C PRO A 161 -13.42 13.39 -0.14
N ARG A 162 -14.57 12.75 -0.01
CA ARG A 162 -14.75 11.39 -0.53
C ARG A 162 -15.22 11.40 -1.98
N ASP A 163 -14.87 10.36 -2.70
CA ASP A 163 -15.35 10.15 -4.05
C ASP A 163 -15.86 8.72 -4.16
N ALA A 164 -16.94 8.50 -4.90
CA ALA A 164 -17.55 7.18 -5.01
C ALA A 164 -16.64 6.20 -5.73
N TRP A 165 -15.64 6.71 -6.43
CA TRP A 165 -14.72 5.86 -7.17
C TRP A 165 -13.32 5.86 -6.56
N ASP A 166 -13.20 6.37 -5.34
CA ASP A 166 -11.93 6.28 -4.62
C ASP A 166 -11.90 5.00 -3.82
N ILE A 167 -11.00 4.11 -4.18
CA ILE A 167 -10.94 2.77 -3.62
C ILE A 167 -10.38 2.79 -2.19
N PRO A 168 -11.22 2.47 -1.20
CA PRO A 168 -10.81 2.44 0.21
C PRO A 168 -10.03 1.18 0.55
N VAL A 169 -9.34 1.18 1.67
CA VAL A 169 -8.60 0.02 2.13
C VAL A 169 -9.34 -0.67 3.27
N ASP A 170 -8.93 -1.90 3.57
CA ASP A 170 -9.61 -2.71 4.58
C ASP A 170 -8.84 -2.69 5.89
N VAL A 171 -7.53 -2.76 5.80
CA VAL A 171 -6.68 -2.76 6.98
C VAL A 171 -5.78 -1.53 6.97
N LEU A 172 -5.89 -0.69 8.00
CA LEU A 172 -5.05 0.48 8.11
C LEU A 172 -3.92 0.23 9.10
N VAL A 173 -2.69 0.21 8.59
CA VAL A 173 -1.53 -0.06 9.42
C VAL A 173 -0.72 1.22 9.62
N THR A 174 -0.53 1.59 10.88
CA THR A 174 0.23 2.78 11.22
C THR A 174 1.54 2.38 11.90
N GLU A 175 2.23 3.36 12.47
CA GLU A 175 3.45 3.11 13.21
C GLU A 175 3.16 2.42 14.52
N LYS A 176 1.94 2.63 15.01
CA LYS A 176 1.62 2.25 16.37
C LYS A 176 0.57 1.14 16.43
N ASN A 177 -0.51 1.30 15.68
CA ASN A 177 -1.64 0.39 15.79
C ASN A 177 -2.13 -0.07 14.42
N VAL A 178 -3.06 -1.02 14.44
CA VAL A 178 -3.69 -1.52 13.23
C VAL A 178 -5.20 -1.41 13.36
N ARG A 179 -5.80 -0.58 12.54
CA ARG A 179 -7.23 -0.34 12.62
C ARG A 179 -7.97 -1.15 11.56
N ARG A 180 -8.80 -2.09 12.02
CA ARG A 180 -9.61 -2.90 11.13
C ARG A 180 -10.75 -2.06 10.56
N LEU A 181 -10.54 -1.51 9.37
CA LEU A 181 -11.57 -0.74 8.70
C LEU A 181 -12.68 -1.70 8.27
N ARG A 182 -12.26 -2.86 7.75
CA ARG A 182 -13.14 -4.02 7.59
C ARG A 182 -14.31 -3.74 6.64
N ASP A 183 -14.16 -4.20 5.40
CA ASP A 183 -15.22 -4.11 4.43
C ASP A 183 -16.27 -5.18 4.69
N GLY A 184 -15.81 -6.35 5.13
CA GLY A 184 -16.72 -7.44 5.43
C GLY A 184 -17.35 -7.30 6.79
N ARG A 185 -18.50 -6.65 6.82
CA ARG A 185 -19.20 -6.41 8.08
C ARG A 185 -20.12 -7.58 8.42
N SER A 186 -20.86 -7.44 9.51
CA SER A 186 -21.66 -8.53 10.05
C SER A 186 -22.76 -8.97 9.08
N LEU A 187 -22.64 -10.20 8.58
CA LEU A 187 -23.66 -10.80 7.74
C LEU A 187 -24.70 -11.51 8.60
N GLU A 188 -25.98 -11.27 8.30
CA GLU A 188 -27.09 -11.85 9.05
C GLU A 188 -27.11 -11.34 10.49
N HIS A 189 -26.33 -11.99 11.34
CA HIS A 189 -26.20 -11.62 12.76
C HIS A 189 -27.43 -12.05 13.58
N HIS A 190 -28.59 -12.11 12.94
CA HIS A 190 -29.82 -12.52 13.62
C HIS A 190 -30.10 -14.00 13.38
N HIS A 191 -30.10 -14.39 12.11
CA HIS A 191 -30.41 -15.76 11.73
C HIS A 191 -29.26 -16.71 12.07
N HIS A 192 -29.44 -17.50 13.11
CA HIS A 192 -28.51 -18.57 13.45
C HIS A 192 -28.99 -19.33 14.68
N HIS A 193 -29.08 -18.62 15.80
CA HIS A 193 -29.42 -19.24 17.08
C HIS A 193 -29.95 -18.20 18.05
N HIS A 194 -30.97 -18.56 18.81
CA HIS A 194 -31.48 -17.70 19.86
C HIS A 194 -30.61 -17.84 21.10
N MET A 1 -9.58 23.58 -1.50
CA MET A 1 -10.11 22.23 -1.23
C MET A 1 -9.88 21.29 -2.42
N LEU A 2 -8.87 21.60 -3.24
CA LEU A 2 -8.58 20.80 -4.43
C LEU A 2 -7.92 19.49 -4.03
N LYS A 3 -7.93 18.53 -4.94
CA LYS A 3 -7.36 17.21 -4.66
C LYS A 3 -5.85 17.28 -4.59
N SER A 4 -5.22 17.85 -5.62
CA SER A 4 -3.78 17.98 -5.66
C SER A 4 -3.31 18.94 -4.58
N GLU A 5 -4.21 19.82 -4.16
CA GLU A 5 -3.95 20.78 -3.09
C GLU A 5 -3.59 20.04 -1.80
N LEU A 6 -4.46 19.13 -1.40
CA LEU A 6 -4.24 18.32 -0.19
C LEU A 6 -3.09 17.34 -0.44
N ARG A 7 -3.02 16.83 -1.66
CA ARG A 7 -1.99 15.87 -2.05
C ARG A 7 -0.60 16.47 -1.87
N LYS A 8 -0.43 17.72 -2.28
CA LYS A 8 0.84 18.42 -2.13
C LYS A 8 1.22 18.55 -0.66
N LYS A 9 0.24 18.90 0.17
CA LYS A 9 0.47 19.11 1.59
C LYS A 9 0.93 17.83 2.28
N VAL A 10 0.18 16.76 2.09
CA VAL A 10 0.48 15.48 2.72
C VAL A 10 1.85 14.97 2.30
N LEU A 11 2.14 15.05 1.00
CA LEU A 11 3.41 14.55 0.48
C LEU A 11 4.57 15.43 0.94
N HIS A 12 4.33 16.73 1.05
CA HIS A 12 5.38 17.64 1.47
C HIS A 12 5.75 17.38 2.93
N LYS A 13 4.75 17.08 3.75
CA LYS A 13 5.00 16.77 5.16
C LYS A 13 5.80 15.48 5.29
N ARG A 14 5.58 14.56 4.35
CA ARG A 14 6.34 13.32 4.30
C ARG A 14 7.82 13.58 4.05
N ILE A 15 8.12 14.31 2.98
CA ILE A 15 9.50 14.54 2.58
C ILE A 15 10.09 15.76 3.27
N ASN A 16 9.35 16.36 4.20
CA ASN A 16 9.88 17.44 5.01
C ASN A 16 10.64 16.85 6.18
N LEU A 17 10.19 15.68 6.62
CA LEU A 17 10.83 14.95 7.71
C LEU A 17 12.21 14.47 7.27
N SER A 18 13.16 14.47 8.19
CA SER A 18 14.50 14.04 7.88
C SER A 18 14.55 12.52 7.68
N GLU A 19 15.50 12.07 6.85
CA GLU A 19 15.59 10.67 6.47
C GLU A 19 15.80 9.77 7.69
N GLU A 20 16.56 10.25 8.67
CA GLU A 20 16.80 9.50 9.91
C GLU A 20 15.47 9.14 10.57
N GLU A 21 14.63 10.14 10.77
CA GLU A 21 13.33 9.94 11.39
C GLU A 21 12.46 9.03 10.54
N ARG A 22 12.53 9.20 9.23
CA ARG A 22 11.74 8.39 8.30
C ARG A 22 12.18 6.94 8.34
N ARG A 23 13.48 6.71 8.44
CA ARG A 23 14.00 5.35 8.54
C ARG A 23 13.53 4.69 9.84
N ARG A 24 13.48 5.47 10.90
CA ARG A 24 13.02 4.99 12.20
C ARG A 24 11.53 4.68 12.18
N LEU A 25 10.75 5.62 11.66
CA LEU A 25 9.30 5.47 11.61
C LEU A 25 8.88 4.36 10.64
N SER A 26 9.51 4.33 9.48
CA SER A 26 9.18 3.35 8.45
C SER A 26 9.42 1.93 8.94
N GLU A 27 10.55 1.70 9.62
CA GLU A 27 10.86 0.37 10.13
C GLU A 27 9.85 -0.02 11.20
N LYS A 28 9.41 0.96 11.97
CA LYS A 28 8.38 0.74 12.98
C LYS A 28 7.11 0.22 12.30
N VAL A 29 6.75 0.83 11.18
CA VAL A 29 5.59 0.43 10.42
C VAL A 29 5.81 -0.95 9.79
N ILE A 30 7.01 -1.19 9.29
CA ILE A 30 7.37 -2.48 8.69
C ILE A 30 7.24 -3.60 9.72
N SER A 31 7.81 -3.41 10.90
CA SER A 31 7.76 -4.40 11.95
C SER A 31 6.31 -4.59 12.42
N ASN A 32 5.57 -3.48 12.46
CA ASN A 32 4.17 -3.50 12.85
C ASN A 32 3.36 -4.31 11.85
N LEU A 33 3.69 -4.15 10.57
CA LEU A 33 3.03 -4.87 9.50
C LEU A 33 3.33 -6.37 9.61
N LYS A 34 4.52 -6.69 10.07
CA LYS A 34 4.90 -8.09 10.29
C LYS A 34 4.19 -8.66 11.51
N SER A 35 3.81 -7.77 12.43
CA SER A 35 3.12 -8.16 13.64
C SER A 35 1.64 -8.40 13.35
N LEU A 36 1.17 -7.82 12.25
CA LEU A 36 -0.19 -8.01 11.76
C LEU A 36 -0.46 -9.51 11.50
N PRO A 37 -1.47 -10.08 12.18
CA PRO A 37 -1.78 -11.53 12.10
C PRO A 37 -1.97 -12.04 10.67
N GLU A 38 -2.57 -11.22 9.80
CA GLU A 38 -2.83 -11.60 8.41
C GLU A 38 -1.53 -11.90 7.65
N PHE A 39 -0.41 -11.41 8.18
CA PHE A 39 0.89 -11.57 7.53
C PHE A 39 1.35 -13.04 7.55
N LYS A 40 0.72 -13.84 8.40
CA LYS A 40 1.04 -15.26 8.50
C LYS A 40 0.44 -16.03 7.31
N LYS A 41 -0.82 -15.73 7.01
CA LYS A 41 -1.53 -16.45 5.95
C LYS A 41 -1.07 -15.99 4.57
N SER A 42 -0.76 -14.71 4.46
CA SER A 42 -0.44 -14.09 3.18
C SER A 42 0.94 -14.51 2.68
N LYS A 43 0.96 -15.52 1.81
CA LYS A 43 2.18 -15.93 1.15
C LYS A 43 2.53 -14.94 0.05
N LYS A 44 1.51 -14.40 -0.57
CA LYS A 44 1.67 -13.52 -1.72
C LYS A 44 1.57 -12.06 -1.29
N VAL A 45 2.73 -11.41 -1.16
CA VAL A 45 2.77 -10.04 -0.67
C VAL A 45 3.21 -9.10 -1.79
N ALA A 46 2.31 -8.21 -2.16
CA ALA A 46 2.60 -7.21 -3.18
C ALA A 46 3.00 -5.90 -2.53
N LEU A 47 4.06 -5.29 -3.03
CA LEU A 47 4.53 -4.01 -2.53
C LEU A 47 4.50 -2.97 -3.65
N TYR A 48 4.01 -1.79 -3.34
CA TYR A 48 3.80 -0.74 -4.34
C TYR A 48 5.12 -0.11 -4.78
N CYS A 49 6.21 -0.41 -4.06
CA CYS A 49 7.52 0.18 -4.32
C CYS A 49 7.52 1.68 -3.98
N PRO A 50 8.17 2.05 -2.87
CA PRO A 50 8.18 3.44 -2.40
C PRO A 50 9.14 4.35 -3.16
N ILE A 51 8.80 5.62 -3.22
CA ILE A 51 9.64 6.64 -3.84
C ILE A 51 9.71 7.86 -2.94
N LYS A 52 10.64 8.77 -3.23
CA LYS A 52 10.77 10.03 -2.49
C LYS A 52 11.15 9.79 -1.03
N GLY A 53 11.47 8.55 -0.69
CA GLY A 53 11.63 8.19 0.70
C GLY A 53 10.27 7.97 1.33
N GLU A 54 9.85 8.92 2.18
CA GLU A 54 8.54 8.93 2.80
C GLU A 54 8.35 7.70 3.68
N VAL A 55 7.95 6.60 3.07
CA VAL A 55 7.81 5.33 3.76
C VAL A 55 8.48 4.23 2.97
N ASP A 56 9.72 3.92 3.33
CA ASP A 56 10.51 2.96 2.58
C ASP A 56 10.21 1.54 3.06
N LEU A 57 9.46 0.81 2.25
CA LEU A 57 9.10 -0.58 2.56
C LEU A 57 10.05 -1.54 1.87
N THR A 58 11.05 -0.99 1.20
CA THR A 58 12.03 -1.78 0.47
C THR A 58 12.81 -2.77 1.36
N PRO A 59 13.20 -2.39 2.61
CA PRO A 59 13.87 -3.32 3.54
C PRO A 59 13.08 -4.60 3.85
N LEU A 60 11.82 -4.65 3.43
CA LEU A 60 10.98 -5.82 3.68
C LEU A 60 11.20 -6.89 2.61
N PHE A 61 11.87 -6.50 1.52
CA PHE A 61 12.17 -7.43 0.42
C PHE A 61 12.93 -8.68 0.92
N PRO A 62 14.07 -8.51 1.63
CA PRO A 62 14.84 -9.64 2.19
C PRO A 62 14.00 -10.60 3.03
N GLU A 63 12.98 -10.06 3.68
CA GLU A 63 12.09 -10.84 4.52
C GLU A 63 11.13 -11.68 3.68
N VAL A 64 10.58 -11.07 2.64
CA VAL A 64 9.59 -11.73 1.79
C VAL A 64 10.26 -12.77 0.89
N LEU A 65 11.40 -12.44 0.32
CA LEU A 65 12.09 -13.34 -0.61
C LEU A 65 12.59 -14.61 0.07
N LYS A 66 12.45 -14.67 1.40
CA LYS A 66 12.82 -15.87 2.14
C LYS A 66 11.90 -17.04 1.77
N GLU A 67 10.59 -16.86 1.96
CA GLU A 67 9.64 -17.94 1.70
C GLU A 67 8.38 -17.46 0.98
N LYS A 68 8.13 -16.16 1.00
CA LYS A 68 6.91 -15.63 0.41
C LYS A 68 7.13 -15.24 -1.04
N GLU A 69 6.05 -14.87 -1.71
CA GLU A 69 6.12 -14.38 -3.08
C GLU A 69 6.03 -12.87 -3.08
N LEU A 70 7.08 -12.22 -3.58
CA LEU A 70 7.11 -10.78 -3.64
C LEU A 70 6.50 -10.30 -4.94
N ILE A 71 5.34 -9.67 -4.85
CA ILE A 71 4.66 -9.18 -6.03
C ILE A 71 4.95 -7.70 -6.21
N LEU A 72 5.68 -7.36 -7.26
CA LEU A 72 6.00 -5.98 -7.54
C LEU A 72 5.35 -5.54 -8.84
N PRO A 73 4.92 -4.27 -8.91
CA PRO A 73 4.26 -3.73 -10.09
C PRO A 73 5.24 -3.28 -11.16
N LYS A 74 4.97 -3.69 -12.39
CA LYS A 74 5.75 -3.25 -13.53
C LYS A 74 4.96 -2.26 -14.35
N VAL A 75 5.55 -1.09 -14.59
CA VAL A 75 4.86 -0.06 -15.36
C VAL A 75 5.53 0.11 -16.72
N GLU A 76 5.06 -0.65 -17.69
CA GLU A 76 5.52 -0.54 -19.06
C GLU A 76 4.54 0.28 -19.88
N GLY A 77 3.68 1.02 -19.18
CA GLY A 77 2.71 1.86 -19.83
C GLY A 77 1.36 1.80 -19.14
N ASN A 78 0.35 1.39 -19.89
CA ASN A 78 -1.01 1.31 -19.35
C ASN A 78 -1.29 -0.06 -18.75
N GLU A 79 -0.39 -0.99 -19.01
CA GLU A 79 -0.54 -2.34 -18.49
C GLU A 79 0.43 -2.56 -17.33
N ILE A 80 -0.12 -2.65 -16.13
CA ILE A 80 0.68 -2.87 -14.94
C ILE A 80 0.89 -4.36 -14.71
N SER A 81 2.12 -4.80 -14.89
CA SER A 81 2.45 -6.21 -14.74
C SER A 81 2.69 -6.55 -13.28
N LEU A 82 1.75 -7.25 -12.68
CA LEU A 82 1.92 -7.77 -11.33
C LEU A 82 2.87 -8.95 -11.37
N TYR A 83 4.13 -8.70 -11.01
CA TYR A 83 5.17 -9.69 -11.11
C TYR A 83 5.39 -10.41 -9.79
N ARG A 84 5.13 -11.70 -9.77
CA ARG A 84 5.50 -12.51 -8.62
C ARG A 84 6.96 -12.92 -8.76
N VAL A 85 7.76 -12.60 -7.77
CA VAL A 85 9.18 -12.88 -7.81
C VAL A 85 9.65 -13.45 -6.48
N HIS A 86 10.41 -14.53 -6.55
CA HIS A 86 11.01 -15.12 -5.36
C HIS A 86 12.52 -15.07 -5.47
N SER A 87 13.02 -14.71 -6.65
CA SER A 87 14.44 -14.70 -6.93
C SER A 87 15.05 -13.33 -6.64
N PRO A 88 16.23 -13.31 -5.99
CA PRO A 88 16.96 -12.07 -5.73
C PRO A 88 17.70 -11.56 -6.96
N ALA A 89 18.14 -10.29 -6.90
CA ALA A 89 18.95 -9.67 -7.95
C ALA A 89 18.17 -9.47 -9.26
N CYS A 90 16.89 -9.79 -9.24
CA CYS A 90 16.05 -9.68 -10.44
C CYS A 90 15.30 -8.35 -10.45
N LEU A 91 15.88 -7.35 -9.82
CA LEU A 91 15.24 -6.04 -9.68
C LEU A 91 16.00 -4.99 -10.46
N GLY A 92 15.26 -4.12 -11.14
CA GLY A 92 15.89 -3.04 -11.89
C GLY A 92 15.19 -1.71 -11.65
N VAL A 93 15.96 -0.64 -11.60
CA VAL A 93 15.41 0.68 -11.34
C VAL A 93 15.04 1.38 -12.64
N GLY A 94 13.81 1.85 -12.72
CA GLY A 94 13.35 2.54 -13.91
C GLY A 94 11.97 3.13 -13.71
N ALA A 95 11.31 3.46 -14.81
CA ALA A 95 9.95 4.02 -14.80
C ALA A 95 9.79 5.13 -13.78
N PHE A 96 10.26 6.33 -14.14
CA PHE A 96 10.14 7.52 -13.31
C PHE A 96 11.09 7.47 -12.10
N GLY A 97 11.06 6.38 -11.36
CA GLY A 97 11.92 6.25 -10.20
C GLY A 97 11.51 5.10 -9.28
N ILE A 98 11.07 4.00 -9.87
CA ILE A 98 10.68 2.83 -9.10
C ILE A 98 11.63 1.68 -9.42
N MET A 99 11.50 0.59 -8.69
CA MET A 99 12.32 -0.58 -8.94
C MET A 99 11.44 -1.80 -9.19
N GLU A 100 11.27 -2.13 -10.47
CA GLU A 100 10.45 -3.24 -10.87
C GLU A 100 11.30 -4.48 -11.11
N PRO A 101 10.70 -5.67 -11.08
CA PRO A 101 11.40 -6.90 -11.39
C PRO A 101 11.59 -7.07 -12.89
N VAL A 102 12.85 -7.08 -13.32
CA VAL A 102 13.17 -7.25 -14.74
C VAL A 102 12.85 -8.68 -15.19
N GLU A 103 12.81 -9.59 -14.23
CA GLU A 103 12.48 -10.97 -14.51
C GLU A 103 11.44 -11.46 -13.51
N GLY A 104 10.65 -12.44 -13.93
CA GLY A 104 9.56 -12.93 -13.11
C GLY A 104 8.40 -13.37 -13.97
N GLU A 105 7.19 -13.32 -13.41
CA GLU A 105 6.01 -13.73 -14.16
C GLU A 105 4.83 -12.81 -13.85
N ARG A 106 4.10 -12.39 -14.88
CA ARG A 106 2.90 -11.57 -14.71
C ARG A 106 1.74 -12.44 -14.25
N VAL A 107 1.10 -12.04 -13.16
CA VAL A 107 -0.02 -12.78 -12.61
C VAL A 107 -1.24 -11.87 -12.47
N ASN A 108 -2.41 -12.49 -12.36
CA ASN A 108 -3.67 -11.76 -12.25
C ASN A 108 -3.84 -11.19 -10.84
N PRO A 109 -4.47 -10.00 -10.70
CA PRO A 109 -4.76 -9.37 -9.39
C PRO A 109 -5.52 -10.29 -8.44
N GLU A 110 -6.12 -11.34 -8.97
CA GLU A 110 -6.82 -12.34 -8.18
C GLU A 110 -5.84 -13.06 -7.24
N ASP A 111 -4.59 -13.16 -7.68
CA ASP A 111 -3.58 -13.91 -6.96
C ASP A 111 -2.97 -13.06 -5.85
N VAL A 112 -3.26 -11.77 -5.87
CA VAL A 112 -2.74 -10.86 -4.86
C VAL A 112 -3.56 -10.96 -3.57
N ASP A 113 -3.07 -11.77 -2.65
CA ASP A 113 -3.75 -12.00 -1.37
C ASP A 113 -3.45 -10.88 -0.38
N PHE A 114 -2.26 -10.32 -0.47
CA PHE A 114 -1.85 -9.23 0.39
C PHE A 114 -1.11 -8.18 -0.41
N ILE A 115 -1.38 -6.92 -0.14
CA ILE A 115 -0.69 -5.82 -0.80
C ILE A 115 -0.52 -4.64 0.14
N ALA A 116 0.63 -4.01 0.07
CA ALA A 116 0.92 -2.86 0.92
C ALA A 116 1.26 -1.65 0.06
N VAL A 117 0.38 -0.65 0.09
CA VAL A 117 0.55 0.53 -0.74
C VAL A 117 0.50 1.81 0.10
N PRO A 118 1.50 2.68 -0.06
CA PRO A 118 1.51 3.99 0.59
C PRO A 118 0.57 4.96 -0.11
N GLY A 119 -0.53 5.29 0.54
CA GLY A 119 -1.51 6.17 -0.06
C GLY A 119 -1.44 7.57 0.50
N VAL A 120 -1.93 8.52 -0.28
CA VAL A 120 -1.96 9.92 0.15
C VAL A 120 -3.25 10.21 0.90
N ALA A 121 -3.13 10.41 2.21
CA ALA A 121 -4.25 10.76 3.09
C ALA A 121 -5.25 9.61 3.26
N PHE A 122 -5.66 9.38 4.50
CA PHE A 122 -6.65 8.35 4.82
C PHE A 122 -7.63 8.88 5.86
N ASP A 123 -8.89 8.47 5.77
CA ASP A 123 -9.91 8.91 6.72
C ASP A 123 -10.21 7.82 7.74
N LEU A 124 -11.24 8.05 8.56
CA LEU A 124 -11.58 7.13 9.63
C LEU A 124 -12.37 5.93 9.13
N GLU A 125 -12.70 5.92 7.86
CA GLU A 125 -13.47 4.84 7.29
C GLU A 125 -12.59 3.93 6.45
N GLY A 126 -11.66 4.53 5.73
CA GLY A 126 -10.68 3.74 5.00
C GLY A 126 -10.47 4.20 3.59
N TYR A 127 -10.98 5.37 3.24
CA TYR A 127 -10.82 5.88 1.89
C TYR A 127 -9.56 6.72 1.78
N ARG A 128 -9.18 7.05 0.56
CA ARG A 128 -7.86 7.59 0.31
C ARG A 128 -7.84 8.46 -0.94
N LEU A 129 -7.20 9.62 -0.83
CA LEU A 129 -7.07 10.54 -1.96
C LEU A 129 -6.37 9.84 -3.12
N GLY A 130 -5.10 9.48 -2.92
CA GLY A 130 -4.39 8.70 -3.92
C GLY A 130 -3.36 9.50 -4.67
N PHE A 131 -2.55 8.81 -5.46
CA PHE A 131 -1.48 9.44 -6.22
C PHE A 131 -1.99 9.92 -7.58
N GLY A 132 -2.44 8.99 -8.41
CA GLY A 132 -2.91 9.33 -9.74
C GLY A 132 -4.39 9.63 -9.77
N LYS A 133 -5.19 8.71 -9.23
CA LYS A 133 -6.64 8.84 -9.14
C LYS A 133 -7.31 8.65 -10.50
N GLY A 134 -8.06 7.57 -10.63
CA GLY A 134 -8.74 7.28 -11.86
C GLY A 134 -7.86 6.50 -12.82
N TYR A 135 -6.81 5.87 -12.27
CA TYR A 135 -5.85 5.18 -13.12
C TYR A 135 -5.36 3.88 -12.46
N TYR A 136 -4.41 4.02 -11.53
CA TYR A 136 -3.79 2.85 -10.90
C TYR A 136 -4.70 2.26 -9.85
N ASP A 137 -5.58 3.10 -9.34
CA ASP A 137 -6.61 2.70 -8.38
C ASP A 137 -7.61 1.76 -9.04
N ARG A 138 -7.71 1.82 -10.37
CA ARG A 138 -8.54 0.91 -11.15
C ARG A 138 -7.94 -0.50 -11.12
N LEU A 139 -6.69 -0.61 -10.69
CA LEU A 139 -6.07 -1.90 -10.46
C LEU A 139 -6.32 -2.34 -9.03
N LEU A 140 -6.19 -1.38 -8.10
CA LEU A 140 -6.41 -1.64 -6.68
C LEU A 140 -7.81 -2.20 -6.42
N LYS A 141 -8.80 -1.67 -7.14
CA LYS A 141 -10.17 -2.13 -6.99
C LYS A 141 -10.33 -3.59 -7.42
N ARG A 142 -9.46 -4.03 -8.32
CA ARG A 142 -9.54 -5.39 -8.83
C ARG A 142 -8.75 -6.35 -7.96
N VAL A 143 -7.84 -5.81 -7.14
CA VAL A 143 -7.11 -6.61 -6.16
C VAL A 143 -8.09 -7.22 -5.17
N LYS A 144 -8.19 -8.54 -5.18
CA LYS A 144 -9.21 -9.24 -4.40
C LYS A 144 -8.70 -9.60 -3.01
N GLY A 145 -7.43 -9.34 -2.77
CA GLY A 145 -6.85 -9.63 -1.48
C GLY A 145 -6.98 -8.46 -0.51
N LEU A 146 -6.27 -8.55 0.59
CA LEU A 146 -6.31 -7.51 1.61
C LEU A 146 -5.49 -6.30 1.18
N LYS A 147 -6.17 -5.21 0.86
CA LYS A 147 -5.50 -3.99 0.46
C LYS A 147 -5.06 -3.22 1.69
N VAL A 148 -3.78 -3.29 1.99
CA VAL A 148 -3.24 -2.66 3.18
C VAL A 148 -2.59 -1.33 2.83
N GLY A 149 -3.07 -0.27 3.47
CA GLY A 149 -2.52 1.04 3.24
C GLY A 149 -1.46 1.39 4.27
N VAL A 150 -0.35 1.91 3.80
CA VAL A 150 0.74 2.30 4.67
C VAL A 150 0.83 3.81 4.76
N ALA A 151 0.67 4.36 5.96
CA ALA A 151 0.65 5.80 6.14
C ALA A 151 1.24 6.22 7.48
N TYR A 152 1.74 7.44 7.53
CA TYR A 152 2.19 8.03 8.79
C TYR A 152 1.00 8.61 9.53
N SER A 153 1.16 8.83 10.83
CA SER A 153 0.10 9.39 11.67
C SER A 153 -0.41 10.73 11.13
N PHE A 154 0.46 11.43 10.41
CA PHE A 154 0.14 12.75 9.87
C PHE A 154 -0.90 12.67 8.76
N GLN A 155 -1.11 11.48 8.23
CA GLN A 155 -1.99 11.30 7.08
C GLN A 155 -3.37 10.81 7.50
N VAL A 156 -3.53 10.51 8.78
CA VAL A 156 -4.77 9.97 9.28
C VAL A 156 -5.69 11.08 9.76
N PHE A 157 -6.74 11.32 9.00
CA PHE A 157 -7.72 12.34 9.34
C PHE A 157 -9.05 11.70 9.67
N GLU A 158 -10.05 12.52 9.93
CA GLU A 158 -11.37 12.03 10.28
C GLU A 158 -12.24 11.87 9.04
N ARG A 159 -12.57 12.99 8.41
CA ARG A 159 -13.39 12.96 7.20
C ARG A 159 -12.68 13.71 6.07
N LEU A 160 -12.32 12.99 5.03
CA LEU A 160 -11.64 13.59 3.89
C LEU A 160 -12.62 13.81 2.74
N PRO A 161 -12.45 14.92 1.99
CA PRO A 161 -13.21 15.13 0.77
C PRO A 161 -12.70 14.19 -0.33
N ARG A 162 -13.45 13.12 -0.56
CA ARG A 162 -13.01 12.07 -1.44
C ARG A 162 -13.82 12.04 -2.72
N ASP A 163 -13.46 11.16 -3.63
CA ASP A 163 -14.01 11.17 -4.98
C ASP A 163 -15.14 10.15 -5.11
N ALA A 164 -15.89 10.23 -6.20
CA ALA A 164 -16.94 9.28 -6.47
C ALA A 164 -16.34 7.94 -6.87
N TRP A 165 -15.20 8.01 -7.55
CA TRP A 165 -14.47 6.82 -7.95
C TRP A 165 -13.29 6.62 -7.02
N ASP A 166 -13.61 6.33 -5.76
CA ASP A 166 -12.59 6.14 -4.75
C ASP A 166 -12.42 4.65 -4.45
N ILE A 167 -11.32 4.29 -3.82
CA ILE A 167 -11.05 2.91 -3.48
C ILE A 167 -10.44 2.82 -2.08
N PRO A 168 -11.19 2.25 -1.13
CA PRO A 168 -10.75 2.14 0.26
C PRO A 168 -9.75 1.00 0.45
N VAL A 169 -9.21 0.92 1.66
CA VAL A 169 -8.31 -0.16 2.02
C VAL A 169 -8.96 -1.07 3.06
N ASP A 170 -8.56 -2.32 3.07
CA ASP A 170 -9.13 -3.30 3.99
C ASP A 170 -8.46 -3.17 5.35
N VAL A 171 -7.20 -2.76 5.34
CA VAL A 171 -6.45 -2.54 6.57
C VAL A 171 -5.56 -1.31 6.41
N LEU A 172 -5.54 -0.45 7.42
CA LEU A 172 -4.63 0.70 7.39
C LEU A 172 -3.61 0.57 8.51
N VAL A 173 -2.34 0.50 8.13
CA VAL A 173 -1.28 0.31 9.09
C VAL A 173 -0.45 1.57 9.24
N THR A 174 -0.36 2.07 10.46
CA THR A 174 0.46 3.22 10.76
C THR A 174 1.68 2.78 11.56
N GLU A 175 2.36 3.74 12.17
CA GLU A 175 3.52 3.43 12.98
C GLU A 175 3.11 2.78 14.31
N LYS A 176 1.86 3.01 14.72
CA LYS A 176 1.40 2.54 16.02
C LYS A 176 0.19 1.62 15.88
N ASN A 177 -0.90 2.15 15.33
CA ASN A 177 -2.17 1.42 15.30
C ASN A 177 -2.39 0.70 13.98
N VAL A 178 -2.93 -0.50 14.06
CA VAL A 178 -3.30 -1.27 12.88
C VAL A 178 -4.82 -1.33 12.76
N ARG A 179 -5.36 -0.54 11.87
CA ARG A 179 -6.80 -0.41 11.72
C ARG A 179 -7.34 -1.48 10.78
N ARG A 180 -7.88 -2.54 11.36
CA ARG A 180 -8.51 -3.60 10.57
C ARG A 180 -9.87 -3.11 10.10
N LEU A 181 -9.90 -2.53 8.91
CA LEU A 181 -11.08 -1.84 8.42
C LEU A 181 -12.11 -2.80 7.84
N ARG A 182 -11.84 -4.09 7.98
CA ARG A 182 -12.83 -5.12 7.67
C ARG A 182 -13.93 -5.09 8.71
N ASP A 183 -13.60 -4.52 9.87
CA ASP A 183 -14.56 -4.30 10.93
C ASP A 183 -14.03 -3.21 11.85
N GLY A 184 -14.21 -1.97 11.44
CA GLY A 184 -13.65 -0.85 12.17
C GLY A 184 -14.66 0.24 12.45
N ARG A 185 -15.49 0.03 13.45
CA ARG A 185 -16.49 1.02 13.84
C ARG A 185 -16.73 0.95 15.35
N SER A 186 -15.80 0.33 16.05
CA SER A 186 -15.89 0.21 17.50
C SER A 186 -15.52 1.52 18.18
N LEU A 187 -14.68 2.31 17.51
CA LEU A 187 -14.24 3.59 18.04
C LEU A 187 -15.42 4.54 18.18
N GLU A 188 -15.99 4.94 17.04
CA GLU A 188 -17.13 5.83 17.05
C GLU A 188 -18.42 5.03 17.19
N HIS A 189 -18.78 4.73 18.42
CA HIS A 189 -20.02 4.05 18.70
C HIS A 189 -21.05 5.06 19.21
N HIS A 190 -22.01 5.37 18.37
CA HIS A 190 -23.00 6.41 18.67
C HIS A 190 -24.14 5.84 19.52
N HIS A 191 -23.95 4.64 20.01
CA HIS A 191 -24.89 4.01 20.92
C HIS A 191 -24.25 3.89 22.30
N HIS A 192 -25.07 3.69 23.32
CA HIS A 192 -24.56 3.57 24.68
C HIS A 192 -24.21 2.12 24.96
N HIS A 193 -25.23 1.27 24.90
CA HIS A 193 -25.08 -0.16 25.14
C HIS A 193 -26.39 -0.85 24.82
N HIS A 194 -26.41 -2.16 24.92
CA HIS A 194 -27.64 -2.92 24.73
C HIS A 194 -27.75 -3.98 25.80
N MET A 1 -13.53 24.07 -4.42
CA MET A 1 -12.93 22.72 -4.55
C MET A 1 -11.42 22.80 -4.42
N LEU A 2 -10.84 21.99 -3.54
CA LEU A 2 -9.41 22.01 -3.31
C LEU A 2 -8.83 20.60 -3.29
N LYS A 3 -8.51 20.08 -4.46
CA LYS A 3 -7.77 18.82 -4.54
C LYS A 3 -6.28 19.11 -4.68
N SER A 4 -5.97 20.05 -5.57
CA SER A 4 -4.60 20.39 -5.90
C SER A 4 -3.80 20.84 -4.68
N GLU A 5 -4.31 21.85 -3.98
CA GLU A 5 -3.63 22.39 -2.80
C GLU A 5 -3.43 21.30 -1.74
N LEU A 6 -4.52 20.62 -1.38
CA LEU A 6 -4.49 19.64 -0.31
C LEU A 6 -3.51 18.51 -0.63
N ARG A 7 -3.58 18.00 -1.85
CA ARG A 7 -2.72 16.91 -2.27
C ARG A 7 -1.25 17.28 -2.14
N LYS A 8 -0.91 18.47 -2.60
CA LYS A 8 0.48 18.91 -2.63
C LYS A 8 1.01 19.14 -1.21
N LYS A 9 0.23 19.82 -0.38
CA LYS A 9 0.68 20.16 0.96
C LYS A 9 0.76 18.92 1.86
N VAL A 10 -0.20 18.02 1.73
CA VAL A 10 -0.18 16.78 2.51
C VAL A 10 0.94 15.86 2.04
N LEU A 11 1.20 15.88 0.74
CA LEU A 11 2.31 15.12 0.17
C LEU A 11 3.63 15.62 0.73
N HIS A 12 3.80 16.94 0.74
CA HIS A 12 5.03 17.54 1.21
C HIS A 12 5.21 17.30 2.71
N LYS A 13 4.10 17.29 3.45
CA LYS A 13 4.12 17.02 4.89
C LYS A 13 4.89 15.75 5.20
N ARG A 14 4.67 14.73 4.40
CA ARG A 14 5.29 13.43 4.63
C ARG A 14 6.78 13.47 4.32
N ILE A 15 7.15 14.18 3.26
CA ILE A 15 8.52 14.15 2.78
C ILE A 15 9.41 15.23 3.41
N ASN A 16 8.82 16.17 4.14
CA ASN A 16 9.61 17.23 4.76
C ASN A 16 9.99 16.86 6.19
N LEU A 17 9.46 15.74 6.68
CA LEU A 17 9.79 15.25 8.02
C LEU A 17 11.24 14.79 8.08
N SER A 18 11.78 14.69 9.29
CA SER A 18 13.15 14.27 9.50
C SER A 18 13.36 12.84 8.99
N GLU A 19 14.36 12.64 8.14
CA GLU A 19 14.58 11.35 7.50
C GLU A 19 14.97 10.28 8.53
N GLU A 20 15.84 10.65 9.46
CA GLU A 20 16.28 9.71 10.49
C GLU A 20 15.14 9.39 11.43
N GLU A 21 14.26 10.36 11.63
CA GLU A 21 13.05 10.16 12.41
C GLU A 21 12.18 9.12 11.73
N ARG A 22 11.95 9.33 10.44
CA ARG A 22 11.12 8.45 9.63
C ARG A 22 11.70 7.04 9.60
N ARG A 23 13.02 6.96 9.55
CA ARG A 23 13.72 5.68 9.56
C ARG A 23 13.34 4.86 10.78
N ARG A 24 13.43 5.50 11.95
CA ARG A 24 13.16 4.84 13.21
C ARG A 24 11.68 4.49 13.36
N LEU A 25 10.82 5.34 12.80
CA LEU A 25 9.39 5.10 12.83
C LEU A 25 9.03 3.91 11.93
N SER A 26 9.57 3.91 10.72
CA SER A 26 9.28 2.87 9.74
C SER A 26 9.77 1.51 10.22
N GLU A 27 10.85 1.51 11.00
CA GLU A 27 11.38 0.29 11.60
C GLU A 27 10.31 -0.39 12.44
N LYS A 28 9.57 0.41 13.20
CA LYS A 28 8.49 -0.12 14.01
C LYS A 28 7.30 -0.54 13.14
N VAL A 29 7.09 0.19 12.05
CA VAL A 29 6.02 -0.14 11.11
C VAL A 29 6.26 -1.52 10.49
N ILE A 30 7.48 -1.75 10.02
CA ILE A 30 7.87 -3.05 9.46
C ILE A 30 7.64 -4.14 10.50
N SER A 31 8.08 -3.88 11.72
CA SER A 31 7.95 -4.84 12.81
C SER A 31 6.47 -5.13 13.09
N ASN A 32 5.65 -4.10 13.01
CA ASN A 32 4.21 -4.22 13.28
C ASN A 32 3.54 -5.07 12.21
N LEU A 33 3.92 -4.83 10.96
CA LEU A 33 3.39 -5.59 9.84
C LEU A 33 3.77 -7.06 9.98
N LYS A 34 4.97 -7.31 10.49
CA LYS A 34 5.45 -8.67 10.71
C LYS A 34 4.86 -9.26 11.98
N SER A 35 4.27 -8.41 12.82
CA SER A 35 3.60 -8.86 14.03
C SER A 35 2.20 -9.34 13.70
N LEU A 36 1.65 -8.86 12.59
CA LEU A 36 0.36 -9.33 12.09
C LEU A 36 0.42 -10.81 11.75
N PRO A 37 -0.40 -11.64 12.42
CA PRO A 37 -0.52 -13.06 12.11
C PRO A 37 -1.14 -13.26 10.73
N GLU A 38 -1.87 -12.25 10.29
CA GLU A 38 -2.51 -12.24 8.99
C GLU A 38 -1.46 -12.16 7.89
N PHE A 39 -0.35 -11.50 8.18
CA PHE A 39 0.76 -11.36 7.24
C PHE A 39 1.40 -12.71 6.96
N LYS A 40 1.27 -13.64 7.90
CA LYS A 40 1.80 -14.99 7.73
C LYS A 40 1.00 -15.76 6.69
N LYS A 41 -0.31 -15.74 6.83
CA LYS A 41 -1.21 -16.47 5.94
C LYS A 41 -1.27 -15.79 4.58
N SER A 42 -1.02 -14.49 4.56
CA SER A 42 -0.86 -13.77 3.32
C SER A 42 0.46 -14.17 2.68
N LYS A 43 0.39 -15.09 1.73
CA LYS A 43 1.58 -15.70 1.17
C LYS A 43 2.14 -14.87 0.03
N LYS A 44 1.28 -14.09 -0.61
CA LYS A 44 1.69 -13.27 -1.74
C LYS A 44 1.64 -11.81 -1.33
N VAL A 45 2.79 -11.20 -1.19
CA VAL A 45 2.88 -9.82 -0.70
C VAL A 45 3.30 -8.88 -1.83
N ALA A 46 2.38 -8.01 -2.22
CA ALA A 46 2.66 -7.02 -3.24
C ALA A 46 3.04 -5.69 -2.61
N LEU A 47 4.20 -5.17 -2.99
CA LEU A 47 4.66 -3.90 -2.46
C LEU A 47 4.60 -2.83 -3.53
N TYR A 48 4.01 -1.69 -3.18
CA TYR A 48 3.87 -0.58 -4.12
C TYR A 48 5.21 0.11 -4.37
N CYS A 49 6.10 0.02 -3.37
CA CYS A 49 7.44 0.64 -3.44
C CYS A 49 7.36 2.15 -3.33
N PRO A 50 8.22 2.76 -2.49
CA PRO A 50 8.29 4.21 -2.33
C PRO A 50 8.86 4.89 -3.59
N ILE A 51 8.30 6.03 -3.95
CA ILE A 51 8.75 6.77 -5.12
C ILE A 51 9.13 8.20 -4.73
N LYS A 52 8.50 8.71 -3.68
CA LYS A 52 8.69 10.08 -3.27
C LYS A 52 9.15 10.14 -1.82
N GLY A 53 8.62 9.22 -1.02
CA GLY A 53 8.93 9.20 0.38
C GLY A 53 7.69 8.91 1.20
N GLU A 54 7.41 7.64 1.41
CA GLU A 54 6.19 7.22 2.07
C GLU A 54 6.53 6.43 3.32
N VAL A 55 6.72 5.12 3.16
CA VAL A 55 7.13 4.29 4.28
C VAL A 55 8.23 3.35 3.82
N ASP A 56 9.30 3.28 4.60
CA ASP A 56 10.44 2.44 4.23
C ASP A 56 10.13 0.97 4.52
N LEU A 57 9.71 0.28 3.49
CA LEU A 57 9.49 -1.16 3.57
C LEU A 57 10.50 -1.86 2.68
N THR A 58 11.51 -1.10 2.29
CA THR A 58 12.54 -1.57 1.36
C THR A 58 13.41 -2.68 1.98
N PRO A 59 13.88 -2.56 3.25
CA PRO A 59 14.66 -3.62 3.89
C PRO A 59 13.84 -4.88 4.19
N LEU A 60 12.56 -4.84 3.85
CA LEU A 60 11.68 -5.98 4.07
C LEU A 60 11.64 -6.89 2.84
N PHE A 61 12.07 -6.36 1.70
CA PHE A 61 12.09 -7.12 0.44
C PHE A 61 12.78 -8.49 0.60
N PRO A 62 14.02 -8.54 1.16
CA PRO A 62 14.73 -9.81 1.39
C PRO A 62 13.91 -10.78 2.25
N GLU A 63 13.29 -10.25 3.28
CA GLU A 63 12.49 -11.06 4.20
C GLU A 63 11.26 -11.62 3.48
N VAL A 64 10.69 -10.84 2.57
CA VAL A 64 9.56 -11.30 1.77
C VAL A 64 9.99 -12.42 0.84
N LEU A 65 11.18 -12.28 0.25
CA LEU A 65 11.71 -13.30 -0.65
C LEU A 65 12.03 -14.60 0.11
N LYS A 66 12.06 -14.50 1.43
CA LYS A 66 12.33 -15.66 2.28
C LYS A 66 11.05 -16.47 2.49
N GLU A 67 10.05 -15.87 3.10
CA GLU A 67 8.86 -16.60 3.53
C GLU A 67 7.75 -16.56 2.48
N LYS A 68 7.70 -15.49 1.69
CA LYS A 68 6.53 -15.23 0.87
C LYS A 68 6.89 -15.07 -0.61
N GLU A 69 5.88 -14.71 -1.39
CA GLU A 69 6.05 -14.37 -2.79
C GLU A 69 6.01 -12.87 -2.94
N LEU A 70 7.00 -12.31 -3.61
CA LEU A 70 7.09 -10.87 -3.79
C LEU A 70 6.40 -10.45 -5.07
N ILE A 71 5.29 -9.74 -4.96
CA ILE A 71 4.59 -9.25 -6.14
C ILE A 71 4.96 -7.80 -6.40
N LEU A 72 5.56 -7.57 -7.56
CA LEU A 72 5.95 -6.23 -7.96
C LEU A 72 5.24 -5.82 -9.24
N PRO A 73 4.70 -4.60 -9.27
CA PRO A 73 4.00 -4.07 -10.43
C PRO A 73 4.95 -3.45 -11.46
N LYS A 74 4.89 -3.96 -12.68
CA LYS A 74 5.70 -3.43 -13.76
C LYS A 74 4.81 -2.61 -14.70
N VAL A 75 4.87 -1.30 -14.56
CA VAL A 75 4.07 -0.43 -15.40
C VAL A 75 4.77 -0.22 -16.73
N GLU A 76 4.41 -1.05 -17.70
CA GLU A 76 5.02 -1.00 -19.01
C GLU A 76 4.09 -0.29 -19.97
N GLY A 77 4.46 0.94 -20.33
CA GLY A 77 3.58 1.77 -21.13
C GLY A 77 2.47 2.34 -20.27
N ASN A 78 1.36 1.62 -20.21
CA ASN A 78 0.28 1.95 -19.30
C ASN A 78 -0.37 0.67 -18.79
N GLU A 79 0.28 -0.45 -19.05
CA GLU A 79 -0.20 -1.75 -18.60
C GLU A 79 0.56 -2.18 -17.36
N ILE A 80 -0.16 -2.40 -16.27
CA ILE A 80 0.44 -2.85 -15.03
C ILE A 80 0.59 -4.36 -15.02
N SER A 81 1.78 -4.84 -15.32
CA SER A 81 2.03 -6.26 -15.32
C SER A 81 2.63 -6.71 -13.99
N LEU A 82 1.88 -7.48 -13.24
CA LEU A 82 2.35 -8.00 -11.96
C LEU A 82 3.26 -9.20 -12.19
N TYR A 83 4.43 -9.21 -11.55
CA TYR A 83 5.35 -10.31 -11.71
C TYR A 83 5.68 -10.95 -10.37
N ARG A 84 5.86 -12.27 -10.41
CA ARG A 84 6.12 -13.08 -9.24
C ARG A 84 7.62 -13.18 -9.01
N VAL A 85 8.11 -12.33 -8.13
CA VAL A 85 9.54 -12.26 -7.86
C VAL A 85 9.91 -13.12 -6.67
N HIS A 86 10.81 -14.07 -6.90
CA HIS A 86 11.39 -14.84 -5.83
C HIS A 86 12.89 -14.96 -6.09
N SER A 87 13.37 -14.10 -6.98
CA SER A 87 14.75 -14.12 -7.42
C SER A 87 15.42 -12.77 -7.12
N PRO A 88 16.48 -12.79 -6.31
CA PRO A 88 17.22 -11.57 -5.97
C PRO A 88 18.07 -11.07 -7.14
N ALA A 89 18.16 -11.86 -8.19
CA ALA A 89 18.92 -11.51 -9.39
C ALA A 89 18.06 -10.78 -10.40
N CYS A 90 16.87 -10.36 -9.98
CA CYS A 90 15.96 -9.66 -10.85
C CYS A 90 16.15 -8.16 -10.63
N LEU A 91 15.04 -7.42 -10.72
CA LEU A 91 15.03 -5.97 -10.50
C LEU A 91 15.85 -5.21 -11.54
N GLY A 92 15.17 -4.43 -12.36
CA GLY A 92 15.84 -3.58 -13.32
C GLY A 92 15.25 -2.18 -13.34
N VAL A 93 16.09 -1.16 -13.18
CA VAL A 93 15.61 0.21 -13.13
C VAL A 93 15.36 0.73 -14.55
N GLY A 94 14.09 0.94 -14.89
CA GLY A 94 13.76 1.37 -16.23
C GLY A 94 12.76 2.51 -16.24
N ALA A 95 11.49 2.18 -16.46
CA ALA A 95 10.44 3.17 -16.62
C ALA A 95 10.30 4.02 -15.37
N PHE A 96 10.33 5.34 -15.58
CA PHE A 96 10.15 6.33 -14.50
C PHE A 96 11.34 6.36 -13.54
N GLY A 97 11.89 5.19 -13.24
CA GLY A 97 12.98 5.11 -12.30
C GLY A 97 12.73 4.05 -11.25
N ILE A 98 11.71 3.24 -11.45
CA ILE A 98 11.37 2.17 -10.51
C ILE A 98 12.06 0.88 -10.92
N MET A 99 11.98 -0.12 -10.05
CA MET A 99 12.59 -1.41 -10.30
C MET A 99 11.60 -2.36 -10.97
N GLU A 100 11.73 -2.50 -12.28
CA GLU A 100 10.86 -3.38 -13.04
C GLU A 100 11.41 -4.81 -13.02
N PRO A 101 10.55 -5.79 -12.74
CA PRO A 101 10.92 -7.20 -12.80
C PRO A 101 11.29 -7.62 -14.23
N VAL A 102 12.54 -7.97 -14.44
CA VAL A 102 13.03 -8.35 -15.76
C VAL A 102 12.86 -9.84 -16.00
N GLU A 103 12.67 -10.59 -14.93
CA GLU A 103 12.49 -12.03 -15.00
C GLU A 103 11.57 -12.52 -13.89
N GLY A 104 10.85 -13.59 -14.17
CA GLY A 104 9.93 -14.15 -13.19
C GLY A 104 8.71 -14.77 -13.84
N GLU A 105 7.63 -14.90 -13.09
CA GLU A 105 6.39 -15.44 -13.62
C GLU A 105 5.34 -14.33 -13.65
N ARG A 106 4.27 -14.51 -14.42
CA ARG A 106 3.24 -13.49 -14.50
C ARG A 106 2.17 -13.73 -13.44
N VAL A 107 1.90 -12.70 -12.64
CA VAL A 107 0.91 -12.79 -11.57
C VAL A 107 -0.44 -12.29 -12.05
N ASN A 108 -1.47 -13.08 -11.81
CA ASN A 108 -2.82 -12.69 -12.14
C ASN A 108 -3.49 -12.10 -10.89
N PRO A 109 -4.46 -11.19 -11.06
CA PRO A 109 -5.17 -10.56 -9.94
C PRO A 109 -5.80 -11.59 -8.99
N GLU A 110 -6.05 -12.78 -9.54
CA GLU A 110 -6.63 -13.88 -8.78
C GLU A 110 -5.67 -14.37 -7.70
N ASP A 111 -4.38 -14.09 -7.91
CA ASP A 111 -3.34 -14.62 -7.03
C ASP A 111 -2.98 -13.63 -5.93
N VAL A 112 -3.60 -12.46 -5.96
CA VAL A 112 -3.28 -11.41 -4.99
C VAL A 112 -3.79 -11.76 -3.59
N ASP A 113 -2.86 -11.99 -2.68
CA ASP A 113 -3.18 -12.24 -1.28
C ASP A 113 -3.19 -10.93 -0.51
N PHE A 114 -2.03 -10.27 -0.51
CA PHE A 114 -1.79 -9.10 0.32
C PHE A 114 -1.11 -8.02 -0.51
N ILE A 115 -1.50 -6.77 -0.32
CA ILE A 115 -0.85 -5.66 -0.99
C ILE A 115 -0.67 -4.48 -0.04
N ALA A 116 0.48 -3.84 -0.11
CA ALA A 116 0.79 -2.72 0.75
C ALA A 116 0.94 -1.44 -0.05
N VAL A 117 -0.01 -0.52 0.13
CA VAL A 117 -0.03 0.73 -0.61
C VAL A 117 0.12 1.92 0.33
N PRO A 118 1.28 2.58 0.31
CA PRO A 118 1.52 3.78 1.09
C PRO A 118 0.96 5.03 0.41
N GLY A 119 -0.36 5.04 0.25
CA GLY A 119 -1.03 6.11 -0.48
C GLY A 119 -0.89 7.47 0.19
N VAL A 120 -1.27 8.51 -0.53
CA VAL A 120 -1.20 9.86 -0.02
C VAL A 120 -2.47 10.23 0.73
N ALA A 121 -2.34 10.30 2.06
CA ALA A 121 -3.42 10.71 2.95
C ALA A 121 -4.52 9.64 3.07
N PHE A 122 -4.92 9.38 4.30
CA PHE A 122 -6.02 8.45 4.58
C PHE A 122 -6.95 9.07 5.60
N ASP A 123 -8.14 8.51 5.75
CA ASP A 123 -9.09 9.02 6.72
C ASP A 123 -9.73 7.87 7.49
N LEU A 124 -10.64 8.18 8.40
CA LEU A 124 -11.25 7.17 9.27
C LEU A 124 -12.27 6.30 8.50
N GLU A 125 -12.63 6.74 7.30
CA GLU A 125 -13.53 5.96 6.46
C GLU A 125 -12.72 4.89 5.72
N GLY A 126 -11.56 5.31 5.24
CA GLY A 126 -10.68 4.40 4.55
C GLY A 126 -10.41 4.82 3.13
N TYR A 127 -10.56 6.11 2.86
CA TYR A 127 -10.37 6.63 1.52
C TYR A 127 -9.00 7.29 1.38
N ARG A 128 -8.77 7.85 0.20
CA ARG A 128 -7.48 8.40 -0.16
C ARG A 128 -7.60 9.87 -0.53
N LEU A 129 -6.52 10.43 -1.04
CA LEU A 129 -6.54 11.78 -1.58
C LEU A 129 -6.12 11.74 -3.04
N GLY A 130 -6.74 12.60 -3.86
CA GLY A 130 -6.46 12.61 -5.28
C GLY A 130 -5.07 13.12 -5.60
N PHE A 131 -4.16 12.20 -5.94
CA PHE A 131 -2.78 12.54 -6.24
C PHE A 131 -2.66 13.31 -7.56
N GLY A 132 -3.48 12.94 -8.52
CA GLY A 132 -3.43 13.59 -9.82
C GLY A 132 -3.01 12.63 -10.91
N LYS A 133 -1.80 12.81 -11.42
CA LYS A 133 -1.27 11.91 -12.45
C LYS A 133 -0.79 10.61 -11.83
N GLY A 134 -1.72 9.68 -11.64
CA GLY A 134 -1.41 8.39 -11.09
C GLY A 134 -2.62 7.49 -11.12
N TYR A 135 -3.25 7.42 -12.28
CA TYR A 135 -4.50 6.69 -12.43
C TYR A 135 -4.25 5.19 -12.51
N TYR A 136 -4.13 4.56 -11.35
CA TYR A 136 -3.98 3.12 -11.26
C TYR A 136 -5.27 2.54 -10.69
N ASP A 137 -6.33 3.33 -10.78
CA ASP A 137 -7.63 3.00 -10.23
C ASP A 137 -8.16 1.70 -10.82
N ARG A 138 -7.86 1.47 -12.09
CA ARG A 138 -8.31 0.29 -12.81
C ARG A 138 -7.89 -0.99 -12.09
N LEU A 139 -6.72 -0.95 -11.46
CA LEU A 139 -6.21 -2.09 -10.73
C LEU A 139 -6.79 -2.12 -9.33
N LEU A 140 -6.61 -1.01 -8.62
CA LEU A 140 -6.95 -0.93 -7.19
C LEU A 140 -8.41 -1.26 -6.91
N LYS A 141 -9.31 -0.83 -7.79
CA LYS A 141 -10.74 -1.03 -7.57
C LYS A 141 -11.14 -2.48 -7.81
N ARG A 142 -10.27 -3.23 -8.48
CA ARG A 142 -10.55 -4.63 -8.80
C ARG A 142 -9.70 -5.58 -7.97
N VAL A 143 -8.79 -5.02 -7.18
CA VAL A 143 -7.99 -5.82 -6.27
C VAL A 143 -8.87 -6.36 -5.14
N LYS A 144 -9.20 -7.63 -5.23
CA LYS A 144 -10.05 -8.28 -4.23
C LYS A 144 -9.20 -8.91 -3.14
N GLY A 145 -7.92 -8.55 -3.11
CA GLY A 145 -7.04 -9.02 -2.07
C GLY A 145 -7.04 -8.09 -0.88
N LEU A 146 -6.18 -8.36 0.09
CA LEU A 146 -6.13 -7.54 1.29
C LEU A 146 -5.37 -6.24 1.01
N LYS A 147 -6.12 -5.15 0.85
CA LYS A 147 -5.53 -3.85 0.55
C LYS A 147 -5.16 -3.13 1.85
N VAL A 148 -3.86 -3.15 2.15
CA VAL A 148 -3.36 -2.52 3.35
C VAL A 148 -2.65 -1.21 3.03
N GLY A 149 -3.17 -0.13 3.59
CA GLY A 149 -2.53 1.15 3.45
C GLY A 149 -1.55 1.40 4.58
N VAL A 150 -0.38 1.92 4.25
CA VAL A 150 0.64 2.16 5.26
C VAL A 150 1.04 3.63 5.24
N ALA A 151 0.94 4.28 6.40
CA ALA A 151 1.26 5.69 6.50
C ALA A 151 1.57 6.11 7.92
N TYR A 152 2.17 7.28 8.07
CA TYR A 152 2.46 7.83 9.38
C TYR A 152 1.19 8.39 10.01
N SER A 153 1.26 8.73 11.29
CA SER A 153 0.11 9.24 12.01
C SER A 153 -0.27 10.62 11.50
N PHE A 154 0.71 11.33 10.96
CA PHE A 154 0.50 12.69 10.45
C PHE A 154 -0.24 12.66 9.12
N GLN A 155 -0.47 11.46 8.59
CA GLN A 155 -1.13 11.32 7.30
C GLN A 155 -2.56 10.81 7.49
N VAL A 156 -2.98 10.69 8.74
CA VAL A 156 -4.30 10.18 9.05
C VAL A 156 -5.25 11.30 9.44
N PHE A 157 -6.26 11.51 8.62
CA PHE A 157 -7.26 12.53 8.88
C PHE A 157 -8.54 11.89 9.41
N GLU A 158 -9.53 12.71 9.69
CA GLU A 158 -10.78 12.23 10.24
C GLU A 158 -11.75 11.88 9.11
N ARG A 159 -11.92 12.80 8.18
CA ARG A 159 -12.77 12.56 7.01
C ARG A 159 -12.25 13.33 5.81
N LEU A 160 -11.96 12.63 4.73
CA LEU A 160 -11.52 13.26 3.50
C LEU A 160 -12.67 13.36 2.51
N PRO A 161 -12.57 14.26 1.53
CA PRO A 161 -13.56 14.37 0.45
C PRO A 161 -13.58 13.12 -0.41
N ARG A 162 -14.59 12.28 -0.20
CA ARG A 162 -14.68 10.99 -0.85
C ARG A 162 -15.47 11.10 -2.14
N ASP A 163 -15.28 10.14 -3.04
CA ASP A 163 -16.05 10.09 -4.26
C ASP A 163 -16.75 8.75 -4.37
N ALA A 164 -17.50 8.54 -5.45
CA ALA A 164 -18.32 7.34 -5.60
C ALA A 164 -17.48 6.16 -6.08
N TRP A 165 -16.71 6.38 -7.12
CA TRP A 165 -15.93 5.31 -7.74
C TRP A 165 -14.52 5.23 -7.16
N ASP A 166 -14.28 5.98 -6.09
CA ASP A 166 -12.97 6.04 -5.48
C ASP A 166 -12.65 4.71 -4.79
N ILE A 167 -11.36 4.46 -4.55
CA ILE A 167 -10.92 3.16 -4.05
C ILE A 167 -10.55 3.24 -2.57
N PRO A 168 -11.34 2.59 -1.69
CA PRO A 168 -11.06 2.53 -0.27
C PRO A 168 -10.15 1.35 0.11
N VAL A 169 -9.35 1.55 1.15
CA VAL A 169 -8.48 0.49 1.66
C VAL A 169 -9.22 -0.34 2.71
N ASP A 170 -8.59 -1.40 3.17
CA ASP A 170 -9.22 -2.31 4.13
C ASP A 170 -8.60 -2.15 5.51
N VAL A 171 -7.28 -2.20 5.55
CA VAL A 171 -6.55 -2.06 6.80
C VAL A 171 -5.55 -0.92 6.68
N LEU A 172 -5.33 -0.19 7.77
CA LEU A 172 -4.39 0.92 7.77
C LEU A 172 -3.33 0.74 8.86
N VAL A 173 -2.13 0.34 8.46
CA VAL A 173 -1.05 0.16 9.41
C VAL A 173 -0.32 1.49 9.62
N THR A 174 -0.31 1.96 10.86
CA THR A 174 0.32 3.23 11.17
C THR A 174 1.63 3.02 11.89
N GLU A 175 2.26 4.13 12.29
CA GLU A 175 3.55 4.10 12.98
C GLU A 175 3.39 3.59 14.42
N LYS A 176 2.15 3.39 14.86
CA LYS A 176 1.89 2.96 16.22
C LYS A 176 1.16 1.62 16.26
N ASN A 177 -0.05 1.60 15.70
CA ASN A 177 -0.88 0.40 15.76
C ASN A 177 -1.41 0.03 14.39
N VAL A 178 -1.86 -1.21 14.25
CA VAL A 178 -2.51 -1.65 13.02
C VAL A 178 -4.00 -1.34 13.10
N ARG A 179 -4.39 -0.28 12.42
CA ARG A 179 -5.76 0.20 12.48
C ARG A 179 -6.61 -0.48 11.41
N ARG A 180 -7.23 -1.59 11.78
CA ARG A 180 -8.20 -2.22 10.90
C ARG A 180 -9.47 -1.39 10.90
N LEU A 181 -9.73 -0.71 9.79
CA LEU A 181 -10.85 0.21 9.69
C LEU A 181 -12.19 -0.52 9.78
N ARG A 182 -12.28 -1.64 9.09
CA ARG A 182 -13.48 -2.48 9.14
C ARG A 182 -13.18 -3.84 8.51
N ASP A 183 -13.95 -4.86 8.87
CA ASP A 183 -13.73 -6.20 8.35
C ASP A 183 -14.71 -6.49 7.21
N GLY A 184 -15.99 -6.29 7.47
CA GLY A 184 -17.02 -6.54 6.47
C GLY A 184 -17.07 -7.99 6.03
N ARG A 185 -16.71 -8.90 6.92
CA ARG A 185 -16.64 -10.31 6.61
C ARG A 185 -17.31 -11.16 7.69
N SER A 186 -16.95 -10.89 8.94
CA SER A 186 -17.37 -11.74 10.04
C SER A 186 -18.59 -11.19 10.75
N LEU A 187 -19.25 -12.05 11.52
CA LEU A 187 -20.35 -11.63 12.37
C LEU A 187 -19.83 -11.34 13.77
N GLU A 188 -18.51 -11.37 13.90
CA GLU A 188 -17.83 -11.07 15.17
C GLU A 188 -18.25 -9.70 15.68
N HIS A 189 -18.40 -8.76 14.75
CA HIS A 189 -18.86 -7.43 15.07
C HIS A 189 -20.37 -7.36 14.81
N HIS A 190 -21.14 -7.38 15.88
CA HIS A 190 -22.59 -7.54 15.78
C HIS A 190 -23.27 -6.23 15.38
N HIS A 191 -23.25 -5.94 14.10
CA HIS A 191 -23.98 -4.80 13.55
C HIS A 191 -24.19 -5.01 12.06
N HIS A 192 -25.42 -5.22 11.66
CA HIS A 192 -25.75 -5.39 10.25
C HIS A 192 -26.74 -4.33 9.79
N HIS A 193 -26.89 -4.23 8.47
CA HIS A 193 -27.77 -3.25 7.87
C HIS A 193 -29.18 -3.81 7.74
N HIS A 194 -30.17 -2.98 8.01
CA HIS A 194 -31.57 -3.37 7.81
C HIS A 194 -31.98 -3.06 6.38
N MET A 1 -12.01 22.91 -3.60
CA MET A 1 -11.91 21.54 -3.04
C MET A 1 -10.49 21.21 -2.61
N LEU A 2 -9.52 21.63 -3.43
CA LEU A 2 -8.10 21.44 -3.11
C LEU A 2 -7.72 19.96 -3.04
N LYS A 3 -8.40 19.16 -3.86
CA LYS A 3 -8.15 17.71 -3.90
C LYS A 3 -6.72 17.44 -4.31
N SER A 4 -6.28 18.14 -5.34
CA SER A 4 -4.93 17.99 -5.87
C SER A 4 -3.89 18.56 -4.92
N GLU A 5 -4.18 19.71 -4.33
CA GLU A 5 -3.23 20.37 -3.44
C GLU A 5 -3.00 19.55 -2.18
N LEU A 6 -4.08 19.05 -1.59
CA LEU A 6 -4.00 18.30 -0.33
C LEU A 6 -3.02 17.13 -0.45
N ARG A 7 -3.06 16.46 -1.59
CA ARG A 7 -2.17 15.33 -1.84
C ARG A 7 -0.72 15.75 -1.80
N LYS A 8 -0.39 16.75 -2.59
CA LYS A 8 0.97 17.25 -2.72
C LYS A 8 1.42 17.96 -1.44
N LYS A 9 0.43 18.46 -0.70
CA LYS A 9 0.67 19.14 0.56
C LYS A 9 1.13 18.16 1.62
N VAL A 10 0.33 17.11 1.82
CA VAL A 10 0.62 16.11 2.84
C VAL A 10 1.82 15.25 2.45
N LEU A 11 1.98 15.01 1.15
CA LEU A 11 3.13 14.26 0.64
C LEU A 11 4.43 15.00 0.97
N HIS A 12 4.34 16.32 1.04
CA HIS A 12 5.51 17.13 1.36
C HIS A 12 5.93 16.88 2.81
N LYS A 13 4.94 16.70 3.69
CA LYS A 13 5.20 16.43 5.10
C LYS A 13 5.84 15.05 5.28
N ARG A 14 5.47 14.11 4.40
CA ARG A 14 6.08 12.78 4.39
C ARG A 14 7.60 12.87 4.33
N ILE A 15 8.08 13.54 3.28
CA ILE A 15 9.51 13.62 3.02
C ILE A 15 10.15 14.86 3.68
N ASN A 16 9.41 15.56 4.52
CA ASN A 16 9.92 16.77 5.15
C ASN A 16 10.65 16.42 6.45
N LEU A 17 10.27 15.30 7.05
CA LEU A 17 10.93 14.82 8.26
C LEU A 17 12.40 14.56 7.99
N SER A 18 13.25 14.86 8.95
CA SER A 18 14.67 14.59 8.83
C SER A 18 14.87 13.08 8.76
N GLU A 19 15.89 12.66 8.03
CA GLU A 19 16.08 11.25 7.69
C GLU A 19 16.09 10.33 8.91
N GLU A 20 16.76 10.73 9.98
CA GLU A 20 16.87 9.88 11.17
C GLU A 20 15.50 9.68 11.81
N GLU A 21 14.78 10.76 12.06
CA GLU A 21 13.43 10.68 12.62
C GLU A 21 12.52 9.90 11.69
N ARG A 22 12.61 10.19 10.41
CA ARG A 22 11.82 9.53 9.39
C ARG A 22 12.07 8.03 9.44
N ARG A 23 13.33 7.66 9.49
CA ARG A 23 13.73 6.25 9.57
C ARG A 23 13.19 5.60 10.85
N ARG A 24 13.36 6.29 11.97
CA ARG A 24 12.94 5.74 13.26
C ARG A 24 11.44 5.45 13.27
N LEU A 25 10.65 6.42 12.83
CA LEU A 25 9.21 6.27 12.77
C LEU A 25 8.82 5.21 11.74
N SER A 26 9.57 5.18 10.63
CA SER A 26 9.36 4.19 9.58
C SER A 26 9.52 2.78 10.12
N GLU A 27 10.62 2.54 10.83
CA GLU A 27 10.93 1.23 11.37
C GLU A 27 9.83 0.77 12.32
N LYS A 28 9.24 1.71 13.06
CA LYS A 28 8.15 1.39 13.97
C LYS A 28 6.92 0.91 13.20
N VAL A 29 6.62 1.58 12.09
CA VAL A 29 5.49 1.18 11.24
C VAL A 29 5.73 -0.22 10.68
N ILE A 30 6.94 -0.45 10.19
CA ILE A 30 7.33 -1.75 9.66
C ILE A 30 7.18 -2.83 10.73
N SER A 31 7.55 -2.48 11.96
CA SER A 31 7.45 -3.42 13.08
C SER A 31 6.00 -3.83 13.31
N ASN A 32 5.08 -2.88 13.20
CA ASN A 32 3.65 -3.17 13.38
C ASN A 32 3.15 -4.08 12.26
N LEU A 33 3.59 -3.79 11.04
CA LEU A 33 3.21 -4.60 9.89
C LEU A 33 3.75 -6.02 10.04
N LYS A 34 4.97 -6.13 10.54
CA LYS A 34 5.59 -7.42 10.80
C LYS A 34 4.87 -8.16 11.93
N SER A 35 4.33 -7.40 12.87
CA SER A 35 3.62 -7.98 14.00
C SER A 35 2.28 -8.57 13.57
N LEU A 36 1.74 -8.07 12.46
CA LEU A 36 0.52 -8.64 11.89
C LEU A 36 0.74 -10.10 11.47
N PRO A 37 -0.01 -11.02 12.12
CA PRO A 37 0.10 -12.46 11.83
C PRO A 37 -0.26 -12.78 10.38
N GLU A 38 -1.24 -12.05 9.86
CA GLU A 38 -1.67 -12.21 8.46
C GLU A 38 -0.48 -11.99 7.51
N PHE A 39 0.38 -11.04 7.85
CA PHE A 39 1.52 -10.70 7.01
C PHE A 39 2.60 -11.77 7.11
N LYS A 40 2.52 -12.61 8.13
CA LYS A 40 3.47 -13.69 8.31
C LYS A 40 2.98 -14.97 7.65
N LYS A 41 1.68 -15.24 7.81
CA LYS A 41 1.11 -16.49 7.33
C LYS A 41 0.79 -16.44 5.83
N SER A 42 0.41 -15.26 5.34
CA SER A 42 0.11 -15.11 3.93
C SER A 42 1.38 -14.84 3.14
N LYS A 43 1.66 -15.71 2.17
CA LYS A 43 2.87 -15.60 1.38
C LYS A 43 2.62 -14.80 0.11
N LYS A 44 1.37 -14.41 -0.09
CA LYS A 44 0.99 -13.62 -1.26
C LYS A 44 1.13 -12.15 -0.94
N VAL A 45 2.33 -11.58 -1.09
CA VAL A 45 2.57 -10.22 -0.66
C VAL A 45 3.02 -9.34 -1.81
N ALA A 46 2.23 -8.33 -2.11
CA ALA A 46 2.58 -7.36 -3.13
C ALA A 46 2.87 -6.01 -2.50
N LEU A 47 3.88 -5.33 -2.98
CA LEU A 47 4.23 -4.01 -2.48
C LEU A 47 4.15 -2.99 -3.60
N TYR A 48 3.72 -1.79 -3.26
CA TYR A 48 3.53 -0.72 -4.24
C TYR A 48 4.86 -0.09 -4.64
N CYS A 49 5.93 -0.51 -3.95
CA CYS A 49 7.29 0.02 -4.17
C CYS A 49 7.38 1.47 -3.67
N PRO A 50 8.17 1.67 -2.59
CA PRO A 50 8.34 3.00 -2.00
C PRO A 50 9.26 3.89 -2.82
N ILE A 51 8.66 4.76 -3.63
CA ILE A 51 9.41 5.76 -4.36
C ILE A 51 9.54 7.04 -3.51
N LYS A 52 8.87 7.04 -2.37
CA LYS A 52 8.96 8.16 -1.45
C LYS A 52 9.79 7.76 -0.23
N GLY A 53 10.54 8.70 0.30
CA GLY A 53 11.30 8.45 1.52
C GLY A 53 10.43 8.56 2.75
N GLU A 54 9.56 7.57 2.94
CA GLU A 54 8.65 7.53 4.06
C GLU A 54 8.74 6.18 4.77
N VAL A 55 8.10 5.16 4.22
CA VAL A 55 8.15 3.83 4.80
C VAL A 55 9.14 2.97 4.04
N ASP A 56 10.12 2.43 4.77
CA ASP A 56 11.18 1.63 4.14
C ASP A 56 10.68 0.23 3.83
N LEU A 57 9.82 0.10 2.84
CA LEU A 57 9.38 -1.20 2.38
C LEU A 57 10.37 -1.76 1.36
N THR A 58 11.28 -0.90 0.93
CA THR A 58 12.32 -1.28 -0.02
C THR A 58 13.23 -2.36 0.58
N PRO A 59 13.82 -2.15 1.78
CA PRO A 59 14.61 -3.17 2.46
C PRO A 59 13.78 -4.36 2.91
N LEU A 60 12.46 -4.25 2.76
CA LEU A 60 11.54 -5.32 3.15
C LEU A 60 11.32 -6.28 1.98
N PHE A 61 11.70 -5.85 0.78
CA PHE A 61 11.61 -6.71 -0.40
C PHE A 61 12.36 -8.03 -0.20
N PRO A 62 13.65 -8.00 0.22
CA PRO A 62 14.42 -9.22 0.50
C PRO A 62 13.75 -10.13 1.52
N GLU A 63 13.06 -9.51 2.49
CA GLU A 63 12.36 -10.26 3.52
C GLU A 63 11.22 -11.07 2.90
N VAL A 64 10.39 -10.40 2.11
CA VAL A 64 9.29 -11.08 1.45
C VAL A 64 9.81 -12.10 0.45
N LEU A 65 10.86 -11.74 -0.29
CA LEU A 65 11.46 -12.62 -1.27
C LEU A 65 12.15 -13.82 -0.60
N LYS A 66 12.38 -13.70 0.70
CA LYS A 66 13.07 -14.72 1.47
C LYS A 66 12.20 -15.96 1.67
N GLU A 67 10.98 -15.74 2.16
CA GLU A 67 10.10 -16.84 2.54
C GLU A 67 8.78 -16.81 1.78
N LYS A 68 8.33 -15.62 1.41
CA LYS A 68 7.06 -15.44 0.74
C LYS A 68 7.27 -15.21 -0.75
N GLU A 69 6.19 -14.89 -1.45
CA GLU A 69 6.29 -14.53 -2.86
C GLU A 69 6.08 -13.03 -3.03
N LEU A 70 7.09 -12.36 -3.56
CA LEU A 70 7.08 -10.92 -3.67
C LEU A 70 6.47 -10.46 -4.99
N ILE A 71 5.26 -9.95 -4.92
CA ILE A 71 4.58 -9.49 -6.11
C ILE A 71 4.82 -7.99 -6.31
N LEU A 72 5.33 -7.64 -7.48
CA LEU A 72 5.64 -6.24 -7.77
C LEU A 72 4.86 -5.75 -8.99
N PRO A 73 4.39 -4.49 -8.95
CA PRO A 73 3.66 -3.88 -10.05
C PRO A 73 4.59 -3.46 -11.19
N LYS A 74 4.49 -4.16 -12.31
CA LYS A 74 5.33 -3.86 -13.45
C LYS A 74 4.48 -3.17 -14.52
N VAL A 75 4.81 -1.92 -14.81
CA VAL A 75 4.11 -1.16 -15.83
C VAL A 75 4.67 -1.52 -17.20
N GLU A 76 3.96 -2.36 -17.93
CA GLU A 76 4.40 -2.77 -19.25
C GLU A 76 3.82 -1.82 -20.30
N GLY A 77 4.52 -0.73 -20.53
CA GLY A 77 4.06 0.27 -21.47
C GLY A 77 2.85 1.03 -20.95
N ASN A 78 1.66 0.59 -21.33
CA ASN A 78 0.43 1.23 -20.88
C ASN A 78 -0.33 0.29 -19.97
N GLU A 79 0.13 -0.94 -19.90
CA GLU A 79 -0.58 -1.99 -19.19
C GLU A 79 0.22 -2.47 -17.99
N ILE A 80 -0.24 -2.14 -16.81
CA ILE A 80 0.42 -2.56 -15.59
C ILE A 80 -0.04 -3.96 -15.17
N SER A 81 0.90 -4.80 -14.79
CA SER A 81 0.57 -6.15 -14.34
C SER A 81 1.45 -6.53 -13.16
N LEU A 82 0.91 -7.36 -12.28
CA LEU A 82 1.63 -7.80 -11.11
C LEU A 82 2.52 -8.99 -11.43
N TYR A 83 3.82 -8.79 -11.35
CA TYR A 83 4.77 -9.87 -11.60
C TYR A 83 5.16 -10.54 -10.30
N ARG A 84 4.98 -11.85 -10.24
CA ARG A 84 5.31 -12.59 -9.04
C ARG A 84 6.78 -12.96 -9.04
N VAL A 85 7.56 -12.22 -8.25
CA VAL A 85 8.98 -12.45 -8.14
C VAL A 85 9.26 -13.45 -7.03
N HIS A 86 9.73 -14.63 -7.41
CA HIS A 86 10.14 -15.63 -6.43
C HIS A 86 11.64 -15.87 -6.57
N SER A 87 12.24 -15.23 -7.57
CA SER A 87 13.65 -15.39 -7.86
C SER A 87 14.36 -14.04 -7.70
N PRO A 88 15.43 -14.00 -6.90
CA PRO A 88 16.16 -12.74 -6.61
C PRO A 88 16.76 -12.11 -7.86
N ALA A 89 16.96 -12.91 -8.89
CA ALA A 89 17.60 -12.44 -10.12
C ALA A 89 16.60 -11.74 -11.04
N CYS A 90 15.33 -11.74 -10.66
CA CYS A 90 14.29 -11.13 -11.48
C CYS A 90 14.17 -9.63 -11.22
N LEU A 91 15.03 -9.13 -10.35
CA LEU A 91 14.97 -7.72 -9.94
C LEU A 91 16.04 -6.90 -10.66
N GLY A 92 15.61 -5.80 -11.25
CA GLY A 92 16.53 -4.89 -11.91
C GLY A 92 16.02 -3.46 -11.89
N VAL A 93 16.90 -2.50 -12.10
CA VAL A 93 16.50 -1.10 -12.07
C VAL A 93 16.03 -0.65 -13.45
N GLY A 94 14.75 -0.89 -13.72
CA GLY A 94 14.19 -0.56 -15.02
C GLY A 94 13.13 0.51 -14.94
N ALA A 95 12.24 0.53 -15.93
CA ALA A 95 11.18 1.52 -16.01
C ALA A 95 11.76 2.93 -16.00
N PHE A 96 11.24 3.79 -15.13
CA PHE A 96 11.72 5.15 -15.02
C PHE A 96 12.72 5.29 -13.88
N GLY A 97 13.36 4.18 -13.53
CA GLY A 97 14.34 4.19 -12.47
C GLY A 97 13.81 3.61 -11.17
N ILE A 98 13.23 2.43 -11.25
CA ILE A 98 12.71 1.75 -10.07
C ILE A 98 13.19 0.30 -10.03
N MET A 99 13.08 -0.32 -8.87
CA MET A 99 13.41 -1.73 -8.74
C MET A 99 12.25 -2.57 -9.23
N GLU A 100 12.26 -2.90 -10.51
CA GLU A 100 11.16 -3.61 -11.12
C GLU A 100 11.55 -5.05 -11.47
N PRO A 101 10.56 -5.93 -11.61
CA PRO A 101 10.78 -7.27 -12.13
C PRO A 101 11.06 -7.23 -13.63
N VAL A 102 12.30 -7.47 -14.01
CA VAL A 102 12.70 -7.49 -15.41
C VAL A 102 12.26 -8.79 -16.06
N GLU A 103 12.06 -9.80 -15.23
CA GLU A 103 11.59 -11.11 -15.69
C GLU A 103 10.63 -11.68 -14.66
N GLY A 104 10.20 -12.91 -14.89
CA GLY A 104 9.30 -13.56 -13.97
C GLY A 104 8.04 -14.01 -14.66
N GLU A 105 6.90 -13.82 -14.00
CA GLU A 105 5.63 -14.18 -14.60
C GLU A 105 4.57 -13.15 -14.23
N ARG A 106 3.88 -12.63 -15.25
CA ARG A 106 2.82 -11.66 -15.04
C ARG A 106 1.56 -12.37 -14.58
N VAL A 107 1.29 -12.29 -13.28
CA VAL A 107 0.15 -12.94 -12.68
C VAL A 107 -0.97 -11.93 -12.46
N ASN A 108 -2.20 -12.40 -12.45
CA ASN A 108 -3.35 -11.55 -12.22
C ASN A 108 -3.40 -11.06 -10.78
N PRO A 109 -3.89 -9.82 -10.55
CA PRO A 109 -3.98 -9.22 -9.20
C PRO A 109 -4.89 -10.00 -8.26
N GLU A 110 -5.59 -10.97 -8.82
CA GLU A 110 -6.47 -11.85 -8.07
C GLU A 110 -5.65 -12.78 -7.16
N ASP A 111 -4.39 -13.00 -7.54
CA ASP A 111 -3.50 -13.85 -6.76
C ASP A 111 -2.99 -13.11 -5.52
N VAL A 112 -3.09 -11.79 -5.57
CA VAL A 112 -2.61 -10.95 -4.47
C VAL A 112 -3.56 -11.04 -3.27
N ASP A 113 -3.08 -11.67 -2.21
CA ASP A 113 -3.87 -11.82 -0.98
C ASP A 113 -3.61 -10.65 -0.05
N PHE A 114 -2.36 -10.20 -0.03
CA PHE A 114 -1.96 -9.08 0.81
C PHE A 114 -1.13 -8.10 -0.01
N ILE A 115 -1.50 -6.83 0.01
CA ILE A 115 -0.73 -5.81 -0.68
C ILE A 115 -0.57 -4.58 0.21
N ALA A 116 0.61 -3.99 0.18
CA ALA A 116 0.90 -2.83 1.02
C ALA A 116 1.32 -1.64 0.17
N VAL A 117 0.55 -0.56 0.24
CA VAL A 117 0.83 0.63 -0.53
C VAL A 117 1.12 1.83 0.37
N PRO A 118 2.25 2.51 0.16
CA PRO A 118 2.59 3.75 0.86
C PRO A 118 1.86 4.95 0.26
N GLY A 119 0.62 5.15 0.68
CA GLY A 119 -0.21 6.18 0.09
C GLY A 119 -0.24 7.45 0.93
N VAL A 120 -0.65 8.54 0.30
CA VAL A 120 -0.72 9.83 0.99
C VAL A 120 -2.15 10.11 1.43
N ALA A 121 -2.30 10.44 2.72
CA ALA A 121 -3.58 10.85 3.31
C ALA A 121 -4.59 9.70 3.36
N PHE A 122 -4.94 9.31 4.57
CA PHE A 122 -5.97 8.30 4.80
C PHE A 122 -6.86 8.74 5.97
N ASP A 123 -8.00 8.07 6.12
CA ASP A 123 -8.92 8.42 7.20
C ASP A 123 -9.49 7.18 7.87
N LEU A 124 -10.57 7.36 8.63
CA LEU A 124 -11.16 6.27 9.41
C LEU A 124 -12.18 5.49 8.59
N GLU A 125 -12.48 5.93 7.38
CA GLU A 125 -13.47 5.25 6.55
C GLU A 125 -12.78 4.45 5.46
N GLY A 126 -11.64 4.95 4.99
CA GLY A 126 -10.82 4.20 4.07
C GLY A 126 -10.57 4.90 2.76
N TYR A 127 -10.77 6.22 2.73
CA TYR A 127 -10.54 6.98 1.50
C TYR A 127 -9.05 7.05 1.20
N ARG A 128 -8.72 7.01 -0.07
CA ARG A 128 -7.33 6.96 -0.49
C ARG A 128 -6.99 8.14 -1.41
N LEU A 129 -6.27 9.12 -0.88
CA LEU A 129 -5.86 10.26 -1.68
C LEU A 129 -4.69 9.85 -2.59
N GLY A 130 -3.79 9.06 -2.03
CA GLY A 130 -2.74 8.42 -2.82
C GLY A 130 -1.84 9.38 -3.55
N PHE A 131 -1.68 9.14 -4.85
CA PHE A 131 -0.80 9.95 -5.69
C PHE A 131 -1.13 9.70 -7.16
N GLY A 132 -1.11 10.75 -7.96
CA GLY A 132 -1.36 10.61 -9.38
C GLY A 132 -2.78 10.99 -9.76
N LYS A 133 -3.02 11.08 -11.06
CA LYS A 133 -4.35 11.41 -11.57
C LYS A 133 -5.27 10.20 -11.47
N GLY A 134 -4.70 9.02 -11.66
CA GLY A 134 -5.48 7.80 -11.64
C GLY A 134 -4.72 6.66 -12.29
N TYR A 135 -5.19 6.23 -13.45
CA TYR A 135 -4.59 5.14 -14.22
C TYR A 135 -4.72 3.80 -13.48
N TYR A 136 -3.96 3.65 -12.40
CA TYR A 136 -3.84 2.37 -11.72
C TYR A 136 -4.83 2.28 -10.56
N ASP A 137 -5.65 3.31 -10.41
CA ASP A 137 -6.69 3.31 -9.39
C ASP A 137 -7.74 2.26 -9.73
N ARG A 138 -7.88 1.98 -11.01
CA ARG A 138 -8.78 0.94 -11.48
C ARG A 138 -8.17 -0.45 -11.24
N LEU A 139 -6.84 -0.50 -11.22
CA LEU A 139 -6.12 -1.73 -10.91
C LEU A 139 -6.39 -2.14 -9.47
N LEU A 140 -6.51 -1.14 -8.60
CA LEU A 140 -6.80 -1.38 -7.19
C LEU A 140 -8.14 -2.09 -7.03
N LYS A 141 -9.07 -1.86 -7.94
CA LYS A 141 -10.37 -2.52 -7.92
C LYS A 141 -10.22 -3.99 -8.33
N ARG A 142 -9.19 -4.27 -9.13
CA ARG A 142 -8.92 -5.63 -9.58
C ARG A 142 -8.24 -6.42 -8.49
N VAL A 143 -7.58 -5.73 -7.58
CA VAL A 143 -6.95 -6.36 -6.43
C VAL A 143 -8.02 -6.72 -5.39
N LYS A 144 -8.47 -7.97 -5.43
CA LYS A 144 -9.53 -8.43 -4.56
C LYS A 144 -8.97 -9.00 -3.26
N GLY A 145 -7.71 -8.68 -2.99
CA GLY A 145 -7.10 -9.08 -1.75
C GLY A 145 -7.19 -8.01 -0.70
N LEU A 146 -6.38 -8.11 0.34
CA LEU A 146 -6.35 -7.11 1.39
C LEU A 146 -5.49 -5.92 0.98
N LYS A 147 -6.15 -4.87 0.52
CA LYS A 147 -5.45 -3.66 0.14
C LYS A 147 -5.09 -2.85 1.38
N VAL A 148 -3.83 -2.93 1.78
CA VAL A 148 -3.36 -2.29 2.99
C VAL A 148 -2.70 -0.95 2.71
N GLY A 149 -3.20 0.09 3.35
CA GLY A 149 -2.58 1.39 3.26
C GLY A 149 -1.61 1.61 4.39
N VAL A 150 -0.35 1.87 4.06
CA VAL A 150 0.67 2.09 5.05
C VAL A 150 0.97 3.58 5.18
N ALA A 151 0.62 4.16 6.31
CA ALA A 151 0.78 5.60 6.49
C ALA A 151 1.14 5.96 7.93
N TYR A 152 1.86 7.06 8.09
CA TYR A 152 2.11 7.63 9.39
C TYR A 152 0.81 8.20 9.95
N SER A 153 0.68 8.24 11.27
CA SER A 153 -0.51 8.80 11.92
C SER A 153 -0.68 10.28 11.55
N PHE A 154 0.42 10.94 11.18
CA PHE A 154 0.37 12.32 10.71
C PHE A 154 -0.40 12.43 9.40
N GLN A 155 -0.41 11.33 8.65
CA GLN A 155 -1.03 11.31 7.33
C GLN A 155 -2.44 10.71 7.40
N VAL A 156 -2.88 10.39 8.60
CA VAL A 156 -4.20 9.84 8.81
C VAL A 156 -5.06 10.82 9.62
N PHE A 157 -6.21 11.17 9.06
CA PHE A 157 -7.08 12.15 9.69
C PHE A 157 -8.40 11.52 10.08
N GLU A 158 -9.36 12.35 10.47
CA GLU A 158 -10.70 11.87 10.81
C GLU A 158 -11.36 11.27 9.56
N ARG A 159 -11.59 12.11 8.57
CA ARG A 159 -12.07 11.64 7.28
C ARG A 159 -11.71 12.63 6.19
N LEU A 160 -11.33 12.12 5.03
CA LEU A 160 -10.89 12.95 3.92
C LEU A 160 -12.09 13.53 3.18
N PRO A 161 -11.88 14.63 2.44
CA PRO A 161 -12.92 15.20 1.58
C PRO A 161 -13.32 14.24 0.47
N ARG A 162 -14.51 13.67 0.60
CA ARG A 162 -14.99 12.67 -0.35
C ARG A 162 -15.37 13.32 -1.66
N ASP A 163 -14.73 12.88 -2.73
CA ASP A 163 -15.02 13.40 -4.06
C ASP A 163 -16.39 12.91 -4.52
N ALA A 164 -16.48 11.62 -4.77
CA ALA A 164 -17.73 10.99 -5.14
C ALA A 164 -17.64 9.48 -4.95
N TRP A 165 -17.03 8.80 -5.91
CA TRP A 165 -16.95 7.34 -5.87
C TRP A 165 -15.49 6.90 -5.80
N ASP A 166 -14.88 7.09 -4.64
CA ASP A 166 -13.50 6.68 -4.46
C ASP A 166 -13.44 5.24 -3.96
N ILE A 167 -12.41 4.50 -4.37
CA ILE A 167 -12.26 3.11 -4.00
C ILE A 167 -11.45 2.98 -2.71
N PRO A 168 -12.12 2.63 -1.60
CA PRO A 168 -11.49 2.50 -0.29
C PRO A 168 -10.62 1.26 -0.19
N VAL A 169 -9.66 1.29 0.74
CA VAL A 169 -8.79 0.15 0.96
C VAL A 169 -9.43 -0.83 1.96
N ASP A 170 -8.76 -1.95 2.19
CA ASP A 170 -9.31 -3.00 3.07
C ASP A 170 -8.79 -2.84 4.49
N VAL A 171 -7.50 -2.60 4.62
CA VAL A 171 -6.87 -2.46 5.92
C VAL A 171 -5.97 -1.22 5.93
N LEU A 172 -6.07 -0.44 6.99
CA LEU A 172 -5.23 0.73 7.13
C LEU A 172 -4.31 0.56 8.33
N VAL A 173 -3.02 0.46 8.06
CA VAL A 173 -2.04 0.29 9.13
C VAL A 173 -1.38 1.61 9.46
N THR A 174 -1.57 2.05 10.69
CA THR A 174 -0.94 3.26 11.17
C THR A 174 0.03 2.89 12.29
N GLU A 175 0.86 3.83 12.72
CA GLU A 175 1.87 3.53 13.71
C GLU A 175 1.28 3.63 15.10
N LYS A 176 0.35 2.73 15.39
CA LYS A 176 -0.20 2.53 16.74
C LYS A 176 -1.26 1.44 16.73
N ASN A 177 -2.06 1.40 15.68
CA ASN A 177 -3.16 0.44 15.62
C ASN A 177 -3.37 -0.07 14.20
N VAL A 178 -3.98 -1.23 14.10
CA VAL A 178 -4.31 -1.83 12.81
C VAL A 178 -5.79 -1.64 12.54
N ARG A 179 -6.09 -0.73 11.62
CA ARG A 179 -7.45 -0.34 11.37
C ARG A 179 -8.05 -1.16 10.23
N ARG A 180 -8.75 -2.23 10.58
CA ARG A 180 -9.43 -3.05 9.59
C ARG A 180 -10.72 -2.36 9.17
N LEU A 181 -10.86 -2.12 7.88
CA LEU A 181 -11.98 -1.35 7.36
C LEU A 181 -13.12 -2.27 6.93
N ARG A 182 -13.20 -3.43 7.58
CA ARG A 182 -14.31 -4.36 7.39
C ARG A 182 -15.64 -3.64 7.56
N ASP A 183 -15.82 -3.01 8.74
CA ASP A 183 -17.01 -2.22 9.03
C ASP A 183 -18.27 -3.09 9.05
N GLY A 184 -18.82 -3.39 7.87
CA GLY A 184 -19.98 -4.26 7.78
C GLY A 184 -21.29 -3.51 7.95
N ARG A 185 -21.21 -2.19 8.05
CA ARG A 185 -22.38 -1.36 8.30
C ARG A 185 -22.88 -0.76 6.99
N SER A 186 -22.40 -1.28 5.87
CA SER A 186 -22.85 -0.84 4.56
C SER A 186 -24.36 -1.07 4.42
N LEU A 187 -24.85 -2.10 5.09
CA LEU A 187 -26.28 -2.42 5.08
C LEU A 187 -26.77 -2.65 6.51
N GLU A 188 -26.10 -2.05 7.47
CA GLU A 188 -26.42 -2.21 8.88
C GLU A 188 -26.24 -0.88 9.61
N HIS A 189 -26.88 -0.71 10.75
CA HIS A 189 -26.87 0.58 11.41
C HIS A 189 -26.68 0.46 12.92
N HIS A 190 -26.37 -0.73 13.41
CA HIS A 190 -26.09 -0.93 14.83
C HIS A 190 -24.70 -0.42 15.17
N HIS A 191 -24.61 0.46 16.15
CA HIS A 191 -23.32 0.98 16.59
C HIS A 191 -22.89 0.32 17.90
N HIS A 192 -23.87 -0.30 18.58
CA HIS A 192 -23.61 -1.06 19.81
C HIS A 192 -23.04 -0.17 20.90
N HIS A 193 -22.39 -0.77 21.88
CA HIS A 193 -21.70 -0.01 22.93
C HIS A 193 -20.46 -0.77 23.36
N HIS A 194 -19.47 -0.05 23.87
CA HIS A 194 -18.24 -0.68 24.33
C HIS A 194 -18.36 -0.99 25.82
N MET A 1 -13.04 21.77 0.83
CA MET A 1 -13.32 21.08 -0.45
C MET A 1 -12.11 21.11 -1.38
N LEU A 2 -11.00 21.65 -0.90
CA LEU A 2 -9.78 21.70 -1.70
C LEU A 2 -9.00 20.40 -1.53
N LYS A 3 -9.47 19.36 -2.20
CA LYS A 3 -8.88 18.03 -2.09
C LYS A 3 -7.49 17.95 -2.69
N SER A 4 -7.22 18.79 -3.69
CA SER A 4 -5.91 18.79 -4.32
C SER A 4 -4.91 19.54 -3.46
N GLU A 5 -5.37 20.60 -2.80
CA GLU A 5 -4.55 21.37 -1.88
C GLU A 5 -4.26 20.56 -0.62
N LEU A 6 -5.28 19.85 -0.14
CA LEU A 6 -5.13 18.98 1.01
C LEU A 6 -4.05 17.92 0.74
N ARG A 7 -4.14 17.28 -0.41
CA ARG A 7 -3.15 16.31 -0.85
C ARG A 7 -1.76 16.94 -0.88
N LYS A 8 -1.68 18.15 -1.42
CA LYS A 8 -0.43 18.89 -1.53
C LYS A 8 0.20 19.16 -0.16
N LYS A 9 -0.61 19.63 0.79
CA LYS A 9 -0.10 19.96 2.12
C LYS A 9 0.53 18.74 2.79
N VAL A 10 -0.13 17.60 2.68
CA VAL A 10 0.36 16.37 3.25
C VAL A 10 1.63 15.90 2.52
N LEU A 11 1.57 15.93 1.20
CA LEU A 11 2.68 15.51 0.36
C LEU A 11 3.94 16.30 0.68
N HIS A 12 3.77 17.59 0.90
CA HIS A 12 4.89 18.50 1.15
C HIS A 12 5.66 18.07 2.40
N LYS A 13 4.95 17.81 3.49
CA LYS A 13 5.60 17.45 4.74
C LYS A 13 6.04 15.98 4.74
N ARG A 14 5.31 15.15 4.02
CA ARG A 14 5.58 13.73 3.98
C ARG A 14 7.00 13.44 3.52
N ILE A 15 7.41 14.10 2.45
CA ILE A 15 8.73 13.87 1.88
C ILE A 15 9.77 14.81 2.47
N ASN A 16 9.36 15.63 3.43
CA ASN A 16 10.26 16.59 4.05
C ASN A 16 10.73 16.08 5.41
N LEU A 17 10.29 14.88 5.77
CA LEU A 17 10.75 14.25 7.01
C LEU A 17 12.23 13.91 6.89
N SER A 18 12.97 14.14 7.95
CA SER A 18 14.40 13.87 7.96
C SER A 18 14.65 12.36 7.98
N GLU A 19 15.82 11.96 7.50
CA GLU A 19 16.16 10.55 7.32
C GLU A 19 15.95 9.76 8.60
N GLU A 20 16.65 10.16 9.66
CA GLU A 20 16.64 9.44 10.93
C GLU A 20 15.24 9.34 11.50
N GLU A 21 14.53 10.46 11.55
CA GLU A 21 13.20 10.52 12.13
C GLU A 21 12.23 9.64 11.33
N ARG A 22 12.31 9.73 10.01
CA ARG A 22 11.44 8.97 9.12
C ARG A 22 11.66 7.48 9.33
N ARG A 23 12.93 7.08 9.36
CA ARG A 23 13.29 5.68 9.51
C ARG A 23 12.95 5.16 10.91
N ARG A 24 13.09 6.02 11.91
CA ARG A 24 12.78 5.66 13.29
C ARG A 24 11.28 5.37 13.46
N LEU A 25 10.46 6.06 12.68
CA LEU A 25 9.03 5.80 12.67
C LEU A 25 8.72 4.60 11.78
N SER A 26 9.39 4.54 10.64
CA SER A 26 9.19 3.48 9.65
C SER A 26 9.52 2.12 10.24
N GLU A 27 10.54 2.06 11.09
CA GLU A 27 10.98 0.82 11.72
C GLU A 27 9.82 0.21 12.51
N LYS A 28 9.08 1.03 13.22
CA LYS A 28 7.95 0.56 13.99
C LYS A 28 6.81 0.12 13.08
N VAL A 29 6.64 0.80 11.96
CA VAL A 29 5.62 0.41 10.99
C VAL A 29 5.94 -0.94 10.37
N ILE A 30 7.21 -1.14 10.03
CA ILE A 30 7.68 -2.42 9.50
C ILE A 30 7.49 -3.52 10.54
N SER A 31 7.85 -3.22 11.78
CA SER A 31 7.71 -4.17 12.87
C SER A 31 6.23 -4.49 13.13
N ASN A 32 5.38 -3.50 12.90
CA ASN A 32 3.94 -3.67 13.04
C ASN A 32 3.44 -4.69 12.01
N LEU A 33 3.76 -4.43 10.75
CA LEU A 33 3.36 -5.32 9.66
C LEU A 33 4.00 -6.70 9.83
N LYS A 34 5.19 -6.73 10.39
CA LYS A 34 5.90 -7.97 10.63
C LYS A 34 5.19 -8.81 11.70
N SER A 35 4.55 -8.12 12.63
CA SER A 35 3.85 -8.78 13.72
C SER A 35 2.42 -9.14 13.32
N LEU A 36 1.96 -8.55 12.21
CA LEU A 36 0.64 -8.84 11.67
C LEU A 36 0.57 -10.30 11.23
N PRO A 37 -0.26 -11.10 11.91
CA PRO A 37 -0.33 -12.55 11.70
C PRO A 37 -0.71 -12.91 10.27
N GLU A 38 -1.75 -12.29 9.75
CA GLU A 38 -2.23 -12.58 8.41
C GLU A 38 -1.19 -12.22 7.34
N PHE A 39 -0.24 -11.37 7.71
CA PHE A 39 0.86 -11.03 6.82
C PHE A 39 1.84 -12.18 6.74
N LYS A 40 2.19 -12.72 7.91
CA LYS A 40 3.16 -13.81 7.97
C LYS A 40 2.54 -15.12 7.47
N LYS A 41 1.24 -15.27 7.65
CA LYS A 41 0.52 -16.47 7.21
C LYS A 41 0.48 -16.55 5.69
N SER A 42 0.32 -15.42 5.04
CA SER A 42 0.18 -15.39 3.59
C SER A 42 1.54 -15.44 2.91
N LYS A 43 1.59 -16.06 1.74
CA LYS A 43 2.80 -16.14 0.95
C LYS A 43 2.78 -15.10 -0.16
N LYS A 44 1.61 -14.90 -0.74
CA LYS A 44 1.49 -14.06 -1.91
C LYS A 44 1.25 -12.61 -1.52
N VAL A 45 2.33 -11.84 -1.49
CA VAL A 45 2.27 -10.47 -1.04
C VAL A 45 2.75 -9.52 -2.12
N ALA A 46 1.88 -8.58 -2.48
CA ALA A 46 2.21 -7.56 -3.45
C ALA A 46 2.59 -6.26 -2.75
N LEU A 47 3.77 -5.76 -3.05
CA LEU A 47 4.23 -4.53 -2.42
C LEU A 47 4.16 -3.37 -3.40
N TYR A 48 3.42 -2.34 -3.00
CA TYR A 48 3.33 -1.12 -3.78
C TYR A 48 4.53 -0.24 -3.44
N CYS A 49 5.55 -0.29 -4.30
CA CYS A 49 6.83 0.36 -4.04
C CYS A 49 6.67 1.84 -3.67
N PRO A 50 7.04 2.20 -2.43
CA PRO A 50 7.06 3.58 -1.98
C PRO A 50 8.16 4.37 -2.67
N ILE A 51 7.81 5.54 -3.19
CA ILE A 51 8.75 6.33 -3.98
C ILE A 51 9.02 7.70 -3.37
N LYS A 52 8.26 8.05 -2.35
CA LYS A 52 8.42 9.32 -1.65
C LYS A 52 8.11 9.15 -0.17
N GLY A 53 9.00 8.45 0.54
CA GLY A 53 8.76 8.13 1.93
C GLY A 53 7.84 6.93 2.04
N GLU A 54 6.65 7.15 2.58
CA GLU A 54 5.57 6.15 2.56
C GLU A 54 5.96 4.87 3.28
N VAL A 55 6.89 4.99 4.23
CA VAL A 55 7.43 3.85 4.97
C VAL A 55 8.29 2.99 4.05
N ASP A 56 9.60 3.07 4.25
CA ASP A 56 10.55 2.35 3.42
C ASP A 56 10.45 0.84 3.66
N LEU A 57 9.70 0.18 2.80
CA LEU A 57 9.53 -1.27 2.90
C LEU A 57 10.64 -1.99 2.12
N THR A 58 11.62 -1.23 1.69
CA THR A 58 12.74 -1.77 0.94
C THR A 58 13.57 -2.79 1.75
N PRO A 59 13.94 -2.49 3.02
CA PRO A 59 14.71 -3.43 3.85
C PRO A 59 13.87 -4.64 4.29
N LEU A 60 12.61 -4.68 3.88
CA LEU A 60 11.73 -5.78 4.24
C LEU A 60 11.84 -6.93 3.23
N PHE A 61 12.40 -6.62 2.06
CA PHE A 61 12.55 -7.62 1.00
C PHE A 61 13.35 -8.86 1.46
N PRO A 62 14.52 -8.69 2.14
CA PRO A 62 15.30 -9.82 2.67
C PRO A 62 14.45 -10.81 3.48
N GLU A 63 13.41 -10.30 4.13
CA GLU A 63 12.51 -11.15 4.90
C GLU A 63 11.49 -11.82 3.99
N VAL A 64 10.88 -11.03 3.12
CA VAL A 64 9.84 -11.53 2.23
C VAL A 64 10.38 -12.60 1.28
N LEU A 65 11.60 -12.40 0.79
CA LEU A 65 12.20 -13.31 -0.18
C LEU A 65 12.42 -14.71 0.40
N LYS A 66 12.34 -14.83 1.72
CA LYS A 66 12.52 -16.13 2.36
C LYS A 66 11.20 -16.89 2.47
N GLU A 67 10.17 -16.21 2.94
CA GLU A 67 8.91 -16.87 3.27
C GLU A 67 7.92 -16.82 2.10
N LYS A 68 7.91 -15.69 1.41
CA LYS A 68 6.80 -15.34 0.56
C LYS A 68 7.20 -15.17 -0.90
N GLU A 69 6.19 -15.10 -1.76
CA GLU A 69 6.38 -14.76 -3.16
C GLU A 69 6.19 -13.26 -3.32
N LEU A 70 7.20 -12.59 -3.81
CA LEU A 70 7.19 -11.15 -3.96
C LEU A 70 6.51 -10.75 -5.26
N ILE A 71 5.35 -10.12 -5.15
CA ILE A 71 4.61 -9.66 -6.31
C ILE A 71 4.87 -8.18 -6.53
N LEU A 72 5.49 -7.86 -7.66
CA LEU A 72 5.85 -6.49 -7.98
C LEU A 72 5.21 -6.05 -9.29
N PRO A 73 4.65 -4.84 -9.32
CA PRO A 73 4.05 -4.28 -10.53
C PRO A 73 5.12 -3.87 -11.55
N LYS A 74 4.92 -4.26 -12.80
CA LYS A 74 5.82 -3.90 -13.87
C LYS A 74 5.16 -2.83 -14.74
N VAL A 75 5.87 -1.74 -14.96
CA VAL A 75 5.34 -0.63 -15.73
C VAL A 75 5.45 -0.90 -17.22
N GLU A 76 4.33 -1.25 -17.83
CA GLU A 76 4.27 -1.45 -19.26
C GLU A 76 3.78 -0.17 -19.94
N GLY A 77 3.78 0.90 -19.16
CA GLY A 77 3.25 2.17 -19.61
C GLY A 77 2.05 2.56 -18.77
N ASN A 78 0.87 2.42 -19.34
CA ASN A 78 -0.37 2.61 -18.59
C ASN A 78 -0.88 1.27 -18.09
N GLU A 79 -0.35 0.20 -18.67
CA GLU A 79 -0.70 -1.14 -18.25
C GLU A 79 0.22 -1.61 -17.14
N ILE A 80 -0.32 -2.35 -16.20
CA ILE A 80 0.45 -2.86 -15.08
C ILE A 80 0.55 -4.38 -15.15
N SER A 81 1.74 -4.88 -15.41
CA SER A 81 1.96 -6.31 -15.48
C SER A 81 2.46 -6.82 -14.13
N LEU A 82 1.61 -7.55 -13.42
CA LEU A 82 1.98 -8.08 -12.11
C LEU A 82 2.91 -9.28 -12.25
N TYR A 83 4.19 -9.06 -11.99
CA TYR A 83 5.18 -10.12 -12.02
C TYR A 83 5.49 -10.58 -10.61
N ARG A 84 5.66 -11.88 -10.42
CA ARG A 84 6.03 -12.39 -9.12
C ARG A 84 7.38 -13.08 -9.19
N VAL A 85 8.07 -13.05 -8.07
CA VAL A 85 9.42 -13.59 -7.96
C VAL A 85 9.65 -14.10 -6.54
N HIS A 86 10.81 -14.69 -6.31
CA HIS A 86 11.20 -15.13 -4.97
C HIS A 86 12.66 -14.81 -4.72
N SER A 87 13.24 -14.03 -5.63
CA SER A 87 14.64 -13.66 -5.56
C SER A 87 14.89 -12.45 -6.45
N PRO A 88 15.88 -11.60 -6.10
CA PRO A 88 16.26 -10.44 -6.90
C PRO A 88 17.07 -10.84 -8.13
N ALA A 89 16.56 -11.82 -8.87
CA ALA A 89 17.26 -12.39 -10.01
C ALA A 89 17.48 -11.34 -11.11
N CYS A 90 16.41 -10.97 -11.80
CA CYS A 90 16.52 -9.98 -12.87
C CYS A 90 15.57 -8.81 -12.62
N LEU A 91 16.10 -7.77 -12.00
CA LEU A 91 15.35 -6.55 -11.75
C LEU A 91 16.07 -5.37 -12.36
N GLY A 92 15.39 -4.67 -13.26
CA GLY A 92 15.99 -3.53 -13.91
C GLY A 92 15.48 -2.23 -13.34
N VAL A 93 15.82 -1.12 -13.97
CA VAL A 93 15.35 0.19 -13.52
C VAL A 93 14.92 1.02 -14.72
N GLY A 94 13.64 1.36 -14.77
CA GLY A 94 13.12 2.09 -15.92
C GLY A 94 12.35 3.34 -15.52
N ALA A 95 11.29 3.16 -14.75
CA ALA A 95 10.43 4.27 -14.36
C ALA A 95 10.61 4.63 -12.90
N PHE A 96 10.64 5.94 -12.63
CA PHE A 96 10.71 6.47 -11.25
C PHE A 96 12.03 6.12 -10.58
N GLY A 97 12.98 5.61 -11.35
CA GLY A 97 14.27 5.21 -10.81
C GLY A 97 14.17 4.03 -9.88
N ILE A 98 13.05 3.31 -9.93
CA ILE A 98 12.84 2.16 -9.07
C ILE A 98 12.99 0.85 -9.84
N MET A 99 12.98 -0.25 -9.11
CA MET A 99 13.18 -1.57 -9.69
C MET A 99 11.97 -2.02 -10.49
N GLU A 100 12.22 -2.48 -11.71
CA GLU A 100 11.18 -3.01 -12.57
C GLU A 100 11.46 -4.49 -12.84
N PRO A 101 10.51 -5.37 -12.49
CA PRO A 101 10.67 -6.82 -12.72
C PRO A 101 10.77 -7.16 -14.20
N VAL A 102 11.90 -7.74 -14.59
CA VAL A 102 12.14 -8.09 -15.98
C VAL A 102 11.71 -9.53 -16.26
N GLU A 103 12.27 -10.47 -15.50
CA GLU A 103 11.96 -11.88 -15.69
C GLU A 103 11.03 -12.37 -14.59
N GLY A 104 10.28 -13.41 -14.90
CA GLY A 104 9.34 -13.96 -13.95
C GLY A 104 7.97 -14.17 -14.57
N GLU A 105 7.15 -14.98 -13.93
CA GLU A 105 5.80 -15.21 -14.41
C GLU A 105 4.88 -14.10 -13.96
N ARG A 106 4.04 -13.63 -14.89
CA ARG A 106 3.04 -12.64 -14.54
C ARG A 106 1.78 -13.35 -14.05
N VAL A 107 1.09 -12.76 -13.09
CA VAL A 107 -0.14 -13.33 -12.59
C VAL A 107 -1.20 -12.25 -12.48
N ASN A 108 -2.46 -12.63 -12.58
CA ASN A 108 -3.56 -11.68 -12.47
C ASN A 108 -3.88 -11.41 -11.00
N PRO A 109 -4.59 -10.30 -10.70
CA PRO A 109 -4.95 -9.92 -9.32
C PRO A 109 -5.67 -11.02 -8.56
N GLU A 110 -6.14 -12.02 -9.27
CA GLU A 110 -6.77 -13.21 -8.69
C GLU A 110 -5.86 -13.86 -7.64
N ASP A 111 -4.56 -13.83 -7.93
CA ASP A 111 -3.57 -14.51 -7.10
C ASP A 111 -3.20 -13.65 -5.90
N VAL A 112 -3.39 -12.35 -6.03
CA VAL A 112 -3.00 -11.41 -4.98
C VAL A 112 -3.87 -11.59 -3.73
N ASP A 113 -3.27 -12.16 -2.70
CA ASP A 113 -3.96 -12.38 -1.43
C ASP A 113 -3.72 -11.22 -0.48
N PHE A 114 -2.45 -10.85 -0.33
CA PHE A 114 -2.08 -9.75 0.55
C PHE A 114 -1.40 -8.66 -0.27
N ILE A 115 -1.85 -7.42 -0.11
CA ILE A 115 -1.24 -6.31 -0.80
C ILE A 115 -1.12 -5.10 0.12
N ALA A 116 0.00 -4.40 0.04
CA ALA A 116 0.24 -3.24 0.87
C ALA A 116 0.50 -2.03 0.00
N VAL A 117 -0.37 -1.04 0.08
CA VAL A 117 -0.25 0.15 -0.74
C VAL A 117 -0.23 1.41 0.11
N PRO A 118 0.78 2.27 -0.08
CA PRO A 118 0.84 3.59 0.53
C PRO A 118 0.04 4.61 -0.28
N GLY A 119 0.26 5.88 -0.02
CA GLY A 119 -0.44 6.92 -0.74
C GLY A 119 -0.39 8.24 -0.02
N VAL A 120 -0.92 9.28 -0.64
CA VAL A 120 -0.93 10.59 -0.03
C VAL A 120 -2.31 10.87 0.56
N ALA A 121 -2.32 11.14 1.87
CA ALA A 121 -3.52 11.52 2.61
C ALA A 121 -4.49 10.35 2.80
N PHE A 122 -4.86 10.13 4.07
CA PHE A 122 -5.89 9.17 4.43
C PHE A 122 -6.77 9.78 5.51
N ASP A 123 -7.89 9.15 5.81
CA ASP A 123 -8.79 9.68 6.83
C ASP A 123 -9.11 8.62 7.88
N LEU A 124 -10.14 8.87 8.67
CA LEU A 124 -10.48 8.00 9.80
C LEU A 124 -10.86 6.59 9.36
N GLU A 125 -11.10 6.42 8.08
CA GLU A 125 -11.33 5.10 7.53
C GLU A 125 -10.15 4.72 6.66
N GLY A 126 -9.93 5.47 5.60
CA GLY A 126 -8.82 5.20 4.71
C GLY A 126 -9.24 5.09 3.27
N TYR A 127 -9.75 6.19 2.72
CA TYR A 127 -10.04 6.25 1.30
C TYR A 127 -8.75 6.61 0.56
N ARG A 128 -8.48 5.90 -0.51
CA ARG A 128 -7.19 6.01 -1.18
C ARG A 128 -7.21 7.15 -2.20
N LEU A 129 -6.97 8.38 -1.70
CA LEU A 129 -6.85 9.54 -2.57
C LEU A 129 -5.70 9.34 -3.55
N GLY A 130 -4.52 9.09 -3.01
CA GLY A 130 -3.40 8.70 -3.84
C GLY A 130 -2.65 9.87 -4.45
N PHE A 131 -2.84 10.08 -5.74
CA PHE A 131 -2.08 11.08 -6.47
C PHE A 131 -2.94 11.83 -7.46
N GLY A 132 -3.44 11.13 -8.47
CA GLY A 132 -4.21 11.77 -9.52
C GLY A 132 -5.38 10.93 -9.98
N LYS A 133 -6.19 11.50 -10.86
CA LYS A 133 -7.41 10.85 -11.32
C LYS A 133 -7.20 10.07 -12.60
N GLY A 134 -7.27 8.74 -12.52
CA GLY A 134 -7.19 7.90 -13.70
C GLY A 134 -5.76 7.61 -14.12
N TYR A 135 -5.11 6.71 -13.39
CA TYR A 135 -3.74 6.30 -13.71
C TYR A 135 -3.55 4.82 -13.39
N TYR A 136 -3.12 4.53 -12.17
CA TYR A 136 -2.86 3.16 -11.74
C TYR A 136 -4.02 2.62 -10.91
N ASP A 137 -5.09 3.42 -10.84
CA ASP A 137 -6.29 3.02 -10.16
C ASP A 137 -7.00 1.92 -10.95
N ARG A 138 -6.60 1.81 -12.23
CA ARG A 138 -7.10 0.74 -13.09
C ARG A 138 -6.87 -0.62 -12.45
N LEU A 139 -5.75 -0.72 -11.73
CA LEU A 139 -5.44 -1.94 -10.99
C LEU A 139 -6.07 -1.89 -9.60
N LEU A 140 -5.83 -0.78 -8.90
CA LEU A 140 -6.28 -0.64 -7.51
C LEU A 140 -7.80 -0.80 -7.37
N LYS A 141 -8.53 -0.50 -8.43
CA LYS A 141 -9.98 -0.56 -8.42
C LYS A 141 -10.47 -2.02 -8.42
N ARG A 142 -9.69 -2.92 -8.98
CA ARG A 142 -10.13 -4.30 -9.14
C ARG A 142 -9.35 -5.26 -8.24
N VAL A 143 -8.37 -4.74 -7.50
CA VAL A 143 -7.65 -5.55 -6.52
C VAL A 143 -8.58 -5.87 -5.35
N LYS A 144 -9.09 -7.09 -5.33
CA LYS A 144 -10.07 -7.49 -4.32
C LYS A 144 -9.37 -8.23 -3.17
N GLY A 145 -8.05 -8.20 -3.17
CA GLY A 145 -7.28 -8.82 -2.11
C GLY A 145 -7.30 -7.98 -0.85
N LEU A 146 -6.58 -8.41 0.18
CA LEU A 146 -6.52 -7.69 1.44
C LEU A 146 -5.77 -6.38 1.25
N LYS A 147 -6.52 -5.28 1.13
CA LYS A 147 -5.95 -3.96 0.92
C LYS A 147 -5.37 -3.41 2.23
N VAL A 148 -4.07 -3.51 2.39
CA VAL A 148 -3.40 -2.94 3.54
C VAL A 148 -2.85 -1.57 3.20
N GLY A 149 -3.39 -0.55 3.84
CA GLY A 149 -2.94 0.81 3.60
C GLY A 149 -1.86 1.23 4.57
N VAL A 150 -0.73 1.64 4.05
CA VAL A 150 0.39 2.06 4.87
C VAL A 150 0.42 3.58 4.98
N ALA A 151 0.25 4.10 6.19
CA ALA A 151 0.19 5.54 6.39
C ALA A 151 0.77 5.94 7.74
N TYR A 152 1.11 7.22 7.87
CA TYR A 152 1.56 7.77 9.13
C TYR A 152 0.38 8.45 9.83
N SER A 153 0.46 8.59 11.15
CA SER A 153 -0.61 9.21 11.91
C SER A 153 -0.82 10.67 11.51
N PHE A 154 0.25 11.35 11.10
CA PHE A 154 0.13 12.75 10.67
C PHE A 154 -0.44 12.84 9.26
N GLN A 155 -0.59 11.68 8.63
CA GLN A 155 -1.15 11.62 7.28
C GLN A 155 -2.61 11.20 7.34
N VAL A 156 -3.08 10.87 8.54
CA VAL A 156 -4.45 10.46 8.75
C VAL A 156 -5.26 11.62 9.32
N PHE A 157 -6.23 12.08 8.55
CA PHE A 157 -7.07 13.20 8.94
C PHE A 157 -8.51 12.75 9.15
N GLU A 158 -9.41 13.71 9.25
CA GLU A 158 -10.82 13.44 9.54
C GLU A 158 -11.52 12.73 8.37
N ARG A 159 -11.68 13.44 7.27
CA ARG A 159 -12.44 12.94 6.13
C ARG A 159 -11.84 13.43 4.82
N LEU A 160 -11.65 12.53 3.87
CA LEU A 160 -11.17 12.90 2.54
C LEU A 160 -12.32 13.08 1.57
N PRO A 161 -12.26 14.11 0.72
CA PRO A 161 -13.24 14.32 -0.34
C PRO A 161 -13.00 13.37 -1.51
N ARG A 162 -13.81 12.33 -1.57
CA ARG A 162 -13.68 11.30 -2.60
C ARG A 162 -14.80 11.40 -3.63
N ASP A 163 -14.49 11.04 -4.86
CA ASP A 163 -15.44 11.12 -5.96
C ASP A 163 -15.77 9.72 -6.49
N ALA A 164 -15.78 9.57 -7.81
CA ALA A 164 -15.98 8.27 -8.43
C ALA A 164 -14.86 7.32 -8.04
N TRP A 165 -13.73 7.89 -7.67
CA TRP A 165 -12.59 7.14 -7.18
C TRP A 165 -12.73 6.95 -5.68
N ASP A 166 -13.73 6.17 -5.32
CA ASP A 166 -13.97 5.77 -3.93
C ASP A 166 -12.76 5.03 -3.37
N ILE A 167 -12.60 3.78 -3.82
CA ILE A 167 -11.42 2.95 -3.51
C ILE A 167 -10.95 3.07 -2.06
N PRO A 168 -11.61 2.36 -1.14
CA PRO A 168 -11.19 2.32 0.26
C PRO A 168 -10.18 1.21 0.51
N VAL A 169 -9.52 1.26 1.66
CA VAL A 169 -8.63 0.18 2.07
C VAL A 169 -9.41 -0.85 2.88
N ASP A 170 -8.76 -1.92 3.28
CA ASP A 170 -9.40 -2.98 4.05
C ASP A 170 -8.85 -2.98 5.47
N VAL A 171 -7.53 -2.84 5.57
CA VAL A 171 -6.86 -2.69 6.85
C VAL A 171 -5.89 -1.51 6.77
N LEU A 172 -6.07 -0.54 7.66
CA LEU A 172 -5.23 0.65 7.66
C LEU A 172 -4.18 0.56 8.76
N VAL A 173 -2.93 0.38 8.36
CA VAL A 173 -1.85 0.19 9.33
C VAL A 173 -1.11 1.50 9.58
N THR A 174 -1.05 1.90 10.83
CA THR A 174 -0.33 3.09 11.23
C THR A 174 0.84 2.71 12.14
N GLU A 175 1.58 3.69 12.64
CA GLU A 175 2.73 3.40 13.48
C GLU A 175 2.30 3.20 14.93
N LYS A 176 1.18 3.82 15.30
CA LYS A 176 0.69 3.77 16.66
C LYS A 176 -0.28 2.60 16.88
N ASN A 177 -1.06 2.26 15.86
CA ASN A 177 -2.10 1.24 16.03
C ASN A 177 -2.45 0.59 14.69
N VAL A 178 -3.25 -0.46 14.74
CA VAL A 178 -3.70 -1.16 13.55
C VAL A 178 -5.20 -0.98 13.38
N ARG A 179 -5.60 -0.25 12.37
CA ARG A 179 -7.00 0.05 12.15
C ARG A 179 -7.66 -1.01 11.28
N ARG A 180 -8.31 -1.97 11.93
CA ARG A 180 -9.07 -2.99 11.23
C ARG A 180 -10.44 -2.41 10.84
N LEU A 181 -10.69 -2.30 9.54
CA LEU A 181 -11.92 -1.71 9.06
C LEU A 181 -12.93 -2.78 8.69
N ARG A 182 -12.48 -3.80 7.96
CA ARG A 182 -13.33 -4.90 7.58
C ARG A 182 -13.40 -5.94 8.69
N ASP A 183 -14.45 -5.82 9.49
CA ASP A 183 -14.68 -6.74 10.61
C ASP A 183 -15.73 -7.77 10.23
N GLY A 184 -16.34 -8.40 11.23
CA GLY A 184 -17.33 -9.44 10.98
C GLY A 184 -18.69 -8.88 10.61
N ARG A 185 -18.70 -7.90 9.71
CA ARG A 185 -19.94 -7.30 9.24
C ARG A 185 -20.68 -8.24 8.29
N SER A 186 -21.66 -8.96 8.81
CA SER A 186 -22.42 -9.91 8.02
C SER A 186 -23.85 -10.02 8.53
N LEU A 187 -24.80 -10.14 7.61
CA LEU A 187 -26.21 -10.17 7.99
C LEU A 187 -26.89 -11.41 7.42
N GLU A 188 -27.67 -12.09 8.27
CA GLU A 188 -28.50 -13.23 7.87
C GLU A 188 -27.71 -14.46 7.46
N HIS A 189 -28.39 -15.59 7.38
CA HIS A 189 -27.77 -16.84 7.00
C HIS A 189 -27.88 -17.05 5.49
N HIS A 190 -26.76 -16.89 4.81
CA HIS A 190 -26.73 -17.07 3.36
C HIS A 190 -26.02 -18.36 2.99
N HIS A 191 -25.95 -19.26 3.96
CA HIS A 191 -25.39 -20.59 3.74
C HIS A 191 -26.40 -21.64 4.18
N HIS A 192 -27.45 -21.82 3.40
CA HIS A 192 -28.50 -22.78 3.73
C HIS A 192 -28.24 -24.12 3.05
N HIS A 193 -27.35 -24.12 2.06
CA HIS A 193 -26.95 -25.35 1.40
C HIS A 193 -25.68 -25.88 2.03
N HIS A 194 -24.71 -25.01 2.21
CA HIS A 194 -23.45 -25.36 2.84
C HIS A 194 -22.77 -24.11 3.37
N MET A 1 -8.73 23.04 -0.65
CA MET A 1 -9.91 22.98 -1.54
C MET A 1 -9.77 21.88 -2.59
N LEU A 2 -8.69 21.94 -3.35
CA LEU A 2 -8.52 21.03 -4.49
C LEU A 2 -7.87 19.71 -4.07
N LYS A 3 -8.12 18.66 -4.85
CA LYS A 3 -7.57 17.34 -4.57
C LYS A 3 -6.05 17.35 -4.73
N SER A 4 -5.59 17.91 -5.84
CA SER A 4 -4.16 18.00 -6.12
C SER A 4 -3.48 18.89 -5.08
N GLU A 5 -4.21 19.92 -4.67
CA GLU A 5 -3.74 20.86 -3.66
C GLU A 5 -3.42 20.14 -2.36
N LEU A 6 -4.40 19.39 -1.86
CA LEU A 6 -4.25 18.65 -0.61
C LEU A 6 -3.09 17.69 -0.69
N ARG A 7 -3.04 16.92 -1.78
CA ARG A 7 -1.99 15.92 -1.98
C ARG A 7 -0.63 16.58 -1.99
N LYS A 8 -0.49 17.64 -2.79
CA LYS A 8 0.79 18.33 -2.96
C LYS A 8 1.25 18.98 -1.66
N LYS A 9 0.32 19.62 -0.96
CA LYS A 9 0.67 20.37 0.24
C LYS A 9 1.09 19.42 1.36
N VAL A 10 0.31 18.36 1.57
CA VAL A 10 0.62 17.39 2.62
C VAL A 10 1.89 16.61 2.30
N LEU A 11 2.08 16.31 1.02
CA LEU A 11 3.24 15.54 0.58
C LEU A 11 4.55 16.22 0.98
N HIS A 12 4.57 17.56 0.92
CA HIS A 12 5.78 18.31 1.20
C HIS A 12 6.18 18.18 2.67
N LYS A 13 5.21 17.92 3.53
CA LYS A 13 5.48 17.71 4.95
C LYS A 13 5.61 16.23 5.27
N ARG A 14 5.13 15.40 4.36
CA ARG A 14 5.24 13.96 4.51
C ARG A 14 6.67 13.49 4.21
N ILE A 15 7.26 14.05 3.16
CA ILE A 15 8.65 13.74 2.82
C ILE A 15 9.60 14.72 3.49
N ASN A 16 9.05 15.56 4.35
CA ASN A 16 9.81 16.60 5.04
C ASN A 16 10.62 16.00 6.19
N LEU A 17 10.14 14.89 6.72
CA LEU A 17 10.79 14.22 7.84
C LEU A 17 12.19 13.76 7.45
N SER A 18 13.15 14.00 8.34
CA SER A 18 14.53 13.63 8.10
C SER A 18 14.66 12.11 8.05
N GLU A 19 15.51 11.61 7.17
CA GLU A 19 15.64 10.17 6.92
C GLU A 19 15.88 9.38 8.20
N GLU A 20 16.74 9.88 9.07
CA GLU A 20 17.03 9.25 10.35
C GLU A 20 15.74 8.92 11.11
N GLU A 21 14.97 9.96 11.39
CA GLU A 21 13.73 9.83 12.14
C GLU A 21 12.69 9.05 11.34
N ARG A 22 12.57 9.37 10.06
CA ARG A 22 11.56 8.80 9.20
C ARG A 22 11.74 7.29 9.08
N ARG A 23 12.99 6.85 8.93
CA ARG A 23 13.30 5.42 8.86
C ARG A 23 13.09 4.77 10.22
N ARG A 24 13.42 5.49 11.28
CA ARG A 24 13.23 4.96 12.63
C ARG A 24 11.74 4.75 12.93
N LEU A 25 10.91 5.65 12.40
CA LEU A 25 9.47 5.51 12.51
C LEU A 25 8.97 4.37 11.62
N SER A 26 9.58 4.24 10.45
CA SER A 26 9.23 3.18 9.52
C SER A 26 9.58 1.82 10.11
N GLU A 27 10.63 1.79 10.94
CA GLU A 27 11.04 0.59 11.66
C GLU A 27 9.87 0.07 12.51
N LYS A 28 9.18 1.00 13.16
CA LYS A 28 7.99 0.67 13.95
C LYS A 28 6.93 0.06 13.05
N VAL A 29 6.70 0.70 11.90
CA VAL A 29 5.69 0.25 10.95
C VAL A 29 6.00 -1.16 10.44
N ILE A 30 7.27 -1.42 10.15
CA ILE A 30 7.71 -2.72 9.67
C ILE A 30 7.43 -3.80 10.71
N SER A 31 7.85 -3.54 11.94
CA SER A 31 7.63 -4.48 13.03
C SER A 31 6.13 -4.71 13.26
N ASN A 32 5.38 -3.63 13.19
CA ASN A 32 3.93 -3.66 13.39
C ASN A 32 3.25 -4.51 12.32
N LEU A 33 3.56 -4.20 11.06
CA LEU A 33 2.98 -4.91 9.92
C LEU A 33 3.40 -6.38 9.92
N LYS A 34 4.63 -6.65 10.33
CA LYS A 34 5.15 -8.01 10.32
C LYS A 34 4.57 -8.81 11.49
N SER A 35 4.03 -8.10 12.48
CA SER A 35 3.38 -8.75 13.61
C SER A 35 1.90 -8.99 13.31
N LEU A 36 1.38 -8.27 12.32
CA LEU A 36 0.00 -8.44 11.84
C LEU A 36 -0.23 -9.91 11.45
N PRO A 37 -1.15 -10.60 12.14
CA PRO A 37 -1.42 -12.03 11.92
C PRO A 37 -1.81 -12.35 10.47
N GLU A 38 -2.65 -11.51 9.89
CA GLU A 38 -3.12 -11.73 8.52
C GLU A 38 -1.98 -11.56 7.52
N PHE A 39 -0.99 -10.75 7.87
CA PHE A 39 0.17 -10.53 7.02
C PHE A 39 1.03 -11.78 6.96
N LYS A 40 1.10 -12.51 8.07
CA LYS A 40 1.87 -13.74 8.13
C LYS A 40 1.27 -14.78 7.19
N LYS A 41 -0.05 -14.88 7.19
CA LYS A 41 -0.76 -15.85 6.36
C LYS A 41 -0.74 -15.45 4.89
N SER A 42 -0.57 -14.16 4.62
CA SER A 42 -0.48 -13.67 3.26
C SER A 42 0.80 -14.19 2.60
N LYS A 43 0.65 -14.84 1.46
CA LYS A 43 1.78 -15.43 0.76
C LYS A 43 2.20 -14.59 -0.44
N LYS A 44 1.22 -14.03 -1.14
CA LYS A 44 1.51 -13.14 -2.25
C LYS A 44 1.47 -11.70 -1.77
N VAL A 45 2.63 -11.06 -1.70
CA VAL A 45 2.71 -9.69 -1.20
C VAL A 45 3.12 -8.73 -2.31
N ALA A 46 2.18 -7.89 -2.73
CA ALA A 46 2.45 -6.88 -3.72
C ALA A 46 2.87 -5.58 -3.05
N LEU A 47 4.11 -5.19 -3.27
CA LEU A 47 4.65 -4.00 -2.62
C LEU A 47 4.80 -2.85 -3.61
N TYR A 48 4.15 -1.74 -3.32
CA TYR A 48 4.36 -0.52 -4.08
C TYR A 48 5.64 0.15 -3.62
N CYS A 49 6.68 0.06 -4.45
CA CYS A 49 7.99 0.61 -4.13
C CYS A 49 7.89 2.12 -3.87
N PRO A 50 8.17 2.54 -2.62
CA PRO A 50 8.11 3.95 -2.23
C PRO A 50 9.28 4.75 -2.81
N ILE A 51 8.98 5.60 -3.78
CA ILE A 51 10.00 6.36 -4.49
C ILE A 51 10.49 7.56 -3.68
N LYS A 52 9.67 8.02 -2.75
CA LYS A 52 10.01 9.22 -1.97
C LYS A 52 10.14 8.87 -0.50
N GLY A 53 10.45 7.62 -0.21
CA GLY A 53 10.53 7.17 1.17
C GLY A 53 9.24 6.50 1.59
N GLU A 54 8.20 7.31 1.76
CA GLU A 54 6.82 6.85 1.98
C GLU A 54 6.74 5.63 2.89
N VAL A 55 7.35 5.74 4.08
CA VAL A 55 7.49 4.62 5.00
C VAL A 55 8.44 3.58 4.41
N ASP A 56 9.67 3.61 4.89
CA ASP A 56 10.71 2.75 4.36
C ASP A 56 10.42 1.29 4.65
N LEU A 57 10.13 0.54 3.60
CA LEU A 57 9.83 -0.88 3.72
C LEU A 57 10.87 -1.72 2.98
N THR A 58 11.99 -1.10 2.63
CA THR A 58 13.03 -1.78 1.85
C THR A 58 13.64 -2.98 2.60
N PRO A 59 13.92 -2.89 3.92
CA PRO A 59 14.46 -4.02 4.69
C PRO A 59 13.47 -5.18 4.81
N LEU A 60 12.22 -4.93 4.43
CA LEU A 60 11.18 -5.95 4.52
C LEU A 60 11.22 -6.85 3.28
N PHE A 61 11.80 -6.35 2.20
CA PHE A 61 11.90 -7.10 0.95
C PHE A 61 12.65 -8.44 1.14
N PRO A 62 13.87 -8.43 1.73
CA PRO A 62 14.61 -9.67 2.00
C PRO A 62 13.81 -10.68 2.82
N GLU A 63 12.98 -10.15 3.72
CA GLU A 63 12.11 -10.99 4.54
C GLU A 63 11.06 -11.67 3.66
N VAL A 64 10.35 -10.86 2.88
CA VAL A 64 9.30 -11.37 2.01
C VAL A 64 9.85 -12.37 1.01
N LEU A 65 11.06 -12.13 0.52
CA LEU A 65 11.67 -13.00 -0.49
C LEU A 65 11.85 -14.44 0.00
N LYS A 66 11.97 -14.63 1.31
CA LYS A 66 12.23 -15.96 1.84
C LYS A 66 11.08 -16.51 2.68
N GLU A 67 10.08 -15.68 2.93
CA GLU A 67 8.90 -16.14 3.66
C GLU A 67 7.73 -16.33 2.70
N LYS A 68 7.71 -15.53 1.65
CA LYS A 68 6.57 -15.43 0.76
C LYS A 68 7.04 -15.27 -0.69
N GLU A 69 6.10 -15.00 -1.58
CA GLU A 69 6.43 -14.64 -2.95
C GLU A 69 6.21 -13.15 -3.14
N LEU A 70 7.22 -12.45 -3.62
CA LEU A 70 7.13 -11.01 -3.77
C LEU A 70 6.42 -10.67 -5.08
N ILE A 71 5.64 -9.60 -5.07
CA ILE A 71 5.01 -9.13 -6.28
C ILE A 71 5.33 -7.65 -6.48
N LEU A 72 6.06 -7.36 -7.54
CA LEU A 72 6.43 -5.99 -7.84
C LEU A 72 5.69 -5.51 -9.08
N PRO A 73 5.21 -4.26 -9.05
CA PRO A 73 4.49 -3.67 -10.17
C PRO A 73 5.41 -3.12 -11.25
N LYS A 74 5.18 -3.55 -12.48
CA LYS A 74 5.91 -3.04 -13.63
C LYS A 74 4.99 -2.11 -14.41
N VAL A 75 5.12 -0.82 -14.16
CA VAL A 75 4.19 0.16 -14.66
C VAL A 75 4.62 0.74 -15.99
N GLU A 76 3.80 0.52 -17.01
CA GLU A 76 4.06 1.08 -18.34
C GLU A 76 3.44 2.47 -18.45
N GLY A 77 2.90 2.94 -17.34
CA GLY A 77 2.21 4.21 -17.33
C GLY A 77 0.72 4.00 -17.21
N ASN A 78 0.18 3.17 -18.09
CA ASN A 78 -1.23 2.81 -18.07
C ASN A 78 -1.42 1.41 -17.50
N GLU A 79 -0.64 0.46 -17.99
CA GLU A 79 -0.71 -0.92 -17.52
C GLU A 79 0.26 -1.16 -16.38
N ILE A 80 -0.11 -2.07 -15.50
CA ILE A 80 0.75 -2.50 -14.42
C ILE A 80 0.93 -4.00 -14.47
N SER A 81 2.07 -4.43 -14.99
CA SER A 81 2.37 -5.85 -15.10
C SER A 81 2.98 -6.36 -13.79
N LEU A 82 2.25 -7.21 -13.08
CA LEU A 82 2.75 -7.76 -11.84
C LEU A 82 3.63 -8.97 -12.10
N TYR A 83 4.76 -9.05 -11.41
CA TYR A 83 5.67 -10.18 -11.58
C TYR A 83 6.03 -10.80 -10.23
N ARG A 84 6.17 -12.12 -10.24
CA ARG A 84 6.61 -12.84 -9.05
C ARG A 84 8.12 -12.74 -8.90
N VAL A 85 8.54 -11.96 -7.93
CA VAL A 85 9.94 -11.86 -7.59
C VAL A 85 10.26 -12.92 -6.55
N HIS A 86 11.04 -13.89 -6.96
CA HIS A 86 11.44 -14.98 -6.08
C HIS A 86 12.91 -14.81 -5.70
N SER A 87 13.65 -14.18 -6.59
CA SER A 87 15.06 -13.89 -6.37
C SER A 87 15.40 -12.51 -6.93
N PRO A 88 16.48 -11.88 -6.44
CA PRO A 88 16.92 -10.57 -6.94
C PRO A 88 17.59 -10.67 -8.31
N ALA A 89 18.44 -9.69 -8.62
CA ALA A 89 19.21 -9.64 -9.87
C ALA A 89 18.35 -9.25 -11.07
N CYS A 90 17.18 -9.85 -11.19
CA CYS A 90 16.29 -9.60 -12.33
C CYS A 90 15.47 -8.32 -12.11
N LEU A 91 16.09 -7.34 -11.46
CA LEU A 91 15.44 -6.07 -11.18
C LEU A 91 16.17 -4.94 -11.88
N GLY A 92 15.41 -4.10 -12.57
CA GLY A 92 15.98 -2.97 -13.27
C GLY A 92 15.24 -1.68 -12.97
N VAL A 93 15.56 -0.64 -13.71
CA VAL A 93 14.88 0.65 -13.56
C VAL A 93 14.55 1.23 -14.93
N GLY A 94 13.27 1.51 -15.16
CA GLY A 94 12.86 2.07 -16.43
C GLY A 94 11.96 3.27 -16.28
N ALA A 95 10.66 3.01 -16.13
CA ALA A 95 9.67 4.06 -16.04
C ALA A 95 9.25 4.31 -14.59
N PHE A 96 8.78 5.54 -14.34
CA PHE A 96 8.25 5.95 -13.03
C PHE A 96 9.36 6.12 -11.99
N GLY A 97 10.27 5.16 -11.92
CA GLY A 97 11.34 5.21 -10.94
C GLY A 97 11.22 4.10 -9.92
N ILE A 98 10.49 3.06 -10.27
CA ILE A 98 10.31 1.92 -9.39
C ILE A 98 11.21 0.75 -9.81
N MET A 99 11.24 -0.28 -8.98
CA MET A 99 12.01 -1.48 -9.28
C MET A 99 11.29 -2.30 -10.34
N GLU A 100 11.80 -2.25 -11.56
CA GLU A 100 11.18 -2.93 -12.69
C GLU A 100 11.61 -4.40 -12.74
N PRO A 101 10.65 -5.32 -12.56
CA PRO A 101 10.91 -6.75 -12.69
C PRO A 101 11.05 -7.12 -14.16
N VAL A 102 12.22 -7.61 -14.54
CA VAL A 102 12.53 -7.87 -15.93
C VAL A 102 11.79 -9.11 -16.44
N GLU A 103 12.04 -10.25 -15.81
CA GLU A 103 11.38 -11.49 -16.20
C GLU A 103 10.92 -12.28 -14.98
N GLY A 104 10.28 -13.40 -15.25
CA GLY A 104 9.74 -14.22 -14.18
C GLY A 104 8.36 -14.73 -14.54
N GLU A 105 7.46 -14.73 -13.59
CA GLU A 105 6.09 -15.15 -13.83
C GLU A 105 5.14 -13.98 -13.60
N ARG A 106 4.17 -13.83 -14.49
CA ARG A 106 3.22 -12.73 -14.41
C ARG A 106 2.10 -13.07 -13.43
N VAL A 107 1.68 -12.08 -12.66
CA VAL A 107 0.67 -12.27 -11.64
C VAL A 107 -0.56 -11.42 -11.93
N ASN A 108 -1.73 -12.00 -11.76
CA ASN A 108 -2.97 -11.25 -11.91
C ASN A 108 -3.57 -10.95 -10.53
N PRO A 109 -4.30 -9.83 -10.40
CA PRO A 109 -4.83 -9.33 -9.11
C PRO A 109 -5.49 -10.39 -8.22
N GLU A 110 -6.18 -11.35 -8.82
CA GLU A 110 -6.89 -12.38 -8.07
C GLU A 110 -5.94 -13.27 -7.28
N ASP A 111 -4.71 -13.41 -7.76
CA ASP A 111 -3.75 -14.34 -7.17
C ASP A 111 -3.10 -13.73 -5.92
N VAL A 112 -3.26 -12.42 -5.75
CA VAL A 112 -2.59 -11.68 -4.68
C VAL A 112 -3.35 -11.79 -3.36
N ASP A 113 -2.62 -12.12 -2.29
CA ASP A 113 -3.20 -12.16 -0.95
C ASP A 113 -3.20 -10.77 -0.34
N PHE A 114 -2.02 -10.15 -0.36
CA PHE A 114 -1.79 -8.91 0.37
C PHE A 114 -1.15 -7.87 -0.56
N ILE A 115 -1.70 -6.68 -0.56
CA ILE A 115 -1.09 -5.58 -1.28
C ILE A 115 -0.88 -4.39 -0.34
N ALA A 116 0.28 -3.77 -0.46
CA ALA A 116 0.64 -2.67 0.42
C ALA A 116 0.91 -1.41 -0.37
N VAL A 117 0.08 -0.40 -0.17
CA VAL A 117 0.24 0.87 -0.87
C VAL A 117 0.50 2.01 0.12
N PRO A 118 1.66 2.67 -0.02
CA PRO A 118 1.98 3.85 0.79
C PRO A 118 1.10 5.04 0.39
N GLY A 119 0.21 5.41 1.29
CA GLY A 119 -0.74 6.47 0.98
C GLY A 119 -0.32 7.80 1.58
N VAL A 120 -0.35 8.83 0.76
CA VAL A 120 0.01 10.18 1.19
C VAL A 120 -0.91 10.68 2.29
N ALA A 121 -2.15 10.23 2.28
CA ALA A 121 -3.13 10.62 3.28
C ALA A 121 -4.20 9.55 3.43
N PHE A 122 -4.64 9.33 4.66
CA PHE A 122 -5.71 8.37 4.95
C PHE A 122 -6.68 8.94 5.97
N ASP A 123 -7.81 8.28 6.15
CA ASP A 123 -8.81 8.72 7.10
C ASP A 123 -9.38 7.54 7.87
N LEU A 124 -10.47 7.78 8.59
CA LEU A 124 -11.09 6.74 9.40
C LEU A 124 -12.18 6.00 8.61
N GLU A 125 -12.38 6.40 7.36
CA GLU A 125 -13.32 5.72 6.49
C GLU A 125 -12.58 4.74 5.59
N GLY A 126 -11.37 5.11 5.17
CA GLY A 126 -10.54 4.23 4.40
C GLY A 126 -10.32 4.70 2.98
N TYR A 127 -10.13 6.00 2.82
CA TYR A 127 -9.91 6.58 1.50
C TYR A 127 -8.47 7.03 1.32
N ARG A 128 -8.12 7.36 0.08
CA ARG A 128 -6.79 7.83 -0.26
C ARG A 128 -6.86 8.60 -1.57
N LEU A 129 -5.89 9.48 -1.81
CA LEU A 129 -5.86 10.26 -3.04
C LEU A 129 -5.12 9.51 -4.15
N GLY A 130 -3.81 9.70 -4.22
CA GLY A 130 -3.03 9.03 -5.24
C GLY A 130 -1.85 9.85 -5.71
N PHE A 131 -1.25 9.44 -6.82
CA PHE A 131 -0.09 10.13 -7.35
C PHE A 131 -0.43 10.86 -8.65
N GLY A 132 -0.90 10.10 -9.64
CA GLY A 132 -1.25 10.68 -10.91
C GLY A 132 -2.40 9.94 -11.58
N LYS A 133 -2.73 10.33 -12.79
CA LYS A 133 -3.83 9.70 -13.52
C LYS A 133 -3.35 8.45 -14.26
N GLY A 134 -4.18 7.42 -14.22
CA GLY A 134 -3.86 6.18 -14.89
C GLY A 134 -4.93 5.15 -14.65
N TYR A 135 -4.62 3.89 -14.94
CA TYR A 135 -5.58 2.81 -14.74
C TYR A 135 -5.31 2.12 -13.40
N TYR A 136 -4.77 2.88 -12.46
CA TYR A 136 -4.41 2.36 -11.15
C TYR A 136 -5.67 2.01 -10.37
N ASP A 137 -6.75 2.69 -10.68
CA ASP A 137 -8.03 2.46 -10.02
C ASP A 137 -8.60 1.11 -10.43
N ARG A 138 -8.36 0.73 -11.69
CA ARG A 138 -8.88 -0.52 -12.22
C ARG A 138 -8.20 -1.69 -11.51
N LEU A 139 -6.93 -1.51 -11.17
CA LEU A 139 -6.18 -2.54 -10.48
C LEU A 139 -6.67 -2.68 -9.04
N LEU A 140 -6.60 -1.58 -8.29
CA LEU A 140 -6.93 -1.60 -6.86
C LEU A 140 -8.35 -2.05 -6.61
N LYS A 141 -9.27 -1.65 -7.47
CA LYS A 141 -10.68 -1.96 -7.26
C LYS A 141 -11.00 -3.40 -7.69
N ARG A 142 -10.05 -4.04 -8.35
CA ARG A 142 -10.21 -5.43 -8.77
C ARG A 142 -9.34 -6.38 -7.94
N VAL A 143 -8.50 -5.81 -7.08
CA VAL A 143 -7.68 -6.64 -6.19
C VAL A 143 -8.57 -7.52 -5.32
N LYS A 144 -8.41 -8.83 -5.47
CA LYS A 144 -9.26 -9.78 -4.77
C LYS A 144 -8.70 -10.09 -3.39
N GLY A 145 -7.54 -9.51 -3.09
CA GLY A 145 -6.95 -9.63 -1.77
C GLY A 145 -7.29 -8.44 -0.90
N LEU A 146 -6.53 -8.26 0.17
CA LEU A 146 -6.78 -7.13 1.08
C LEU A 146 -5.93 -5.93 0.70
N LYS A 147 -6.57 -4.77 0.61
CA LYS A 147 -5.86 -3.54 0.29
C LYS A 147 -5.44 -2.84 1.58
N VAL A 148 -4.14 -2.83 1.83
CA VAL A 148 -3.63 -2.23 3.05
C VAL A 148 -2.87 -0.94 2.75
N GLY A 149 -3.24 0.11 3.46
CA GLY A 149 -2.59 1.39 3.28
C GLY A 149 -1.54 1.63 4.35
N VAL A 150 -0.37 2.07 3.93
CA VAL A 150 0.72 2.32 4.86
C VAL A 150 0.99 3.82 4.99
N ALA A 151 0.91 4.32 6.22
CA ALA A 151 1.14 5.73 6.48
C ALA A 151 1.51 5.96 7.95
N TYR A 152 1.98 7.17 8.25
CA TYR A 152 2.30 7.52 9.63
C TYR A 152 1.07 8.09 10.31
N SER A 153 1.16 8.29 11.62
CA SER A 153 0.03 8.81 12.39
C SER A 153 -0.33 10.23 11.94
N PHE A 154 0.68 10.93 11.43
CA PHE A 154 0.50 12.32 10.99
C PHE A 154 -0.40 12.39 9.76
N GLN A 155 -0.45 11.31 8.99
CA GLN A 155 -1.23 11.29 7.75
C GLN A 155 -2.63 10.76 7.98
N VAL A 156 -2.97 10.51 9.23
CA VAL A 156 -4.30 9.99 9.56
C VAL A 156 -5.25 11.14 9.88
N PHE A 157 -6.24 11.33 9.03
CA PHE A 157 -7.26 12.34 9.24
C PHE A 157 -8.57 11.67 9.64
N GLU A 158 -9.59 12.47 9.89
CA GLU A 158 -10.88 11.94 10.29
C GLU A 158 -11.62 11.37 9.09
N ARG A 159 -11.79 12.18 8.05
CA ARG A 159 -12.43 11.71 6.83
C ARG A 159 -11.87 12.45 5.62
N LEU A 160 -11.67 11.71 4.54
CA LEU A 160 -11.26 12.28 3.27
C LEU A 160 -12.47 12.45 2.36
N PRO A 161 -12.39 13.34 1.36
CA PRO A 161 -13.48 13.57 0.42
C PRO A 161 -13.80 12.34 -0.41
N ARG A 162 -14.90 11.68 -0.10
CA ARG A 162 -15.39 10.57 -0.90
C ARG A 162 -15.97 11.09 -2.20
N ASP A 163 -15.19 11.00 -3.26
CA ASP A 163 -15.53 11.61 -4.53
C ASP A 163 -16.68 10.87 -5.22
N ALA A 164 -16.38 9.73 -5.83
CA ALA A 164 -17.42 8.94 -6.49
C ALA A 164 -16.91 7.57 -6.95
N TRP A 165 -16.05 7.56 -7.96
CA TRP A 165 -15.72 6.34 -8.69
C TRP A 165 -14.70 5.46 -7.98
N ASP A 166 -14.17 5.92 -6.86
CA ASP A 166 -13.02 5.24 -6.26
C ASP A 166 -13.43 4.08 -5.37
N ILE A 167 -12.44 3.47 -4.72
CA ILE A 167 -12.65 2.31 -3.87
C ILE A 167 -11.89 2.45 -2.55
N PRO A 168 -12.57 2.24 -1.41
CA PRO A 168 -11.94 2.26 -0.09
C PRO A 168 -11.05 1.04 0.16
N VAL A 169 -10.12 1.18 1.12
CA VAL A 169 -9.20 0.10 1.44
C VAL A 169 -9.73 -0.79 2.57
N ASP A 170 -8.94 -1.77 2.97
CA ASP A 170 -9.34 -2.71 4.03
C ASP A 170 -8.71 -2.34 5.36
N VAL A 171 -7.40 -2.25 5.39
CA VAL A 171 -6.68 -2.04 6.64
C VAL A 171 -5.71 -0.86 6.52
N LEU A 172 -5.63 -0.08 7.59
CA LEU A 172 -4.69 1.01 7.68
C LEU A 172 -3.62 0.68 8.72
N VAL A 173 -2.38 0.53 8.28
CA VAL A 173 -1.28 0.22 9.18
C VAL A 173 -0.40 1.44 9.39
N THR A 174 -0.21 1.80 10.65
CA THR A 174 0.57 2.97 11.00
C THR A 174 1.78 2.58 11.86
N GLU A 175 2.44 3.59 12.40
CA GLU A 175 3.62 3.39 13.22
C GLU A 175 3.30 2.71 14.55
N LYS A 176 2.08 2.90 15.03
CA LYS A 176 1.70 2.43 16.36
C LYS A 176 0.47 1.54 16.35
N ASN A 177 -0.35 1.66 15.30
CA ASN A 177 -1.65 0.98 15.28
C ASN A 177 -1.88 0.23 13.97
N VAL A 178 -2.53 -0.92 14.09
CA VAL A 178 -3.05 -1.64 12.93
C VAL A 178 -4.56 -1.58 12.97
N ARG A 179 -5.14 -0.73 12.16
CA ARG A 179 -6.54 -0.43 12.27
C ARG A 179 -7.30 -0.72 10.99
N ARG A 180 -8.15 -1.73 11.05
CA ARG A 180 -9.16 -1.91 10.02
C ARG A 180 -10.18 -0.78 10.19
N LEU A 181 -10.85 -0.39 9.12
CA LEU A 181 -11.62 0.85 9.12
C LEU A 181 -12.96 0.70 9.83
N ARG A 182 -12.85 0.46 11.12
CA ARG A 182 -13.98 0.53 12.03
C ARG A 182 -13.58 1.34 13.26
N ASP A 183 -14.33 2.39 13.57
CA ASP A 183 -14.05 3.20 14.74
C ASP A 183 -14.99 2.84 15.88
N GLY A 184 -14.42 2.61 17.06
CA GLY A 184 -15.20 2.22 18.21
C GLY A 184 -15.73 3.40 18.99
N ARG A 185 -16.49 4.25 18.31
CA ARG A 185 -17.06 5.44 18.92
C ARG A 185 -18.14 5.05 19.93
N SER A 186 -17.99 5.54 21.16
CA SER A 186 -18.88 5.17 22.24
C SER A 186 -20.13 6.06 22.27
N LEU A 187 -21.16 5.63 21.55
CA LEU A 187 -22.43 6.33 21.48
C LEU A 187 -23.39 5.56 20.58
N GLU A 188 -22.87 5.12 19.43
CA GLU A 188 -23.64 4.39 18.44
C GLU A 188 -24.78 5.28 17.93
N HIS A 189 -26.02 4.92 18.26
CA HIS A 189 -27.18 5.71 17.88
C HIS A 189 -28.27 5.55 18.95
N HIS A 190 -27.87 5.00 20.09
CA HIS A 190 -28.79 4.68 21.19
C HIS A 190 -29.76 3.56 20.78
N HIS A 191 -29.46 2.90 19.67
CA HIS A 191 -30.21 1.72 19.25
C HIS A 191 -29.42 0.49 19.67
N HIS A 192 -28.14 0.52 19.35
CA HIS A 192 -27.18 -0.44 19.91
C HIS A 192 -26.38 0.27 20.98
N HIS A 193 -25.91 -0.48 21.97
CA HIS A 193 -25.13 0.13 23.03
C HIS A 193 -23.65 -0.18 22.82
N HIS A 194 -22.84 0.86 22.75
CA HIS A 194 -21.41 0.71 22.64
C HIS A 194 -20.73 1.63 23.64
N MET A 1 -9.54 24.83 -0.77
CA MET A 1 -10.91 24.77 -1.32
C MET A 1 -11.12 23.43 -2.04
N LEU A 2 -10.12 23.00 -2.78
CA LEU A 2 -10.17 21.72 -3.50
C LEU A 2 -9.22 20.72 -2.84
N LYS A 3 -9.54 19.43 -2.96
CA LYS A 3 -8.67 18.39 -2.37
C LYS A 3 -7.32 18.35 -3.06
N SER A 4 -7.26 18.85 -4.29
CA SER A 4 -6.02 18.95 -5.03
C SER A 4 -5.00 19.82 -4.29
N GLU A 5 -5.52 20.77 -3.52
CA GLU A 5 -4.67 21.66 -2.73
C GLU A 5 -4.24 20.96 -1.45
N LEU A 6 -5.20 20.31 -0.80
CA LEU A 6 -4.95 19.59 0.45
C LEU A 6 -3.92 18.49 0.22
N ARG A 7 -3.97 17.87 -0.96
CA ARG A 7 -3.02 16.83 -1.34
C ARG A 7 -1.58 17.35 -1.23
N LYS A 8 -1.35 18.56 -1.75
CA LYS A 8 -0.02 19.15 -1.72
C LYS A 8 0.39 19.45 -0.29
N LYS A 9 -0.56 19.93 0.51
CA LYS A 9 -0.30 20.24 1.91
C LYS A 9 0.17 19.00 2.67
N VAL A 10 -0.58 17.91 2.53
CA VAL A 10 -0.25 16.66 3.21
C VAL A 10 1.03 16.04 2.65
N LEU A 11 1.14 16.07 1.32
CA LEU A 11 2.32 15.53 0.65
C LEU A 11 3.58 16.26 1.07
N HIS A 12 3.47 17.59 1.15
CA HIS A 12 4.59 18.43 1.54
C HIS A 12 5.12 18.03 2.91
N LYS A 13 4.19 17.81 3.84
CA LYS A 13 4.56 17.44 5.20
C LYS A 13 5.20 16.06 5.25
N ARG A 14 4.73 15.15 4.41
CA ARG A 14 5.29 13.80 4.35
C ARG A 14 6.76 13.84 3.97
N ILE A 15 7.07 14.55 2.89
CA ILE A 15 8.44 14.63 2.41
C ILE A 15 9.24 15.71 3.16
N ASN A 16 8.64 16.24 4.21
CA ASN A 16 9.29 17.28 5.02
C ASN A 16 9.87 16.67 6.30
N LEU A 17 9.50 15.42 6.58
CA LEU A 17 9.97 14.73 7.78
C LEU A 17 11.48 14.60 7.78
N SER A 18 12.06 14.52 8.98
CA SER A 18 13.49 14.40 9.15
C SER A 18 13.96 12.98 8.81
N GLU A 19 15.23 12.84 8.44
CA GLU A 19 15.76 11.55 8.01
C GLU A 19 15.81 10.57 9.18
N GLU A 20 16.18 11.05 10.36
CA GLU A 20 16.15 10.22 11.55
C GLU A 20 14.72 9.79 11.84
N GLU A 21 13.81 10.74 11.72
CA GLU A 21 12.39 10.51 11.96
C GLU A 21 11.84 9.49 10.98
N ARG A 22 12.38 9.50 9.76
CA ARG A 22 12.03 8.53 8.74
C ARG A 22 12.26 7.11 9.25
N ARG A 23 13.51 6.77 9.58
CA ARG A 23 13.82 5.44 10.08
C ARG A 23 13.09 5.18 11.39
N ARG A 24 12.98 6.20 12.21
CA ARG A 24 12.38 6.08 13.53
C ARG A 24 10.93 5.62 13.46
N LEU A 25 10.18 6.20 12.55
CA LEU A 25 8.77 5.85 12.41
C LEU A 25 8.59 4.66 11.47
N SER A 26 9.39 4.62 10.42
CA SER A 26 9.29 3.54 9.45
C SER A 26 9.69 2.20 10.08
N GLU A 27 10.62 2.24 11.05
CA GLU A 27 11.06 1.02 11.70
C GLU A 27 9.93 0.48 12.58
N LYS A 28 9.06 1.39 13.02
CA LYS A 28 7.88 1.02 13.78
C LYS A 28 6.84 0.40 12.86
N VAL A 29 6.65 1.02 11.70
CA VAL A 29 5.70 0.52 10.71
C VAL A 29 6.10 -0.88 10.25
N ILE A 30 7.37 -1.04 9.90
CA ILE A 30 7.89 -2.33 9.46
C ILE A 30 7.70 -3.39 10.55
N SER A 31 8.08 -3.05 11.78
CA SER A 31 7.94 -3.97 12.89
C SER A 31 6.48 -4.33 13.12
N ASN A 32 5.61 -3.34 12.98
CA ASN A 32 4.18 -3.51 13.17
C ASN A 32 3.63 -4.50 12.14
N LEU A 33 4.07 -4.33 10.90
CA LEU A 33 3.67 -5.21 9.81
C LEU A 33 4.20 -6.63 10.05
N LYS A 34 5.37 -6.74 10.65
CA LYS A 34 5.96 -8.03 10.97
C LYS A 34 5.20 -8.70 12.12
N SER A 35 4.65 -7.88 13.01
CA SER A 35 3.87 -8.40 14.13
C SER A 35 2.41 -8.65 13.71
N LEU A 36 2.06 -8.21 12.53
CA LEU A 36 0.73 -8.48 11.97
C LEU A 36 0.65 -9.96 11.58
N PRO A 37 -0.17 -10.74 12.30
CA PRO A 37 -0.23 -12.21 12.13
C PRO A 37 -0.64 -12.64 10.72
N GLU A 38 -1.49 -11.85 10.07
CA GLU A 38 -1.95 -12.18 8.73
C GLU A 38 -0.81 -12.09 7.73
N PHE A 39 0.10 -11.15 7.95
CA PHE A 39 1.25 -10.93 7.07
C PHE A 39 2.24 -12.08 7.17
N LYS A 40 2.22 -12.76 8.31
CA LYS A 40 3.09 -13.91 8.52
C LYS A 40 2.62 -15.08 7.65
N LYS A 41 1.33 -15.19 7.47
CA LYS A 41 0.72 -16.34 6.81
C LYS A 41 0.37 -16.06 5.34
N SER A 42 0.22 -14.79 5.00
CA SER A 42 -0.12 -14.41 3.63
C SER A 42 0.93 -14.91 2.65
N LYS A 43 0.49 -15.68 1.65
CA LYS A 43 1.40 -16.29 0.68
C LYS A 43 1.92 -15.25 -0.32
N LYS A 44 1.03 -14.68 -1.12
CA LYS A 44 1.44 -13.69 -2.11
C LYS A 44 1.31 -12.28 -1.56
N VAL A 45 2.45 -11.63 -1.40
CA VAL A 45 2.47 -10.26 -0.89
C VAL A 45 3.05 -9.31 -1.95
N ALA A 46 2.23 -8.40 -2.43
CA ALA A 46 2.64 -7.42 -3.41
C ALA A 46 2.95 -6.09 -2.74
N LEU A 47 3.96 -5.39 -3.23
CA LEU A 47 4.31 -4.08 -2.67
C LEU A 47 4.60 -3.09 -3.78
N TYR A 48 4.30 -1.82 -3.53
CA TYR A 48 4.71 -0.75 -4.44
C TYR A 48 6.00 -0.11 -3.94
N CYS A 49 6.87 0.24 -4.87
CA CYS A 49 8.12 0.90 -4.52
C CYS A 49 7.87 2.34 -4.12
N PRO A 50 8.67 2.87 -3.18
CA PRO A 50 8.53 4.25 -2.67
C PRO A 50 8.64 5.31 -3.77
N ILE A 51 7.51 5.90 -4.14
CA ILE A 51 7.51 7.01 -5.09
C ILE A 51 7.39 8.35 -4.36
N LYS A 52 6.17 8.76 -4.06
CA LYS A 52 5.94 9.96 -3.26
C LYS A 52 5.85 9.58 -1.78
N GLY A 53 5.85 8.28 -1.53
CA GLY A 53 5.88 7.79 -0.17
C GLY A 53 7.29 7.42 0.22
N GLU A 54 7.79 8.05 1.26
CA GLU A 54 9.17 7.85 1.69
C GLU A 54 9.27 6.73 2.71
N VAL A 55 8.16 6.02 2.93
CA VAL A 55 8.17 4.81 3.74
C VAL A 55 8.90 3.72 2.99
N ASP A 56 10.15 3.50 3.35
CA ASP A 56 11.00 2.60 2.59
C ASP A 56 10.84 1.16 3.05
N LEU A 57 10.10 0.39 2.26
CA LEU A 57 9.88 -1.03 2.54
C LEU A 57 10.77 -1.89 1.65
N THR A 58 11.77 -1.26 1.05
CA THR A 58 12.66 -1.95 0.13
C THR A 58 13.44 -3.09 0.80
N PRO A 59 14.11 -2.85 1.96
CA PRO A 59 14.89 -3.89 2.65
C PRO A 59 14.00 -5.01 3.23
N LEU A 60 12.70 -4.89 3.04
CA LEU A 60 11.77 -5.90 3.54
C LEU A 60 11.61 -7.02 2.52
N PHE A 61 11.98 -6.76 1.27
CA PHE A 61 11.86 -7.76 0.21
C PHE A 61 12.68 -9.02 0.51
N PRO A 62 13.98 -8.90 0.89
CA PRO A 62 14.80 -10.06 1.27
C PRO A 62 14.14 -10.92 2.35
N GLU A 63 13.40 -10.27 3.23
CA GLU A 63 12.67 -10.95 4.29
C GLU A 63 11.48 -11.72 3.71
N VAL A 64 10.66 -11.01 2.93
CA VAL A 64 9.48 -11.59 2.32
C VAL A 64 9.84 -12.80 1.46
N LEU A 65 10.88 -12.65 0.63
CA LEU A 65 11.28 -13.69 -0.30
C LEU A 65 11.78 -14.96 0.40
N LYS A 66 12.02 -14.87 1.70
CA LYS A 66 12.53 -16.01 2.43
C LYS A 66 11.41 -16.77 3.13
N GLU A 67 10.24 -16.14 3.22
CA GLU A 67 9.09 -16.78 3.83
C GLU A 67 8.03 -17.10 2.78
N LYS A 68 7.59 -16.06 2.07
CA LYS A 68 6.47 -16.17 1.17
C LYS A 68 6.80 -15.63 -0.22
N GLU A 69 5.77 -15.53 -1.05
CA GLU A 69 5.94 -15.11 -2.42
C GLU A 69 5.71 -13.60 -2.54
N LEU A 70 6.54 -12.94 -3.32
CA LEU A 70 6.42 -11.50 -3.53
C LEU A 70 5.70 -11.22 -4.84
N ILE A 71 5.12 -10.05 -4.96
CA ILE A 71 4.54 -9.59 -6.23
C ILE A 71 4.88 -8.13 -6.45
N LEU A 72 5.36 -7.80 -7.62
CA LEU A 72 5.73 -6.42 -7.93
C LEU A 72 5.10 -5.97 -9.24
N PRO A 73 4.48 -4.77 -9.24
CA PRO A 73 3.88 -4.19 -10.44
C PRO A 73 4.95 -3.70 -11.42
N LYS A 74 4.98 -4.30 -12.59
CA LYS A 74 5.95 -3.93 -13.62
C LYS A 74 5.24 -3.14 -14.71
N VAL A 75 5.58 -1.87 -14.83
CA VAL A 75 4.92 -1.00 -15.78
C VAL A 75 5.50 -1.17 -17.18
N GLU A 76 4.73 -1.82 -18.05
CA GLU A 76 5.10 -1.96 -19.44
C GLU A 76 4.26 -1.01 -20.29
N GLY A 77 4.75 0.21 -20.46
CA GLY A 77 4.00 1.22 -21.19
C GLY A 77 2.84 1.75 -20.35
N ASN A 78 1.66 1.23 -20.59
CA ASN A 78 0.50 1.58 -19.79
C ASN A 78 -0.12 0.32 -19.18
N GLU A 79 0.43 -0.83 -19.57
CA GLU A 79 -0.05 -2.10 -19.06
C GLU A 79 0.79 -2.52 -17.86
N ILE A 80 0.20 -2.42 -16.69
CA ILE A 80 0.89 -2.78 -15.46
C ILE A 80 0.82 -4.28 -15.24
N SER A 81 1.90 -4.97 -15.55
CA SER A 81 1.96 -6.40 -15.43
C SER A 81 2.31 -6.81 -14.01
N LEU A 82 1.44 -7.60 -13.40
CA LEU A 82 1.70 -8.11 -12.06
C LEU A 82 2.59 -9.34 -12.15
N TYR A 83 3.88 -9.15 -11.89
CA TYR A 83 4.83 -10.25 -11.92
C TYR A 83 5.18 -10.70 -10.52
N ARG A 84 5.10 -11.99 -10.29
CA ARG A 84 5.48 -12.57 -9.02
C ARG A 84 7.00 -12.70 -8.93
N VAL A 85 7.49 -12.67 -7.72
CA VAL A 85 8.91 -12.73 -7.43
C VAL A 85 9.16 -13.79 -6.37
N HIS A 86 10.02 -14.74 -6.69
CA HIS A 86 10.40 -15.80 -5.75
C HIS A 86 11.83 -16.22 -6.03
N SER A 87 12.58 -15.31 -6.61
CA SER A 87 13.95 -15.57 -7.01
C SER A 87 14.78 -14.31 -6.85
N PRO A 88 16.08 -14.45 -6.55
CA PRO A 88 17.00 -13.33 -6.46
C PRO A 88 17.43 -12.83 -7.83
N ALA A 89 17.93 -11.58 -7.87
CA ALA A 89 18.52 -11.00 -9.07
C ALA A 89 17.52 -10.81 -10.21
N CYS A 90 16.23 -10.80 -9.89
CA CYS A 90 15.21 -10.58 -10.91
C CYS A 90 14.66 -9.16 -10.82
N LEU A 91 15.27 -8.36 -9.96
CA LEU A 91 14.80 -7.00 -9.72
C LEU A 91 15.67 -6.00 -10.46
N GLY A 92 15.03 -5.11 -11.21
CA GLY A 92 15.77 -4.10 -11.96
C GLY A 92 15.03 -2.78 -11.98
N VAL A 93 15.70 -1.75 -12.47
CA VAL A 93 15.09 -0.42 -12.57
C VAL A 93 14.90 -0.03 -14.02
N GLY A 94 13.67 -0.13 -14.50
CA GLY A 94 13.38 0.20 -15.87
C GLY A 94 12.49 1.44 -15.97
N ALA A 95 11.60 1.59 -15.01
CA ALA A 95 10.70 2.73 -14.96
C ALA A 95 11.39 3.95 -14.33
N PHE A 96 10.57 4.93 -13.93
CA PHE A 96 11.07 6.19 -13.38
C PHE A 96 12.02 5.98 -12.19
N GLY A 97 11.66 5.07 -11.30
CA GLY A 97 12.50 4.82 -10.13
C GLY A 97 11.92 3.78 -9.21
N ILE A 98 11.70 2.60 -9.74
CA ILE A 98 11.17 1.49 -8.95
C ILE A 98 12.02 0.25 -9.18
N MET A 99 11.84 -0.75 -8.34
CA MET A 99 12.51 -2.03 -8.52
C MET A 99 11.50 -3.05 -9.01
N GLU A 100 11.46 -3.22 -10.31
CA GLU A 100 10.45 -4.05 -10.95
C GLU A 100 11.06 -5.38 -11.41
N PRO A 101 10.22 -6.43 -11.52
CA PRO A 101 10.67 -7.74 -11.97
C PRO A 101 11.00 -7.74 -13.46
N VAL A 102 12.27 -7.91 -13.77
CA VAL A 102 12.71 -8.02 -15.15
C VAL A 102 12.33 -9.39 -15.69
N GLU A 103 12.66 -10.41 -14.93
CA GLU A 103 12.33 -11.78 -15.29
C GLU A 103 11.47 -12.41 -14.20
N GLY A 104 10.17 -12.44 -14.44
CA GLY A 104 9.25 -12.98 -13.46
C GLY A 104 8.14 -13.78 -14.11
N GLU A 105 7.07 -14.02 -13.37
CA GLU A 105 5.94 -14.77 -13.89
C GLU A 105 4.65 -13.98 -13.70
N ARG A 106 3.76 -14.06 -14.67
CA ARG A 106 2.54 -13.27 -14.67
C ARG A 106 1.50 -13.84 -13.71
N VAL A 107 0.99 -12.97 -12.84
CA VAL A 107 -0.03 -13.34 -11.87
C VAL A 107 -1.25 -12.42 -12.03
N ASN A 108 -2.45 -12.98 -11.81
CA ASN A 108 -3.66 -12.19 -11.92
C ASN A 108 -4.13 -11.73 -10.54
N PRO A 109 -4.94 -10.65 -10.47
CA PRO A 109 -5.35 -10.02 -9.21
C PRO A 109 -6.03 -10.98 -8.20
N GLU A 110 -6.62 -12.06 -8.70
CA GLU A 110 -7.33 -13.02 -7.84
C GLU A 110 -6.34 -13.77 -6.95
N ASP A 111 -5.09 -13.84 -7.39
CA ASP A 111 -4.09 -14.63 -6.70
C ASP A 111 -3.30 -13.78 -5.71
N VAL A 112 -3.66 -12.50 -5.64
CA VAL A 112 -2.97 -11.57 -4.75
C VAL A 112 -3.61 -11.57 -3.36
N ASP A 113 -2.95 -12.24 -2.43
CA ASP A 113 -3.43 -12.33 -1.04
C ASP A 113 -3.29 -10.98 -0.34
N PHE A 114 -2.06 -10.50 -0.29
CA PHE A 114 -1.72 -9.30 0.47
C PHE A 114 -1.06 -8.29 -0.46
N ILE A 115 -1.32 -7.00 -0.23
CA ILE A 115 -0.67 -5.96 -1.00
C ILE A 115 -0.51 -4.70 -0.15
N ALA A 116 0.63 -4.03 -0.31
CA ALA A 116 0.92 -2.83 0.46
C ALA A 116 1.08 -1.62 -0.47
N VAL A 117 0.24 -0.62 -0.25
CA VAL A 117 0.25 0.58 -1.09
C VAL A 117 0.61 1.82 -0.26
N PRO A 118 1.70 2.51 -0.63
CA PRO A 118 2.08 3.77 0.00
C PRO A 118 1.22 4.92 -0.50
N GLY A 119 0.28 5.37 0.33
CA GLY A 119 -0.64 6.39 -0.10
C GLY A 119 -0.55 7.64 0.76
N VAL A 120 -0.97 8.76 0.19
CA VAL A 120 -0.97 10.02 0.90
C VAL A 120 -2.39 10.43 1.30
N ALA A 121 -2.57 10.69 2.59
CA ALA A 121 -3.84 11.17 3.15
C ALA A 121 -4.93 10.10 3.14
N PHE A 122 -5.22 9.59 4.33
CA PHE A 122 -6.30 8.63 4.53
C PHE A 122 -7.22 9.11 5.64
N ASP A 123 -8.45 8.63 5.64
CA ASP A 123 -9.37 8.92 6.74
C ASP A 123 -9.50 7.69 7.64
N LEU A 124 -10.39 7.74 8.62
CA LEU A 124 -10.53 6.64 9.57
C LEU A 124 -11.49 5.57 9.07
N GLU A 125 -11.79 5.59 7.78
CA GLU A 125 -12.65 4.58 7.19
C GLU A 125 -11.96 3.89 6.02
N GLY A 126 -10.89 4.50 5.54
CA GLY A 126 -10.02 3.84 4.58
C GLY A 126 -9.95 4.54 3.25
N TYR A 127 -10.57 5.70 3.13
CA TYR A 127 -10.60 6.39 1.85
C TYR A 127 -9.37 7.25 1.66
N ARG A 128 -8.77 7.13 0.47
CA ARG A 128 -7.56 7.85 0.15
C ARG A 128 -7.89 9.14 -0.58
N LEU A 129 -7.34 10.25 -0.09
CA LEU A 129 -7.58 11.56 -0.70
C LEU A 129 -7.20 11.54 -2.18
N GLY A 130 -6.02 11.02 -2.47
CA GLY A 130 -5.58 10.88 -3.84
C GLY A 130 -4.68 12.01 -4.27
N PHE A 131 -4.26 11.99 -5.53
CA PHE A 131 -3.41 13.03 -6.06
C PHE A 131 -4.17 13.86 -7.09
N GLY A 132 -4.37 13.29 -8.26
CA GLY A 132 -5.03 13.99 -9.34
C GLY A 132 -4.42 13.64 -10.67
N LYS A 133 -3.11 13.40 -10.64
CA LYS A 133 -2.38 12.90 -11.80
C LYS A 133 -1.63 11.65 -11.40
N GLY A 134 -1.46 10.73 -12.32
CA GLY A 134 -0.91 9.43 -11.98
C GLY A 134 -1.94 8.60 -11.25
N TYR A 135 -3.04 8.33 -11.94
CA TYR A 135 -4.19 7.66 -11.33
C TYR A 135 -3.87 6.23 -10.94
N TYR A 136 -3.58 5.39 -11.95
CA TYR A 136 -3.32 3.96 -11.77
C TYR A 136 -4.53 3.26 -11.16
N ASP A 137 -5.65 3.95 -11.17
CA ASP A 137 -6.90 3.43 -10.63
C ASP A 137 -7.37 2.24 -11.46
N ARG A 138 -7.00 2.27 -12.74
CA ARG A 138 -7.30 1.18 -13.68
C ARG A 138 -6.89 -0.17 -13.10
N LEU A 139 -5.74 -0.19 -12.42
CA LEU A 139 -5.25 -1.41 -11.80
C LEU A 139 -5.94 -1.62 -10.45
N LEU A 140 -6.10 -0.52 -9.72
CA LEU A 140 -6.65 -0.56 -8.36
C LEU A 140 -8.12 -1.01 -8.35
N LYS A 141 -8.78 -0.96 -9.50
CA LYS A 141 -10.16 -1.44 -9.62
C LYS A 141 -10.20 -2.97 -9.58
N ARG A 142 -9.12 -3.57 -10.05
CA ARG A 142 -9.04 -5.02 -10.15
C ARG A 142 -8.36 -5.63 -8.94
N VAL A 143 -7.48 -4.87 -8.32
CA VAL A 143 -6.80 -5.33 -7.11
C VAL A 143 -7.75 -5.24 -5.92
N LYS A 144 -8.34 -6.37 -5.58
CA LYS A 144 -9.31 -6.42 -4.50
C LYS A 144 -9.02 -7.63 -3.60
N GLY A 145 -7.81 -7.67 -3.08
CA GLY A 145 -7.46 -8.67 -2.07
C GLY A 145 -7.34 -8.02 -0.72
N LEU A 146 -6.34 -8.40 0.06
CA LEU A 146 -6.08 -7.71 1.32
C LEU A 146 -5.24 -6.48 1.02
N LYS A 147 -5.93 -5.38 0.75
CA LYS A 147 -5.28 -4.16 0.30
C LYS A 147 -4.93 -3.27 1.49
N VAL A 148 -3.66 -3.23 1.81
CA VAL A 148 -3.17 -2.55 2.99
C VAL A 148 -2.50 -1.23 2.60
N GLY A 149 -2.96 -0.15 3.20
CA GLY A 149 -2.35 1.14 2.99
C GLY A 149 -1.25 1.41 4.00
N VAL A 150 -0.10 1.84 3.51
CA VAL A 150 1.03 2.12 4.38
C VAL A 150 1.28 3.62 4.47
N ALA A 151 1.12 4.17 5.65
CA ALA A 151 1.30 5.59 5.87
C ALA A 151 1.59 5.88 7.34
N TYR A 152 1.87 7.14 7.65
CA TYR A 152 2.04 7.56 9.02
C TYR A 152 0.79 8.29 9.48
N SER A 153 0.53 8.26 10.77
CA SER A 153 -0.67 8.89 11.34
C SER A 153 -0.69 10.40 11.07
N PHE A 154 0.43 10.96 10.64
CA PHE A 154 0.51 12.37 10.30
C PHE A 154 -0.24 12.66 9.02
N GLN A 155 -0.40 11.64 8.18
CA GLN A 155 -1.13 11.77 6.93
C GLN A 155 -2.48 11.06 7.04
N VAL A 156 -2.85 10.72 8.26
CA VAL A 156 -4.12 10.05 8.51
C VAL A 156 -5.02 10.92 9.38
N PHE A 157 -6.18 11.25 8.86
CA PHE A 157 -7.14 12.06 9.58
C PHE A 157 -8.41 11.25 9.82
N GLU A 158 -9.43 11.88 10.38
CA GLU A 158 -10.68 11.18 10.63
C GLU A 158 -11.63 11.29 9.44
N ARG A 159 -11.62 12.45 8.79
CA ARG A 159 -12.44 12.69 7.60
C ARG A 159 -11.66 13.44 6.55
N LEU A 160 -11.93 13.13 5.29
CA LEU A 160 -11.35 13.84 4.17
C LEU A 160 -12.46 14.17 3.17
N PRO A 161 -12.23 15.13 2.25
CA PRO A 161 -13.17 15.39 1.16
C PRO A 161 -13.36 14.14 0.30
N ARG A 162 -14.48 13.46 0.50
CA ARG A 162 -14.72 12.18 -0.13
C ARG A 162 -15.73 12.32 -1.27
N ASP A 163 -15.49 11.62 -2.35
CA ASP A 163 -16.40 11.63 -3.50
C ASP A 163 -16.77 10.20 -3.90
N ALA A 164 -17.30 10.02 -5.10
CA ALA A 164 -17.72 8.71 -5.57
C ALA A 164 -16.53 7.93 -6.11
N TRP A 165 -15.65 8.63 -6.83
CA TRP A 165 -14.43 8.03 -7.35
C TRP A 165 -13.33 8.09 -6.29
N ASP A 166 -13.70 7.78 -5.06
CA ASP A 166 -12.79 7.81 -3.94
C ASP A 166 -12.33 6.39 -3.62
N ILE A 167 -11.06 6.11 -3.88
CA ILE A 167 -10.53 4.75 -3.75
C ILE A 167 -10.11 4.45 -2.32
N PRO A 168 -10.80 3.51 -1.67
CA PRO A 168 -10.48 3.10 -0.31
C PRO A 168 -9.59 1.86 -0.26
N VAL A 169 -8.95 1.67 0.88
CA VAL A 169 -8.18 0.47 1.15
C VAL A 169 -8.95 -0.45 2.08
N ASP A 170 -8.37 -1.60 2.42
CA ASP A 170 -9.06 -2.58 3.26
C ASP A 170 -8.44 -2.61 4.66
N VAL A 171 -7.14 -2.37 4.74
CA VAL A 171 -6.44 -2.31 6.02
C VAL A 171 -5.49 -1.11 6.03
N LEU A 172 -5.19 -0.57 7.19
CA LEU A 172 -4.27 0.55 7.31
C LEU A 172 -3.19 0.27 8.34
N VAL A 173 -1.94 0.33 7.91
CA VAL A 173 -0.81 0.12 8.82
C VAL A 173 -0.07 1.43 9.04
N THR A 174 0.09 1.79 10.30
CA THR A 174 0.76 3.03 10.68
C THR A 174 1.89 2.75 11.66
N GLU A 175 2.50 3.80 12.17
CA GLU A 175 3.52 3.68 13.20
C GLU A 175 2.87 3.63 14.57
N LYS A 176 1.55 3.75 14.60
CA LYS A 176 0.80 3.62 15.84
C LYS A 176 0.33 2.18 16.02
N ASN A 177 -0.54 1.73 15.12
CA ASN A 177 -1.10 0.39 15.22
C ASN A 177 -1.55 -0.08 13.82
N VAL A 178 -1.99 -1.33 13.74
CA VAL A 178 -2.49 -1.90 12.49
C VAL A 178 -4.00 -2.07 12.54
N ARG A 179 -4.72 -1.13 11.95
CA ARG A 179 -6.16 -1.12 12.03
C ARG A 179 -6.77 -1.62 10.72
N ARG A 180 -7.48 -2.73 10.80
CA ARG A 180 -8.22 -3.24 9.66
C ARG A 180 -9.48 -2.41 9.46
N LEU A 181 -9.73 -2.01 8.22
CA LEU A 181 -10.79 -1.04 7.93
C LEU A 181 -11.94 -1.71 7.20
N ARG A 182 -11.97 -3.03 7.22
CA ARG A 182 -13.03 -3.77 6.57
C ARG A 182 -14.06 -4.20 7.60
N ASP A 183 -15.33 -4.18 7.19
CA ASP A 183 -16.43 -4.48 8.09
C ASP A 183 -16.42 -5.96 8.49
N GLY A 184 -17.09 -6.29 9.58
CA GLY A 184 -17.06 -7.65 10.09
C GLY A 184 -18.27 -8.46 9.63
N ARG A 185 -18.69 -8.21 8.39
CA ARG A 185 -19.85 -8.88 7.83
C ARG A 185 -19.68 -9.02 6.32
N SER A 186 -19.55 -10.26 5.86
CA SER A 186 -19.39 -10.53 4.44
C SER A 186 -19.92 -11.93 4.09
N LEU A 187 -20.57 -12.57 5.06
CA LEU A 187 -21.01 -13.95 4.89
C LEU A 187 -22.52 -14.01 4.74
N GLU A 188 -23.13 -12.86 4.53
CA GLU A 188 -24.58 -12.75 4.45
C GLU A 188 -25.04 -12.90 3.00
N HIS A 189 -24.09 -13.02 2.09
CA HIS A 189 -24.40 -13.09 0.67
C HIS A 189 -23.55 -14.16 0.01
N HIS A 190 -23.97 -14.61 -1.17
CA HIS A 190 -23.23 -15.63 -1.91
C HIS A 190 -21.88 -15.09 -2.37
N HIS A 191 -20.97 -16.00 -2.70
CA HIS A 191 -19.59 -15.65 -3.02
C HIS A 191 -19.51 -14.77 -4.27
N HIS A 192 -19.61 -15.40 -5.43
CA HIS A 192 -19.66 -14.70 -6.70
C HIS A 192 -21.10 -14.67 -7.18
N HIS A 193 -21.70 -15.84 -7.21
CA HIS A 193 -23.12 -16.01 -7.51
C HIS A 193 -23.55 -17.39 -7.04
N HIS A 194 -22.66 -18.03 -6.28
CA HIS A 194 -22.84 -19.40 -5.83
C HIS A 194 -22.11 -19.56 -4.51
N MET A 1 -12.02 20.73 -7.77
CA MET A 1 -11.61 19.95 -6.58
C MET A 1 -10.29 20.47 -6.03
N LEU A 2 -10.25 20.70 -4.73
CA LEU A 2 -9.05 21.17 -4.06
C LEU A 2 -8.24 20.01 -3.50
N LYS A 3 -8.64 18.79 -3.87
CA LYS A 3 -7.96 17.57 -3.46
C LYS A 3 -6.48 17.63 -3.83
N SER A 4 -6.21 18.16 -5.02
CA SER A 4 -4.86 18.27 -5.55
C SER A 4 -3.99 19.17 -4.66
N GLU A 5 -4.58 20.22 -4.12
CA GLU A 5 -3.86 21.17 -3.29
C GLU A 5 -3.61 20.64 -1.89
N LEU A 6 -4.63 20.01 -1.31
CA LEU A 6 -4.49 19.40 -0.01
C LEU A 6 -3.43 18.30 -0.06
N ARG A 7 -3.42 17.58 -1.17
CA ARG A 7 -2.46 16.50 -1.40
C ARG A 7 -1.03 16.98 -1.23
N LYS A 8 -0.67 18.04 -1.96
CA LYS A 8 0.71 18.50 -1.99
C LYS A 8 1.15 19.07 -0.64
N LYS A 9 0.18 19.54 0.15
CA LYS A 9 0.47 20.07 1.48
C LYS A 9 0.80 18.94 2.45
N VAL A 10 -0.04 17.90 2.42
CA VAL A 10 0.17 16.75 3.28
C VAL A 10 1.43 16.00 2.88
N LEU A 11 1.60 15.81 1.57
CA LEU A 11 2.78 15.14 1.03
C LEU A 11 4.04 15.89 1.42
N HIS A 12 4.02 17.21 1.27
CA HIS A 12 5.17 18.05 1.59
C HIS A 12 5.53 17.94 3.07
N LYS A 13 4.52 17.97 3.91
CA LYS A 13 4.72 17.83 5.35
C LYS A 13 5.32 16.47 5.68
N ARG A 14 4.82 15.45 5.01
CA ARG A 14 5.31 14.09 5.19
C ARG A 14 6.77 13.97 4.75
N ILE A 15 7.08 14.39 3.53
CA ILE A 15 8.42 14.22 3.00
C ILE A 15 9.36 15.32 3.49
N ASN A 16 8.86 16.17 4.37
CA ASN A 16 9.69 17.18 5.00
C ASN A 16 10.50 16.53 6.13
N LEU A 17 9.92 15.48 6.70
CA LEU A 17 10.57 14.71 7.76
C LEU A 17 11.92 14.16 7.30
N SER A 18 12.87 14.15 8.22
CA SER A 18 14.22 13.71 7.93
C SER A 18 14.31 12.18 7.88
N GLU A 19 15.35 11.67 7.23
CA GLU A 19 15.54 10.24 7.09
C GLU A 19 15.72 9.55 8.44
N GLU A 20 16.27 10.30 9.39
CA GLU A 20 16.49 9.77 10.75
C GLU A 20 15.19 9.27 11.34
N GLU A 21 14.17 10.11 11.32
CA GLU A 21 12.89 9.80 11.94
C GLU A 21 12.03 8.91 11.05
N ARG A 22 12.20 9.06 9.73
CA ARG A 22 11.51 8.18 8.78
C ARG A 22 11.88 6.74 9.07
N ARG A 23 13.18 6.47 8.99
CA ARG A 23 13.72 5.12 9.14
C ARG A 23 13.33 4.51 10.48
N ARG A 24 13.35 5.32 11.53
CA ARG A 24 13.02 4.85 12.87
C ARG A 24 11.56 4.40 12.94
N LEU A 25 10.66 5.21 12.39
CA LEU A 25 9.24 4.89 12.40
C LEU A 25 8.93 3.72 11.48
N SER A 26 9.51 3.74 10.29
CA SER A 26 9.28 2.69 9.31
C SER A 26 9.77 1.34 9.84
N GLU A 27 10.83 1.36 10.63
CA GLU A 27 11.33 0.15 11.28
C GLU A 27 10.24 -0.47 12.14
N LYS A 28 9.48 0.38 12.81
CA LYS A 28 8.41 -0.09 13.67
C LYS A 28 7.22 -0.57 12.84
N VAL A 29 7.00 0.08 11.71
CA VAL A 29 5.94 -0.33 10.79
C VAL A 29 6.23 -1.71 10.21
N ILE A 30 7.48 -1.93 9.81
CA ILE A 30 7.91 -3.23 9.32
C ILE A 30 7.68 -4.31 10.38
N SER A 31 8.03 -3.99 11.60
CA SER A 31 7.85 -4.90 12.73
C SER A 31 6.37 -5.15 12.98
N ASN A 32 5.55 -4.11 12.80
CA ASN A 32 4.12 -4.19 13.02
C ASN A 32 3.49 -5.08 11.95
N LEU A 33 3.94 -4.91 10.72
CA LEU A 33 3.45 -5.70 9.60
C LEU A 33 3.77 -7.18 9.81
N LYS A 34 5.02 -7.46 10.20
CA LYS A 34 5.43 -8.84 10.50
C LYS A 34 4.60 -9.42 11.65
N SER A 35 4.14 -8.55 12.54
CA SER A 35 3.38 -8.99 13.70
C SER A 35 1.90 -9.20 13.36
N LEU A 36 1.46 -8.64 12.24
CA LEU A 36 0.09 -8.82 11.78
C LEU A 36 -0.22 -10.30 11.50
N PRO A 37 -1.21 -10.87 12.20
CA PRO A 37 -1.62 -12.26 12.00
C PRO A 37 -1.96 -12.52 10.53
N GLU A 38 -2.54 -11.51 9.88
CA GLU A 38 -2.81 -11.56 8.46
C GLU A 38 -1.51 -11.75 7.66
N PHE A 39 -0.53 -10.89 7.93
CA PHE A 39 0.69 -10.85 7.13
C PHE A 39 1.59 -12.04 7.43
N LYS A 40 1.50 -12.53 8.67
CA LYS A 40 2.25 -13.72 9.06
C LYS A 40 1.86 -14.89 8.18
N LYS A 41 0.56 -15.00 7.90
CA LYS A 41 0.03 -16.08 7.10
C LYS A 41 0.17 -15.79 5.60
N SER A 42 0.28 -14.51 5.25
CA SER A 42 0.37 -14.09 3.87
C SER A 42 1.46 -14.85 3.12
N LYS A 43 1.05 -15.49 2.03
CA LYS A 43 1.96 -16.23 1.17
C LYS A 43 2.23 -15.42 -0.08
N LYS A 44 1.21 -14.68 -0.52
CA LYS A 44 1.29 -13.88 -1.73
C LYS A 44 1.22 -12.39 -1.38
N VAL A 45 2.37 -11.75 -1.29
CA VAL A 45 2.45 -10.36 -0.87
C VAL A 45 2.86 -9.45 -2.02
N ALA A 46 2.03 -8.48 -2.33
CA ALA A 46 2.33 -7.51 -3.36
C ALA A 46 2.71 -6.17 -2.77
N LEU A 47 3.72 -5.53 -3.33
CA LEU A 47 4.14 -4.21 -2.89
C LEU A 47 3.82 -3.17 -3.96
N TYR A 48 3.30 -2.04 -3.54
CA TYR A 48 2.97 -0.96 -4.46
C TYR A 48 4.20 -0.09 -4.72
N CYS A 49 5.30 -0.45 -4.05
CA CYS A 49 6.57 0.28 -4.15
C CYS A 49 6.44 1.67 -3.55
N PRO A 50 6.89 1.84 -2.30
CA PRO A 50 6.84 3.13 -1.61
C PRO A 50 7.80 4.16 -2.21
N ILE A 51 7.27 5.02 -3.07
CA ILE A 51 8.07 6.08 -3.65
C ILE A 51 8.05 7.30 -2.75
N LYS A 52 9.09 8.12 -2.85
CA LYS A 52 9.23 9.35 -2.05
C LYS A 52 9.55 9.01 -0.58
N GLY A 53 9.33 7.76 -0.22
CA GLY A 53 9.53 7.32 1.15
C GLY A 53 8.35 6.49 1.62
N GLU A 54 7.27 7.20 1.97
CA GLU A 54 6.02 6.62 2.50
C GLU A 54 6.20 5.25 3.13
N VAL A 55 6.72 5.26 4.36
CA VAL A 55 7.07 4.03 5.07
C VAL A 55 8.15 3.29 4.29
N ASP A 56 9.39 3.54 4.68
CA ASP A 56 10.56 3.03 3.98
C ASP A 56 10.60 1.51 4.02
N LEU A 57 9.94 0.89 3.04
CA LEU A 57 9.87 -0.56 2.96
C LEU A 57 10.87 -1.11 1.96
N THR A 58 11.77 -0.25 1.49
CA THR A 58 12.80 -0.67 0.54
C THR A 58 13.71 -1.77 1.12
N PRO A 59 14.18 -1.66 2.39
CA PRO A 59 14.97 -2.71 3.01
C PRO A 59 14.15 -3.97 3.33
N LEU A 60 12.85 -3.88 3.11
CA LEU A 60 11.94 -4.99 3.39
C LEU A 60 11.84 -5.91 2.17
N PHE A 61 12.22 -5.41 1.00
CA PHE A 61 12.16 -6.20 -0.23
C PHE A 61 12.92 -7.53 -0.09
N PRO A 62 14.22 -7.53 0.29
CA PRO A 62 14.98 -8.76 0.50
C PRO A 62 14.34 -9.67 1.56
N GLU A 63 13.76 -9.03 2.56
CA GLU A 63 13.10 -9.75 3.65
C GLU A 63 11.88 -10.52 3.13
N VAL A 64 11.08 -9.86 2.31
CA VAL A 64 9.89 -10.48 1.73
C VAL A 64 10.28 -11.60 0.77
N LEU A 65 11.31 -11.34 -0.04
CA LEU A 65 11.79 -12.32 -1.01
C LEU A 65 12.28 -13.60 -0.32
N LYS A 66 12.72 -13.45 0.92
CA LYS A 66 13.22 -14.57 1.70
C LYS A 66 12.08 -15.48 2.17
N GLU A 67 11.11 -14.89 2.87
CA GLU A 67 10.03 -15.67 3.47
C GLU A 67 8.95 -16.01 2.45
N LYS A 68 8.47 -14.98 1.77
CA LYS A 68 7.25 -15.08 0.98
C LYS A 68 7.52 -14.82 -0.49
N GLU A 69 6.44 -14.72 -1.26
CA GLU A 69 6.56 -14.38 -2.67
C GLU A 69 6.15 -12.93 -2.87
N LEU A 70 6.98 -12.18 -3.58
CA LEU A 70 6.75 -10.76 -3.76
C LEU A 70 6.19 -10.47 -5.15
N ILE A 71 5.01 -9.88 -5.19
CA ILE A 71 4.39 -9.49 -6.44
C ILE A 71 4.64 -8.00 -6.68
N LEU A 72 5.31 -7.69 -7.77
CA LEU A 72 5.63 -6.31 -8.09
C LEU A 72 4.94 -5.87 -9.39
N PRO A 73 4.48 -4.62 -9.43
CA PRO A 73 3.82 -4.06 -10.60
C PRO A 73 4.80 -3.80 -11.74
N LYS A 74 4.46 -4.29 -12.92
CA LYS A 74 5.30 -4.12 -14.09
C LYS A 74 4.52 -3.37 -15.17
N VAL A 75 5.01 -2.19 -15.52
CA VAL A 75 4.39 -1.40 -16.57
C VAL A 75 5.04 -1.73 -17.90
N GLU A 76 4.32 -2.47 -18.74
CA GLU A 76 4.85 -2.91 -20.03
C GLU A 76 4.48 -1.91 -21.12
N GLY A 77 4.19 -0.68 -20.70
CA GLY A 77 3.75 0.35 -21.63
C GLY A 77 2.26 0.59 -21.50
N ASN A 78 1.87 1.38 -20.49
CA ASN A 78 0.47 1.61 -20.13
C ASN A 78 -0.12 0.34 -19.52
N GLU A 79 -0.11 -0.75 -20.29
CA GLU A 79 -0.55 -2.04 -19.81
C GLU A 79 0.27 -2.44 -18.59
N ILE A 80 -0.40 -2.62 -17.47
CA ILE A 80 0.27 -2.98 -16.24
C ILE A 80 -0.10 -4.41 -15.84
N SER A 81 0.90 -5.16 -15.42
CA SER A 81 0.68 -6.50 -14.93
C SER A 81 1.40 -6.66 -13.60
N LEU A 82 1.24 -7.81 -12.97
CA LEU A 82 1.89 -8.09 -11.71
C LEU A 82 2.82 -9.29 -11.86
N TYR A 83 4.08 -9.10 -11.55
CA TYR A 83 5.05 -10.16 -11.72
C TYR A 83 5.55 -10.67 -10.37
N ARG A 84 5.46 -11.99 -10.19
CA ARG A 84 5.87 -12.64 -8.96
C ARG A 84 7.36 -12.96 -9.00
N VAL A 85 8.10 -12.40 -8.06
CA VAL A 85 9.52 -12.67 -7.96
C VAL A 85 9.85 -13.29 -6.61
N HIS A 86 10.83 -14.18 -6.63
CA HIS A 86 11.30 -14.84 -5.42
C HIS A 86 12.81 -14.92 -5.48
N SER A 87 13.39 -14.03 -6.28
CA SER A 87 14.82 -14.00 -6.53
C SER A 87 15.31 -12.55 -6.60
N PRO A 88 16.28 -12.18 -5.74
CA PRO A 88 16.83 -10.82 -5.69
C PRO A 88 17.46 -10.37 -7.01
N ALA A 89 18.02 -11.32 -7.76
CA ALA A 89 18.67 -11.00 -9.03
C ALA A 89 17.68 -10.76 -10.16
N CYS A 90 16.41 -10.59 -9.81
CA CYS A 90 15.38 -10.34 -10.79
C CYS A 90 14.90 -8.89 -10.71
N LEU A 91 15.54 -8.12 -9.84
CA LEU A 91 15.17 -6.73 -9.65
C LEU A 91 15.99 -5.82 -10.55
N GLY A 92 15.34 -4.84 -11.17
CA GLY A 92 16.03 -3.91 -12.04
C GLY A 92 15.26 -2.62 -12.20
N VAL A 93 15.95 -1.56 -12.61
CA VAL A 93 15.32 -0.26 -12.79
C VAL A 93 15.19 0.07 -14.27
N GLY A 94 13.95 0.14 -14.74
CA GLY A 94 13.72 0.42 -16.15
C GLY A 94 13.06 1.76 -16.37
N ALA A 95 11.89 1.96 -15.79
CA ALA A 95 11.12 3.18 -16.00
C ALA A 95 10.94 3.95 -14.69
N PHE A 96 10.99 5.28 -14.81
CA PHE A 96 10.72 6.21 -13.72
C PHE A 96 11.85 6.24 -12.69
N GLY A 97 12.20 5.07 -12.17
CA GLY A 97 13.21 5.00 -11.14
C GLY A 97 12.76 4.15 -9.98
N ILE A 98 12.17 3.01 -10.28
CA ILE A 98 11.71 2.07 -9.28
C ILE A 98 12.35 0.71 -9.48
N MET A 99 12.21 -0.17 -8.50
CA MET A 99 12.74 -1.52 -8.62
C MET A 99 11.69 -2.45 -9.20
N GLU A 100 11.81 -2.70 -10.49
CA GLU A 100 10.87 -3.54 -11.21
C GLU A 100 11.36 -4.97 -11.28
N PRO A 101 10.43 -5.91 -11.48
CA PRO A 101 10.78 -7.27 -11.85
C PRO A 101 11.18 -7.33 -13.32
N VAL A 102 12.43 -7.67 -13.59
CA VAL A 102 12.92 -7.75 -14.95
C VAL A 102 12.31 -8.97 -15.64
N GLU A 103 12.33 -10.08 -14.93
CA GLU A 103 11.77 -11.32 -15.41
C GLU A 103 10.84 -11.89 -14.35
N GLY A 104 10.61 -13.19 -14.38
CA GLY A 104 9.83 -13.83 -13.34
C GLY A 104 8.59 -14.49 -13.89
N GLU A 105 7.65 -14.76 -13.00
CA GLU A 105 6.42 -15.45 -13.38
C GLU A 105 5.22 -14.59 -12.98
N ARG A 106 4.52 -14.05 -13.96
CA ARG A 106 3.45 -13.11 -13.69
C ARG A 106 2.21 -13.77 -13.13
N VAL A 107 1.51 -13.01 -12.29
CA VAL A 107 0.33 -13.46 -11.59
C VAL A 107 -0.77 -12.42 -11.73
N ASN A 108 -1.98 -12.86 -12.01
CA ASN A 108 -3.11 -11.96 -12.13
C ASN A 108 -3.48 -11.39 -10.76
N PRO A 109 -3.89 -10.11 -10.69
CA PRO A 109 -4.33 -9.46 -9.44
C PRO A 109 -5.43 -10.22 -8.72
N GLU A 110 -6.10 -11.11 -9.46
CA GLU A 110 -7.13 -11.97 -8.89
C GLU A 110 -6.53 -12.93 -7.84
N ASP A 111 -5.28 -13.32 -8.05
CA ASP A 111 -4.62 -14.29 -7.18
C ASP A 111 -3.83 -13.60 -6.06
N VAL A 112 -3.94 -12.28 -6.00
CA VAL A 112 -3.27 -11.50 -4.97
C VAL A 112 -4.10 -11.51 -3.69
N ASP A 113 -3.50 -12.01 -2.61
CA ASP A 113 -4.17 -12.12 -1.33
C ASP A 113 -3.85 -10.92 -0.44
N PHE A 114 -2.58 -10.56 -0.37
CA PHE A 114 -2.15 -9.45 0.48
C PHE A 114 -1.37 -8.44 -0.36
N ILE A 115 -1.73 -7.18 -0.24
CA ILE A 115 -1.00 -6.12 -0.93
C ILE A 115 -0.80 -4.93 -0.01
N ALA A 116 0.38 -4.34 -0.05
CA ALA A 116 0.72 -3.20 0.78
C ALA A 116 0.85 -1.95 -0.06
N VAL A 117 -0.05 -1.00 0.14
CA VAL A 117 -0.09 0.20 -0.67
C VAL A 117 0.12 1.44 0.18
N PRO A 118 1.24 2.15 -0.03
CA PRO A 118 1.47 3.45 0.58
C PRO A 118 0.58 4.51 -0.05
N GLY A 119 -0.27 5.12 0.75
CA GLY A 119 -1.23 6.07 0.23
C GLY A 119 -1.09 7.44 0.85
N VAL A 120 -1.27 8.46 0.03
CA VAL A 120 -1.18 9.85 0.50
C VAL A 120 -2.52 10.29 1.09
N ALA A 121 -2.54 10.37 2.42
CA ALA A 121 -3.71 10.87 3.17
C ALA A 121 -4.88 9.89 3.17
N PHE A 122 -5.29 9.48 4.36
CA PHE A 122 -6.46 8.63 4.53
C PHE A 122 -7.45 9.28 5.49
N ASP A 123 -8.70 8.84 5.47
CA ASP A 123 -9.70 9.34 6.41
C ASP A 123 -10.09 8.23 7.39
N LEU A 124 -11.06 8.52 8.27
CA LEU A 124 -11.45 7.56 9.31
C LEU A 124 -12.13 6.32 8.73
N GLU A 125 -12.81 6.45 7.60
CA GLU A 125 -13.53 5.33 7.03
C GLU A 125 -12.61 4.45 6.18
N GLY A 126 -11.71 5.08 5.44
CA GLY A 126 -10.73 4.32 4.69
C GLY A 126 -10.60 4.77 3.25
N TYR A 127 -10.81 6.04 3.01
CA TYR A 127 -10.65 6.59 1.68
C TYR A 127 -9.31 7.31 1.52
N ARG A 128 -8.87 7.41 0.28
CA ARG A 128 -7.64 8.10 -0.04
C ARG A 128 -7.96 9.51 -0.54
N LEU A 129 -7.01 10.41 -0.43
CA LEU A 129 -7.17 11.75 -0.98
C LEU A 129 -6.94 11.74 -2.48
N GLY A 130 -5.99 10.92 -2.91
CA GLY A 130 -5.70 10.81 -4.33
C GLY A 130 -4.42 11.50 -4.71
N PHE A 131 -3.59 10.85 -5.52
CA PHE A 131 -2.33 11.43 -5.95
C PHE A 131 -1.99 10.98 -7.37
N GLY A 132 -2.98 10.44 -8.08
CA GLY A 132 -2.76 9.97 -9.43
C GLY A 132 -3.81 8.96 -9.85
N LYS A 133 -4.04 8.86 -11.16
CA LYS A 133 -5.03 7.93 -11.69
C LYS A 133 -4.57 7.39 -13.04
N GLY A 134 -4.93 6.14 -13.33
CA GLY A 134 -4.53 5.51 -14.57
C GLY A 134 -4.77 4.03 -14.53
N TYR A 135 -3.87 3.25 -15.12
CA TYR A 135 -3.98 1.80 -15.10
C TYR A 135 -3.64 1.26 -13.71
N TYR A 136 -2.83 2.02 -12.98
CA TYR A 136 -2.48 1.66 -11.62
C TYR A 136 -3.70 1.80 -10.72
N ASP A 137 -4.55 2.75 -11.09
CA ASP A 137 -5.80 3.01 -10.38
C ASP A 137 -6.74 1.82 -10.56
N ARG A 138 -6.93 1.44 -11.82
CA ARG A 138 -7.76 0.29 -12.18
C ARG A 138 -7.25 -0.98 -11.50
N LEU A 139 -5.93 -1.10 -11.41
CA LEU A 139 -5.29 -2.25 -10.78
C LEU A 139 -5.75 -2.41 -9.34
N LEU A 140 -5.70 -1.30 -8.60
CA LEU A 140 -6.05 -1.32 -7.17
C LEU A 140 -7.47 -1.80 -6.92
N LYS A 141 -8.39 -1.43 -7.81
CA LYS A 141 -9.79 -1.78 -7.62
C LYS A 141 -10.10 -3.13 -8.27
N ARG A 142 -9.09 -3.74 -8.86
CA ARG A 142 -9.23 -5.08 -9.45
C ARG A 142 -8.78 -6.14 -8.44
N VAL A 143 -7.84 -5.77 -7.57
CA VAL A 143 -7.35 -6.68 -6.54
C VAL A 143 -8.48 -7.02 -5.56
N LYS A 144 -8.98 -8.24 -5.64
CA LYS A 144 -10.06 -8.69 -4.77
C LYS A 144 -9.53 -9.20 -3.45
N GLY A 145 -8.25 -8.99 -3.21
CA GLY A 145 -7.64 -9.41 -1.97
C GLY A 145 -7.70 -8.34 -0.90
N LEU A 146 -6.77 -8.39 0.03
CA LEU A 146 -6.73 -7.46 1.14
C LEU A 146 -5.83 -6.28 0.81
N LYS A 147 -6.43 -5.11 0.67
CA LYS A 147 -5.66 -3.89 0.40
C LYS A 147 -5.26 -3.23 1.71
N VAL A 148 -3.98 -3.31 2.03
CA VAL A 148 -3.46 -2.73 3.25
C VAL A 148 -2.84 -1.37 2.97
N GLY A 149 -3.48 -0.33 3.47
CA GLY A 149 -2.94 1.00 3.36
C GLY A 149 -1.87 1.23 4.41
N VAL A 150 -0.63 1.37 3.96
CA VAL A 150 0.47 1.55 4.87
C VAL A 150 0.93 3.00 4.86
N ALA A 151 0.81 3.67 5.99
CA ALA A 151 1.17 5.08 6.09
C ALA A 151 1.48 5.46 7.54
N TYR A 152 1.76 6.73 7.75
CA TYR A 152 2.04 7.23 9.08
C TYR A 152 0.77 7.78 9.70
N SER A 153 0.76 7.91 11.03
CA SER A 153 -0.45 8.26 11.74
C SER A 153 -0.81 9.72 11.53
N PHE A 154 0.19 10.56 11.29
CA PHE A 154 -0.05 11.98 11.09
C PHE A 154 -0.62 12.25 9.70
N GLN A 155 -0.50 11.26 8.80
CA GLN A 155 -1.01 11.42 7.44
C GLN A 155 -2.41 10.81 7.36
N VAL A 156 -2.93 10.42 8.51
CA VAL A 156 -4.30 9.96 8.62
C VAL A 156 -5.16 11.06 9.25
N PHE A 157 -6.18 11.47 8.55
CA PHE A 157 -7.06 12.54 9.02
C PHE A 157 -8.40 11.95 9.45
N GLU A 158 -9.28 12.82 9.91
CA GLU A 158 -10.59 12.39 10.35
C GLU A 158 -11.55 12.36 9.17
N ARG A 159 -11.67 13.50 8.51
CA ARG A 159 -12.61 13.64 7.42
C ARG A 159 -11.97 14.40 6.25
N LEU A 160 -11.62 13.65 5.23
CA LEU A 160 -11.07 14.22 4.02
C LEU A 160 -12.17 14.45 3.00
N PRO A 161 -11.96 15.34 2.02
CA PRO A 161 -12.89 15.49 0.91
C PRO A 161 -12.95 14.21 0.09
N ARG A 162 -14.00 13.43 0.32
CA ARG A 162 -14.15 12.15 -0.32
C ARG A 162 -14.91 12.30 -1.62
N ASP A 163 -14.46 11.57 -2.63
CA ASP A 163 -14.98 11.77 -3.98
C ASP A 163 -16.36 11.15 -4.13
N ALA A 164 -16.41 9.91 -4.56
CA ALA A 164 -17.67 9.18 -4.67
C ALA A 164 -17.41 7.70 -4.86
N TRP A 165 -17.02 7.32 -6.06
CA TRP A 165 -16.73 5.93 -6.38
C TRP A 165 -15.23 5.74 -6.43
N ASP A 166 -14.57 6.19 -5.36
CA ASP A 166 -13.13 6.11 -5.24
C ASP A 166 -12.71 4.72 -4.78
N ILE A 167 -11.45 4.57 -4.39
CA ILE A 167 -10.93 3.27 -3.97
C ILE A 167 -10.59 3.27 -2.48
N PRO A 168 -11.43 2.65 -1.65
CA PRO A 168 -11.20 2.52 -0.22
C PRO A 168 -10.31 1.32 0.11
N VAL A 169 -9.62 1.40 1.23
CA VAL A 169 -8.74 0.31 1.68
C VAL A 169 -9.48 -0.61 2.64
N ASP A 170 -8.85 -1.71 2.99
CA ASP A 170 -9.44 -2.68 3.89
C ASP A 170 -8.87 -2.54 5.29
N VAL A 171 -7.54 -2.56 5.37
CA VAL A 171 -6.83 -2.42 6.63
C VAL A 171 -5.86 -1.25 6.56
N LEU A 172 -5.76 -0.48 7.64
CA LEU A 172 -4.88 0.68 7.67
C LEU A 172 -3.81 0.50 8.75
N VAL A 173 -2.57 0.32 8.33
CA VAL A 173 -1.46 0.16 9.27
C VAL A 173 -0.66 1.45 9.36
N THR A 174 -0.56 1.99 10.57
CA THR A 174 0.17 3.22 10.76
C THR A 174 1.48 2.96 11.51
N GLU A 175 2.15 4.03 11.88
CA GLU A 175 3.42 3.96 12.58
C GLU A 175 3.23 3.44 14.00
N LYS A 176 2.00 3.50 14.52
CA LYS A 176 1.73 3.11 15.90
C LYS A 176 0.77 1.92 15.95
N ASN A 177 -0.46 2.11 15.51
CA ASN A 177 -1.49 1.09 15.65
C ASN A 177 -2.08 0.67 14.31
N VAL A 178 -2.84 -0.40 14.32
CA VAL A 178 -3.46 -0.93 13.11
C VAL A 178 -4.98 -0.81 13.19
N ARG A 179 -5.57 -0.15 12.22
CA ARG A 179 -7.00 0.05 12.18
C ARG A 179 -7.65 -0.88 11.15
N ARG A 180 -8.38 -1.86 11.65
CA ARG A 180 -9.17 -2.74 10.79
C ARG A 180 -10.48 -2.05 10.47
N LEU A 181 -10.48 -1.28 9.39
CA LEU A 181 -11.54 -0.32 9.10
C LEU A 181 -12.90 -0.98 8.85
N ARG A 182 -12.90 -2.08 8.11
CA ARG A 182 -14.15 -2.74 7.76
C ARG A 182 -14.21 -4.13 8.37
N ASP A 183 -13.53 -4.31 9.49
CA ASP A 183 -13.50 -5.59 10.18
C ASP A 183 -13.67 -5.39 11.68
N GLY A 184 -14.80 -5.87 12.20
CA GLY A 184 -15.06 -5.74 13.62
C GLY A 184 -16.55 -5.72 13.92
N ARG A 185 -16.88 -6.03 15.16
CA ARG A 185 -18.26 -6.06 15.65
C ARG A 185 -19.09 -7.18 15.01
N SER A 186 -19.68 -8.02 15.86
CA SER A 186 -20.55 -9.08 15.41
C SER A 186 -21.59 -9.38 16.48
N LEU A 187 -22.73 -9.91 16.08
CA LEU A 187 -23.79 -10.25 17.01
C LEU A 187 -24.65 -11.35 16.41
N GLU A 188 -24.06 -12.12 15.50
CA GLU A 188 -24.82 -13.10 14.74
C GLU A 188 -24.26 -14.51 14.91
N HIS A 189 -25.14 -15.41 15.31
CA HIS A 189 -24.88 -16.84 15.21
C HIS A 189 -25.82 -17.39 14.15
N HIS A 190 -26.24 -18.63 14.27
CA HIS A 190 -27.30 -19.14 13.40
C HIS A 190 -28.56 -18.34 13.67
N HIS A 191 -29.04 -17.65 12.64
CA HIS A 191 -30.16 -16.72 12.78
C HIS A 191 -31.41 -17.45 13.28
N HIS A 192 -32.10 -16.82 14.23
CA HIS A 192 -33.23 -17.45 14.90
C HIS A 192 -34.51 -17.29 14.10
N HIS A 193 -34.39 -17.14 12.78
CA HIS A 193 -35.55 -17.05 11.91
C HIS A 193 -35.18 -17.49 10.50
N HIS A 194 -36.06 -18.26 9.89
CA HIS A 194 -35.86 -18.72 8.52
C HIS A 194 -36.56 -17.79 7.55
N MET A 1 -8.00 22.61 -7.03
CA MET A 1 -9.12 22.55 -6.06
C MET A 1 -8.58 22.22 -4.68
N LEU A 2 -9.45 21.92 -3.72
CA LEU A 2 -9.04 21.48 -2.40
C LEU A 2 -8.29 20.15 -2.49
N LYS A 3 -8.61 19.38 -3.53
CA LYS A 3 -7.99 18.09 -3.76
C LYS A 3 -6.49 18.24 -3.99
N SER A 4 -6.11 19.15 -4.87
CA SER A 4 -4.70 19.42 -5.13
C SER A 4 -4.04 20.07 -3.92
N GLU A 5 -4.82 20.85 -3.18
CA GLU A 5 -4.34 21.52 -1.99
C GLU A 5 -3.83 20.51 -0.95
N LEU A 6 -4.73 19.61 -0.56
CA LEU A 6 -4.40 18.58 0.43
C LEU A 6 -3.25 17.70 -0.06
N ARG A 7 -3.30 17.36 -1.34
CA ARG A 7 -2.27 16.53 -1.97
C ARG A 7 -0.87 17.10 -1.72
N LYS A 8 -0.70 18.39 -2.01
CA LYS A 8 0.59 19.04 -1.89
C LYS A 8 1.05 19.09 -0.42
N LYS A 9 0.14 19.44 0.47
CA LYS A 9 0.48 19.63 1.88
C LYS A 9 0.92 18.33 2.52
N VAL A 10 0.18 17.25 2.27
CA VAL A 10 0.51 15.96 2.85
C VAL A 10 1.80 15.41 2.25
N LEU A 11 2.04 15.71 0.97
CA LEU A 11 3.30 15.35 0.32
C LEU A 11 4.48 15.95 1.09
N HIS A 12 4.43 17.25 1.34
CA HIS A 12 5.49 17.94 2.05
C HIS A 12 5.69 17.35 3.44
N LYS A 13 4.60 17.07 4.14
CA LYS A 13 4.66 16.56 5.50
C LYS A 13 5.10 15.10 5.53
N ARG A 14 5.34 14.51 4.36
CA ARG A 14 5.84 13.14 4.28
C ARG A 14 7.28 13.10 3.75
N ILE A 15 7.56 13.92 2.75
CA ILE A 15 8.88 13.88 2.11
C ILE A 15 9.86 14.85 2.77
N ASN A 16 9.36 15.82 3.52
CA ASN A 16 10.23 16.78 4.18
C ASN A 16 10.57 16.29 5.59
N LEU A 17 10.02 15.14 5.95
CA LEU A 17 10.35 14.50 7.22
C LEU A 17 11.82 14.10 7.23
N SER A 18 12.42 14.11 8.41
CA SER A 18 13.82 13.73 8.55
C SER A 18 13.98 12.27 8.15
N GLU A 19 14.99 11.99 7.32
CA GLU A 19 15.17 10.65 6.78
C GLU A 19 15.50 9.63 7.87
N GLU A 20 16.28 10.07 8.86
CA GLU A 20 16.61 9.20 9.98
C GLU A 20 15.36 8.91 10.82
N GLU A 21 14.48 9.89 10.90
CA GLU A 21 13.24 9.75 11.65
C GLU A 21 12.27 8.84 10.90
N ARG A 22 12.20 9.02 9.58
CA ARG A 22 11.35 8.19 8.74
C ARG A 22 11.85 6.74 8.75
N ARG A 23 13.17 6.58 8.78
CA ARG A 23 13.78 5.28 8.95
C ARG A 23 13.31 4.64 10.26
N ARG A 24 13.35 5.44 11.33
CA ARG A 24 12.90 5.00 12.65
C ARG A 24 11.43 4.59 12.62
N LEU A 25 10.60 5.44 12.03
CA LEU A 25 9.17 5.18 11.94
C LEU A 25 8.89 3.93 11.12
N SER A 26 9.59 3.79 10.00
CA SER A 26 9.44 2.61 9.15
C SER A 26 9.85 1.34 9.91
N GLU A 27 10.88 1.45 10.74
CA GLU A 27 11.33 0.34 11.58
C GLU A 27 10.18 -0.14 12.47
N LYS A 28 9.45 0.82 13.02
CA LYS A 28 8.32 0.55 13.89
C LYS A 28 7.18 -0.11 13.10
N VAL A 29 6.95 0.39 11.89
CA VAL A 29 5.91 -0.16 11.02
C VAL A 29 6.24 -1.59 10.60
N ILE A 30 7.50 -1.84 10.27
CA ILE A 30 7.95 -3.16 9.85
C ILE A 30 7.68 -4.20 10.94
N SER A 31 7.98 -3.86 12.18
CA SER A 31 7.78 -4.77 13.29
C SER A 31 6.28 -4.97 13.56
N ASN A 32 5.49 -3.91 13.35
CA ASN A 32 4.04 -4.00 13.51
C ASN A 32 3.45 -4.92 12.46
N LEU A 33 3.90 -4.75 11.21
CA LEU A 33 3.43 -5.55 10.09
C LEU A 33 3.75 -7.03 10.32
N LYS A 34 4.95 -7.31 10.80
CA LYS A 34 5.35 -8.69 11.08
C LYS A 34 4.71 -9.21 12.37
N SER A 35 4.15 -8.30 13.16
CA SER A 35 3.45 -8.69 14.37
C SER A 35 2.03 -9.17 14.01
N LEU A 36 1.51 -8.67 12.89
CA LEU A 36 0.21 -9.11 12.39
C LEU A 36 0.22 -10.61 12.10
N PRO A 37 -0.68 -11.37 12.73
CA PRO A 37 -0.79 -12.82 12.49
C PRO A 37 -1.27 -13.12 11.07
N GLU A 38 -1.92 -12.14 10.47
CA GLU A 38 -2.40 -12.27 9.10
C GLU A 38 -1.24 -12.26 8.12
N PHE A 39 -0.18 -11.52 8.48
CA PHE A 39 0.95 -11.31 7.59
C PHE A 39 1.67 -12.62 7.25
N LYS A 40 1.89 -13.46 8.25
CA LYS A 40 2.56 -14.74 8.01
C LYS A 40 1.65 -15.70 7.24
N LYS A 41 0.36 -15.43 7.24
CA LYS A 41 -0.58 -16.23 6.47
C LYS A 41 -0.54 -15.81 5.01
N SER A 42 -0.41 -14.50 4.80
CA SER A 42 -0.32 -13.95 3.46
C SER A 42 1.04 -14.27 2.82
N LYS A 43 1.00 -14.97 1.69
CA LYS A 43 2.21 -15.26 0.96
C LYS A 43 2.30 -14.42 -0.30
N LYS A 44 1.16 -14.04 -0.85
CA LYS A 44 1.13 -13.21 -2.04
C LYS A 44 1.15 -11.74 -1.65
N VAL A 45 2.35 -11.17 -1.58
CA VAL A 45 2.50 -9.80 -1.12
C VAL A 45 2.98 -8.90 -2.25
N ALA A 46 2.10 -8.01 -2.68
CA ALA A 46 2.41 -7.07 -3.73
C ALA A 46 2.69 -5.69 -3.15
N LEU A 47 3.74 -5.05 -3.62
CA LEU A 47 4.07 -3.71 -3.16
C LEU A 47 3.94 -2.72 -4.31
N TYR A 48 3.51 -1.51 -3.98
CA TYR A 48 3.32 -0.48 -4.98
C TYR A 48 4.64 0.29 -5.21
N CYS A 49 5.69 -0.15 -4.51
CA CYS A 49 7.00 0.51 -4.55
C CYS A 49 6.93 1.94 -4.02
N PRO A 50 7.14 2.11 -2.71
CA PRO A 50 7.06 3.41 -2.06
C PRO A 50 8.21 4.33 -2.44
N ILE A 51 7.94 5.28 -3.32
CA ILE A 51 8.91 6.28 -3.70
C ILE A 51 8.67 7.57 -2.93
N LYS A 52 9.61 8.51 -3.01
CA LYS A 52 9.58 9.72 -2.21
C LYS A 52 9.74 9.38 -0.72
N GLY A 53 10.30 8.20 -0.48
CA GLY A 53 10.45 7.73 0.88
C GLY A 53 9.20 7.03 1.37
N GLU A 54 8.28 7.82 1.91
CA GLU A 54 7.03 7.32 2.49
C GLU A 54 7.31 6.38 3.65
N VAL A 55 7.55 5.13 3.33
CA VAL A 55 7.84 4.09 4.31
C VAL A 55 8.83 3.12 3.72
N ASP A 56 9.86 2.77 4.48
CA ASP A 56 10.90 1.86 3.99
C ASP A 56 10.38 0.43 3.86
N LEU A 57 9.66 0.16 2.79
CA LEU A 57 9.20 -1.20 2.51
C LEU A 57 10.14 -1.84 1.50
N THR A 58 10.92 -1.01 0.82
CA THR A 58 11.91 -1.49 -0.13
C THR A 58 13.00 -2.32 0.56
N PRO A 59 13.61 -1.82 1.66
CA PRO A 59 14.59 -2.60 2.44
C PRO A 59 13.97 -3.79 3.18
N LEU A 60 12.67 -4.00 2.97
CA LEU A 60 11.97 -5.11 3.59
C LEU A 60 11.96 -6.33 2.68
N PHE A 61 12.40 -6.14 1.43
CA PHE A 61 12.46 -7.23 0.45
C PHE A 61 13.20 -8.46 1.00
N PRO A 62 14.41 -8.30 1.59
CA PRO A 62 15.15 -9.43 2.19
C PRO A 62 14.31 -10.23 3.18
N GLU A 63 13.44 -9.53 3.91
CA GLU A 63 12.62 -10.17 4.94
C GLU A 63 11.33 -10.73 4.34
N VAL A 64 11.04 -10.35 3.11
CA VAL A 64 9.86 -10.86 2.41
C VAL A 64 10.21 -12.08 1.57
N LEU A 65 11.36 -12.04 0.91
CA LEU A 65 11.77 -13.09 -0.03
C LEU A 65 12.04 -14.42 0.69
N LYS A 66 11.91 -14.42 2.00
CA LYS A 66 12.13 -15.62 2.79
C LYS A 66 10.88 -16.50 2.84
N GLU A 67 9.75 -15.91 3.22
CA GLU A 67 8.53 -16.68 3.42
C GLU A 67 7.40 -16.22 2.49
N LYS A 68 7.57 -15.10 1.81
CA LYS A 68 6.54 -14.61 0.90
C LYS A 68 7.02 -14.58 -0.55
N GLU A 69 6.05 -14.45 -1.44
CA GLU A 69 6.29 -14.25 -2.85
C GLU A 69 6.16 -12.77 -3.16
N LEU A 70 7.25 -12.14 -3.56
CA LEU A 70 7.28 -10.71 -3.80
C LEU A 70 6.65 -10.37 -5.14
N ILE A 71 5.64 -9.50 -5.11
CA ILE A 71 4.98 -9.06 -6.32
C ILE A 71 5.23 -7.57 -6.53
N LEU A 72 5.89 -7.23 -7.63
CA LEU A 72 6.20 -5.84 -7.93
C LEU A 72 5.56 -5.41 -9.25
N PRO A 73 5.17 -4.14 -9.36
CA PRO A 73 4.49 -3.62 -10.54
C PRO A 73 5.43 -3.26 -11.69
N LYS A 74 5.10 -3.77 -12.87
CA LYS A 74 5.85 -3.42 -14.07
C LYS A 74 4.88 -2.93 -15.16
N VAL A 75 4.94 -1.64 -15.46
CA VAL A 75 4.05 -1.07 -16.46
C VAL A 75 4.53 -1.44 -17.86
N GLU A 76 3.82 -2.36 -18.49
CA GLU A 76 4.22 -2.88 -19.80
C GLU A 76 3.80 -1.94 -20.93
N GLY A 77 2.97 -0.96 -20.59
CA GLY A 77 2.51 0.01 -21.58
C GLY A 77 1.21 0.65 -21.17
N ASN A 78 0.30 -0.17 -20.67
CA ASN A 78 -0.99 0.30 -20.18
C ASN A 78 -1.35 -0.39 -18.87
N GLU A 79 -1.03 -1.67 -18.81
CA GLU A 79 -1.34 -2.47 -17.65
C GLU A 79 -0.20 -2.43 -16.65
N ILE A 80 -0.54 -2.39 -15.36
CA ILE A 80 0.44 -2.61 -14.32
C ILE A 80 0.61 -4.11 -14.16
N SER A 81 1.58 -4.66 -14.87
CA SER A 81 1.81 -6.09 -14.86
C SER A 81 2.58 -6.46 -13.60
N LEU A 82 1.88 -7.08 -12.67
CA LEU A 82 2.49 -7.51 -11.42
C LEU A 82 3.35 -8.73 -11.66
N TYR A 83 4.65 -8.60 -11.41
CA TYR A 83 5.57 -9.71 -11.60
C TYR A 83 5.93 -10.34 -10.28
N ARG A 84 5.87 -11.66 -10.24
CA ARG A 84 6.12 -12.42 -9.03
C ARG A 84 7.54 -12.97 -9.02
N VAL A 85 8.33 -12.50 -8.07
CA VAL A 85 9.69 -12.98 -7.90
C VAL A 85 9.93 -13.31 -6.43
N HIS A 86 10.78 -14.29 -6.17
CA HIS A 86 11.15 -14.63 -4.81
C HIS A 86 12.67 -14.64 -4.68
N SER A 87 13.32 -13.99 -5.65
CA SER A 87 14.76 -13.95 -5.70
C SER A 87 15.22 -12.54 -6.11
N PRO A 88 16.32 -12.06 -5.52
CA PRO A 88 16.87 -10.74 -5.85
C PRO A 88 17.60 -10.75 -7.19
N ALA A 89 18.24 -9.63 -7.53
CA ALA A 89 19.03 -9.48 -8.76
C ALA A 89 18.15 -9.36 -10.00
N CYS A 90 16.98 -9.99 -9.97
CA CYS A 90 16.04 -9.89 -11.09
C CYS A 90 15.32 -8.55 -11.06
N LEU A 91 15.68 -7.72 -10.10
CA LEU A 91 15.10 -6.39 -9.96
C LEU A 91 16.06 -5.33 -10.47
N GLY A 92 15.77 -4.77 -11.63
CA GLY A 92 16.63 -3.77 -12.21
C GLY A 92 16.02 -2.39 -12.14
N VAL A 93 16.54 -1.47 -12.93
CA VAL A 93 16.03 -0.10 -12.97
C VAL A 93 15.85 0.35 -14.41
N GLY A 94 14.64 0.73 -14.77
CA GLY A 94 14.38 1.14 -16.13
C GLY A 94 13.15 2.00 -16.27
N ALA A 95 11.99 1.38 -16.19
CA ALA A 95 10.71 2.07 -16.35
C ALA A 95 10.57 3.22 -15.38
N PHE A 96 10.51 4.44 -15.93
CA PHE A 96 10.33 5.67 -15.16
C PHE A 96 11.52 5.95 -14.26
N GLY A 97 12.58 5.16 -14.43
CA GLY A 97 13.74 5.27 -13.57
C GLY A 97 13.53 4.59 -12.23
N ILE A 98 12.48 3.78 -12.15
CA ILE A 98 12.14 3.07 -10.93
C ILE A 98 12.55 1.60 -11.08
N MET A 99 12.59 0.87 -9.97
CA MET A 99 12.98 -0.54 -10.00
C MET A 99 11.91 -1.40 -10.65
N GLU A 100 12.34 -2.32 -11.49
CA GLU A 100 11.42 -3.20 -12.21
C GLU A 100 11.95 -4.63 -12.23
N PRO A 101 11.07 -5.63 -12.10
CA PRO A 101 11.44 -7.03 -12.27
C PRO A 101 11.68 -7.34 -13.74
N VAL A 102 12.94 -7.50 -14.11
CA VAL A 102 13.33 -7.63 -15.51
C VAL A 102 12.79 -8.92 -16.14
N GLU A 103 12.50 -9.90 -15.30
CA GLU A 103 11.96 -11.16 -15.76
C GLU A 103 11.11 -11.82 -14.67
N GLY A 104 10.36 -12.83 -15.06
CA GLY A 104 9.47 -13.50 -14.13
C GLY A 104 8.10 -13.69 -14.72
N GLU A 105 7.16 -14.15 -13.92
CA GLU A 105 5.80 -14.35 -14.38
C GLU A 105 4.86 -13.33 -13.76
N ARG A 106 3.76 -13.06 -14.46
CA ARG A 106 2.77 -12.13 -13.99
C ARG A 106 1.81 -12.80 -13.01
N VAL A 107 1.17 -11.99 -12.19
CA VAL A 107 0.28 -12.48 -11.16
C VAL A 107 -1.17 -12.13 -11.49
N ASN A 108 -2.05 -13.10 -11.32
CA ASN A 108 -3.48 -12.88 -11.48
C ASN A 108 -3.97 -11.96 -10.35
N PRO A 109 -4.75 -10.91 -10.67
CA PRO A 109 -5.25 -9.95 -9.68
C PRO A 109 -5.90 -10.63 -8.47
N GLU A 110 -6.68 -11.68 -8.72
CA GLU A 110 -7.42 -12.35 -7.66
C GLU A 110 -6.52 -13.34 -6.90
N ASP A 111 -5.28 -13.47 -7.38
CA ASP A 111 -4.30 -14.30 -6.70
C ASP A 111 -3.59 -13.48 -5.63
N VAL A 112 -3.68 -12.16 -5.76
CA VAL A 112 -3.07 -11.26 -4.80
C VAL A 112 -3.85 -11.27 -3.49
N ASP A 113 -3.17 -11.60 -2.40
CA ASP A 113 -3.81 -11.72 -1.10
C ASP A 113 -3.49 -10.51 -0.22
N PHE A 114 -2.24 -10.10 -0.23
CA PHE A 114 -1.79 -8.97 0.58
C PHE A 114 -1.10 -7.94 -0.31
N ILE A 115 -1.57 -6.70 -0.28
CA ILE A 115 -0.92 -5.65 -1.03
C ILE A 115 -0.63 -4.46 -0.12
N ALA A 116 0.55 -3.89 -0.27
CA ALA A 116 0.98 -2.77 0.56
C ALA A 116 1.11 -1.52 -0.28
N VAL A 117 0.23 -0.57 -0.04
CA VAL A 117 0.23 0.67 -0.80
C VAL A 117 0.09 1.88 0.14
N PRO A 118 1.05 2.81 0.06
CA PRO A 118 1.00 4.05 0.82
C PRO A 118 0.17 5.12 0.09
N GLY A 119 0.78 6.26 -0.21
CA GLY A 119 0.06 7.32 -0.88
C GLY A 119 -0.11 8.55 -0.02
N VAL A 120 -0.79 9.55 -0.56
CA VAL A 120 -0.96 10.82 0.10
C VAL A 120 -2.33 10.92 0.76
N ALA A 121 -2.32 11.23 2.07
CA ALA A 121 -3.54 11.55 2.84
C ALA A 121 -4.44 10.32 3.04
N PHE A 122 -4.68 9.99 4.30
CA PHE A 122 -5.55 8.87 4.66
C PHE A 122 -6.60 9.34 5.66
N ASP A 123 -7.70 8.61 5.77
CA ASP A 123 -8.72 8.93 6.75
C ASP A 123 -9.26 7.68 7.43
N LEU A 124 -10.28 7.85 8.27
CA LEU A 124 -10.84 6.75 9.05
C LEU A 124 -11.81 5.92 8.24
N GLU A 125 -12.13 6.36 7.03
CA GLU A 125 -13.04 5.63 6.16
C GLU A 125 -12.26 4.66 5.31
N GLY A 126 -11.00 4.99 5.05
CA GLY A 126 -10.14 4.12 4.27
C GLY A 126 -9.84 4.69 2.92
N TYR A 127 -9.97 6.01 2.78
CA TYR A 127 -9.69 6.68 1.53
C TYR A 127 -8.32 7.32 1.55
N ARG A 128 -7.73 7.43 0.38
CA ARG A 128 -6.46 8.10 0.21
C ARG A 128 -6.35 8.70 -1.18
N LEU A 129 -5.59 9.76 -1.32
CA LEU A 129 -5.40 10.41 -2.61
C LEU A 129 -4.32 9.70 -3.40
N GLY A 130 -3.36 9.13 -2.69
CA GLY A 130 -2.28 8.41 -3.35
C GLY A 130 -1.38 9.33 -4.14
N PHE A 131 -0.72 8.77 -5.15
CA PHE A 131 0.15 9.57 -5.99
C PHE A 131 -0.66 10.27 -7.08
N GLY A 132 -1.64 9.57 -7.62
CA GLY A 132 -2.44 10.10 -8.69
C GLY A 132 -2.64 9.07 -9.80
N LYS A 133 -2.40 9.49 -11.03
CA LYS A 133 -2.53 8.61 -12.20
C LYS A 133 -3.92 8.00 -12.29
N GLY A 134 -4.88 8.79 -12.76
CA GLY A 134 -6.25 8.34 -12.86
C GLY A 134 -6.48 7.43 -14.05
N TYR A 135 -5.66 6.41 -14.17
CA TYR A 135 -5.79 5.41 -15.22
C TYR A 135 -5.81 4.01 -14.62
N TYR A 136 -5.27 3.90 -13.42
CA TYR A 136 -5.10 2.60 -12.80
C TYR A 136 -6.14 2.38 -11.71
N ASP A 137 -7.12 3.27 -11.63
CA ASP A 137 -8.18 3.15 -10.64
C ASP A 137 -9.03 1.92 -10.93
N ARG A 138 -9.14 1.57 -12.21
CA ARG A 138 -9.87 0.38 -12.61
C ARG A 138 -9.12 -0.87 -12.13
N LEU A 139 -7.81 -0.75 -12.02
CA LEU A 139 -6.97 -1.86 -11.60
C LEU A 139 -7.04 -2.02 -10.08
N LEU A 140 -7.17 -0.90 -9.38
CA LEU A 140 -7.24 -0.90 -7.92
C LEU A 140 -8.53 -1.56 -7.42
N LYS A 141 -9.56 -1.56 -8.27
CA LYS A 141 -10.81 -2.23 -7.94
C LYS A 141 -10.85 -3.63 -8.54
N ARG A 142 -9.83 -3.98 -9.31
CA ARG A 142 -9.75 -5.29 -9.93
C ARG A 142 -9.00 -6.26 -9.02
N VAL A 143 -8.10 -5.72 -8.21
CA VAL A 143 -7.37 -6.51 -7.24
C VAL A 143 -8.23 -6.70 -5.99
N LYS A 144 -8.62 -7.92 -5.72
CA LYS A 144 -9.54 -8.22 -4.62
C LYS A 144 -8.77 -8.56 -3.34
N GLY A 145 -7.45 -8.39 -3.39
CA GLY A 145 -6.64 -8.69 -2.23
C GLY A 145 -6.80 -7.66 -1.13
N LEU A 146 -6.31 -7.99 0.06
CA LEU A 146 -6.41 -7.07 1.19
C LEU A 146 -5.55 -5.85 0.93
N LYS A 147 -6.22 -4.75 0.57
CA LYS A 147 -5.54 -3.49 0.31
C LYS A 147 -5.06 -2.89 1.63
N VAL A 148 -3.78 -3.02 1.89
CA VAL A 148 -3.20 -2.51 3.12
C VAL A 148 -2.56 -1.14 2.90
N GLY A 149 -3.10 -0.15 3.59
CA GLY A 149 -2.55 1.18 3.51
C GLY A 149 -1.47 1.38 4.55
N VAL A 150 -0.26 1.69 4.10
CA VAL A 150 0.84 1.92 5.01
C VAL A 150 1.04 3.40 5.21
N ALA A 151 0.69 3.89 6.40
CA ALA A 151 0.72 5.33 6.65
C ALA A 151 1.24 5.65 8.04
N TYR A 152 1.72 6.87 8.19
CA TYR A 152 2.11 7.39 9.49
C TYR A 152 0.93 8.13 10.08
N SER A 153 0.90 8.22 11.40
CA SER A 153 -0.14 8.96 12.12
C SER A 153 -0.29 10.39 11.58
N PHE A 154 0.80 10.94 11.08
CA PHE A 154 0.82 12.31 10.57
C PHE A 154 0.01 12.43 9.28
N GLN A 155 -0.21 11.30 8.60
CA GLN A 155 -0.88 11.32 7.30
C GLN A 155 -2.35 10.96 7.45
N VAL A 156 -2.77 10.64 8.67
CA VAL A 156 -4.11 10.13 8.90
C VAL A 156 -5.00 11.19 9.53
N PHE A 157 -6.17 11.38 8.91
CA PHE A 157 -7.17 12.32 9.39
C PHE A 157 -8.48 11.58 9.65
N GLU A 158 -9.56 12.34 9.82
CA GLU A 158 -10.85 11.73 10.12
C GLU A 158 -11.61 11.39 8.84
N ARG A 159 -11.91 12.41 8.05
CA ARG A 159 -12.72 12.24 6.85
C ARG A 159 -12.22 13.17 5.76
N LEU A 160 -11.65 12.59 4.70
CA LEU A 160 -11.14 13.37 3.59
C LEU A 160 -12.09 13.31 2.40
N PRO A 161 -11.96 14.25 1.46
CA PRO A 161 -12.72 14.23 0.21
C PRO A 161 -12.37 12.99 -0.62
N ARG A 162 -13.35 12.39 -1.25
CA ARG A 162 -13.15 11.17 -2.02
C ARG A 162 -12.50 11.49 -3.36
N ASP A 163 -11.30 10.96 -3.57
CA ASP A 163 -10.61 11.16 -4.82
C ASP A 163 -10.58 9.87 -5.62
N ALA A 164 -11.01 9.95 -6.88
CA ALA A 164 -11.06 8.81 -7.80
C ALA A 164 -12.13 7.80 -7.40
N TRP A 165 -12.64 7.91 -6.17
CA TRP A 165 -13.68 7.03 -5.65
C TRP A 165 -13.25 5.57 -5.70
N ASP A 166 -11.97 5.33 -5.48
CA ASP A 166 -11.45 3.98 -5.41
C ASP A 166 -11.98 3.27 -4.17
N ILE A 167 -12.07 1.96 -4.24
CA ILE A 167 -12.59 1.17 -3.13
C ILE A 167 -11.65 1.25 -1.93
N PRO A 168 -12.19 1.65 -0.77
CA PRO A 168 -11.42 1.83 0.47
C PRO A 168 -10.55 0.63 0.82
N VAL A 169 -9.45 0.88 1.50
CA VAL A 169 -8.53 -0.18 1.88
C VAL A 169 -9.14 -1.08 2.95
N ASP A 170 -8.56 -2.27 3.09
CA ASP A 170 -9.07 -3.27 4.00
C ASP A 170 -8.43 -3.13 5.37
N VAL A 171 -7.13 -2.90 5.37
CA VAL A 171 -6.37 -2.71 6.61
C VAL A 171 -5.48 -1.48 6.49
N LEU A 172 -5.51 -0.64 7.51
CA LEU A 172 -4.67 0.56 7.54
C LEU A 172 -3.66 0.44 8.67
N VAL A 173 -2.41 0.12 8.34
CA VAL A 173 -1.37 0.01 9.33
C VAL A 173 -0.74 1.37 9.57
N THR A 174 -0.95 1.91 10.76
CA THR A 174 -0.46 3.23 11.09
C THR A 174 0.61 3.15 12.16
N GLU A 175 1.34 4.24 12.34
CA GLU A 175 2.38 4.33 13.35
C GLU A 175 1.80 4.18 14.76
N LYS A 176 0.56 4.60 14.93
CA LYS A 176 -0.11 4.48 16.23
C LYS A 176 -0.70 3.10 16.45
N ASN A 177 -1.63 2.69 15.59
CA ASN A 177 -2.36 1.46 15.80
C ASN A 177 -2.72 0.82 14.46
N VAL A 178 -3.31 -0.36 14.51
CA VAL A 178 -3.73 -1.09 13.33
C VAL A 178 -5.22 -0.86 13.10
N ARG A 179 -5.56 -0.19 12.00
CA ARG A 179 -6.93 0.15 11.71
C ARG A 179 -7.57 -0.91 10.81
N ARG A 180 -8.33 -1.81 11.44
CA ARG A 180 -9.11 -2.80 10.72
C ARG A 180 -10.35 -2.12 10.14
N LEU A 181 -10.49 -2.16 8.81
CA LEU A 181 -11.59 -1.47 8.17
C LEU A 181 -12.66 -2.44 7.68
N ARG A 182 -12.27 -3.69 7.46
CA ARG A 182 -13.25 -4.71 7.08
C ARG A 182 -14.00 -5.19 8.30
N ASP A 183 -15.01 -4.43 8.69
CA ASP A 183 -15.83 -4.76 9.85
C ASP A 183 -17.12 -3.95 9.78
N GLY A 184 -17.96 -4.11 10.79
CA GLY A 184 -19.16 -3.32 10.86
C GLY A 184 -19.52 -3.01 12.30
N ARG A 185 -18.51 -3.04 13.17
CA ARG A 185 -18.68 -2.87 14.61
C ARG A 185 -19.50 -4.01 15.20
N SER A 186 -20.81 -3.96 14.99
CA SER A 186 -21.74 -4.94 15.55
C SER A 186 -23.15 -4.60 15.09
N LEU A 187 -24.06 -5.56 15.17
CA LEU A 187 -25.45 -5.32 14.83
C LEU A 187 -26.16 -4.71 16.04
N GLU A 188 -26.39 -3.41 15.98
CA GLU A 188 -27.01 -2.70 17.09
C GLU A 188 -28.53 -2.74 16.96
N HIS A 189 -29.16 -3.52 17.81
CA HIS A 189 -30.60 -3.74 17.75
C HIS A 189 -31.36 -2.59 18.40
N HIS A 190 -32.08 -1.83 17.57
CA HIS A 190 -32.92 -0.72 18.04
C HIS A 190 -32.12 0.27 18.88
N HIS A 191 -31.41 1.16 18.21
CA HIS A 191 -30.58 2.14 18.90
C HIS A 191 -31.30 3.47 19.03
N HIS A 192 -30.77 4.36 19.86
CA HIS A 192 -31.39 5.65 20.10
C HIS A 192 -30.32 6.73 20.26
N HIS A 193 -30.71 7.99 20.00
CA HIS A 193 -29.82 9.15 20.15
C HIS A 193 -28.81 9.23 19.01
N HIS A 194 -27.83 8.33 19.01
CA HIS A 194 -26.80 8.33 17.98
C HIS A 194 -26.12 6.97 17.95
N MET A 1 -7.36 26.20 -3.83
CA MET A 1 -8.58 25.35 -3.74
C MET A 1 -8.34 24.00 -4.41
N LEU A 2 -9.37 23.15 -4.41
CA LEU A 2 -9.31 21.81 -5.00
C LEU A 2 -8.49 20.87 -4.11
N LYS A 3 -8.82 19.58 -4.14
CA LYS A 3 -8.14 18.61 -3.29
C LYS A 3 -6.74 18.30 -3.81
N SER A 4 -6.47 18.72 -5.04
CA SER A 4 -5.13 18.61 -5.60
C SER A 4 -4.15 19.49 -4.82
N GLU A 5 -4.67 20.58 -4.27
CA GLU A 5 -3.86 21.49 -3.47
C GLU A 5 -3.68 20.93 -2.06
N LEU A 6 -4.74 20.34 -1.53
CA LEU A 6 -4.68 19.68 -0.23
C LEU A 6 -3.67 18.54 -0.29
N ARG A 7 -3.63 17.86 -1.43
CA ARG A 7 -2.68 16.78 -1.67
C ARG A 7 -1.25 17.28 -1.53
N LYS A 8 -0.99 18.47 -2.06
CA LYS A 8 0.34 19.05 -2.02
C LYS A 8 0.72 19.46 -0.59
N LYS A 9 -0.26 20.00 0.15
CA LYS A 9 -0.05 20.43 1.53
C LYS A 9 0.44 19.25 2.38
N VAL A 10 -0.27 18.14 2.30
CA VAL A 10 0.07 16.96 3.08
C VAL A 10 1.39 16.38 2.62
N LEU A 11 1.58 16.34 1.31
CA LEU A 11 2.78 15.77 0.71
C LEU A 11 4.04 16.51 1.17
N HIS A 12 3.91 17.82 1.36
CA HIS A 12 5.04 18.66 1.79
C HIS A 12 5.63 18.19 3.11
N LYS A 13 4.83 18.27 4.16
CA LYS A 13 5.29 17.92 5.52
C LYS A 13 5.60 16.44 5.63
N ARG A 14 4.93 15.64 4.81
CA ARG A 14 5.18 14.22 4.77
C ARG A 14 6.62 13.92 4.37
N ILE A 15 7.02 14.37 3.18
CA ILE A 15 8.35 14.08 2.66
C ILE A 15 9.39 15.02 3.26
N ASN A 16 8.97 15.78 4.27
CA ASN A 16 9.86 16.73 4.94
C ASN A 16 10.52 16.07 6.14
N LEU A 17 10.03 14.89 6.50
CA LEU A 17 10.58 14.13 7.63
C LEU A 17 12.07 13.83 7.43
N SER A 18 12.77 13.64 8.54
CA SER A 18 14.22 13.46 8.51
C SER A 18 14.60 12.05 8.07
N GLU A 19 15.84 11.88 7.62
CA GLU A 19 16.31 10.60 7.08
C GLU A 19 16.28 9.49 8.14
N GLU A 20 17.12 9.62 9.16
CA GLU A 20 17.17 8.60 10.21
C GLU A 20 15.86 8.57 10.98
N GLU A 21 15.23 9.72 11.08
CA GLU A 21 13.93 9.85 11.72
C GLU A 21 12.91 8.95 11.05
N ARG A 22 12.77 9.06 9.73
CA ARG A 22 11.80 8.25 9.01
C ARG A 22 12.22 6.79 8.99
N ARG A 23 13.52 6.53 9.18
CA ARG A 23 14.01 5.15 9.22
C ARG A 23 13.53 4.49 10.50
N ARG A 24 13.61 5.22 11.61
CA ARG A 24 13.16 4.71 12.90
C ARG A 24 11.64 4.63 12.93
N LEU A 25 10.98 5.57 12.27
CA LEU A 25 9.53 5.53 12.13
C LEU A 25 9.14 4.30 11.31
N SER A 26 9.90 4.03 10.25
CA SER A 26 9.69 2.83 9.44
C SER A 26 9.97 1.58 10.26
N GLU A 27 10.97 1.64 11.13
CA GLU A 27 11.30 0.54 12.03
C GLU A 27 10.08 0.18 12.86
N LYS A 28 9.43 1.20 13.39
CA LYS A 28 8.27 1.04 14.24
C LYS A 28 7.10 0.41 13.47
N VAL A 29 6.93 0.83 12.22
CA VAL A 29 5.84 0.31 11.39
C VAL A 29 6.10 -1.11 10.92
N ILE A 30 7.33 -1.38 10.47
CA ILE A 30 7.70 -2.71 10.00
C ILE A 30 7.63 -3.72 11.14
N SER A 31 8.00 -3.28 12.34
CA SER A 31 7.91 -4.12 13.51
C SER A 31 6.44 -4.45 13.82
N ASN A 32 5.59 -3.46 13.58
CA ASN A 32 4.15 -3.63 13.74
C ASN A 32 3.61 -4.63 12.72
N LEU A 33 3.97 -4.42 11.46
CA LEU A 33 3.55 -5.30 10.38
C LEU A 33 4.08 -6.71 10.59
N LYS A 34 5.25 -6.82 11.21
CA LYS A 34 5.88 -8.10 11.46
C LYS A 34 5.13 -8.87 12.56
N SER A 35 4.57 -8.13 13.50
CA SER A 35 3.82 -8.76 14.59
C SER A 35 2.40 -9.10 14.14
N LEU A 36 1.96 -8.49 13.04
CA LEU A 36 0.65 -8.79 12.45
C LEU A 36 0.52 -10.30 12.18
N PRO A 37 -0.38 -10.99 12.90
CA PRO A 37 -0.56 -12.44 12.76
C PRO A 37 -0.97 -12.84 11.35
N GLU A 38 -1.84 -12.03 10.74
CA GLU A 38 -2.30 -12.31 9.38
C GLU A 38 -1.18 -12.11 8.37
N PHE A 39 -0.19 -11.29 8.70
CA PHE A 39 0.97 -11.10 7.85
C PHE A 39 1.85 -12.35 7.88
N LYS A 40 1.78 -13.07 8.99
CA LYS A 40 2.49 -14.31 9.14
C LYS A 40 1.73 -15.43 8.43
N LYS A 41 0.43 -15.24 8.28
CA LYS A 41 -0.41 -16.15 7.50
C LYS A 41 -0.22 -15.90 6.01
N SER A 42 -0.25 -14.62 5.64
CA SER A 42 -0.13 -14.20 4.27
C SER A 42 1.19 -14.65 3.65
N LYS A 43 1.18 -14.90 2.35
CA LYS A 43 2.37 -15.34 1.65
C LYS A 43 2.54 -14.65 0.29
N LYS A 44 1.45 -14.13 -0.27
CA LYS A 44 1.51 -13.38 -1.53
C LYS A 44 1.58 -11.90 -1.23
N VAL A 45 2.78 -11.36 -1.14
CA VAL A 45 2.96 -9.97 -0.69
C VAL A 45 3.37 -9.07 -1.85
N ALA A 46 2.46 -8.20 -2.24
CA ALA A 46 2.71 -7.23 -3.30
C ALA A 46 3.14 -5.89 -2.71
N LEU A 47 4.34 -5.45 -3.06
CA LEU A 47 4.83 -4.16 -2.62
C LEU A 47 4.77 -3.17 -3.77
N TYR A 48 4.11 -2.04 -3.54
CA TYR A 48 3.91 -1.04 -4.59
C TYR A 48 5.16 -0.16 -4.77
N CYS A 49 6.23 -0.48 -4.01
CA CYS A 49 7.46 0.32 -4.01
C CYS A 49 7.19 1.73 -3.49
N PRO A 50 7.52 1.98 -2.21
CA PRO A 50 7.22 3.26 -1.57
C PRO A 50 8.11 4.41 -2.04
N ILE A 51 7.75 5.00 -3.18
CA ILE A 51 8.42 6.20 -3.65
C ILE A 51 7.86 7.42 -2.93
N LYS A 52 8.75 8.22 -2.35
CA LYS A 52 8.34 9.34 -1.50
C LYS A 52 7.46 8.84 -0.37
N GLY A 53 7.76 7.63 0.06
CA GLY A 53 7.08 7.03 1.19
C GLY A 53 8.01 6.93 2.37
N GLU A 54 7.81 7.81 3.33
CA GLU A 54 8.64 7.87 4.52
C GLU A 54 8.66 6.53 5.24
N VAL A 55 7.57 5.77 5.12
CA VAL A 55 7.54 4.41 5.60
C VAL A 55 8.26 3.52 4.59
N ASP A 56 9.52 3.24 4.85
CA ASP A 56 10.34 2.51 3.90
C ASP A 56 10.12 1.01 4.03
N LEU A 57 9.48 0.42 3.03
CA LEU A 57 9.17 -0.99 3.05
C LEU A 57 10.18 -1.79 2.22
N THR A 58 11.22 -1.11 1.77
CA THR A 58 12.25 -1.76 0.95
C THR A 58 13.06 -2.80 1.76
N PRO A 59 13.43 -2.52 3.05
CA PRO A 59 14.12 -3.51 3.89
C PRO A 59 13.28 -4.78 4.16
N LEU A 60 12.03 -4.77 3.71
CA LEU A 60 11.15 -5.92 3.90
C LEU A 60 11.33 -6.91 2.74
N PHE A 61 12.05 -6.48 1.70
CA PHE A 61 12.32 -7.34 0.54
C PHE A 61 13.01 -8.65 0.95
N PRO A 62 14.13 -8.61 1.70
CA PRO A 62 14.82 -9.84 2.15
C PRO A 62 13.89 -10.82 2.86
N GLU A 63 12.94 -10.28 3.62
CA GLU A 63 11.98 -11.09 4.35
C GLU A 63 11.06 -11.85 3.38
N VAL A 64 10.54 -11.11 2.41
CA VAL A 64 9.60 -11.69 1.44
C VAL A 64 10.32 -12.65 0.48
N LEU A 65 11.52 -12.28 0.06
CA LEU A 65 12.28 -13.08 -0.90
C LEU A 65 12.71 -14.41 -0.31
N LYS A 66 12.56 -14.57 1.01
CA LYS A 66 12.99 -15.79 1.67
C LYS A 66 11.99 -16.92 1.45
N GLU A 67 10.73 -16.71 1.81
CA GLU A 67 9.73 -17.77 1.69
C GLU A 67 8.41 -17.28 1.08
N LYS A 68 8.26 -15.97 0.96
CA LYS A 68 7.01 -15.42 0.41
C LYS A 68 7.14 -15.14 -1.07
N GLU A 69 6.07 -14.64 -1.65
CA GLU A 69 6.04 -14.28 -3.06
C GLU A 69 6.03 -12.76 -3.19
N LEU A 70 7.10 -12.21 -3.73
CA LEU A 70 7.21 -10.77 -3.91
C LEU A 70 6.51 -10.36 -5.21
N ILE A 71 5.39 -9.67 -5.07
CA ILE A 71 4.66 -9.21 -6.22
C ILE A 71 4.94 -7.73 -6.46
N LEU A 72 5.62 -7.43 -7.56
CA LEU A 72 5.96 -6.06 -7.89
C LEU A 72 5.14 -5.55 -9.06
N PRO A 73 4.78 -4.26 -9.05
CA PRO A 73 3.99 -3.65 -10.12
C PRO A 73 4.85 -3.12 -11.26
N LYS A 74 4.64 -3.66 -12.45
CA LYS A 74 5.40 -3.25 -13.62
C LYS A 74 4.54 -2.39 -14.54
N VAL A 75 4.96 -1.18 -14.80
CA VAL A 75 4.29 -0.34 -15.77
C VAL A 75 4.72 -0.77 -17.18
N GLU A 76 3.83 -1.46 -17.87
CA GLU A 76 4.14 -2.01 -19.18
C GLU A 76 4.22 -0.91 -20.24
N GLY A 77 3.68 0.25 -19.90
CA GLY A 77 3.67 1.38 -20.79
C GLY A 77 2.72 2.44 -20.31
N ASN A 78 1.54 2.00 -19.90
CA ASN A 78 0.54 2.89 -19.34
C ASN A 78 -0.20 2.21 -18.19
N GLU A 79 -0.40 0.90 -18.31
CA GLU A 79 -1.08 0.13 -17.28
C GLU A 79 -0.07 -0.71 -16.50
N ILE A 80 -0.50 -1.27 -15.38
CA ILE A 80 0.38 -2.04 -14.53
C ILE A 80 0.08 -3.53 -14.61
N SER A 81 1.13 -4.32 -14.75
CA SER A 81 1.05 -5.76 -14.68
C SER A 81 1.92 -6.23 -13.52
N LEU A 82 1.38 -7.10 -12.68
CA LEU A 82 2.10 -7.56 -11.50
C LEU A 82 3.03 -8.72 -11.84
N TYR A 83 4.20 -8.74 -11.22
CA TYR A 83 5.14 -9.84 -11.42
C TYR A 83 5.38 -10.59 -10.12
N ARG A 84 5.44 -11.91 -10.23
CA ARG A 84 5.68 -12.79 -9.09
C ARG A 84 7.13 -13.25 -9.08
N VAL A 85 7.92 -12.68 -8.17
CA VAL A 85 9.33 -13.02 -8.05
C VAL A 85 9.68 -13.26 -6.59
N HIS A 86 10.71 -14.05 -6.32
CA HIS A 86 11.18 -14.24 -4.96
C HIS A 86 12.69 -14.48 -4.96
N SER A 87 13.38 -13.65 -5.72
CA SER A 87 14.82 -13.73 -5.87
C SER A 87 15.29 -12.50 -6.64
N PRO A 88 16.52 -12.00 -6.39
CA PRO A 88 17.09 -10.88 -7.15
C PRO A 88 16.93 -11.09 -8.66
N ALA A 89 17.54 -12.16 -9.16
CA ALA A 89 17.37 -12.61 -10.54
C ALA A 89 17.43 -11.49 -11.58
N CYS A 90 16.27 -10.95 -11.94
CA CYS A 90 16.17 -9.99 -13.04
C CYS A 90 15.48 -8.70 -12.58
N LEU A 91 15.58 -8.39 -11.30
CA LEU A 91 15.05 -7.13 -10.78
C LEU A 91 16.01 -6.00 -11.11
N GLY A 92 15.59 -5.08 -11.97
CA GLY A 92 16.46 -4.02 -12.40
C GLY A 92 15.85 -2.64 -12.21
N VAL A 93 16.36 -1.67 -12.93
CA VAL A 93 15.86 -0.30 -12.83
C VAL A 93 15.28 0.13 -14.17
N GLY A 94 13.97 -0.04 -14.32
CA GLY A 94 13.31 0.29 -15.56
C GLY A 94 12.44 1.53 -15.44
N ALA A 95 11.16 1.32 -15.21
CA ALA A 95 10.21 2.41 -15.12
C ALA A 95 10.45 3.26 -13.87
N PHE A 96 10.67 4.56 -14.10
CA PHE A 96 10.78 5.56 -13.03
C PHE A 96 12.11 5.47 -12.28
N GLY A 97 12.51 4.24 -11.94
CA GLY A 97 13.74 4.06 -11.17
C GLY A 97 13.54 3.15 -9.99
N ILE A 98 12.35 2.56 -9.91
CA ILE A 98 12.01 1.62 -8.85
C ILE A 98 12.52 0.23 -9.20
N MET A 99 12.40 -0.70 -8.26
CA MET A 99 12.72 -2.10 -8.51
C MET A 99 11.78 -2.65 -9.56
N GLU A 100 12.26 -2.69 -10.79
CA GLU A 100 11.44 -3.03 -11.93
C GLU A 100 11.85 -4.40 -12.47
N PRO A 101 10.96 -5.41 -12.32
CA PRO A 101 11.21 -6.77 -12.79
C PRO A 101 11.26 -6.84 -14.31
N VAL A 102 12.47 -7.00 -14.84
CA VAL A 102 12.67 -7.10 -16.28
C VAL A 102 12.00 -8.35 -16.83
N GLU A 103 12.11 -9.43 -16.07
CA GLU A 103 11.55 -10.71 -16.45
C GLU A 103 10.69 -11.27 -15.33
N GLY A 104 10.14 -12.46 -15.54
CA GLY A 104 9.28 -13.08 -14.54
C GLY A 104 7.90 -13.37 -15.10
N GLU A 105 7.03 -13.90 -14.26
CA GLU A 105 5.66 -14.20 -14.67
C GLU A 105 4.66 -13.35 -13.91
N ARG A 106 3.50 -13.13 -14.52
CA ARG A 106 2.56 -12.14 -14.06
C ARG A 106 1.61 -12.69 -13.00
N VAL A 107 1.02 -11.77 -12.24
CA VAL A 107 0.04 -12.10 -11.23
C VAL A 107 -1.26 -11.34 -11.50
N ASN A 108 -2.35 -12.09 -11.58
CA ASN A 108 -3.67 -11.49 -11.75
C ASN A 108 -4.24 -11.07 -10.40
N PRO A 109 -5.08 -10.04 -10.37
CA PRO A 109 -5.68 -9.52 -9.13
C PRO A 109 -6.42 -10.58 -8.32
N GLU A 110 -6.80 -11.67 -9.00
CA GLU A 110 -7.56 -12.74 -8.37
C GLU A 110 -6.65 -13.62 -7.51
N ASP A 111 -5.34 -13.40 -7.60
CA ASP A 111 -4.38 -14.16 -6.79
C ASP A 111 -3.73 -13.25 -5.74
N VAL A 112 -4.16 -12.00 -5.71
CA VAL A 112 -3.59 -11.03 -4.78
C VAL A 112 -4.08 -11.30 -3.35
N ASP A 113 -3.19 -11.81 -2.54
CA ASP A 113 -3.48 -12.12 -1.14
C ASP A 113 -3.23 -10.88 -0.27
N PHE A 114 -2.04 -10.33 -0.37
CA PHE A 114 -1.66 -9.16 0.42
C PHE A 114 -1.02 -8.10 -0.46
N ILE A 115 -1.43 -6.85 -0.32
CA ILE A 115 -0.79 -5.76 -1.02
C ILE A 115 -0.53 -4.60 -0.07
N ALA A 116 0.64 -3.99 -0.20
CA ALA A 116 1.03 -2.88 0.64
C ALA A 116 1.22 -1.62 -0.20
N VAL A 117 0.33 -0.66 -0.01
CA VAL A 117 0.39 0.57 -0.78
C VAL A 117 0.49 1.79 0.15
N PRO A 118 1.60 2.54 0.04
CA PRO A 118 1.83 3.73 0.83
C PRO A 118 1.23 4.98 0.21
N GLY A 119 -0.10 5.09 0.28
CA GLY A 119 -0.80 6.23 -0.28
C GLY A 119 -0.42 7.53 0.39
N VAL A 120 -0.66 8.65 -0.29
CA VAL A 120 -0.32 9.97 0.22
C VAL A 120 -1.16 10.32 1.45
N ALA A 121 -2.47 10.16 1.34
CA ALA A 121 -3.38 10.50 2.43
C ALA A 121 -4.64 9.65 2.37
N PHE A 122 -5.17 9.31 3.54
CA PHE A 122 -6.39 8.53 3.64
C PHE A 122 -7.33 9.18 4.66
N ASP A 123 -8.56 8.71 4.72
CA ASP A 123 -9.51 9.20 5.72
C ASP A 123 -9.81 8.11 6.73
N LEU A 124 -10.71 8.40 7.67
CA LEU A 124 -11.03 7.46 8.75
C LEU A 124 -12.05 6.41 8.33
N GLU A 125 -12.37 6.37 7.04
CA GLU A 125 -13.26 5.34 6.53
C GLU A 125 -12.47 4.36 5.68
N GLY A 126 -11.39 4.85 5.08
CA GLY A 126 -10.49 4.00 4.34
C GLY A 126 -10.34 4.41 2.89
N TYR A 127 -10.80 5.61 2.56
CA TYR A 127 -10.75 6.09 1.18
C TYR A 127 -9.50 6.91 0.91
N ARG A 128 -9.19 7.06 -0.38
CA ARG A 128 -8.02 7.78 -0.83
C ARG A 128 -8.42 9.16 -1.33
N LEU A 129 -7.52 10.13 -1.15
CA LEU A 129 -7.77 11.50 -1.60
C LEU A 129 -7.82 11.57 -3.13
N GLY A 130 -6.74 11.16 -3.76
CA GLY A 130 -6.66 11.20 -5.21
C GLY A 130 -5.24 11.39 -5.70
N PHE A 131 -4.64 10.31 -6.20
CA PHE A 131 -3.27 10.35 -6.68
C PHE A 131 -3.01 9.14 -7.57
N GLY A 132 -2.53 9.40 -8.78
CA GLY A 132 -2.20 8.32 -9.69
C GLY A 132 -2.30 8.75 -11.14
N LYS A 133 -1.50 8.14 -11.99
CA LYS A 133 -1.51 8.44 -13.42
C LYS A 133 -1.96 7.22 -14.21
N GLY A 134 -2.72 7.45 -15.27
CA GLY A 134 -3.11 6.37 -16.16
C GLY A 134 -4.20 5.50 -15.58
N TYR A 135 -4.70 5.92 -14.41
CA TYR A 135 -5.76 5.19 -13.71
C TYR A 135 -5.25 3.83 -13.26
N TYR A 136 -4.17 3.82 -12.48
CA TYR A 136 -3.58 2.59 -11.95
C TYR A 136 -4.57 1.90 -11.02
N ASP A 137 -5.49 2.68 -10.47
CA ASP A 137 -6.52 2.13 -9.62
C ASP A 137 -7.57 1.40 -10.45
N ARG A 138 -7.32 1.24 -11.74
CA ARG A 138 -8.08 0.30 -12.55
C ARG A 138 -7.77 -1.11 -12.08
N LEU A 139 -6.49 -1.37 -11.85
CA LEU A 139 -6.05 -2.62 -11.29
C LEU A 139 -6.45 -2.69 -9.83
N LEU A 140 -6.23 -1.59 -9.12
CA LEU A 140 -6.60 -1.51 -7.70
C LEU A 140 -8.10 -1.77 -7.50
N LYS A 141 -8.93 -1.23 -8.38
CA LYS A 141 -10.38 -1.43 -8.30
C LYS A 141 -10.74 -2.91 -8.45
N ARG A 142 -9.88 -3.67 -9.10
CA ARG A 142 -10.14 -5.09 -9.32
C ARG A 142 -9.47 -5.94 -8.24
N VAL A 143 -8.57 -5.33 -7.47
CA VAL A 143 -7.93 -6.02 -6.35
C VAL A 143 -8.97 -6.45 -5.32
N LYS A 144 -9.38 -7.70 -5.39
CA LYS A 144 -10.38 -8.24 -4.48
C LYS A 144 -9.70 -8.92 -3.30
N GLY A 145 -8.41 -8.65 -3.16
CA GLY A 145 -7.65 -9.19 -2.05
C GLY A 145 -7.50 -8.19 -0.93
N LEU A 146 -6.60 -8.46 0.01
CA LEU A 146 -6.41 -7.60 1.17
C LEU A 146 -5.59 -6.37 0.82
N LYS A 147 -6.22 -5.21 0.87
CA LYS A 147 -5.55 -3.95 0.58
C LYS A 147 -5.04 -3.33 1.87
N VAL A 148 -3.73 -3.24 2.00
CA VAL A 148 -3.13 -2.67 3.19
C VAL A 148 -2.49 -1.33 2.88
N GLY A 149 -3.03 -0.29 3.50
CA GLY A 149 -2.44 1.02 3.38
C GLY A 149 -1.40 1.24 4.46
N VAL A 150 -0.22 1.69 4.07
CA VAL A 150 0.86 1.88 5.01
C VAL A 150 1.24 3.34 5.11
N ALA A 151 0.91 3.96 6.25
CA ALA A 151 1.18 5.37 6.46
C ALA A 151 1.15 5.71 7.96
N TYR A 152 1.56 6.91 8.30
CA TYR A 152 1.54 7.36 9.68
C TYR A 152 0.21 8.01 10.01
N SER A 153 -0.02 8.31 11.29
CA SER A 153 -1.28 8.90 11.72
C SER A 153 -1.51 10.27 11.09
N PHE A 154 -0.43 10.98 10.77
CA PHE A 154 -0.54 12.29 10.16
C PHE A 154 -0.65 12.20 8.64
N GLN A 155 -0.87 11.00 8.14
CA GLN A 155 -1.27 10.79 6.75
C GLN A 155 -2.75 10.43 6.70
N VAL A 156 -3.33 10.22 7.87
CA VAL A 156 -4.72 9.81 7.98
C VAL A 156 -5.56 10.93 8.58
N PHE A 157 -6.50 11.42 7.79
CA PHE A 157 -7.39 12.48 8.23
C PHE A 157 -8.76 11.91 8.51
N GLU A 158 -9.70 12.77 8.90
CA GLU A 158 -11.04 12.31 9.22
C GLU A 158 -11.84 12.02 7.97
N ARG A 159 -11.79 12.93 7.01
CA ARG A 159 -12.59 12.83 5.81
C ARG A 159 -11.89 13.50 4.64
N LEU A 160 -12.03 12.93 3.46
CA LEU A 160 -11.42 13.49 2.26
C LEU A 160 -12.46 13.63 1.15
N PRO A 161 -12.33 14.66 0.30
CA PRO A 161 -13.20 14.86 -0.87
C PRO A 161 -13.13 13.68 -1.83
N ARG A 162 -14.23 12.97 -1.97
CA ARG A 162 -14.26 11.75 -2.76
C ARG A 162 -14.94 11.99 -4.09
N ASP A 163 -14.49 11.28 -5.11
CA ASP A 163 -15.07 11.38 -6.45
C ASP A 163 -16.47 10.75 -6.47
N ALA A 164 -16.52 9.44 -6.34
CA ALA A 164 -17.79 8.73 -6.27
C ALA A 164 -17.61 7.37 -5.60
N TRP A 165 -17.24 6.38 -6.39
CA TRP A 165 -17.04 5.05 -5.88
C TRP A 165 -15.61 4.61 -6.13
N ASP A 166 -14.69 5.17 -5.35
CA ASP A 166 -13.28 4.84 -5.48
C ASP A 166 -12.95 3.66 -4.57
N ILE A 167 -11.68 3.31 -4.48
CA ILE A 167 -11.27 2.12 -3.74
C ILE A 167 -10.87 2.46 -2.30
N PRO A 168 -11.48 1.78 -1.32
CA PRO A 168 -11.10 1.85 0.07
C PRO A 168 -10.12 0.74 0.46
N VAL A 169 -9.37 0.95 1.53
CA VAL A 169 -8.44 -0.06 2.02
C VAL A 169 -9.08 -0.91 3.12
N ASP A 170 -8.69 -2.16 3.19
CA ASP A 170 -9.24 -3.08 4.18
C ASP A 170 -8.50 -2.95 5.50
N VAL A 171 -7.17 -2.86 5.40
CA VAL A 171 -6.32 -2.73 6.57
C VAL A 171 -5.43 -1.50 6.44
N LEU A 172 -5.36 -0.71 7.50
CA LEU A 172 -4.54 0.48 7.50
C LEU A 172 -3.52 0.41 8.64
N VAL A 173 -2.27 0.15 8.30
CA VAL A 173 -1.22 0.02 9.29
C VAL A 173 -0.55 1.37 9.53
N THR A 174 -0.47 1.76 10.79
CA THR A 174 0.08 3.04 11.16
C THR A 174 1.42 2.87 11.87
N GLU A 175 1.89 3.93 12.50
CA GLU A 175 3.11 3.84 13.30
C GLU A 175 2.77 3.34 14.68
N LYS A 176 1.48 3.37 15.00
CA LYS A 176 1.00 2.95 16.31
C LYS A 176 0.62 1.47 16.30
N ASN A 177 -0.33 1.11 15.44
CA ASN A 177 -0.81 -0.26 15.39
C ASN A 177 -1.42 -0.60 14.02
N VAL A 178 -1.71 -1.88 13.82
CA VAL A 178 -2.34 -2.36 12.60
C VAL A 178 -3.85 -2.20 12.73
N ARG A 179 -4.38 -1.23 12.02
CA ARG A 179 -5.78 -0.91 12.13
C ARG A 179 -6.60 -1.53 11.00
N ARG A 180 -7.13 -2.71 11.26
CA ARG A 180 -8.16 -3.25 10.41
C ARG A 180 -9.43 -2.47 10.68
N LEU A 181 -9.79 -1.61 9.74
CA LEU A 181 -10.79 -0.57 9.97
C LEU A 181 -12.12 -1.13 10.46
N ARG A 182 -12.40 -2.37 10.12
CA ARG A 182 -13.56 -3.07 10.66
C ARG A 182 -13.38 -4.57 10.48
N ASP A 183 -13.59 -5.32 11.55
CA ASP A 183 -13.56 -6.77 11.45
C ASP A 183 -14.92 -7.29 10.98
N GLY A 184 -15.83 -7.55 11.92
CA GLY A 184 -17.16 -8.00 11.57
C GLY A 184 -17.19 -9.41 11.01
N ARG A 185 -16.59 -9.59 9.84
CA ARG A 185 -16.59 -10.86 9.15
C ARG A 185 -15.87 -11.93 9.97
N SER A 186 -16.66 -12.80 10.58
CA SER A 186 -16.14 -13.91 11.35
C SER A 186 -16.97 -15.14 11.08
N LEU A 187 -16.34 -16.30 11.04
CA LEU A 187 -17.03 -17.53 10.70
C LEU A 187 -17.31 -18.35 11.94
N GLU A 188 -18.55 -18.75 12.11
CA GLU A 188 -18.97 -19.51 13.28
C GLU A 188 -18.49 -20.96 13.15
N HIS A 189 -17.22 -21.17 13.50
CA HIS A 189 -16.60 -22.49 13.43
C HIS A 189 -17.08 -23.36 14.59
N HIS A 190 -17.58 -22.73 15.63
CA HIS A 190 -18.02 -23.43 16.82
C HIS A 190 -19.30 -22.78 17.33
N HIS A 191 -20.43 -23.44 17.13
CA HIS A 191 -21.74 -22.89 17.51
C HIS A 191 -21.80 -22.55 18.99
N HIS A 192 -21.17 -23.38 19.82
CA HIS A 192 -21.06 -23.07 21.24
C HIS A 192 -20.19 -21.84 21.45
N HIS A 193 -20.83 -20.74 21.79
CA HIS A 193 -20.15 -19.47 21.99
C HIS A 193 -19.65 -19.36 23.42
N HIS A 194 -18.42 -18.88 23.59
CA HIS A 194 -17.87 -18.68 24.92
C HIS A 194 -18.12 -17.24 25.37
N MET A 1 -12.94 18.06 -6.63
CA MET A 1 -11.95 18.34 -7.69
C MET A 1 -10.56 18.55 -7.11
N LEU A 2 -10.47 19.32 -6.04
CA LEU A 2 -9.19 19.79 -5.51
C LEU A 2 -8.46 18.73 -4.67
N LYS A 3 -8.68 17.46 -4.96
CA LYS A 3 -8.00 16.39 -4.24
C LYS A 3 -6.51 16.38 -4.58
N SER A 4 -6.17 16.90 -5.75
CA SER A 4 -4.80 16.95 -6.20
C SER A 4 -4.02 18.05 -5.49
N GLU A 5 -4.73 19.05 -4.98
CA GLU A 5 -4.11 20.16 -4.29
C GLU A 5 -3.69 19.76 -2.88
N LEU A 6 -4.49 18.90 -2.25
CA LEU A 6 -4.13 18.38 -0.94
C LEU A 6 -3.08 17.28 -1.10
N ARG A 7 -3.13 16.60 -2.24
CA ARG A 7 -2.20 15.51 -2.54
C ARG A 7 -0.76 15.96 -2.39
N LYS A 8 -0.44 17.10 -3.00
CA LYS A 8 0.91 17.65 -2.98
C LYS A 8 1.27 18.14 -1.58
N LYS A 9 0.27 18.60 -0.84
CA LYS A 9 0.49 19.17 0.49
C LYS A 9 0.89 18.09 1.47
N VAL A 10 0.19 16.96 1.41
CA VAL A 10 0.48 15.83 2.30
C VAL A 10 1.82 15.20 1.94
N LEU A 11 2.09 15.09 0.63
CA LEU A 11 3.35 14.54 0.16
C LEU A 11 4.51 15.45 0.55
N HIS A 12 4.25 16.75 0.59
CA HIS A 12 5.26 17.73 0.97
C HIS A 12 5.73 17.49 2.41
N LYS A 13 4.78 17.15 3.28
CA LYS A 13 5.10 16.85 4.67
C LYS A 13 5.81 15.51 4.78
N ARG A 14 5.38 14.56 3.97
CA ARG A 14 5.89 13.20 3.99
C ARG A 14 7.39 13.15 3.68
N ILE A 15 7.82 13.95 2.70
CA ILE A 15 9.22 13.95 2.29
C ILE A 15 10.03 14.99 3.07
N ASN A 16 9.37 15.68 3.98
CA ASN A 16 10.03 16.72 4.78
C ASN A 16 10.78 16.11 5.95
N LEU A 17 10.31 14.95 6.41
CA LEU A 17 10.91 14.28 7.55
C LEU A 17 12.32 13.80 7.22
N SER A 18 13.21 13.87 8.20
CA SER A 18 14.59 13.47 8.01
C SER A 18 14.75 11.97 8.23
N GLU A 19 15.99 11.49 8.16
CA GLU A 19 16.29 10.07 8.31
C GLU A 19 15.78 9.54 9.64
N GLU A 20 16.14 10.21 10.73
CA GLU A 20 15.78 9.77 12.07
C GLU A 20 14.28 9.50 12.20
N GLU A 21 13.47 10.47 11.80
CA GLU A 21 12.02 10.32 11.87
C GLU A 21 11.55 9.18 10.98
N ARG A 22 11.85 9.28 9.70
CA ARG A 22 11.39 8.30 8.70
C ARG A 22 11.83 6.89 9.06
N ARG A 23 13.12 6.72 9.34
CA ARG A 23 13.69 5.40 9.58
C ARG A 23 13.06 4.75 10.82
N ARG A 24 12.84 5.54 11.86
CA ARG A 24 12.25 5.02 13.08
C ARG A 24 10.78 4.68 12.88
N LEU A 25 10.05 5.58 12.23
CA LEU A 25 8.63 5.37 11.99
C LEU A 25 8.40 4.17 11.07
N SER A 26 9.22 4.06 10.03
CA SER A 26 9.14 2.93 9.13
C SER A 26 9.46 1.63 9.86
N GLU A 27 10.44 1.67 10.76
CA GLU A 27 10.77 0.51 11.58
C GLU A 27 9.56 0.09 12.40
N LYS A 28 8.87 1.06 12.98
CA LYS A 28 7.64 0.82 13.72
C LYS A 28 6.63 0.09 12.84
N VAL A 29 6.39 0.64 11.64
CA VAL A 29 5.42 0.07 10.73
C VAL A 29 5.80 -1.34 10.30
N ILE A 30 7.08 -1.54 9.99
CA ILE A 30 7.57 -2.86 9.59
C ILE A 30 7.38 -3.86 10.72
N SER A 31 7.84 -3.50 11.91
CA SER A 31 7.72 -4.37 13.08
C SER A 31 6.26 -4.69 13.35
N ASN A 32 5.41 -3.66 13.29
CA ASN A 32 3.99 -3.80 13.55
C ASN A 32 3.33 -4.70 12.51
N LEU A 33 3.74 -4.52 11.26
CA LEU A 33 3.23 -5.32 10.15
C LEU A 33 3.59 -6.79 10.33
N LYS A 34 4.82 -7.05 10.76
CA LYS A 34 5.27 -8.41 10.99
C LYS A 34 4.65 -8.98 12.26
N SER A 35 4.20 -8.09 13.14
CA SER A 35 3.54 -8.51 14.37
C SER A 35 2.12 -9.01 14.06
N LEU A 36 1.55 -8.49 12.98
CA LEU A 36 0.24 -8.94 12.52
C LEU A 36 0.25 -10.44 12.25
N PRO A 37 -0.74 -11.18 12.75
CA PRO A 37 -0.91 -12.61 12.43
C PRO A 37 -1.14 -12.78 10.92
N GLU A 38 -1.63 -11.72 10.30
CA GLU A 38 -1.89 -11.69 8.87
C GLU A 38 -0.58 -11.83 8.09
N PHE A 39 0.51 -11.35 8.66
CA PHE A 39 1.82 -11.42 8.02
C PHE A 39 2.30 -12.86 7.92
N LYS A 40 2.04 -13.64 8.96
CA LYS A 40 2.37 -15.06 8.96
C LYS A 40 1.46 -15.79 7.98
N LYS A 41 0.28 -15.24 7.77
CA LYS A 41 -0.68 -15.81 6.85
C LYS A 41 -0.41 -15.35 5.41
N SER A 42 0.44 -14.33 5.28
CA SER A 42 0.75 -13.76 3.99
C SER A 42 1.49 -14.78 3.11
N LYS A 43 0.90 -15.06 1.97
CA LYS A 43 1.49 -15.99 1.00
C LYS A 43 2.02 -15.20 -0.18
N LYS A 44 1.13 -14.41 -0.76
CA LYS A 44 1.44 -13.56 -1.90
C LYS A 44 1.54 -12.13 -1.43
N VAL A 45 2.75 -11.64 -1.24
CA VAL A 45 2.94 -10.29 -0.73
C VAL A 45 3.23 -9.32 -1.87
N ALA A 46 2.25 -8.48 -2.16
CA ALA A 46 2.40 -7.48 -3.20
C ALA A 46 2.68 -6.12 -2.59
N LEU A 47 3.60 -5.38 -3.19
CA LEU A 47 3.94 -4.06 -2.71
C LEU A 47 3.66 -3.03 -3.78
N TYR A 48 3.22 -1.86 -3.37
CA TYR A 48 2.90 -0.79 -4.30
C TYR A 48 4.16 -0.02 -4.71
N CYS A 49 5.29 -0.40 -4.08
CA CYS A 49 6.58 0.25 -4.31
C CYS A 49 6.56 1.72 -3.93
N PRO A 50 6.95 2.02 -2.68
CA PRO A 50 7.04 3.40 -2.19
C PRO A 50 8.18 4.17 -2.86
N ILE A 51 7.89 5.39 -3.32
CA ILE A 51 8.88 6.19 -4.01
C ILE A 51 9.13 7.49 -3.27
N LYS A 52 8.05 8.01 -2.70
CA LYS A 52 8.09 9.30 -2.00
C LYS A 52 8.25 9.06 -0.51
N GLY A 53 9.11 8.11 -0.17
CA GLY A 53 9.21 7.65 1.21
C GLY A 53 8.12 6.67 1.51
N GLU A 54 6.98 7.19 1.99
CA GLU A 54 5.75 6.41 2.10
C GLU A 54 5.95 5.13 2.91
N VAL A 55 6.76 5.22 3.96
CA VAL A 55 7.14 4.09 4.78
C VAL A 55 8.12 3.19 4.05
N ASP A 56 9.30 3.04 4.62
CA ASP A 56 10.36 2.26 3.99
C ASP A 56 10.03 0.78 3.98
N LEU A 57 9.26 0.37 2.99
CA LEU A 57 8.93 -1.04 2.80
C LEU A 57 9.97 -1.69 1.90
N THR A 58 10.89 -0.88 1.40
CA THR A 58 11.96 -1.35 0.54
C THR A 58 12.87 -2.37 1.25
N PRO A 59 13.31 -2.09 2.50
CA PRO A 59 14.11 -3.05 3.26
C PRO A 59 13.33 -4.33 3.63
N LEU A 60 12.05 -4.36 3.28
CA LEU A 60 11.22 -5.52 3.56
C LEU A 60 11.22 -6.48 2.37
N PHE A 61 11.78 -6.02 1.24
CA PHE A 61 11.89 -6.85 0.04
C PHE A 61 12.62 -8.18 0.34
N PRO A 62 13.84 -8.15 0.93
CA PRO A 62 14.57 -9.38 1.29
C PRO A 62 13.75 -10.29 2.20
N GLU A 63 13.05 -9.69 3.14
CA GLU A 63 12.19 -10.42 4.07
C GLU A 63 11.14 -11.23 3.33
N VAL A 64 10.54 -10.62 2.31
CA VAL A 64 9.53 -11.30 1.52
C VAL A 64 10.16 -12.33 0.59
N LEU A 65 11.23 -11.93 -0.11
CA LEU A 65 11.92 -12.83 -1.03
C LEU A 65 12.48 -14.04 -0.29
N LYS A 66 12.69 -13.88 1.01
CA LYS A 66 13.23 -14.93 1.86
C LYS A 66 12.33 -16.17 1.85
N GLU A 67 11.02 -15.95 1.82
CA GLU A 67 10.08 -17.06 2.00
C GLU A 67 8.88 -17.00 1.05
N LYS A 68 8.28 -15.84 0.93
CA LYS A 68 7.02 -15.70 0.21
C LYS A 68 7.25 -15.25 -1.24
N GLU A 69 6.17 -14.97 -1.94
CA GLU A 69 6.26 -14.41 -3.28
C GLU A 69 6.04 -12.91 -3.24
N LEU A 70 6.97 -12.16 -3.83
CA LEU A 70 6.89 -10.71 -3.83
C LEU A 70 6.35 -10.20 -5.16
N ILE A 71 5.15 -9.67 -5.13
CA ILE A 71 4.51 -9.15 -6.33
C ILE A 71 4.74 -7.65 -6.44
N LEU A 72 5.39 -7.23 -7.51
CA LEU A 72 5.68 -5.82 -7.73
C LEU A 72 5.08 -5.35 -9.06
N PRO A 73 4.62 -4.10 -9.11
CA PRO A 73 3.97 -3.54 -10.29
C PRO A 73 4.95 -2.83 -11.24
N LYS A 74 4.92 -3.23 -12.51
CA LYS A 74 5.66 -2.54 -13.55
C LYS A 74 4.70 -1.72 -14.41
N VAL A 75 4.99 -0.44 -14.55
CA VAL A 75 4.11 0.46 -15.29
C VAL A 75 4.58 0.61 -16.73
N GLU A 76 3.67 0.40 -17.66
CA GLU A 76 3.98 0.58 -19.07
C GLU A 76 2.83 1.26 -19.79
N GLY A 77 2.97 2.56 -20.01
CA GLY A 77 1.92 3.32 -20.65
C GLY A 77 0.70 3.43 -19.77
N ASN A 78 -0.35 2.69 -20.12
CA ASN A 78 -1.56 2.66 -19.32
C ASN A 78 -1.90 1.21 -18.94
N GLU A 79 -0.89 0.35 -19.00
CA GLU A 79 -1.04 -1.03 -18.56
C GLU A 79 -0.09 -1.29 -17.41
N ILE A 80 -0.45 -2.23 -16.55
CA ILE A 80 0.38 -2.55 -15.41
C ILE A 80 0.67 -4.04 -15.34
N SER A 81 1.94 -4.38 -15.23
CA SER A 81 2.35 -5.76 -15.15
C SER A 81 2.73 -6.13 -13.73
N LEU A 82 1.90 -6.94 -13.09
CA LEU A 82 2.19 -7.42 -11.75
C LEU A 82 3.06 -8.66 -11.82
N TYR A 83 4.36 -8.49 -11.59
CA TYR A 83 5.28 -9.61 -11.63
C TYR A 83 5.52 -10.16 -10.24
N ARG A 84 5.41 -11.46 -10.10
CA ARG A 84 5.80 -12.11 -8.86
C ARG A 84 7.24 -12.55 -8.96
N VAL A 85 8.01 -12.19 -7.97
CA VAL A 85 9.46 -12.38 -7.98
C VAL A 85 9.92 -13.12 -6.74
N HIS A 86 10.90 -14.00 -6.91
CA HIS A 86 11.47 -14.74 -5.79
C HIS A 86 13.00 -14.73 -5.89
N SER A 87 13.51 -13.85 -6.74
CA SER A 87 14.95 -13.70 -6.95
C SER A 87 15.32 -12.22 -6.98
N PRO A 88 16.27 -11.80 -6.13
CA PRO A 88 16.66 -10.38 -5.98
C PRO A 88 17.23 -9.79 -7.27
N ALA A 89 17.90 -10.61 -8.07
CA ALA A 89 18.58 -10.15 -9.27
C ALA A 89 17.61 -9.79 -10.39
N CYS A 90 16.32 -9.97 -10.15
CA CYS A 90 15.31 -9.66 -11.14
C CYS A 90 14.72 -8.27 -10.89
N LEU A 91 15.27 -7.58 -9.90
CA LEU A 91 14.76 -6.27 -9.51
C LEU A 91 15.69 -5.16 -10.01
N GLY A 92 15.12 -4.01 -10.31
CA GLY A 92 15.90 -2.88 -10.75
C GLY A 92 15.02 -1.72 -11.19
N VAL A 93 15.44 -1.03 -12.23
CA VAL A 93 14.67 0.06 -12.80
C VAL A 93 14.30 -0.28 -14.24
N GLY A 94 13.04 -0.09 -14.61
CA GLY A 94 12.58 -0.58 -15.89
C GLY A 94 11.89 0.48 -16.74
N ALA A 95 10.56 0.48 -16.71
CA ALA A 95 9.79 1.23 -17.69
C ALA A 95 9.16 2.49 -17.11
N PHE A 96 9.34 2.68 -15.85
CA PHE A 96 8.78 3.85 -15.18
C PHE A 96 9.87 4.67 -14.50
N GLY A 97 10.77 3.99 -13.81
CA GLY A 97 11.85 4.69 -13.13
C GLY A 97 11.79 4.47 -11.65
N ILE A 98 11.19 3.35 -11.24
CA ILE A 98 11.09 2.99 -9.84
C ILE A 98 11.72 1.63 -9.63
N MET A 99 11.84 1.20 -8.38
CA MET A 99 12.33 -0.14 -8.10
C MET A 99 11.27 -1.15 -8.54
N GLU A 100 11.36 -1.54 -9.80
CA GLU A 100 10.36 -2.39 -10.44
C GLU A 100 11.00 -3.68 -10.95
N PRO A 101 10.19 -4.72 -11.20
CA PRO A 101 10.69 -6.00 -11.68
C PRO A 101 11.07 -5.95 -13.16
N VAL A 102 12.30 -6.34 -13.46
CA VAL A 102 12.79 -6.35 -14.83
C VAL A 102 12.24 -7.56 -15.57
N GLU A 103 12.22 -8.69 -14.89
CA GLU A 103 11.70 -9.94 -15.45
C GLU A 103 10.86 -10.67 -14.43
N GLY A 104 10.23 -11.75 -14.85
CA GLY A 104 9.41 -12.53 -13.94
C GLY A 104 8.11 -12.95 -14.59
N GLU A 105 7.16 -13.37 -13.78
CA GLU A 105 5.87 -13.81 -14.29
C GLU A 105 4.77 -12.83 -13.89
N ARG A 106 4.08 -12.29 -14.89
CA ARG A 106 2.97 -11.38 -14.65
C ARG A 106 1.69 -12.16 -14.39
N VAL A 107 1.04 -11.87 -13.27
CA VAL A 107 -0.16 -12.59 -12.87
C VAL A 107 -1.33 -11.62 -12.68
N ASN A 108 -2.54 -12.16 -12.64
CA ASN A 108 -3.73 -11.36 -12.39
C ASN A 108 -3.82 -10.96 -10.92
N PRO A 109 -4.47 -9.83 -10.60
CA PRO A 109 -4.60 -9.33 -9.22
C PRO A 109 -5.36 -10.28 -8.29
N GLU A 110 -6.01 -11.28 -8.88
CA GLU A 110 -6.76 -12.26 -8.10
C GLU A 110 -5.80 -13.18 -7.34
N ASP A 111 -4.56 -13.23 -7.79
CA ASP A 111 -3.55 -14.08 -7.17
C ASP A 111 -3.00 -13.43 -5.91
N VAL A 112 -3.23 -12.12 -5.77
CA VAL A 112 -2.74 -11.36 -4.64
C VAL A 112 -3.45 -11.75 -3.35
N ASP A 113 -2.66 -12.14 -2.35
CA ASP A 113 -3.19 -12.55 -1.06
C ASP A 113 -3.10 -11.41 -0.05
N PHE A 114 -1.94 -10.79 0.02
CA PHE A 114 -1.68 -9.68 0.93
C PHE A 114 -0.90 -8.58 0.19
N ILE A 115 -1.47 -7.40 0.10
CA ILE A 115 -0.80 -6.31 -0.58
C ILE A 115 -0.70 -5.08 0.32
N ALA A 116 0.45 -4.42 0.26
CA ALA A 116 0.69 -3.24 1.06
C ALA A 116 0.74 -2.01 0.18
N VAL A 117 -0.27 -1.15 0.32
CA VAL A 117 -0.40 0.02 -0.53
C VAL A 117 -0.22 1.30 0.30
N PRO A 118 0.92 1.97 0.15
CA PRO A 118 1.14 3.29 0.74
C PRO A 118 0.26 4.34 0.06
N GLY A 119 -0.60 4.96 0.83
CA GLY A 119 -1.49 5.97 0.28
C GLY A 119 -0.97 7.37 0.54
N VAL A 120 -1.35 8.31 -0.32
CA VAL A 120 -0.94 9.70 -0.15
C VAL A 120 -1.41 10.24 1.18
N ALA A 121 -2.68 10.03 1.47
CA ALA A 121 -3.26 10.43 2.74
C ALA A 121 -4.40 9.50 3.10
N PHE A 122 -4.68 9.37 4.38
CA PHE A 122 -5.78 8.54 4.84
C PHE A 122 -6.66 9.33 5.79
N ASP A 123 -7.93 8.99 5.85
CA ASP A 123 -8.86 9.61 6.77
C ASP A 123 -9.22 8.64 7.89
N LEU A 124 -10.30 8.92 8.61
CA LEU A 124 -10.72 8.08 9.72
C LEU A 124 -11.38 6.79 9.23
N GLU A 125 -11.85 6.77 8.00
CA GLU A 125 -12.51 5.60 7.46
C GLU A 125 -11.61 4.79 6.52
N GLY A 126 -10.71 5.48 5.81
CA GLY A 126 -9.69 4.75 5.06
C GLY A 126 -9.71 5.00 3.57
N TYR A 127 -10.05 6.21 3.16
CA TYR A 127 -9.99 6.56 1.76
C TYR A 127 -8.56 6.85 1.34
N ARG A 128 -8.25 6.54 0.09
CA ARG A 128 -6.88 6.68 -0.42
C ARG A 128 -6.65 8.10 -0.95
N LEU A 129 -7.74 8.85 -1.12
CA LEU A 129 -7.71 10.22 -1.64
C LEU A 129 -7.45 10.23 -3.14
N GLY A 130 -6.31 9.69 -3.54
CA GLY A 130 -5.97 9.64 -4.94
C GLY A 130 -4.47 9.71 -5.18
N PHE A 131 -3.90 8.62 -5.67
CA PHE A 131 -2.47 8.57 -5.95
C PHE A 131 -2.14 9.40 -7.19
N GLY A 132 -3.03 9.33 -8.17
CA GLY A 132 -2.86 10.09 -9.40
C GLY A 132 -4.12 10.84 -9.77
N LYS A 133 -4.39 10.93 -11.07
CA LYS A 133 -5.62 11.56 -11.55
C LYS A 133 -6.82 10.68 -11.20
N GLY A 134 -6.94 9.57 -11.91
CA GLY A 134 -8.00 8.63 -11.66
C GLY A 134 -7.68 7.29 -12.26
N TYR A 135 -6.41 6.91 -12.17
CA TYR A 135 -5.93 5.67 -12.76
C TYR A 135 -5.59 4.67 -11.67
N TYR A 136 -5.31 3.43 -12.10
CA TYR A 136 -4.92 2.33 -11.22
C TYR A 136 -6.10 1.88 -10.36
N ASP A 137 -7.27 2.45 -10.62
CA ASP A 137 -8.48 2.07 -9.91
C ASP A 137 -8.98 0.73 -10.46
N ARG A 138 -8.69 0.50 -11.73
CA ARG A 138 -9.08 -0.74 -12.39
C ARG A 138 -8.34 -1.91 -11.76
N LEU A 139 -7.17 -1.60 -11.20
CA LEU A 139 -6.36 -2.60 -10.53
C LEU A 139 -6.90 -2.89 -9.15
N LEU A 140 -6.99 -1.85 -8.32
CA LEU A 140 -7.39 -1.99 -6.92
C LEU A 140 -8.77 -2.61 -6.76
N LYS A 141 -9.65 -2.35 -7.72
CA LYS A 141 -11.01 -2.90 -7.66
C LYS A 141 -11.00 -4.37 -8.05
N ARG A 142 -9.99 -4.79 -8.80
CA ARG A 142 -9.88 -6.17 -9.21
C ARG A 142 -9.00 -6.96 -8.26
N VAL A 143 -8.39 -6.26 -7.31
CA VAL A 143 -7.62 -6.92 -6.25
C VAL A 143 -8.57 -7.42 -5.18
N LYS A 144 -8.80 -8.73 -5.16
CA LYS A 144 -9.71 -9.34 -4.21
C LYS A 144 -8.95 -9.82 -2.97
N GLY A 145 -7.68 -9.48 -2.91
CA GLY A 145 -6.86 -9.83 -1.77
C GLY A 145 -6.96 -8.81 -0.66
N LEU A 146 -6.08 -8.92 0.33
CA LEU A 146 -6.11 -8.02 1.47
C LEU A 146 -5.32 -6.75 1.16
N LYS A 147 -6.04 -5.66 0.90
CA LYS A 147 -5.40 -4.38 0.62
C LYS A 147 -5.13 -3.64 1.92
N VAL A 148 -3.87 -3.66 2.33
CA VAL A 148 -3.46 -3.03 3.57
C VAL A 148 -2.83 -1.66 3.28
N GLY A 149 -3.47 -0.62 3.80
CA GLY A 149 -2.94 0.71 3.63
C GLY A 149 -1.85 0.99 4.63
N VAL A 150 -0.68 1.33 4.13
CA VAL A 150 0.48 1.56 4.99
C VAL A 150 0.82 3.05 5.01
N ALA A 151 0.80 3.64 6.19
CA ALA A 151 1.11 5.06 6.32
C ALA A 151 1.47 5.42 7.76
N TYR A 152 1.98 6.64 7.94
CA TYR A 152 2.28 7.15 9.26
C TYR A 152 1.02 7.79 9.84
N SER A 153 1.03 8.11 11.13
CA SER A 153 -0.08 8.81 11.75
C SER A 153 -0.04 10.29 11.36
N PHE A 154 1.14 10.73 10.93
CA PHE A 154 1.33 12.09 10.42
C PHE A 154 0.61 12.26 9.09
N GLN A 155 0.16 11.15 8.52
CA GLN A 155 -0.46 11.14 7.20
C GLN A 155 -1.95 10.86 7.30
N VAL A 156 -2.47 10.87 8.51
CA VAL A 156 -3.88 10.54 8.74
C VAL A 156 -4.65 11.77 9.22
N PHE A 157 -5.79 12.01 8.60
CA PHE A 157 -6.64 13.14 8.94
C PHE A 157 -8.04 12.66 9.31
N GLU A 158 -8.98 13.58 9.43
CA GLU A 158 -10.35 13.24 9.77
C GLU A 158 -11.08 12.73 8.53
N ARG A 159 -11.15 13.58 7.52
CA ARG A 159 -11.76 13.24 6.25
C ARG A 159 -11.04 13.96 5.13
N LEU A 160 -10.95 13.31 3.98
CA LEU A 160 -10.22 13.85 2.85
C LEU A 160 -11.16 14.43 1.81
N PRO A 161 -10.82 15.61 1.27
CA PRO A 161 -11.58 16.21 0.18
C PRO A 161 -11.40 15.45 -1.13
N ARG A 162 -12.38 14.65 -1.46
CA ARG A 162 -12.31 13.75 -2.61
C ARG A 162 -13.54 13.90 -3.48
N ASP A 163 -13.59 13.18 -4.58
CA ASP A 163 -14.74 13.21 -5.47
C ASP A 163 -15.90 12.48 -4.84
N ALA A 164 -15.75 11.17 -4.70
CA ALA A 164 -16.76 10.35 -4.05
C ALA A 164 -16.14 9.14 -3.40
N TRP A 165 -16.03 8.06 -4.16
CA TRP A 165 -15.54 6.82 -3.61
C TRP A 165 -14.25 6.40 -4.28
N ASP A 166 -13.17 7.04 -3.88
CA ASP A 166 -11.84 6.55 -4.23
C ASP A 166 -11.58 5.26 -3.47
N ILE A 167 -11.06 4.25 -4.16
CA ILE A 167 -10.96 2.91 -3.61
C ILE A 167 -10.18 2.89 -2.29
N PRO A 168 -10.88 2.52 -1.20
CA PRO A 168 -10.29 2.49 0.14
C PRO A 168 -9.55 1.19 0.42
N VAL A 169 -8.93 1.13 1.59
CA VAL A 169 -8.19 -0.06 2.00
C VAL A 169 -9.04 -0.94 2.92
N ASP A 170 -8.65 -2.21 3.03
CA ASP A 170 -9.38 -3.17 3.86
C ASP A 170 -8.85 -3.12 5.29
N VAL A 171 -7.56 -2.90 5.41
CA VAL A 171 -6.91 -2.78 6.72
C VAL A 171 -5.99 -1.57 6.73
N LEU A 172 -5.92 -0.88 7.85
CA LEU A 172 -5.04 0.27 7.97
C LEU A 172 -3.96 0.01 9.01
N VAL A 173 -2.71 0.01 8.55
CA VAL A 173 -1.58 -0.20 9.45
C VAL A 173 -0.73 1.08 9.50
N THR A 174 -0.66 1.67 10.67
CA THR A 174 0.14 2.86 10.86
C THR A 174 1.36 2.57 11.71
N GLU A 175 2.01 3.64 12.15
CA GLU A 175 3.17 3.56 13.03
C GLU A 175 2.79 3.04 14.41
N LYS A 176 1.49 3.10 14.73
CA LYS A 176 1.03 2.76 16.07
C LYS A 176 -0.10 1.73 16.04
N ASN A 177 -1.26 2.13 15.53
CA ASN A 177 -2.45 1.30 15.65
C ASN A 177 -2.86 0.69 14.31
N VAL A 178 -3.52 -0.45 14.38
CA VAL A 178 -4.05 -1.13 13.21
C VAL A 178 -5.56 -1.24 13.31
N ARG A 179 -6.27 -0.92 12.23
CA ARG A 179 -7.72 -1.02 12.21
C ARG A 179 -8.19 -1.80 10.99
N ARG A 180 -9.28 -2.54 11.14
CA ARG A 180 -9.94 -3.16 10.01
C ARG A 180 -10.98 -2.19 9.46
N LEU A 181 -10.79 -1.76 8.23
CA LEU A 181 -11.64 -0.73 7.65
C LEU A 181 -12.60 -1.33 6.63
N ARG A 182 -12.61 -2.64 6.56
CA ARG A 182 -13.51 -3.36 5.68
C ARG A 182 -14.92 -3.37 6.24
N ASP A 183 -15.82 -4.04 5.52
CA ASP A 183 -17.21 -4.17 5.94
C ASP A 183 -17.31 -4.87 7.29
N GLY A 184 -17.60 -4.10 8.33
CA GLY A 184 -17.78 -4.67 9.65
C GLY A 184 -19.13 -5.35 9.79
N ARG A 185 -19.27 -6.49 9.12
CA ARG A 185 -20.52 -7.23 9.10
C ARG A 185 -20.60 -8.18 10.29
N SER A 186 -19.77 -7.95 11.28
CA SER A 186 -19.73 -8.79 12.46
C SER A 186 -20.90 -8.45 13.40
N LEU A 187 -22.09 -8.85 12.99
CA LEU A 187 -23.30 -8.67 13.80
C LEU A 187 -23.57 -9.94 14.58
N GLU A 188 -22.48 -10.57 15.04
CA GLU A 188 -22.56 -11.85 15.73
C GLU A 188 -23.51 -11.79 16.91
N HIS A 189 -24.55 -12.60 16.84
CA HIS A 189 -25.54 -12.69 17.89
C HIS A 189 -26.00 -14.14 18.02
N HIS A 190 -25.17 -14.93 18.71
CA HIS A 190 -25.41 -16.36 18.81
C HIS A 190 -26.73 -16.66 19.50
N HIS A 191 -27.49 -17.56 18.93
CA HIS A 191 -28.79 -17.92 19.45
C HIS A 191 -28.65 -18.78 20.69
N HIS A 192 -28.68 -18.15 21.86
CA HIS A 192 -28.58 -18.86 23.13
C HIS A 192 -29.90 -19.53 23.47
N HIS A 193 -29.89 -20.34 24.51
CA HIS A 193 -31.11 -20.96 25.01
C HIS A 193 -31.69 -20.06 26.09
N HIS A 194 -30.84 -19.75 27.07
CA HIS A 194 -31.15 -18.79 28.12
C HIS A 194 -29.84 -18.23 28.67
N MET A 1 -7.13 26.71 -2.82
CA MET A 1 -7.48 25.51 -3.59
C MET A 1 -7.45 24.29 -2.68
N LEU A 2 -8.59 23.97 -2.09
CA LEU A 2 -8.66 22.98 -1.01
C LEU A 2 -8.19 21.59 -1.43
N LYS A 3 -8.94 20.95 -2.33
CA LYS A 3 -8.72 19.53 -2.63
C LYS A 3 -7.49 19.30 -3.52
N SER A 4 -6.93 20.38 -4.06
CA SER A 4 -5.74 20.27 -4.88
C SER A 4 -4.48 20.54 -4.07
N GLU A 5 -4.48 21.64 -3.32
CA GLU A 5 -3.33 22.00 -2.49
C GLU A 5 -3.10 20.96 -1.41
N LEU A 6 -4.18 20.41 -0.86
CA LEU A 6 -4.09 19.44 0.23
C LEU A 6 -3.15 18.29 -0.13
N ARG A 7 -3.25 17.83 -1.37
CA ARG A 7 -2.46 16.70 -1.83
C ARG A 7 -0.97 17.03 -1.85
N LYS A 8 -0.65 18.27 -2.18
CA LYS A 8 0.75 18.70 -2.26
C LYS A 8 1.25 19.19 -0.91
N LYS A 9 0.36 19.83 -0.14
CA LYS A 9 0.70 20.31 1.20
C LYS A 9 1.12 19.15 2.10
N VAL A 10 0.28 18.13 2.17
CA VAL A 10 0.56 16.96 3.00
C VAL A 10 1.83 16.27 2.53
N LEU A 11 1.94 16.07 1.22
CA LEU A 11 3.08 15.39 0.63
C LEU A 11 4.38 16.15 0.95
N HIS A 12 4.32 17.48 0.83
CA HIS A 12 5.47 18.34 1.10
C HIS A 12 5.94 18.18 2.54
N LYS A 13 4.99 18.17 3.47
CA LYS A 13 5.33 18.09 4.89
C LYS A 13 5.84 16.70 5.25
N ARG A 14 5.35 15.68 4.56
CA ARG A 14 5.80 14.32 4.79
C ARG A 14 7.27 14.16 4.45
N ILE A 15 7.65 14.56 3.23
CA ILE A 15 9.03 14.45 2.80
C ILE A 15 9.89 15.57 3.39
N ASN A 16 9.29 16.34 4.31
CA ASN A 16 10.00 17.37 5.03
C ASN A 16 10.51 16.81 6.36
N LEU A 17 10.07 15.61 6.69
CA LEU A 17 10.56 14.91 7.87
C LEU A 17 12.01 14.51 7.65
N SER A 18 12.82 14.62 8.69
CA SER A 18 14.25 14.32 8.59
C SER A 18 14.49 12.83 8.38
N GLU A 19 15.61 12.52 7.74
CA GLU A 19 15.94 11.16 7.33
C GLU A 19 15.95 10.19 8.53
N GLU A 20 16.67 10.56 9.58
CA GLU A 20 16.81 9.69 10.74
C GLU A 20 15.49 9.51 11.46
N GLU A 21 14.75 10.60 11.64
CA GLU A 21 13.44 10.54 12.30
C GLU A 21 12.51 9.63 11.49
N ARG A 22 12.60 9.77 10.17
CA ARG A 22 11.87 8.89 9.26
C ARG A 22 12.17 7.43 9.56
N ARG A 23 13.46 7.11 9.68
CA ARG A 23 13.89 5.73 9.92
C ARG A 23 13.34 5.19 11.24
N ARG A 24 13.19 6.08 12.21
CA ARG A 24 12.63 5.71 13.50
C ARG A 24 11.15 5.37 13.36
N LEU A 25 10.49 6.00 12.39
CA LEU A 25 9.09 5.73 12.10
C LEU A 25 8.96 4.45 11.27
N SER A 26 9.88 4.30 10.32
CA SER A 26 9.90 3.14 9.43
C SER A 26 10.03 1.84 10.23
N GLU A 27 10.88 1.88 11.26
CA GLU A 27 11.08 0.70 12.11
C GLU A 27 9.77 0.33 12.81
N LYS A 28 8.96 1.33 13.12
CA LYS A 28 7.64 1.08 13.73
C LYS A 28 6.80 0.22 12.79
N VAL A 29 6.67 0.69 11.55
CA VAL A 29 5.85 0.00 10.56
C VAL A 29 6.38 -1.40 10.27
N ILE A 30 7.71 -1.53 10.13
CA ILE A 30 8.32 -2.83 9.89
C ILE A 30 7.98 -3.81 11.01
N SER A 31 8.11 -3.33 12.25
CA SER A 31 7.80 -4.15 13.42
C SER A 31 6.31 -4.48 13.48
N ASN A 32 5.47 -3.49 13.19
CA ASN A 32 4.03 -3.63 13.31
C ASN A 32 3.46 -4.57 12.25
N LEU A 33 3.93 -4.43 11.01
CA LEU A 33 3.45 -5.26 9.92
C LEU A 33 3.86 -6.71 10.13
N LYS A 34 5.05 -6.91 10.70
CA LYS A 34 5.52 -8.26 11.01
C LYS A 34 5.01 -8.69 12.38
N SER A 35 4.32 -7.80 13.06
CA SER A 35 3.62 -8.14 14.29
C SER A 35 2.28 -8.77 13.96
N LEU A 36 1.72 -8.38 12.80
CA LEU A 36 0.49 -8.98 12.30
C LEU A 36 0.66 -10.49 12.07
N PRO A 37 -0.20 -11.31 12.69
CA PRO A 37 -0.16 -12.76 12.51
C PRO A 37 -0.60 -13.18 11.11
N GLU A 38 -1.31 -12.29 10.43
CA GLU A 38 -1.79 -12.55 9.09
C GLU A 38 -0.66 -12.41 8.07
N PHE A 39 0.37 -11.66 8.45
CA PHE A 39 1.50 -11.39 7.57
C PHE A 39 2.36 -12.65 7.40
N LYS A 40 2.15 -13.61 8.27
CA LYS A 40 2.86 -14.88 8.19
C LYS A 40 2.06 -15.89 7.36
N LYS A 41 0.73 -15.79 7.45
CA LYS A 41 -0.16 -16.72 6.77
C LYS A 41 -0.32 -16.35 5.30
N SER A 42 -0.38 -15.06 5.01
CA SER A 42 -0.42 -14.58 3.64
C SER A 42 0.85 -15.00 2.91
N LYS A 43 0.78 -15.17 1.60
CA LYS A 43 1.94 -15.62 0.84
C LYS A 43 2.15 -14.78 -0.41
N LYS A 44 1.10 -14.17 -0.92
CA LYS A 44 1.20 -13.33 -2.10
C LYS A 44 1.14 -11.88 -1.72
N VAL A 45 2.30 -11.25 -1.56
CA VAL A 45 2.36 -9.87 -1.14
C VAL A 45 2.86 -8.97 -2.26
N ALA A 46 2.02 -8.04 -2.67
CA ALA A 46 2.38 -7.10 -3.71
C ALA A 46 2.62 -5.72 -3.10
N LEU A 47 3.80 -5.17 -3.35
CA LEU A 47 4.13 -3.85 -2.85
C LEU A 47 4.14 -2.85 -4.00
N TYR A 48 3.34 -1.79 -3.86
CA TYR A 48 3.21 -0.79 -4.91
C TYR A 48 4.47 0.06 -5.01
N CYS A 49 5.38 -0.13 -4.06
CA CYS A 49 6.68 0.54 -4.03
C CYS A 49 6.55 2.04 -3.70
N PRO A 50 6.98 2.44 -2.50
CA PRO A 50 6.94 3.83 -2.06
C PRO A 50 8.03 4.67 -2.72
N ILE A 51 7.66 5.35 -3.81
CA ILE A 51 8.59 6.23 -4.51
C ILE A 51 8.73 7.56 -3.78
N LYS A 52 7.62 8.08 -3.29
CA LYS A 52 7.61 9.35 -2.57
C LYS A 52 6.90 9.19 -1.23
N GLY A 53 7.67 9.11 -0.16
CA GLY A 53 7.11 8.96 1.15
C GLY A 53 8.17 8.62 2.17
N GLU A 54 7.78 8.61 3.44
CA GLU A 54 8.70 8.29 4.53
C GLU A 54 8.61 6.81 4.87
N VAL A 55 7.61 6.14 4.31
CA VAL A 55 7.37 4.74 4.61
C VAL A 55 8.39 3.83 3.93
N ASP A 56 9.28 3.26 4.72
CA ASP A 56 10.32 2.38 4.19
C ASP A 56 9.86 0.93 4.14
N LEU A 57 9.15 0.57 3.09
CA LEU A 57 8.81 -0.81 2.83
C LEU A 57 9.82 -1.41 1.86
N THR A 58 10.63 -0.52 1.29
CA THR A 58 11.66 -0.90 0.33
C THR A 58 12.71 -1.85 0.96
N PRO A 59 13.27 -1.53 2.14
CA PRO A 59 14.27 -2.40 2.80
C PRO A 59 13.68 -3.71 3.32
N LEU A 60 12.39 -3.93 3.09
CA LEU A 60 11.73 -5.13 3.60
C LEU A 60 11.71 -6.23 2.54
N PHE A 61 12.12 -5.89 1.31
CA PHE A 61 12.14 -6.86 0.21
C PHE A 61 12.93 -8.13 0.56
N PRO A 62 14.19 -8.02 1.06
CA PRO A 62 15.00 -9.18 1.47
C PRO A 62 14.30 -10.03 2.51
N GLU A 63 13.60 -9.36 3.39
CA GLU A 63 12.86 -10.03 4.46
C GLU A 63 11.64 -10.77 3.92
N VAL A 64 10.94 -10.14 2.98
CA VAL A 64 9.74 -10.74 2.38
C VAL A 64 10.05 -12.09 1.73
N LEU A 65 11.17 -12.16 1.00
CA LEU A 65 11.53 -13.36 0.26
C LEU A 65 11.91 -14.52 1.18
N LYS A 66 11.91 -14.30 2.49
CA LYS A 66 12.15 -15.39 3.43
C LYS A 66 10.85 -16.07 3.79
N GLU A 67 9.76 -15.33 3.69
CA GLU A 67 8.46 -15.78 4.18
C GLU A 67 7.50 -16.03 3.02
N LYS A 68 7.38 -15.05 2.14
CA LYS A 68 6.35 -15.02 1.13
C LYS A 68 6.93 -14.71 -0.24
N GLU A 69 6.06 -14.54 -1.22
CA GLU A 69 6.47 -14.17 -2.56
C GLU A 69 6.32 -12.66 -2.73
N LEU A 70 7.26 -12.06 -3.45
CA LEU A 70 7.26 -10.63 -3.66
C LEU A 70 6.69 -10.29 -5.03
N ILE A 71 5.50 -9.71 -5.05
CA ILE A 71 4.88 -9.33 -6.30
C ILE A 71 5.10 -7.84 -6.56
N LEU A 72 5.79 -7.55 -7.65
CA LEU A 72 6.15 -6.18 -7.99
C LEU A 72 5.45 -5.73 -9.27
N PRO A 73 5.09 -4.45 -9.34
CA PRO A 73 4.41 -3.87 -10.49
C PRO A 73 5.36 -3.34 -11.56
N LYS A 74 5.25 -3.88 -12.76
CA LYS A 74 6.06 -3.40 -13.87
C LYS A 74 5.19 -2.60 -14.83
N VAL A 75 5.51 -1.32 -14.97
CA VAL A 75 4.80 -0.47 -15.93
C VAL A 75 5.45 -0.61 -17.30
N GLU A 76 4.73 -1.25 -18.21
CA GLU A 76 5.25 -1.52 -19.54
C GLU A 76 4.21 -1.11 -20.58
N GLY A 77 4.41 0.07 -21.15
CA GLY A 77 3.44 0.61 -22.08
C GLY A 77 2.28 1.25 -21.36
N ASN A 78 2.59 1.89 -20.24
CA ASN A 78 1.60 2.54 -19.35
C ASN A 78 0.75 1.52 -18.61
N GLU A 79 0.43 0.41 -19.27
CA GLU A 79 -0.32 -0.66 -18.62
C GLU A 79 0.58 -1.41 -17.65
N ILE A 80 0.01 -1.83 -16.53
CA ILE A 80 0.78 -2.44 -15.47
C ILE A 80 0.70 -3.96 -15.52
N SER A 81 1.86 -4.60 -15.41
CA SER A 81 1.92 -6.05 -15.36
C SER A 81 2.60 -6.47 -14.05
N LEU A 82 1.93 -7.30 -13.27
CA LEU A 82 2.45 -7.73 -11.99
C LEU A 82 3.33 -8.97 -12.16
N TYR A 83 4.51 -8.91 -11.58
CA TYR A 83 5.44 -10.03 -11.64
C TYR A 83 5.52 -10.72 -10.29
N ARG A 84 5.30 -12.02 -10.32
CA ARG A 84 5.36 -12.84 -9.12
C ARG A 84 6.80 -13.28 -8.87
N VAL A 85 7.51 -12.51 -8.07
CA VAL A 85 8.91 -12.80 -7.82
C VAL A 85 9.05 -13.71 -6.61
N HIS A 86 9.49 -14.93 -6.87
CA HIS A 86 9.75 -15.88 -5.80
C HIS A 86 11.21 -16.32 -5.86
N SER A 87 12.01 -15.50 -6.52
CA SER A 87 13.43 -15.71 -6.66
C SER A 87 14.12 -14.40 -7.06
N PRO A 88 15.09 -13.93 -6.25
CA PRO A 88 15.78 -12.66 -6.48
C PRO A 88 16.86 -12.75 -7.56
N ALA A 89 16.56 -13.47 -8.64
CA ALA A 89 17.55 -13.69 -9.70
C ALA A 89 17.50 -12.60 -10.76
N CYS A 90 16.29 -12.12 -11.06
CA CYS A 90 16.12 -11.15 -12.13
C CYS A 90 15.28 -9.95 -11.67
N LEU A 91 15.95 -8.85 -11.39
CA LEU A 91 15.29 -7.62 -10.95
C LEU A 91 15.98 -6.41 -11.58
N GLY A 92 15.23 -5.33 -11.76
CA GLY A 92 15.80 -4.13 -12.34
C GLY A 92 15.02 -2.89 -11.94
N VAL A 93 15.64 -1.74 -12.07
CA VAL A 93 14.99 -0.47 -11.76
C VAL A 93 14.83 0.36 -13.02
N GLY A 94 13.60 0.56 -13.44
CA GLY A 94 13.34 1.30 -14.65
C GLY A 94 12.02 2.03 -14.63
N ALA A 95 11.47 2.29 -15.81
CA ALA A 95 10.20 3.00 -15.95
C ALA A 95 10.28 4.37 -15.28
N PHE A 96 9.34 4.66 -14.41
CA PHE A 96 9.29 5.94 -13.71
C PHE A 96 10.17 5.89 -12.45
N GLY A 97 11.06 4.91 -12.40
CA GLY A 97 11.92 4.76 -11.25
C GLY A 97 11.37 3.77 -10.25
N ILE A 98 10.93 2.62 -10.76
CA ILE A 98 10.32 1.60 -9.93
C ILE A 98 11.05 0.27 -10.08
N MET A 99 10.71 -0.68 -9.23
CA MET A 99 11.31 -2.01 -9.28
C MET A 99 10.58 -2.86 -10.30
N GLU A 100 11.08 -2.88 -11.52
CA GLU A 100 10.47 -3.66 -12.59
C GLU A 100 11.29 -4.92 -12.87
N PRO A 101 10.75 -6.09 -12.50
CA PRO A 101 11.39 -7.36 -12.79
C PRO A 101 11.58 -7.56 -14.29
N VAL A 102 12.81 -7.87 -14.69
CA VAL A 102 13.16 -8.04 -16.08
C VAL A 102 12.35 -9.17 -16.71
N GLU A 103 12.46 -10.33 -16.11
CA GLU A 103 11.74 -11.51 -16.57
C GLU A 103 11.06 -12.17 -15.38
N GLY A 104 10.41 -13.30 -15.62
CA GLY A 104 9.81 -14.03 -14.54
C GLY A 104 8.38 -14.40 -14.81
N GLU A 105 7.65 -14.69 -13.75
CA GLU A 105 6.28 -15.16 -13.87
C GLU A 105 5.31 -14.00 -13.71
N ARG A 106 4.85 -13.43 -14.82
CA ARG A 106 3.87 -12.37 -14.76
C ARG A 106 2.49 -12.97 -14.49
N VAL A 107 1.87 -12.57 -13.39
CA VAL A 107 0.63 -13.20 -12.94
C VAL A 107 -0.48 -12.17 -12.79
N ASN A 108 -1.71 -12.61 -13.05
CA ASN A 108 -2.90 -11.80 -12.85
C ASN A 108 -3.00 -11.34 -11.39
N PRO A 109 -3.39 -10.06 -11.17
CA PRO A 109 -3.50 -9.46 -9.82
C PRO A 109 -4.38 -10.26 -8.86
N GLU A 110 -5.19 -11.17 -9.38
CA GLU A 110 -6.07 -12.01 -8.57
C GLU A 110 -5.26 -12.87 -7.60
N ASP A 111 -4.04 -13.21 -7.99
CA ASP A 111 -3.19 -14.09 -7.18
C ASP A 111 -2.81 -13.43 -5.86
N VAL A 112 -2.73 -12.11 -5.87
CA VAL A 112 -2.35 -11.34 -4.69
C VAL A 112 -3.39 -11.49 -3.58
N ASP A 113 -2.97 -11.98 -2.41
CA ASP A 113 -3.88 -12.14 -1.29
C ASP A 113 -3.61 -11.07 -0.23
N PHE A 114 -2.42 -10.49 -0.27
CA PHE A 114 -2.04 -9.39 0.63
C PHE A 114 -1.31 -8.31 -0.16
N ILE A 115 -1.92 -7.14 -0.26
CA ILE A 115 -1.31 -6.06 -1.04
C ILE A 115 -1.07 -4.82 -0.18
N ALA A 116 0.08 -4.20 -0.40
CA ALA A 116 0.45 -3.01 0.36
C ALA A 116 0.34 -1.77 -0.52
N VAL A 117 -0.69 -0.98 -0.26
CA VAL A 117 -0.96 0.21 -1.05
C VAL A 117 -0.71 1.48 -0.23
N PRO A 118 0.16 2.36 -0.72
CA PRO A 118 0.41 3.64 -0.10
C PRO A 118 -0.47 4.75 -0.69
N GLY A 119 -0.09 6.00 -0.44
CA GLY A 119 -0.84 7.12 -0.96
C GLY A 119 -0.35 8.42 -0.37
N VAL A 120 -1.00 9.52 -0.71
CA VAL A 120 -0.63 10.83 -0.17
C VAL A 120 -1.16 10.98 1.26
N ALA A 121 -2.39 10.52 1.47
CA ALA A 121 -3.03 10.62 2.78
C ALA A 121 -4.14 9.58 2.90
N PHE A 122 -4.55 9.29 4.13
CA PHE A 122 -5.61 8.33 4.40
C PHE A 122 -6.57 8.90 5.45
N ASP A 123 -7.78 8.38 5.49
CA ASP A 123 -8.72 8.78 6.53
C ASP A 123 -9.15 7.58 7.35
N LEU A 124 -10.13 7.78 8.22
CA LEU A 124 -10.57 6.73 9.13
C LEU A 124 -11.82 6.04 8.61
N GLU A 125 -12.22 6.36 7.40
CA GLU A 125 -13.37 5.72 6.78
C GLU A 125 -12.92 4.68 5.77
N GLY A 126 -11.77 4.92 5.16
CA GLY A 126 -11.18 3.94 4.28
C GLY A 126 -10.69 4.53 2.96
N TYR A 127 -10.93 5.82 2.77
CA TYR A 127 -10.62 6.47 1.51
C TYR A 127 -9.20 7.01 1.52
N ARG A 128 -8.68 7.31 0.34
CA ARG A 128 -7.33 7.83 0.20
C ARG A 128 -7.37 9.12 -0.59
N LEU A 129 -6.36 9.97 -0.43
CA LEU A 129 -6.30 11.23 -1.14
C LEU A 129 -5.84 11.02 -2.59
N GLY A 130 -5.62 9.76 -2.94
CA GLY A 130 -5.23 9.41 -4.29
C GLY A 130 -3.88 9.96 -4.68
N PHE A 131 -3.71 10.26 -5.96
CA PHE A 131 -2.47 10.81 -6.48
C PHE A 131 -2.76 11.58 -7.76
N GLY A 132 -3.26 10.88 -8.77
CA GLY A 132 -3.61 11.50 -10.02
C GLY A 132 -4.46 10.57 -10.87
N LYS A 133 -4.87 11.03 -12.04
CA LYS A 133 -5.66 10.19 -12.94
C LYS A 133 -4.75 9.30 -13.78
N GLY A 134 -5.02 8.00 -13.73
CA GLY A 134 -4.24 7.05 -14.48
C GLY A 134 -5.08 5.90 -14.98
N TYR A 135 -4.44 4.88 -15.52
CA TYR A 135 -5.14 3.71 -16.01
C TYR A 135 -5.00 2.56 -15.03
N TYR A 136 -4.60 2.91 -13.81
CA TYR A 136 -4.34 1.91 -12.77
C TYR A 136 -5.52 1.80 -11.82
N ASP A 137 -6.59 2.53 -12.13
CA ASP A 137 -7.79 2.50 -11.31
C ASP A 137 -8.45 1.13 -11.41
N ARG A 138 -8.33 0.52 -12.58
CA ARG A 138 -8.89 -0.81 -12.83
C ARG A 138 -8.12 -1.88 -12.05
N LEU A 139 -7.00 -1.47 -11.46
CA LEU A 139 -6.17 -2.36 -10.67
C LEU A 139 -6.56 -2.27 -9.19
N LEU A 140 -6.20 -1.15 -8.56
CA LEU A 140 -6.32 -0.99 -7.11
C LEU A 140 -7.78 -0.98 -6.64
N LYS A 141 -8.68 -0.75 -7.59
CA LYS A 141 -10.10 -0.66 -7.27
C LYS A 141 -10.78 -2.02 -7.44
N ARG A 142 -10.07 -2.96 -8.05
CA ARG A 142 -10.62 -4.27 -8.33
C ARG A 142 -9.79 -5.38 -7.66
N VAL A 143 -8.73 -4.98 -6.95
CA VAL A 143 -7.89 -5.93 -6.20
C VAL A 143 -8.76 -6.84 -5.33
N LYS A 144 -8.64 -8.15 -5.55
CA LYS A 144 -9.43 -9.13 -4.81
C LYS A 144 -8.75 -9.53 -3.52
N GLY A 145 -7.49 -9.15 -3.37
CA GLY A 145 -6.73 -9.47 -2.19
C GLY A 145 -6.98 -8.49 -1.06
N LEU A 146 -6.39 -8.74 0.09
CA LEU A 146 -6.57 -7.89 1.25
C LEU A 146 -5.96 -6.51 1.01
N LYS A 147 -6.83 -5.51 0.89
CA LYS A 147 -6.39 -4.14 0.69
C LYS A 147 -5.79 -3.56 1.96
N VAL A 148 -4.48 -3.54 2.03
CA VAL A 148 -3.77 -2.98 3.18
C VAL A 148 -3.19 -1.62 2.82
N GLY A 149 -3.54 -0.62 3.61
CA GLY A 149 -2.97 0.70 3.44
C GLY A 149 -1.90 0.95 4.47
N VAL A 150 -0.74 1.40 4.02
CA VAL A 150 0.38 1.61 4.94
C VAL A 150 0.74 3.10 4.99
N ALA A 151 0.69 3.67 6.19
CA ALA A 151 1.00 5.08 6.37
C ALA A 151 1.33 5.40 7.83
N TYR A 152 1.91 6.56 8.06
CA TYR A 152 2.22 7.00 9.42
C TYR A 152 1.08 7.82 9.98
N SER A 153 1.25 8.31 11.21
CA SER A 153 0.21 9.08 11.87
C SER A 153 0.03 10.43 11.17
N PHE A 154 1.08 10.85 10.46
CA PHE A 154 1.06 12.12 9.75
C PHE A 154 0.15 12.05 8.52
N GLN A 155 -0.15 10.84 8.07
CA GLN A 155 -1.01 10.66 6.91
C GLN A 155 -2.46 10.43 7.31
N VAL A 156 -2.69 10.28 8.60
CA VAL A 156 -4.01 9.92 9.09
C VAL A 156 -4.88 11.16 9.33
N PHE A 157 -5.97 11.25 8.58
CA PHE A 157 -6.97 12.28 8.78
C PHE A 157 -8.29 11.62 9.18
N GLU A 158 -9.29 12.44 9.53
CA GLU A 158 -10.59 11.90 9.90
C GLU A 158 -11.34 11.41 8.67
N ARG A 159 -11.59 12.31 7.72
CA ARG A 159 -12.25 11.95 6.48
C ARG A 159 -11.70 12.80 5.34
N LEU A 160 -11.30 12.15 4.25
CA LEU A 160 -10.72 12.85 3.12
C LEU A 160 -11.79 13.19 2.08
N PRO A 161 -11.49 14.16 1.19
CA PRO A 161 -12.38 14.51 0.09
C PRO A 161 -12.55 13.35 -0.89
N ARG A 162 -13.68 12.66 -0.77
CA ARG A 162 -13.99 11.52 -1.61
C ARG A 162 -14.51 11.97 -2.97
N ASP A 163 -14.21 11.17 -4.00
CA ASP A 163 -14.72 11.44 -5.34
C ASP A 163 -16.18 11.03 -5.42
N ALA A 164 -16.42 9.74 -5.19
CA ALA A 164 -17.74 9.13 -5.27
C ALA A 164 -17.62 7.62 -5.20
N TRP A 165 -16.60 7.07 -5.86
CA TRP A 165 -16.47 5.62 -6.00
C TRP A 165 -15.03 5.14 -5.77
N ASP A 166 -14.21 5.92 -5.07
CA ASP A 166 -12.85 5.50 -4.73
C ASP A 166 -12.88 4.18 -3.94
N ILE A 167 -11.83 3.40 -4.10
CA ILE A 167 -11.76 2.08 -3.51
C ILE A 167 -11.05 2.12 -2.15
N PRO A 168 -11.79 1.84 -1.07
CA PRO A 168 -11.24 1.88 0.29
C PRO A 168 -10.29 0.73 0.57
N VAL A 169 -9.67 0.76 1.74
CA VAL A 169 -8.83 -0.33 2.21
C VAL A 169 -9.50 -1.05 3.37
N ASP A 170 -9.12 -2.30 3.61
CA ASP A 170 -9.71 -3.08 4.69
C ASP A 170 -8.90 -2.91 5.95
N VAL A 171 -7.59 -2.95 5.81
CA VAL A 171 -6.68 -2.83 6.94
C VAL A 171 -5.78 -1.62 6.78
N LEU A 172 -5.83 -0.72 7.76
CA LEU A 172 -4.95 0.44 7.74
C LEU A 172 -3.86 0.27 8.79
N VAL A 173 -2.65 0.03 8.31
CA VAL A 173 -1.50 -0.18 9.18
C VAL A 173 -0.75 1.13 9.36
N THR A 174 -0.67 1.60 10.59
CA THR A 174 0.02 2.83 10.89
C THR A 174 1.25 2.55 11.75
N GLU A 175 1.96 3.61 12.10
CA GLU A 175 3.11 3.50 12.98
C GLU A 175 2.67 3.19 14.41
N LYS A 176 1.39 3.38 14.68
CA LYS A 176 0.86 3.24 16.02
C LYS A 176 0.06 1.95 16.18
N ASN A 177 -1.01 1.81 15.40
CA ASN A 177 -1.92 0.68 15.57
C ASN A 177 -2.40 0.15 14.22
N VAL A 178 -3.10 -0.97 14.27
CA VAL A 178 -3.65 -1.59 13.07
C VAL A 178 -5.17 -1.55 13.15
N ARG A 179 -5.78 -0.58 12.50
CA ARG A 179 -7.22 -0.47 12.54
C ARG A 179 -7.85 -1.17 11.35
N ARG A 180 -8.64 -2.18 11.64
CA ARG A 180 -9.40 -2.87 10.61
C ARG A 180 -10.63 -2.05 10.26
N LEU A 181 -10.64 -1.50 9.06
CA LEU A 181 -11.76 -0.69 8.61
C LEU A 181 -12.87 -1.58 8.11
N ARG A 182 -12.50 -2.58 7.31
CA ARG A 182 -13.41 -3.62 6.85
C ARG A 182 -14.50 -3.07 5.93
N ASP A 183 -15.38 -3.96 5.51
CA ASP A 183 -16.55 -3.57 4.73
C ASP A 183 -17.76 -3.47 5.65
N GLY A 184 -18.29 -2.27 5.78
CA GLY A 184 -19.39 -2.04 6.70
C GLY A 184 -20.71 -1.83 6.02
N ARG A 185 -21.69 -1.31 6.76
CA ARG A 185 -23.03 -1.04 6.23
C ARG A 185 -23.72 -2.37 5.88
N SER A 186 -23.32 -3.43 6.58
CA SER A 186 -23.88 -4.76 6.34
C SER A 186 -25.32 -4.84 6.85
N LEU A 187 -25.80 -3.77 7.45
CA LEU A 187 -27.16 -3.70 7.97
C LEU A 187 -28.17 -3.64 6.83
N GLU A 188 -27.78 -3.02 5.72
CA GLU A 188 -28.66 -2.89 4.58
C GLU A 188 -27.95 -3.25 3.28
N HIS A 189 -28.72 -3.88 2.39
CA HIS A 189 -28.24 -4.28 1.08
C HIS A 189 -29.44 -4.29 0.14
N HIS A 190 -29.31 -4.88 -1.06
CA HIS A 190 -30.45 -4.96 -1.97
C HIS A 190 -31.64 -5.57 -1.24
N HIS A 191 -32.78 -4.87 -1.31
CA HIS A 191 -33.92 -5.21 -0.49
C HIS A 191 -34.63 -6.45 -0.99
N HIS A 192 -34.22 -7.58 -0.45
CA HIS A 192 -34.76 -8.87 -0.80
C HIS A 192 -34.64 -9.82 0.39
N HIS A 193 -35.52 -9.63 1.37
CA HIS A 193 -35.49 -10.44 2.58
C HIS A 193 -36.30 -11.72 2.37
N HIS A 194 -37.04 -11.75 1.28
CA HIS A 194 -37.87 -12.89 0.93
C HIS A 194 -38.08 -12.93 -0.58
N MET A 1 -11.91 20.84 -7.50
CA MET A 1 -11.65 19.59 -6.74
C MET A 1 -10.48 19.79 -5.78
N LEU A 2 -9.39 20.37 -6.28
CA LEU A 2 -8.20 20.69 -5.47
C LEU A 2 -7.54 19.42 -4.93
N LYS A 3 -7.86 18.29 -5.53
CA LYS A 3 -7.37 17.00 -5.07
C LYS A 3 -5.88 16.85 -5.33
N SER A 4 -5.40 17.41 -6.42
CA SER A 4 -4.01 17.30 -6.79
C SER A 4 -3.13 18.12 -5.85
N GLU A 5 -3.57 19.34 -5.56
CA GLU A 5 -2.80 20.24 -4.70
C GLU A 5 -2.78 19.72 -3.27
N LEU A 6 -3.90 19.15 -2.84
CA LEU A 6 -4.00 18.58 -1.50
C LEU A 6 -2.94 17.49 -1.31
N ARG A 7 -2.89 16.56 -2.26
CA ARG A 7 -1.89 15.49 -2.23
C ARG A 7 -0.48 16.07 -2.32
N LYS A 8 -0.33 17.05 -3.19
CA LYS A 8 0.96 17.70 -3.42
C LYS A 8 1.47 18.40 -2.16
N LYS A 9 0.55 18.94 -1.37
CA LYS A 9 0.92 19.70 -0.18
C LYS A 9 1.23 18.77 1.00
N VAL A 10 0.38 17.78 1.22
CA VAL A 10 0.60 16.82 2.30
C VAL A 10 1.90 16.03 2.07
N LEU A 11 2.16 15.74 0.79
CA LEU A 11 3.35 15.01 0.40
C LEU A 11 4.62 15.74 0.84
N HIS A 12 4.58 17.07 0.77
CA HIS A 12 5.73 17.91 1.10
C HIS A 12 6.21 17.69 2.53
N LYS A 13 5.27 17.57 3.46
CA LYS A 13 5.60 17.49 4.87
C LYS A 13 6.17 16.12 5.23
N ARG A 14 5.59 15.06 4.67
CA ARG A 14 5.99 13.71 5.03
C ARG A 14 7.38 13.38 4.49
N ILE A 15 7.70 13.86 3.30
CA ILE A 15 9.00 13.58 2.71
C ILE A 15 10.05 14.56 3.24
N ASN A 16 9.62 15.48 4.10
CA ASN A 16 10.55 16.39 4.76
C ASN A 16 11.18 15.67 5.96
N LEU A 17 10.46 14.67 6.47
CA LEU A 17 10.99 13.80 7.52
C LEU A 17 12.19 13.02 6.98
N SER A 18 13.23 12.90 7.77
CA SER A 18 14.45 12.26 7.31
C SER A 18 14.83 11.08 8.22
N GLU A 19 16.06 10.59 8.07
CA GLU A 19 16.49 9.33 8.67
C GLU A 19 16.54 9.36 10.20
N GLU A 20 16.29 10.50 10.81
CA GLU A 20 16.20 10.55 12.26
C GLU A 20 14.81 10.12 12.71
N GLU A 21 13.82 10.92 12.35
CA GLU A 21 12.46 10.68 12.79
C GLU A 21 11.83 9.53 12.00
N ARG A 22 12.07 9.51 10.70
CA ARG A 22 11.45 8.51 9.82
C ARG A 22 11.99 7.11 10.13
N ARG A 23 13.20 7.04 10.67
CA ARG A 23 13.81 5.76 10.99
C ARG A 23 12.96 4.97 11.97
N ARG A 24 12.54 5.63 13.04
CA ARG A 24 11.71 5.00 14.05
C ARG A 24 10.25 4.96 13.60
N LEU A 25 9.87 5.87 12.72
CA LEU A 25 8.53 5.89 12.15
C LEU A 25 8.29 4.63 11.32
N SER A 26 9.14 4.39 10.34
CA SER A 26 9.00 3.23 9.47
C SER A 26 9.24 1.93 10.24
N GLU A 27 10.13 1.98 11.22
CA GLU A 27 10.42 0.81 12.06
C GLU A 27 9.15 0.34 12.75
N LYS A 28 8.42 1.28 13.33
CA LYS A 28 7.15 0.99 13.99
C LYS A 28 6.15 0.39 13.00
N VAL A 29 6.15 0.91 11.78
CA VAL A 29 5.26 0.40 10.73
C VAL A 29 5.61 -1.05 10.40
N ILE A 30 6.89 -1.31 10.14
CA ILE A 30 7.36 -2.65 9.80
C ILE A 30 7.03 -3.65 10.91
N SER A 31 7.38 -3.29 12.13
CA SER A 31 7.12 -4.17 13.27
C SER A 31 5.64 -4.40 13.50
N ASN A 32 4.82 -3.37 13.29
CA ASN A 32 3.38 -3.48 13.46
C ASN A 32 2.80 -4.43 12.40
N LEU A 33 3.25 -4.24 11.16
CA LEU A 33 2.81 -5.07 10.06
C LEU A 33 3.21 -6.53 10.28
N LYS A 34 4.42 -6.74 10.80
CA LYS A 34 4.89 -8.08 11.08
C LYS A 34 4.23 -8.66 12.33
N SER A 35 3.59 -7.80 13.12
CA SER A 35 2.85 -8.25 14.29
C SER A 35 1.45 -8.67 13.88
N LEU A 36 1.01 -8.20 12.71
CA LEU A 36 -0.24 -8.65 12.11
C LEU A 36 -0.09 -10.12 11.71
N PRO A 37 -0.85 -11.02 12.36
CA PRO A 37 -0.68 -12.47 12.21
C PRO A 37 -0.79 -12.97 10.78
N GLU A 38 -1.61 -12.31 9.98
CA GLU A 38 -1.86 -12.75 8.60
C GLU A 38 -0.65 -12.49 7.72
N PHE A 39 0.18 -11.52 8.11
CA PHE A 39 1.34 -11.16 7.32
C PHE A 39 2.34 -12.31 7.26
N LYS A 40 2.54 -12.96 8.39
CA LYS A 40 3.46 -14.09 8.47
C LYS A 40 2.76 -15.39 8.07
N LYS A 41 1.44 -15.32 7.93
CA LYS A 41 0.64 -16.48 7.57
C LYS A 41 0.38 -16.50 6.06
N SER A 42 0.72 -15.40 5.40
CA SER A 42 0.50 -15.28 3.97
C SER A 42 1.81 -15.51 3.21
N LYS A 43 1.76 -15.35 1.89
CA LYS A 43 2.93 -15.57 1.05
C LYS A 43 3.09 -14.48 0.00
N LYS A 44 2.06 -14.25 -0.80
CA LYS A 44 2.17 -13.34 -1.92
C LYS A 44 1.81 -11.91 -1.50
N VAL A 45 2.85 -11.10 -1.30
CA VAL A 45 2.67 -9.73 -0.84
C VAL A 45 3.12 -8.75 -1.91
N ALA A 46 2.20 -7.92 -2.36
CA ALA A 46 2.49 -6.91 -3.35
C ALA A 46 2.69 -5.56 -2.69
N LEU A 47 3.77 -4.88 -3.06
CA LEU A 47 4.05 -3.55 -2.53
C LEU A 47 3.98 -2.53 -3.65
N TYR A 48 3.38 -1.37 -3.38
CA TYR A 48 3.25 -0.33 -4.38
C TYR A 48 4.57 0.44 -4.54
N CYS A 49 5.56 0.05 -3.74
CA CYS A 49 6.92 0.62 -3.79
C CYS A 49 6.95 2.03 -3.19
N PRO A 50 7.96 2.30 -2.34
CA PRO A 50 8.14 3.61 -1.70
C PRO A 50 8.74 4.64 -2.67
N ILE A 51 8.14 4.74 -3.86
CA ILE A 51 8.63 5.64 -4.91
C ILE A 51 8.70 7.09 -4.42
N LYS A 52 7.56 7.66 -4.05
CA LYS A 52 7.51 9.03 -3.56
C LYS A 52 6.89 9.06 -2.18
N GLY A 53 6.72 7.87 -1.60
CA GLY A 53 6.32 7.74 -0.22
C GLY A 53 7.49 7.23 0.59
N GLU A 54 7.80 7.92 1.67
CA GLU A 54 9.03 7.65 2.41
C GLU A 54 8.89 6.49 3.41
N VAL A 55 7.79 5.75 3.34
CA VAL A 55 7.63 4.58 4.20
C VAL A 55 8.69 3.54 3.84
N ASP A 56 9.69 3.43 4.70
CA ASP A 56 10.84 2.59 4.42
C ASP A 56 10.52 1.11 4.68
N LEU A 57 9.81 0.50 3.74
CA LEU A 57 9.54 -0.93 3.78
C LEU A 57 10.59 -1.65 2.95
N THR A 58 11.47 -0.87 2.36
CA THR A 58 12.54 -1.35 1.50
C THR A 58 13.45 -2.39 2.19
N PRO A 59 13.90 -2.16 3.45
CA PRO A 59 14.79 -3.11 4.15
C PRO A 59 14.09 -4.42 4.53
N LEU A 60 12.82 -4.55 4.17
CA LEU A 60 12.07 -5.77 4.45
C LEU A 60 12.20 -6.74 3.27
N PHE A 61 12.59 -6.21 2.11
CA PHE A 61 12.75 -7.01 0.90
C PHE A 61 13.65 -8.23 1.10
N PRO A 62 14.82 -8.08 1.78
CA PRO A 62 15.69 -9.22 2.11
C PRO A 62 14.92 -10.42 2.68
N GLU A 63 13.93 -10.14 3.52
CA GLU A 63 13.11 -11.20 4.10
C GLU A 63 12.09 -11.71 3.07
N VAL A 64 11.45 -10.77 2.39
CA VAL A 64 10.42 -11.08 1.40
C VAL A 64 10.95 -12.01 0.32
N LEU A 65 12.16 -11.74 -0.16
CA LEU A 65 12.75 -12.51 -1.26
C LEU A 65 13.12 -13.93 -0.84
N LYS A 66 12.94 -14.25 0.44
CA LYS A 66 13.24 -15.59 0.92
C LYS A 66 11.97 -16.42 1.01
N GLU A 67 11.02 -15.96 1.81
CA GLU A 67 9.84 -16.75 2.17
C GLU A 67 8.58 -16.28 1.44
N LYS A 68 8.62 -15.07 0.91
CA LYS A 68 7.43 -14.45 0.36
C LYS A 68 7.50 -14.31 -1.16
N GLU A 69 6.37 -13.98 -1.75
CA GLU A 69 6.30 -13.67 -3.16
C GLU A 69 6.22 -12.15 -3.32
N LEU A 70 7.32 -11.53 -3.71
CA LEU A 70 7.37 -10.09 -3.86
C LEU A 70 6.70 -9.67 -5.16
N ILE A 71 5.46 -9.21 -5.06
CA ILE A 71 4.74 -8.77 -6.24
C ILE A 71 4.95 -7.27 -6.44
N LEU A 72 5.60 -6.93 -7.54
CA LEU A 72 5.90 -5.53 -7.82
C LEU A 72 5.16 -5.08 -9.07
N PRO A 73 4.67 -3.82 -9.08
CA PRO A 73 4.00 -3.25 -10.24
C PRO A 73 4.98 -2.75 -11.29
N LYS A 74 4.77 -3.16 -12.52
CA LYS A 74 5.62 -2.72 -13.62
C LYS A 74 4.85 -1.72 -14.46
N VAL A 75 5.16 -0.44 -14.26
CA VAL A 75 4.51 0.62 -15.02
C VAL A 75 4.99 0.58 -16.46
N GLU A 76 4.20 -0.02 -17.33
CA GLU A 76 4.60 -0.23 -18.70
C GLU A 76 3.38 -0.15 -19.62
N GLY A 77 3.54 0.57 -20.73
CA GLY A 77 2.44 0.75 -21.65
C GLY A 77 1.38 1.67 -21.09
N ASN A 78 0.39 1.07 -20.44
CA ASN A 78 -0.68 1.84 -19.80
C ASN A 78 -1.15 1.10 -18.55
N GLU A 79 -0.40 0.09 -18.15
CA GLU A 79 -0.79 -0.75 -17.03
C GLU A 79 0.32 -0.82 -15.99
N ILE A 80 -0.06 -1.07 -14.76
CA ILE A 80 0.89 -1.45 -13.74
C ILE A 80 0.89 -2.98 -13.62
N SER A 81 1.79 -3.60 -14.36
CA SER A 81 1.77 -5.04 -14.51
C SER A 81 2.41 -5.72 -13.31
N LEU A 82 1.58 -6.39 -12.52
CA LEU A 82 2.06 -7.09 -11.33
C LEU A 82 2.80 -8.37 -11.71
N TYR A 83 4.05 -8.46 -11.29
CA TYR A 83 4.83 -9.68 -11.50
C TYR A 83 5.32 -10.22 -10.16
N ARG A 84 5.45 -11.53 -10.09
CA ARG A 84 5.96 -12.17 -8.88
C ARG A 84 7.49 -12.26 -8.94
N VAL A 85 8.12 -11.91 -7.83
CA VAL A 85 9.57 -11.93 -7.73
C VAL A 85 9.99 -12.74 -6.52
N HIS A 86 10.87 -13.71 -6.72
CA HIS A 86 11.37 -14.53 -5.63
C HIS A 86 12.89 -14.46 -5.57
N SER A 87 13.47 -13.73 -6.51
CA SER A 87 14.91 -13.61 -6.59
C SER A 87 15.32 -12.30 -7.26
N PRO A 88 16.49 -11.76 -6.90
CA PRO A 88 17.01 -10.53 -7.52
C PRO A 88 17.43 -10.75 -8.97
N ALA A 89 18.03 -9.72 -9.58
CA ALA A 89 18.48 -9.76 -10.97
C ALA A 89 17.31 -9.70 -11.96
N CYS A 90 16.20 -10.34 -11.60
CA CYS A 90 15.00 -10.32 -12.43
C CYS A 90 14.35 -8.93 -12.44
N LEU A 91 14.93 -8.05 -11.66
CA LEU A 91 14.48 -6.67 -11.58
C LEU A 91 15.31 -5.81 -12.50
N GLY A 92 14.66 -5.11 -13.41
CA GLY A 92 15.38 -4.28 -14.36
C GLY A 92 14.89 -2.86 -14.33
N VAL A 93 15.81 -1.92 -14.35
CA VAL A 93 15.47 -0.51 -14.35
C VAL A 93 15.14 -0.05 -15.76
N GLY A 94 13.87 -0.07 -16.11
CA GLY A 94 13.46 0.34 -17.43
C GLY A 94 12.43 1.45 -17.39
N ALA A 95 11.70 1.55 -16.29
CA ALA A 95 10.70 2.57 -16.14
C ALA A 95 11.30 3.88 -15.62
N PHE A 96 10.47 4.71 -15.00
CA PHE A 96 10.86 6.06 -14.60
C PHE A 96 11.70 6.06 -13.32
N GLY A 97 12.80 5.33 -13.34
CA GLY A 97 13.72 5.35 -12.23
C GLY A 97 13.48 4.24 -11.24
N ILE A 98 12.72 3.23 -11.64
CA ILE A 98 12.43 2.10 -10.78
C ILE A 98 12.94 0.82 -11.41
N MET A 99 13.01 -0.24 -10.62
CA MET A 99 13.48 -1.53 -11.11
C MET A 99 12.33 -2.54 -11.11
N GLU A 100 11.63 -2.62 -12.22
CA GLU A 100 10.48 -3.50 -12.31
C GLU A 100 10.91 -4.88 -12.79
N PRO A 101 10.21 -5.93 -12.33
CA PRO A 101 10.49 -7.31 -12.75
C PRO A 101 10.28 -7.50 -14.25
N VAL A 102 11.37 -7.80 -14.95
CA VAL A 102 11.31 -8.03 -16.38
C VAL A 102 11.10 -9.50 -16.66
N GLU A 103 11.94 -10.34 -16.06
CA GLU A 103 11.81 -11.78 -16.18
C GLU A 103 11.09 -12.33 -14.97
N GLY A 104 9.76 -12.35 -15.05
CA GLY A 104 8.96 -12.85 -13.96
C GLY A 104 7.58 -13.24 -14.44
N GLU A 105 6.82 -13.89 -13.58
CA GLU A 105 5.48 -14.33 -13.94
C GLU A 105 4.44 -13.26 -13.61
N ARG A 106 3.50 -13.04 -14.53
CA ARG A 106 2.48 -12.04 -14.35
C ARG A 106 1.40 -12.57 -13.41
N VAL A 107 1.00 -11.74 -12.45
CA VAL A 107 0.04 -12.16 -11.43
C VAL A 107 -1.29 -11.43 -11.63
N ASN A 108 -2.37 -12.18 -11.52
CA ASN A 108 -3.70 -11.59 -11.56
C ASN A 108 -4.11 -11.16 -10.15
N PRO A 109 -4.89 -10.07 -10.04
CA PRO A 109 -5.28 -9.51 -8.73
C PRO A 109 -5.98 -10.51 -7.82
N GLU A 110 -6.58 -11.53 -8.42
CA GLU A 110 -7.31 -12.56 -7.67
C GLU A 110 -6.33 -13.48 -6.94
N ASP A 111 -5.09 -13.50 -7.40
CA ASP A 111 -4.06 -14.37 -6.84
C ASP A 111 -3.16 -13.57 -5.89
N VAL A 112 -3.55 -12.33 -5.64
CA VAL A 112 -2.80 -11.45 -4.74
C VAL A 112 -3.35 -11.52 -3.33
N ASP A 113 -2.56 -12.10 -2.42
CA ASP A 113 -2.95 -12.21 -1.02
C ASP A 113 -2.97 -10.85 -0.34
N PHE A 114 -1.85 -10.14 -0.45
CA PHE A 114 -1.69 -8.85 0.22
C PHE A 114 -1.30 -7.78 -0.80
N ILE A 115 -1.88 -6.61 -0.65
CA ILE A 115 -1.46 -5.46 -1.45
C ILE A 115 -1.30 -4.24 -0.55
N ALA A 116 -0.06 -3.84 -0.33
CA ALA A 116 0.25 -2.75 0.56
C ALA A 116 0.51 -1.47 -0.22
N VAL A 117 -0.40 -0.52 -0.08
CA VAL A 117 -0.29 0.76 -0.76
C VAL A 117 -0.01 1.88 0.22
N PRO A 118 1.17 2.50 0.15
CA PRO A 118 1.53 3.64 0.97
C PRO A 118 0.86 4.92 0.47
N GLY A 119 -0.32 5.21 1.00
CA GLY A 119 -1.04 6.39 0.58
C GLY A 119 -0.48 7.64 1.20
N VAL A 120 -0.75 8.78 0.57
CA VAL A 120 -0.26 10.06 1.07
C VAL A 120 -1.04 10.49 2.29
N ALA A 121 -2.34 10.25 2.25
CA ALA A 121 -3.21 10.55 3.38
C ALA A 121 -4.34 9.55 3.45
N PHE A 122 -4.92 9.38 4.63
CA PHE A 122 -6.01 8.44 4.82
C PHE A 122 -7.13 9.05 5.64
N ASP A 123 -8.33 8.55 5.42
CA ASP A 123 -9.52 8.97 6.16
C ASP A 123 -9.54 8.27 7.53
N LEU A 124 -10.36 8.76 8.46
CA LEU A 124 -10.43 8.18 9.80
C LEU A 124 -10.73 6.68 9.76
N GLU A 125 -11.50 6.26 8.76
CA GLU A 125 -11.79 4.85 8.61
C GLU A 125 -10.71 4.20 7.76
N GLY A 126 -10.61 4.61 6.50
CA GLY A 126 -9.58 4.07 5.64
C GLY A 126 -9.84 4.37 4.17
N TYR A 127 -10.03 5.63 3.86
CA TYR A 127 -10.20 6.04 2.47
C TYR A 127 -8.89 6.60 1.94
N ARG A 128 -8.77 6.65 0.62
CA ARG A 128 -7.49 6.92 -0.03
C ARG A 128 -7.28 8.40 -0.33
N LEU A 129 -6.02 8.78 -0.43
CA LEU A 129 -5.62 10.08 -0.95
C LEU A 129 -4.16 10.03 -1.39
N GLY A 130 -3.93 10.30 -2.66
CA GLY A 130 -2.57 10.27 -3.17
C GLY A 130 -2.54 10.28 -4.68
N PHE A 131 -2.12 9.17 -5.27
CA PHE A 131 -2.05 9.04 -6.72
C PHE A 131 -3.17 8.14 -7.21
N GLY A 132 -3.30 8.02 -8.52
CA GLY A 132 -4.38 7.22 -9.08
C GLY A 132 -5.32 8.07 -9.89
N LYS A 133 -4.95 9.34 -10.08
CA LYS A 133 -5.75 10.27 -10.87
C LYS A 133 -5.48 10.04 -12.36
N GLY A 134 -5.84 8.86 -12.83
CA GLY A 134 -5.55 8.47 -14.19
C GLY A 134 -4.91 7.10 -14.25
N TYR A 135 -5.69 6.11 -14.68
CA TYR A 135 -5.26 4.71 -14.71
C TYR A 135 -5.09 4.17 -13.29
N TYR A 136 -4.63 2.92 -13.19
CA TYR A 136 -4.29 2.27 -11.92
C TYR A 136 -5.53 1.91 -11.10
N ASP A 137 -6.46 2.87 -10.97
CA ASP A 137 -7.69 2.68 -10.20
C ASP A 137 -8.47 1.45 -10.67
N ARG A 138 -8.42 1.19 -11.97
CA ARG A 138 -9.08 0.02 -12.56
C ARG A 138 -8.52 -1.28 -11.98
N LEU A 139 -7.23 -1.27 -11.65
CA LEU A 139 -6.56 -2.47 -11.16
C LEU A 139 -6.79 -2.65 -9.67
N LEU A 140 -6.67 -1.57 -8.91
CA LEU A 140 -6.83 -1.64 -7.45
C LEU A 140 -8.28 -1.97 -7.08
N LYS A 141 -9.20 -1.77 -8.01
CA LYS A 141 -10.59 -2.13 -7.78
C LYS A 141 -10.83 -3.57 -8.19
N ARG A 142 -9.90 -4.12 -8.96
CA ARG A 142 -9.99 -5.49 -9.45
C ARG A 142 -9.36 -6.47 -8.46
N VAL A 143 -8.48 -5.95 -7.61
CA VAL A 143 -7.80 -6.76 -6.59
C VAL A 143 -8.79 -7.34 -5.60
N LYS A 144 -8.74 -8.66 -5.40
CA LYS A 144 -9.64 -9.34 -4.48
C LYS A 144 -8.93 -9.65 -3.16
N GLY A 145 -7.65 -9.35 -3.09
CA GLY A 145 -6.86 -9.67 -1.92
C GLY A 145 -7.06 -8.67 -0.79
N LEU A 146 -6.23 -8.80 0.24
CA LEU A 146 -6.33 -7.92 1.40
C LEU A 146 -5.65 -6.59 1.10
N LYS A 147 -6.45 -5.55 1.01
CA LYS A 147 -5.95 -4.23 0.67
C LYS A 147 -5.49 -3.49 1.90
N VAL A 148 -4.19 -3.33 2.02
CA VAL A 148 -3.59 -2.72 3.20
C VAL A 148 -3.11 -1.30 2.89
N GLY A 149 -3.62 -0.35 3.63
CA GLY A 149 -3.17 1.02 3.50
C GLY A 149 -2.07 1.32 4.49
N VAL A 150 -0.90 1.69 3.99
CA VAL A 150 0.26 1.90 4.84
C VAL A 150 0.56 3.39 4.98
N ALA A 151 0.49 3.88 6.21
CA ALA A 151 0.78 5.28 6.49
C ALA A 151 1.09 5.49 7.96
N TYR A 152 1.34 6.74 8.34
CA TYR A 152 1.59 7.08 9.72
C TYR A 152 0.37 7.80 10.29
N SER A 153 0.30 7.93 11.61
CA SER A 153 -0.76 8.69 12.25
C SER A 153 -0.81 10.13 11.72
N PHE A 154 0.36 10.63 11.33
CA PHE A 154 0.47 11.97 10.77
C PHE A 154 -0.34 12.10 9.48
N GLN A 155 -0.43 11.00 8.74
CA GLN A 155 -1.04 11.02 7.41
C GLN A 155 -2.53 10.71 7.50
N VAL A 156 -2.97 10.34 8.68
CA VAL A 156 -4.38 10.03 8.89
C VAL A 156 -5.13 11.28 9.31
N PHE A 157 -6.08 11.69 8.49
CA PHE A 157 -6.89 12.86 8.77
C PHE A 157 -8.30 12.44 9.13
N GLU A 158 -9.12 13.39 9.53
CA GLU A 158 -10.48 13.10 9.95
C GLU A 158 -11.35 12.67 8.77
N ARG A 159 -11.44 13.52 7.76
CA ARG A 159 -12.39 13.32 6.70
C ARG A 159 -11.82 13.79 5.37
N LEU A 160 -11.70 12.87 4.43
CA LEU A 160 -11.13 13.21 3.12
C LEU A 160 -12.23 13.45 2.08
N PRO A 161 -12.03 14.44 1.20
CA PRO A 161 -12.94 14.71 0.09
C PRO A 161 -12.80 13.67 -1.03
N ARG A 162 -13.84 12.87 -1.21
CA ARG A 162 -13.79 11.77 -2.16
C ARG A 162 -14.45 12.18 -3.47
N ASP A 163 -13.97 11.60 -4.57
CA ASP A 163 -14.39 12.02 -5.90
C ASP A 163 -15.71 11.37 -6.30
N ALA A 164 -15.66 10.09 -6.64
CA ALA A 164 -16.85 9.35 -7.04
C ALA A 164 -16.74 7.88 -6.65
N TRP A 165 -15.95 7.13 -7.42
CA TRP A 165 -15.73 5.72 -7.13
C TRP A 165 -14.39 5.56 -6.43
N ASP A 166 -14.36 6.04 -5.21
CA ASP A 166 -13.16 5.98 -4.39
C ASP A 166 -12.95 4.57 -3.84
N ILE A 167 -11.69 4.19 -3.65
CA ILE A 167 -11.38 2.86 -3.17
C ILE A 167 -10.84 2.90 -1.75
N PRO A 168 -11.64 2.45 -0.78
CA PRO A 168 -11.22 2.34 0.60
C PRO A 168 -10.35 1.10 0.81
N VAL A 169 -9.51 1.13 1.82
CA VAL A 169 -8.67 0.00 2.15
C VAL A 169 -9.39 -0.93 3.11
N ASP A 170 -8.96 -2.18 3.15
CA ASP A 170 -9.59 -3.17 4.01
C ASP A 170 -8.95 -3.13 5.38
N VAL A 171 -7.63 -3.03 5.38
CA VAL A 171 -6.87 -2.92 6.61
C VAL A 171 -5.97 -1.69 6.54
N LEU A 172 -6.22 -0.75 7.42
CA LEU A 172 -5.45 0.49 7.45
C LEU A 172 -4.39 0.41 8.55
N VAL A 173 -3.15 0.19 8.15
CA VAL A 173 -2.07 -0.01 9.10
C VAL A 173 -1.25 1.26 9.29
N THR A 174 -1.12 1.68 10.55
CA THR A 174 -0.29 2.81 10.88
C THR A 174 0.97 2.34 11.59
N GLU A 175 1.69 3.25 12.20
CA GLU A 175 2.85 2.87 13.00
C GLU A 175 2.46 2.70 14.46
N LYS A 176 1.16 2.72 14.74
CA LYS A 176 0.67 2.58 16.10
C LYS A 176 -0.35 1.46 16.22
N ASN A 177 -1.40 1.51 15.41
CA ASN A 177 -2.49 0.54 15.53
C ASN A 177 -2.94 0.04 14.16
N VAL A 178 -3.61 -1.11 14.17
CA VAL A 178 -4.15 -1.70 12.96
C VAL A 178 -5.64 -1.42 12.87
N ARG A 179 -6.03 -0.64 11.88
CA ARG A 179 -7.43 -0.27 11.68
C ARG A 179 -8.08 -1.26 10.72
N ARG A 180 -8.71 -2.29 11.26
CA ARG A 180 -9.36 -3.31 10.45
C ARG A 180 -10.77 -2.89 10.09
N LEU A 181 -11.05 -2.81 8.80
CA LEU A 181 -12.32 -2.32 8.31
C LEU A 181 -13.14 -3.47 7.71
N ARG A 182 -12.57 -4.12 6.69
CA ARG A 182 -13.19 -5.29 6.04
C ARG A 182 -14.46 -4.94 5.27
N ASP A 183 -15.55 -4.70 5.98
CA ASP A 183 -16.85 -4.50 5.35
C ASP A 183 -17.81 -3.81 6.32
N GLY A 184 -18.89 -3.24 5.78
CA GLY A 184 -19.85 -2.54 6.62
C GLY A 184 -20.64 -3.49 7.50
N ARG A 185 -21.03 -3.00 8.68
CA ARG A 185 -21.77 -3.80 9.64
C ARG A 185 -23.28 -3.69 9.39
N SER A 186 -23.65 -3.17 8.24
CA SER A 186 -25.05 -3.04 7.86
C SER A 186 -25.71 -4.41 7.74
N LEU A 187 -26.53 -4.76 8.73
CA LEU A 187 -27.22 -6.03 8.78
C LEU A 187 -28.60 -5.87 9.38
N GLU A 188 -29.37 -6.95 9.42
CA GLU A 188 -30.70 -6.91 10.01
C GLU A 188 -30.60 -6.91 11.54
N HIS A 189 -31.57 -6.30 12.19
CA HIS A 189 -31.54 -6.14 13.64
C HIS A 189 -32.21 -7.34 14.34
N HIS A 190 -32.81 -8.22 13.54
CA HIS A 190 -33.58 -9.36 14.04
C HIS A 190 -34.90 -8.89 14.64
N HIS A 191 -35.99 -9.33 14.03
CA HIS A 191 -37.32 -8.94 14.46
C HIS A 191 -37.73 -9.73 15.71
N HIS A 192 -37.01 -9.49 16.81
CA HIS A 192 -37.25 -10.20 18.05
C HIS A 192 -37.84 -9.26 19.11
N HIS A 193 -38.01 -8.00 18.73
CA HIS A 193 -38.56 -6.99 19.63
C HIS A 193 -38.68 -5.68 18.85
N HIS A 194 -37.63 -5.36 18.11
CA HIS A 194 -37.68 -4.26 17.16
C HIS A 194 -37.06 -4.74 15.85
N MET A 1 -8.89 25.44 -2.73
CA MET A 1 -9.96 24.45 -2.45
C MET A 1 -9.90 23.30 -3.44
N LEU A 2 -9.06 22.31 -3.15
CA LEU A 2 -8.95 21.13 -3.99
C LEU A 2 -8.31 19.99 -3.20
N LYS A 3 -8.79 18.77 -3.38
CA LYS A 3 -8.22 17.64 -2.66
C LYS A 3 -6.80 17.35 -3.15
N SER A 4 -6.53 17.69 -4.40
CA SER A 4 -5.18 17.57 -4.95
C SER A 4 -4.27 18.62 -4.32
N GLU A 5 -4.85 19.79 -4.06
CA GLU A 5 -4.15 20.86 -3.36
C GLU A 5 -3.78 20.41 -1.95
N LEU A 6 -4.78 19.93 -1.22
CA LEU A 6 -4.57 19.42 0.13
C LEU A 6 -3.56 18.28 0.12
N ARG A 7 -3.72 17.37 -0.84
CA ARG A 7 -2.89 16.19 -0.93
C ARG A 7 -1.40 16.55 -1.00
N LYS A 8 -1.08 17.58 -1.77
CA LYS A 8 0.32 18.00 -1.92
C LYS A 8 0.87 18.54 -0.61
N LYS A 9 0.03 19.25 0.13
CA LYS A 9 0.42 19.77 1.43
C LYS A 9 0.69 18.62 2.40
N VAL A 10 -0.12 17.58 2.29
CA VAL A 10 0.02 16.40 3.13
C VAL A 10 1.29 15.62 2.76
N LEU A 11 1.58 15.56 1.47
CA LEU A 11 2.80 14.91 0.99
C LEU A 11 4.02 15.67 1.47
N HIS A 12 3.92 16.99 1.50
CA HIS A 12 5.00 17.85 1.95
C HIS A 12 5.46 17.48 3.36
N LYS A 13 4.51 17.32 4.27
CA LYS A 13 4.84 17.03 5.66
C LYS A 13 5.24 15.56 5.85
N ARG A 14 5.22 14.80 4.77
CA ARG A 14 5.67 13.41 4.82
C ARG A 14 7.15 13.31 4.45
N ILE A 15 7.53 13.94 3.35
CA ILE A 15 8.90 13.82 2.84
C ILE A 15 9.84 14.83 3.50
N ASN A 16 9.27 15.80 4.21
CA ASN A 16 10.07 16.83 4.86
C ASN A 16 10.48 16.41 6.27
N LEU A 17 10.15 15.17 6.63
CA LEU A 17 10.52 14.63 7.94
C LEU A 17 12.02 14.32 7.99
N SER A 18 12.61 14.43 9.17
CA SER A 18 14.03 14.16 9.33
C SER A 18 14.31 12.66 9.19
N GLU A 19 15.49 12.34 8.65
CA GLU A 19 15.84 10.95 8.35
C GLU A 19 15.89 10.09 9.60
N GLU A 20 16.44 10.65 10.68
CA GLU A 20 16.54 9.93 11.96
C GLU A 20 15.20 9.34 12.39
N GLU A 21 14.18 10.20 12.42
CA GLU A 21 12.87 9.77 12.86
C GLU A 21 12.11 9.06 11.75
N ARG A 22 12.37 9.44 10.50
CA ARG A 22 11.70 8.83 9.34
C ARG A 22 11.92 7.33 9.33
N ARG A 23 13.18 6.92 9.47
CA ARG A 23 13.53 5.50 9.41
C ARG A 23 12.97 4.75 10.60
N ARG A 24 12.88 5.42 11.74
CA ARG A 24 12.46 4.76 12.96
C ARG A 24 10.94 4.62 13.01
N LEU A 25 10.24 5.60 12.47
CA LEU A 25 8.80 5.51 12.32
C LEU A 25 8.45 4.40 11.34
N SER A 26 9.17 4.38 10.21
CA SER A 26 8.97 3.34 9.21
C SER A 26 9.36 1.98 9.77
N GLU A 27 10.35 1.97 10.65
CA GLU A 27 10.81 0.75 11.30
C GLU A 27 9.69 0.17 12.16
N LYS A 28 8.99 1.04 12.89
CA LYS A 28 7.82 0.63 13.65
C LYS A 28 6.76 0.06 12.74
N VAL A 29 6.59 0.66 11.57
CA VAL A 29 5.62 0.21 10.59
C VAL A 29 5.97 -1.18 10.07
N ILE A 30 7.25 -1.37 9.72
CA ILE A 30 7.73 -2.67 9.24
C ILE A 30 7.49 -3.74 10.29
N SER A 31 7.85 -3.42 11.53
CA SER A 31 7.65 -4.33 12.64
C SER A 31 6.17 -4.65 12.83
N ASN A 32 5.34 -3.61 12.76
CA ASN A 32 3.89 -3.74 12.93
C ASN A 32 3.33 -4.65 11.84
N LEU A 33 3.76 -4.41 10.60
CA LEU A 33 3.30 -5.18 9.45
C LEU A 33 3.62 -6.66 9.63
N LYS A 34 4.83 -6.94 10.10
CA LYS A 34 5.25 -8.32 10.35
C LYS A 34 4.51 -8.93 11.53
N SER A 35 4.08 -8.07 12.45
CA SER A 35 3.35 -8.50 13.63
C SER A 35 1.93 -8.92 13.26
N LEU A 36 1.43 -8.40 12.14
CA LEU A 36 0.13 -8.77 11.62
C LEU A 36 0.08 -10.27 11.33
N PRO A 37 -0.86 -10.99 11.97
CA PRO A 37 -0.97 -12.45 11.85
C PRO A 37 -1.23 -12.90 10.42
N GLU A 38 -1.73 -12.01 9.60
CA GLU A 38 -2.02 -12.33 8.21
C GLU A 38 -0.75 -12.39 7.38
N PHE A 39 0.18 -11.46 7.65
CA PHE A 39 1.41 -11.37 6.86
C PHE A 39 2.22 -12.67 6.91
N LYS A 40 2.21 -13.30 8.07
CA LYS A 40 2.91 -14.58 8.24
C LYS A 40 2.25 -15.67 7.41
N LYS A 41 0.92 -15.62 7.36
CA LYS A 41 0.13 -16.63 6.67
C LYS A 41 0.14 -16.42 5.16
N SER A 42 -0.20 -15.21 4.75
CA SER A 42 -0.33 -14.87 3.33
C SER A 42 0.98 -15.08 2.60
N LYS A 43 0.93 -15.78 1.47
CA LYS A 43 2.12 -16.08 0.71
C LYS A 43 2.40 -14.99 -0.32
N LYS A 44 1.37 -14.52 -1.00
CA LYS A 44 1.54 -13.55 -2.08
C LYS A 44 1.50 -12.14 -1.53
N VAL A 45 2.66 -11.50 -1.47
CA VAL A 45 2.78 -10.17 -0.92
C VAL A 45 3.19 -9.18 -1.99
N ALA A 46 2.26 -8.33 -2.38
CA ALA A 46 2.52 -7.34 -3.40
C ALA A 46 2.91 -6.02 -2.76
N LEU A 47 4.13 -5.58 -3.04
CA LEU A 47 4.60 -4.30 -2.53
C LEU A 47 4.59 -3.29 -3.67
N TYR A 48 3.87 -2.20 -3.51
CA TYR A 48 3.69 -1.24 -4.59
C TYR A 48 4.93 -0.38 -4.79
N CYS A 49 5.91 -0.52 -3.89
CA CYS A 49 7.16 0.22 -3.94
C CYS A 49 6.95 1.71 -3.63
N PRO A 50 7.82 2.29 -2.78
CA PRO A 50 7.72 3.68 -2.38
C PRO A 50 8.41 4.63 -3.37
N ILE A 51 7.67 5.61 -3.85
CA ILE A 51 8.24 6.66 -4.68
C ILE A 51 8.28 7.97 -3.90
N LYS A 52 9.32 8.77 -4.14
CA LYS A 52 9.51 10.06 -3.45
C LYS A 52 9.84 9.86 -1.97
N GLY A 53 9.16 8.94 -1.33
CA GLY A 53 9.44 8.62 0.06
C GLY A 53 8.41 7.66 0.63
N GLU A 54 7.24 8.22 0.95
CA GLU A 54 6.13 7.47 1.53
C GLU A 54 6.54 6.79 2.82
N VAL A 55 7.01 5.57 2.68
CA VAL A 55 7.42 4.74 3.80
C VAL A 55 8.46 3.75 3.30
N ASP A 56 9.58 3.67 4.00
CA ASP A 56 10.68 2.81 3.55
C ASP A 56 10.44 1.37 3.97
N LEU A 57 9.78 0.62 3.10
CA LEU A 57 9.53 -0.81 3.33
C LEU A 57 10.49 -1.65 2.51
N THR A 58 11.43 -0.96 1.88
CA THR A 58 12.38 -1.59 0.97
C THR A 58 13.26 -2.64 1.66
N PRO A 59 13.81 -2.39 2.88
CA PRO A 59 14.65 -3.36 3.59
C PRO A 59 13.93 -4.68 3.92
N LEU A 60 12.63 -4.74 3.67
CA LEU A 60 11.85 -5.95 3.97
C LEU A 60 11.87 -6.91 2.78
N PHE A 61 12.30 -6.43 1.62
CA PHE A 61 12.37 -7.24 0.41
C PHE A 61 13.15 -8.55 0.61
N PRO A 62 14.38 -8.50 1.21
CA PRO A 62 15.17 -9.71 1.48
C PRO A 62 14.39 -10.77 2.27
N GLU A 63 13.53 -10.32 3.19
CA GLU A 63 12.77 -11.24 4.01
C GLU A 63 11.65 -11.89 3.21
N VAL A 64 11.12 -11.17 2.24
CA VAL A 64 10.08 -11.71 1.38
C VAL A 64 10.65 -12.79 0.47
N LEU A 65 11.90 -12.60 0.04
CA LEU A 65 12.56 -13.56 -0.85
C LEU A 65 12.85 -14.88 -0.12
N LYS A 66 12.58 -14.92 1.17
CA LYS A 66 12.72 -16.13 1.96
C LYS A 66 11.73 -17.19 1.53
N GLU A 67 10.44 -16.93 1.71
CA GLU A 67 9.40 -17.89 1.34
C GLU A 67 8.15 -17.22 0.79
N LYS A 68 8.11 -15.90 0.78
CA LYS A 68 6.93 -15.19 0.30
C LYS A 68 7.08 -14.86 -1.18
N GLU A 69 5.98 -14.52 -1.80
CA GLU A 69 5.95 -14.21 -3.22
C GLU A 69 6.01 -12.70 -3.39
N LEU A 70 7.18 -12.19 -3.77
CA LEU A 70 7.36 -10.75 -3.91
C LEU A 70 6.73 -10.23 -5.18
N ILE A 71 5.50 -9.77 -5.08
CA ILE A 71 4.79 -9.25 -6.23
C ILE A 71 5.08 -7.76 -6.39
N LEU A 72 5.78 -7.42 -7.45
CA LEU A 72 6.14 -6.04 -7.70
C LEU A 72 5.37 -5.48 -8.90
N PRO A 73 5.11 -4.17 -8.90
CA PRO A 73 4.34 -3.50 -9.94
C PRO A 73 5.22 -2.99 -11.09
N LYS A 74 4.88 -3.40 -12.29
CA LYS A 74 5.56 -2.93 -13.49
C LYS A 74 4.66 -1.93 -14.22
N VAL A 75 5.00 -0.65 -14.12
CA VAL A 75 4.22 0.38 -14.77
C VAL A 75 4.61 0.51 -16.24
N GLU A 76 3.85 -0.16 -17.09
CA GLU A 76 4.12 -0.14 -18.52
C GLU A 76 2.99 0.60 -19.24
N GLY A 77 2.08 1.16 -18.46
CA GLY A 77 0.96 1.89 -19.01
C GLY A 77 -0.02 2.28 -17.93
N ASN A 78 -1.29 2.44 -18.31
CA ASN A 78 -2.33 2.80 -17.36
C ASN A 78 -2.77 1.58 -16.56
N GLU A 79 -2.24 0.42 -16.95
CA GLU A 79 -2.47 -0.81 -16.23
C GLU A 79 -1.15 -1.35 -15.71
N ILE A 80 -1.18 -1.93 -14.53
CA ILE A 80 0.03 -2.39 -13.88
C ILE A 80 0.21 -3.90 -14.05
N SER A 81 1.34 -4.27 -14.63
CA SER A 81 1.67 -5.68 -14.77
C SER A 81 2.36 -6.18 -13.51
N LEU A 82 1.79 -7.20 -12.89
CA LEU A 82 2.33 -7.72 -11.64
C LEU A 82 3.14 -8.99 -11.89
N TYR A 83 4.32 -9.06 -11.30
CA TYR A 83 5.16 -10.23 -11.40
C TYR A 83 5.60 -10.67 -10.01
N ARG A 84 5.73 -11.97 -9.82
CA ARG A 84 6.19 -12.50 -8.55
C ARG A 84 7.68 -12.85 -8.64
N VAL A 85 8.41 -12.45 -7.62
CA VAL A 85 9.86 -12.58 -7.62
C VAL A 85 10.33 -13.33 -6.39
N HIS A 86 11.31 -14.21 -6.59
CA HIS A 86 12.01 -14.87 -5.49
C HIS A 86 13.51 -14.64 -5.60
N SER A 87 13.98 -14.44 -6.82
CA SER A 87 15.39 -14.22 -7.08
C SER A 87 15.66 -12.76 -7.45
N PRO A 88 16.67 -12.14 -6.82
CA PRO A 88 16.97 -10.71 -7.01
C PRO A 88 17.44 -10.37 -8.43
N ALA A 89 17.72 -11.39 -9.22
CA ALA A 89 18.21 -11.19 -10.58
C ALA A 89 17.06 -10.84 -11.53
N CYS A 90 15.83 -11.02 -11.06
CA CYS A 90 14.66 -10.74 -11.89
C CYS A 90 14.27 -9.26 -11.81
N LEU A 91 15.13 -8.46 -11.19
CA LEU A 91 14.83 -7.05 -10.97
C LEU A 91 15.55 -6.16 -11.97
N GLY A 92 14.85 -5.16 -12.48
CA GLY A 92 15.44 -4.20 -13.39
C GLY A 92 15.00 -2.79 -13.07
N VAL A 93 15.54 -1.82 -13.80
CA VAL A 93 15.17 -0.42 -13.59
C VAL A 93 14.96 0.29 -14.93
N GLY A 94 13.73 0.28 -15.41
CA GLY A 94 13.41 0.97 -16.64
C GLY A 94 12.44 2.11 -16.39
N ALA A 95 11.80 2.09 -15.24
CA ALA A 95 10.88 3.15 -14.83
C ALA A 95 11.66 4.33 -14.23
N PHE A 96 10.93 5.28 -13.66
CA PHE A 96 11.51 6.49 -13.09
C PHE A 96 12.63 6.18 -12.10
N GLY A 97 12.32 5.35 -11.10
CA GLY A 97 13.32 5.01 -10.10
C GLY A 97 12.84 3.94 -9.13
N ILE A 98 12.33 2.85 -9.67
CA ILE A 98 11.88 1.74 -8.86
C ILE A 98 12.45 0.43 -9.40
N MET A 99 12.51 -0.58 -8.54
CA MET A 99 12.95 -1.90 -8.96
C MET A 99 11.77 -2.67 -9.51
N GLU A 100 11.72 -2.78 -10.82
CA GLU A 100 10.62 -3.44 -11.50
C GLU A 100 10.98 -4.90 -11.79
N PRO A 101 9.98 -5.79 -11.75
CA PRO A 101 10.17 -7.19 -12.09
C PRO A 101 10.18 -7.40 -13.60
N VAL A 102 11.37 -7.63 -14.15
CA VAL A 102 11.50 -7.80 -15.59
C VAL A 102 11.39 -9.26 -15.98
N GLU A 103 11.58 -10.14 -15.01
CA GLU A 103 11.51 -11.57 -15.25
C GLU A 103 10.75 -12.26 -14.14
N GLY A 104 10.76 -13.59 -14.17
CA GLY A 104 10.02 -14.36 -13.19
C GLY A 104 8.74 -14.90 -13.79
N GLU A 105 7.65 -14.75 -13.07
CA GLU A 105 6.35 -15.18 -13.55
C GLU A 105 5.30 -14.16 -13.15
N ARG A 106 4.39 -13.84 -14.04
CA ARG A 106 3.40 -12.80 -13.78
C ARG A 106 2.25 -13.33 -12.92
N VAL A 107 1.59 -12.41 -12.23
CA VAL A 107 0.53 -12.75 -11.30
C VAL A 107 -0.76 -12.04 -11.69
N ASN A 108 -1.87 -12.73 -11.51
CA ASN A 108 -3.19 -12.15 -11.74
C ASN A 108 -3.70 -11.50 -10.45
N PRO A 109 -4.37 -10.35 -10.57
CA PRO A 109 -4.83 -9.57 -9.40
C PRO A 109 -5.54 -10.39 -8.33
N GLU A 110 -6.36 -11.34 -8.76
CA GLU A 110 -7.17 -12.15 -7.84
C GLU A 110 -6.30 -13.09 -6.99
N ASP A 111 -5.07 -13.33 -7.45
CA ASP A 111 -4.17 -14.27 -6.79
C ASP A 111 -3.49 -13.63 -5.58
N VAL A 112 -3.50 -12.31 -5.54
CA VAL A 112 -2.81 -11.57 -4.49
C VAL A 112 -3.49 -11.74 -3.13
N ASP A 113 -2.75 -12.31 -2.18
CA ASP A 113 -3.24 -12.45 -0.80
C ASP A 113 -3.17 -11.12 -0.08
N PHE A 114 -1.98 -10.55 -0.06
CA PHE A 114 -1.69 -9.34 0.69
C PHE A 114 -1.03 -8.31 -0.22
N ILE A 115 -1.46 -7.06 -0.12
CA ILE A 115 -0.84 -6.00 -0.90
C ILE A 115 -0.68 -4.73 -0.07
N ALA A 116 0.46 -4.07 -0.23
CA ALA A 116 0.76 -2.85 0.49
C ALA A 116 0.72 -1.66 -0.46
N VAL A 117 -0.25 -0.78 -0.24
CA VAL A 117 -0.49 0.35 -1.12
C VAL A 117 -0.16 1.66 -0.40
N PRO A 118 0.72 2.47 -0.99
CA PRO A 118 1.06 3.79 -0.45
C PRO A 118 -0.01 4.83 -0.77
N GLY A 119 -0.43 5.57 0.24
CA GLY A 119 -1.40 6.62 0.05
C GLY A 119 -0.93 7.91 0.70
N VAL A 120 -1.16 9.02 0.03
CA VAL A 120 -0.66 10.30 0.52
C VAL A 120 -1.42 10.75 1.77
N ALA A 121 -2.74 10.59 1.74
CA ALA A 121 -3.56 10.98 2.87
C ALA A 121 -4.71 10.00 3.04
N PHE A 122 -4.91 9.52 4.26
CA PHE A 122 -5.99 8.60 4.56
C PHE A 122 -6.99 9.25 5.50
N ASP A 123 -8.13 8.61 5.68
CA ASP A 123 -9.12 9.08 6.64
C ASP A 123 -9.60 7.93 7.52
N LEU A 124 -10.61 8.20 8.33
CA LEU A 124 -11.12 7.21 9.28
C LEU A 124 -12.17 6.32 8.63
N GLU A 125 -12.41 6.52 7.34
CA GLU A 125 -13.38 5.71 6.62
C GLU A 125 -12.63 4.68 5.79
N GLY A 126 -11.44 5.05 5.33
CA GLY A 126 -10.55 4.10 4.73
C GLY A 126 -10.23 4.38 3.28
N TYR A 127 -10.24 5.64 2.88
CA TYR A 127 -9.92 5.99 1.50
C TYR A 127 -8.45 6.33 1.38
N ARG A 128 -7.90 6.22 0.18
CA ARG A 128 -6.45 6.17 0.02
C ARG A 128 -5.86 7.50 -0.46
N LEU A 129 -6.60 8.24 -1.28
CA LEU A 129 -6.13 9.53 -1.85
C LEU A 129 -4.63 9.49 -2.18
N GLY A 130 -4.28 8.73 -3.21
CA GLY A 130 -2.90 8.58 -3.58
C GLY A 130 -2.46 9.61 -4.59
N PHE A 131 -1.37 9.33 -5.29
CA PHE A 131 -0.85 10.25 -6.31
C PHE A 131 -1.78 10.29 -7.51
N GLY A 132 -2.70 11.24 -7.49
CA GLY A 132 -3.62 11.41 -8.59
C GLY A 132 -4.81 10.48 -8.50
N LYS A 133 -5.80 10.70 -9.35
CA LYS A 133 -6.97 9.85 -9.39
C LYS A 133 -7.36 9.62 -10.86
N GLY A 134 -8.28 8.71 -11.10
CA GLY A 134 -8.61 8.34 -12.45
C GLY A 134 -7.69 7.26 -12.97
N TYR A 135 -6.40 7.47 -12.77
CA TYR A 135 -5.41 6.45 -13.06
C TYR A 135 -5.40 5.41 -11.95
N TYR A 136 -4.96 4.20 -12.29
CA TYR A 136 -4.90 3.08 -11.35
C TYR A 136 -6.30 2.57 -11.01
N ASP A 137 -7.31 3.20 -11.60
CA ASP A 137 -8.67 2.71 -11.54
C ASP A 137 -8.75 1.44 -12.38
N ARG A 138 -9.78 0.61 -12.17
CA ARG A 138 -9.89 -0.70 -12.84
C ARG A 138 -8.88 -1.69 -12.25
N LEU A 139 -7.67 -1.21 -11.98
CA LEU A 139 -6.65 -2.03 -11.35
C LEU A 139 -7.05 -2.38 -9.92
N LEU A 140 -7.14 -1.38 -9.06
CA LEU A 140 -7.41 -1.58 -7.65
C LEU A 140 -8.87 -2.02 -7.42
N LYS A 141 -9.69 -1.89 -8.45
CA LYS A 141 -11.06 -2.37 -8.39
C LYS A 141 -11.11 -3.87 -8.63
N ARG A 142 -10.08 -4.38 -9.31
CA ARG A 142 -9.99 -5.79 -9.63
C ARG A 142 -9.14 -6.52 -8.60
N VAL A 143 -8.10 -5.86 -8.11
CA VAL A 143 -7.26 -6.43 -7.06
C VAL A 143 -8.01 -6.39 -5.73
N LYS A 144 -8.68 -7.49 -5.42
CA LYS A 144 -9.51 -7.56 -4.23
C LYS A 144 -8.80 -8.32 -3.11
N GLY A 145 -7.48 -8.32 -3.14
CA GLY A 145 -6.71 -8.91 -2.06
C GLY A 145 -6.73 -8.03 -0.83
N LEU A 146 -5.99 -8.42 0.20
CA LEU A 146 -5.94 -7.63 1.41
C LEU A 146 -5.15 -6.33 1.17
N LYS A 147 -5.88 -5.26 0.93
CA LYS A 147 -5.29 -3.97 0.60
C LYS A 147 -4.93 -3.23 1.87
N VAL A 148 -3.66 -3.23 2.20
CA VAL A 148 -3.17 -2.56 3.39
C VAL A 148 -2.49 -1.25 3.03
N GLY A 149 -3.03 -0.17 3.57
CA GLY A 149 -2.44 1.14 3.36
C GLY A 149 -1.35 1.41 4.36
N VAL A 150 -0.21 1.85 3.87
CA VAL A 150 0.93 2.11 4.73
C VAL A 150 1.26 3.60 4.73
N ALA A 151 1.20 4.22 5.91
CA ALA A 151 1.48 5.65 6.03
C ALA A 151 1.73 6.03 7.48
N TYR A 152 2.17 7.27 7.68
CA TYR A 152 2.35 7.80 9.02
C TYR A 152 1.03 8.41 9.51
N SER A 153 0.90 8.62 10.81
CA SER A 153 -0.34 9.17 11.35
C SER A 153 -0.39 10.68 11.09
N PHE A 154 0.72 11.24 10.64
CA PHE A 154 0.78 12.64 10.23
C PHE A 154 -0.17 12.89 9.06
N GLN A 155 -0.38 11.86 8.25
CA GLN A 155 -1.18 12.01 7.04
C GLN A 155 -2.55 11.36 7.20
N VAL A 156 -2.97 11.16 8.44
CA VAL A 156 -4.27 10.58 8.71
C VAL A 156 -5.26 11.66 9.15
N PHE A 157 -6.29 11.85 8.34
CA PHE A 157 -7.36 12.79 8.65
C PHE A 157 -8.58 12.05 9.19
N GLU A 158 -9.67 12.76 9.34
CA GLU A 158 -10.93 12.17 9.74
C GLU A 158 -11.72 11.79 8.51
N ARG A 159 -11.75 12.71 7.55
CA ARG A 159 -12.53 12.56 6.34
C ARG A 159 -11.84 13.24 5.16
N LEU A 160 -11.60 12.50 4.09
CA LEU A 160 -10.98 13.05 2.90
C LEU A 160 -12.03 13.71 2.01
N PRO A 161 -11.67 14.82 1.34
CA PRO A 161 -12.51 15.44 0.33
C PRO A 161 -12.47 14.64 -0.97
N ARG A 162 -13.53 13.86 -1.20
CA ARG A 162 -13.54 12.92 -2.32
C ARG A 162 -14.50 13.40 -3.40
N ASP A 163 -14.26 12.96 -4.63
CA ASP A 163 -15.20 13.17 -5.71
C ASP A 163 -16.50 12.44 -5.38
N ALA A 164 -16.36 11.14 -5.13
CA ALA A 164 -17.47 10.30 -4.72
C ALA A 164 -16.98 8.92 -4.34
N TRP A 165 -16.19 8.32 -5.22
CA TRP A 165 -15.65 7.01 -4.96
C TRP A 165 -14.14 6.98 -5.19
N ASP A 166 -13.41 7.39 -4.17
CA ASP A 166 -11.97 7.14 -4.15
C ASP A 166 -11.72 5.69 -3.76
N ILE A 167 -10.64 5.12 -4.23
CA ILE A 167 -10.35 3.71 -3.98
C ILE A 167 -9.89 3.49 -2.54
N PRO A 168 -10.71 2.78 -1.75
CA PRO A 168 -10.43 2.56 -0.34
C PRO A 168 -9.59 1.31 -0.09
N VAL A 169 -8.99 1.25 1.10
CA VAL A 169 -8.22 0.08 1.51
C VAL A 169 -9.00 -0.74 2.55
N ASP A 170 -8.44 -1.86 2.95
CA ASP A 170 -9.10 -2.74 3.91
C ASP A 170 -8.55 -2.51 5.30
N VAL A 171 -7.23 -2.44 5.39
CA VAL A 171 -6.55 -2.21 6.66
C VAL A 171 -5.56 -1.07 6.53
N LEU A 172 -5.46 -0.24 7.54
CA LEU A 172 -4.53 0.89 7.54
C LEU A 172 -3.49 0.74 8.63
N VAL A 173 -2.24 0.58 8.25
CA VAL A 173 -1.15 0.44 9.22
C VAL A 173 -0.37 1.75 9.31
N THR A 174 -0.29 2.30 10.51
CA THR A 174 0.40 3.56 10.71
C THR A 174 1.62 3.36 11.61
N GLU A 175 2.25 4.49 11.95
CA GLU A 175 3.41 4.50 12.83
C GLU A 175 3.02 4.16 14.26
N LYS A 176 1.72 4.20 14.54
CA LYS A 176 1.22 3.90 15.88
C LYS A 176 0.23 2.74 15.88
N ASN A 177 -0.95 2.96 15.33
CA ASN A 177 -2.06 2.02 15.50
C ASN A 177 -2.39 1.29 14.21
N VAL A 178 -3.23 0.27 14.32
CA VAL A 178 -3.68 -0.50 13.17
C VAL A 178 -5.18 -0.35 13.01
N ARG A 179 -5.61 0.18 11.88
CA ARG A 179 -7.01 0.41 11.62
C ARG A 179 -7.63 -0.76 10.86
N ARG A 180 -8.37 -1.59 11.57
CA ARG A 180 -9.18 -2.62 10.92
C ARG A 180 -10.45 -2.01 10.39
N LEU A 181 -10.39 -1.53 9.16
CA LEU A 181 -11.49 -0.80 8.56
C LEU A 181 -12.56 -1.75 8.03
N ARG A 182 -12.14 -2.72 7.24
CA ARG A 182 -13.05 -3.75 6.76
C ARG A 182 -13.09 -4.90 7.77
N ASP A 183 -12.17 -5.86 7.62
CA ASP A 183 -12.01 -6.97 8.56
C ASP A 183 -13.29 -7.79 8.73
N GLY A 184 -14.11 -7.43 9.71
CA GLY A 184 -15.30 -8.20 10.01
C GLY A 184 -16.57 -7.54 9.52
N ARG A 185 -16.56 -7.10 8.28
CA ARG A 185 -17.75 -6.53 7.67
C ARG A 185 -18.64 -7.64 7.14
N SER A 186 -18.14 -8.34 6.11
CA SER A 186 -18.87 -9.41 5.43
C SER A 186 -20.31 -8.98 5.09
N LEU A 187 -21.19 -9.95 4.89
CA LEU A 187 -22.58 -9.66 4.58
C LEU A 187 -23.49 -10.10 5.70
N GLU A 188 -24.48 -9.26 6.02
CA GLU A 188 -25.48 -9.52 7.06
C GLU A 188 -24.85 -9.51 8.46
N HIS A 189 -24.19 -10.59 8.81
CA HIS A 189 -23.60 -10.74 10.13
C HIS A 189 -22.44 -11.70 10.07
N HIS A 190 -21.62 -11.71 11.12
CA HIS A 190 -20.49 -12.61 11.19
C HIS A 190 -20.51 -13.33 12.54
N HIS A 191 -21.00 -14.57 12.53
CA HIS A 191 -21.26 -15.30 13.77
C HIS A 191 -19.98 -15.96 14.28
N HIS A 192 -19.01 -15.13 14.64
CA HIS A 192 -17.74 -15.59 15.20
C HIS A 192 -17.59 -15.06 16.62
N HIS A 193 -18.55 -14.26 17.03
CA HIS A 193 -18.58 -13.70 18.38
C HIS A 193 -20.02 -13.57 18.82
N HIS A 194 -20.85 -13.06 17.93
CA HIS A 194 -22.28 -13.01 18.12
C HIS A 194 -22.93 -12.84 16.75
N MET A 1 -13.02 21.41 -6.35
CA MET A 1 -12.32 21.18 -5.08
C MET A 1 -10.87 20.80 -5.35
N LEU A 2 -9.96 21.39 -4.59
CA LEU A 2 -8.54 21.16 -4.80
C LEU A 2 -8.04 20.04 -3.90
N LYS A 3 -8.19 18.81 -4.37
CA LYS A 3 -7.77 17.65 -3.60
C LYS A 3 -6.26 17.51 -3.64
N SER A 4 -5.67 17.82 -4.78
CA SER A 4 -4.24 17.74 -4.95
C SER A 4 -3.51 18.82 -4.16
N GLU A 5 -4.20 19.93 -3.88
CA GLU A 5 -3.62 20.99 -3.08
C GLU A 5 -3.53 20.54 -1.63
N LEU A 6 -4.55 19.82 -1.17
CA LEU A 6 -4.56 19.26 0.17
C LEU A 6 -3.55 18.11 0.25
N ARG A 7 -3.48 17.32 -0.81
CA ARG A 7 -2.48 16.26 -0.92
C ARG A 7 -1.08 16.84 -0.86
N LYS A 8 -0.88 17.92 -1.60
CA LYS A 8 0.40 18.63 -1.62
C LYS A 8 0.73 19.23 -0.26
N LYS A 9 -0.31 19.63 0.45
CA LYS A 9 -0.16 20.18 1.80
C LYS A 9 0.42 19.12 2.73
N VAL A 10 -0.14 17.92 2.68
CA VAL A 10 0.31 16.82 3.50
C VAL A 10 1.64 16.28 3.00
N LEU A 11 1.75 16.13 1.68
CA LEU A 11 2.95 15.59 1.05
C LEU A 11 4.18 16.43 1.40
N HIS A 12 3.97 17.74 1.56
CA HIS A 12 5.06 18.64 1.90
C HIS A 12 5.68 18.25 3.24
N LYS A 13 4.83 17.93 4.21
CA LYS A 13 5.32 17.53 5.52
C LYS A 13 5.72 16.05 5.55
N ARG A 14 5.14 15.29 4.64
CA ARG A 14 5.45 13.87 4.48
C ARG A 14 6.94 13.68 4.21
N ILE A 15 7.45 14.39 3.21
CA ILE A 15 8.86 14.29 2.86
C ILE A 15 9.70 15.33 3.62
N ASN A 16 9.05 16.07 4.52
CA ASN A 16 9.72 17.08 5.32
C ASN A 16 10.38 16.46 6.54
N LEU A 17 9.93 15.27 6.90
CA LEU A 17 10.46 14.58 8.07
C LEU A 17 11.94 14.26 7.90
N SER A 18 12.70 14.57 8.92
CA SER A 18 14.14 14.33 8.92
C SER A 18 14.42 12.83 9.00
N GLU A 19 15.56 12.41 8.47
CA GLU A 19 15.89 10.98 8.39
C GLU A 19 15.85 10.30 9.77
N GLU A 20 16.41 10.97 10.78
CA GLU A 20 16.45 10.42 12.13
C GLU A 20 15.04 10.16 12.67
N GLU A 21 14.23 11.22 12.70
CA GLU A 21 12.86 11.13 13.22
C GLU A 21 12.04 10.14 12.39
N ARG A 22 12.17 10.23 11.08
CA ARG A 22 11.42 9.41 10.15
C ARG A 22 11.76 7.93 10.33
N ARG A 23 13.05 7.65 10.50
CA ARG A 23 13.51 6.27 10.69
C ARG A 23 12.92 5.67 11.96
N ARG A 24 12.91 6.46 13.03
CA ARG A 24 12.37 6.02 14.30
C ARG A 24 10.90 5.66 14.18
N LEU A 25 10.18 6.45 13.40
CA LEU A 25 8.76 6.22 13.17
C LEU A 25 8.55 4.99 12.27
N SER A 26 9.32 4.92 11.18
CA SER A 26 9.22 3.80 10.25
C SER A 26 9.56 2.47 10.92
N GLU A 27 10.51 2.53 11.85
CA GLU A 27 10.93 1.34 12.59
C GLU A 27 9.72 0.72 13.29
N LYS A 28 8.89 1.56 13.89
CA LYS A 28 7.69 1.11 14.56
C LYS A 28 6.68 0.54 13.57
N VAL A 29 6.57 1.17 12.40
CA VAL A 29 5.64 0.71 11.38
C VAL A 29 6.04 -0.66 10.86
N ILE A 30 7.32 -0.82 10.54
CA ILE A 30 7.83 -2.10 10.06
C ILE A 30 7.67 -3.18 11.14
N SER A 31 7.93 -2.79 12.38
CA SER A 31 7.79 -3.70 13.50
C SER A 31 6.33 -4.11 13.67
N ASN A 32 5.44 -3.16 13.41
CA ASN A 32 4.00 -3.39 13.51
C ASN A 32 3.54 -4.34 12.42
N LEU A 33 4.01 -4.10 11.20
CA LEU A 33 3.68 -4.96 10.06
C LEU A 33 4.26 -6.35 10.27
N LYS A 34 5.47 -6.42 10.82
CA LYS A 34 6.08 -7.70 11.14
C LYS A 34 5.33 -8.41 12.25
N SER A 35 4.66 -7.64 13.09
CA SER A 35 3.89 -8.19 14.20
C SER A 35 2.52 -8.63 13.73
N LEU A 36 2.11 -8.14 12.56
CA LEU A 36 0.82 -8.49 11.97
C LEU A 36 0.81 -9.96 11.56
N PRO A 37 0.01 -10.79 12.24
CA PRO A 37 -0.04 -12.24 11.97
C PRO A 37 -0.56 -12.57 10.58
N GLU A 38 -1.35 -11.67 10.02
CA GLU A 38 -1.96 -11.88 8.70
C GLU A 38 -0.91 -11.77 7.61
N PHE A 39 0.16 -11.04 7.89
CA PHE A 39 1.26 -10.91 6.94
C PHE A 39 1.91 -12.27 6.72
N LYS A 40 2.09 -13.02 7.80
CA LYS A 40 2.67 -14.35 7.70
C LYS A 40 1.61 -15.39 7.35
N LYS A 41 0.38 -14.93 7.25
CA LYS A 41 -0.72 -15.79 6.81
C LYS A 41 -0.78 -15.80 5.29
N SER A 42 -0.44 -14.66 4.69
CA SER A 42 -0.41 -14.52 3.25
C SER A 42 0.89 -15.07 2.66
N LYS A 43 0.84 -15.52 1.41
CA LYS A 43 2.00 -16.06 0.73
C LYS A 43 2.45 -15.12 -0.39
N LYS A 44 1.46 -14.58 -1.09
CA LYS A 44 1.71 -13.67 -2.21
C LYS A 44 1.71 -12.23 -1.71
N VAL A 45 2.88 -11.61 -1.65
CA VAL A 45 2.99 -10.26 -1.10
C VAL A 45 3.48 -9.27 -2.15
N ALA A 46 2.61 -8.34 -2.51
CA ALA A 46 2.95 -7.29 -3.45
C ALA A 46 3.19 -5.98 -2.72
N LEU A 47 4.27 -5.29 -3.05
CA LEU A 47 4.58 -4.03 -2.40
C LEU A 47 4.69 -2.91 -3.42
N TYR A 48 3.98 -1.83 -3.16
CA TYR A 48 4.05 -0.66 -4.02
C TYR A 48 5.18 0.23 -3.55
N CYS A 49 6.24 0.28 -4.35
CA CYS A 49 7.46 1.03 -3.99
C CYS A 49 7.14 2.47 -3.59
N PRO A 50 7.41 2.82 -2.32
CA PRO A 50 7.14 4.17 -1.81
C PRO A 50 8.17 5.19 -2.26
N ILE A 51 8.14 5.51 -3.55
CA ILE A 51 9.08 6.47 -4.13
C ILE A 51 9.03 7.81 -3.39
N LYS A 52 7.82 8.27 -3.10
CA LYS A 52 7.62 9.50 -2.35
C LYS A 52 7.01 9.19 -0.99
N GLY A 53 7.34 8.02 -0.49
CA GLY A 53 6.86 7.61 0.81
C GLY A 53 7.92 7.81 1.88
N GLU A 54 7.49 8.09 3.09
CA GLU A 54 8.40 8.32 4.18
C GLU A 54 8.70 7.00 4.89
N VAL A 55 7.69 6.14 4.97
CA VAL A 55 7.87 4.82 5.56
C VAL A 55 8.66 3.93 4.60
N ASP A 56 9.92 3.73 4.92
CA ASP A 56 10.80 2.94 4.08
C ASP A 56 10.57 1.45 4.26
N LEU A 57 9.84 0.85 3.32
CA LEU A 57 9.53 -0.57 3.37
C LEU A 57 10.43 -1.36 2.42
N THR A 58 11.39 -0.67 1.83
CA THR A 58 12.26 -1.25 0.81
C THR A 58 13.07 -2.45 1.37
N PRO A 59 13.80 -2.29 2.50
CA PRO A 59 14.61 -3.38 3.07
C PRO A 59 13.78 -4.53 3.65
N LEU A 60 12.46 -4.49 3.44
CA LEU A 60 11.59 -5.56 3.91
C LEU A 60 11.49 -6.65 2.84
N PHE A 61 11.92 -6.32 1.63
CA PHE A 61 11.90 -7.28 0.51
C PHE A 61 12.64 -8.58 0.84
N PRO A 62 13.90 -8.51 1.37
CA PRO A 62 14.65 -9.71 1.78
C PRO A 62 13.87 -10.62 2.74
N GLU A 63 13.09 -10.00 3.62
CA GLU A 63 12.31 -10.74 4.60
C GLU A 63 11.15 -11.46 3.90
N VAL A 64 10.65 -10.85 2.83
CA VAL A 64 9.59 -11.47 2.04
C VAL A 64 10.17 -12.58 1.17
N LEU A 65 11.34 -12.36 0.60
CA LEU A 65 12.01 -13.36 -0.23
C LEU A 65 12.42 -14.57 0.61
N LYS A 66 12.34 -14.41 1.93
CA LYS A 66 12.64 -15.48 2.87
C LYS A 66 11.66 -16.63 2.73
N GLU A 67 10.38 -16.35 2.95
CA GLU A 67 9.37 -17.39 3.02
C GLU A 67 8.27 -17.21 1.97
N LYS A 68 8.14 -16.00 1.45
CA LYS A 68 7.05 -15.69 0.54
C LYS A 68 7.59 -15.32 -0.83
N GLU A 69 6.71 -14.86 -1.71
CA GLU A 69 7.13 -14.38 -3.02
C GLU A 69 6.89 -12.88 -3.12
N LEU A 70 7.80 -12.19 -3.78
CA LEU A 70 7.70 -10.74 -3.94
C LEU A 70 6.98 -10.41 -5.23
N ILE A 71 5.92 -9.63 -5.13
CA ILE A 71 5.17 -9.22 -6.30
C ILE A 71 5.34 -7.72 -6.57
N LEU A 72 5.75 -7.40 -7.79
CA LEU A 72 5.96 -6.02 -8.18
C LEU A 72 5.12 -5.68 -9.41
N PRO A 73 4.66 -4.42 -9.52
CA PRO A 73 3.84 -3.96 -10.65
C PRO A 73 4.69 -3.57 -11.86
N LYS A 74 4.38 -4.16 -13.00
CA LYS A 74 5.06 -3.84 -14.26
C LYS A 74 4.08 -3.18 -15.22
N VAL A 75 4.53 -2.16 -15.92
CA VAL A 75 3.67 -1.43 -16.84
C VAL A 75 3.98 -1.81 -18.28
N GLU A 76 3.16 -2.69 -18.84
CA GLU A 76 3.29 -3.08 -20.24
C GLU A 76 2.61 -2.04 -21.13
N GLY A 77 3.32 -0.95 -21.41
CA GLY A 77 2.74 0.15 -22.14
C GLY A 77 1.75 0.92 -21.28
N ASN A 78 0.50 0.50 -21.32
CA ASN A 78 -0.52 1.05 -20.44
C ASN A 78 -1.17 -0.06 -19.62
N GLU A 79 -0.83 -1.31 -19.95
CA GLU A 79 -1.38 -2.45 -19.25
C GLU A 79 -0.48 -2.81 -18.07
N ILE A 80 -0.88 -2.38 -16.89
CA ILE A 80 -0.10 -2.66 -15.70
C ILE A 80 -0.59 -3.94 -15.04
N SER A 81 0.34 -4.84 -14.77
CA SER A 81 0.03 -6.11 -14.16
C SER A 81 1.07 -6.44 -13.10
N LEU A 82 0.79 -7.43 -12.27
CA LEU A 82 1.70 -7.79 -11.20
C LEU A 82 2.53 -8.99 -11.61
N TYR A 83 3.81 -8.95 -11.28
CA TYR A 83 4.71 -10.06 -11.55
C TYR A 83 5.29 -10.61 -10.26
N ARG A 84 5.17 -11.92 -10.07
CA ARG A 84 5.65 -12.56 -8.87
C ARG A 84 7.04 -13.14 -9.09
N VAL A 85 8.03 -12.56 -8.42
CA VAL A 85 9.39 -13.05 -8.51
C VAL A 85 9.75 -13.86 -7.29
N HIS A 86 10.43 -14.98 -7.50
CA HIS A 86 10.84 -15.85 -6.42
C HIS A 86 12.27 -15.53 -6.00
N SER A 87 12.89 -14.63 -6.75
CA SER A 87 14.26 -14.26 -6.54
C SER A 87 14.57 -13.00 -7.36
N PRO A 88 15.41 -12.09 -6.83
CA PRO A 88 15.82 -10.89 -7.55
C PRO A 88 16.77 -11.22 -8.70
N ALA A 89 16.24 -11.84 -9.75
CA ALA A 89 17.02 -12.22 -10.90
C ALA A 89 16.58 -11.44 -12.14
N CYS A 90 15.32 -11.57 -12.47
CA CYS A 90 14.75 -10.93 -13.66
C CYS A 90 14.29 -9.50 -13.36
N LEU A 91 14.85 -8.92 -12.31
CA LEU A 91 14.49 -7.57 -11.92
C LEU A 91 15.54 -6.58 -12.41
N GLY A 92 15.17 -5.79 -13.40
CA GLY A 92 16.04 -4.75 -13.90
C GLY A 92 15.46 -3.38 -13.66
N VAL A 93 15.83 -2.42 -14.48
CA VAL A 93 15.27 -1.08 -14.38
C VAL A 93 14.83 -0.59 -15.75
N GLY A 94 13.53 -0.52 -15.95
CA GLY A 94 13.00 -0.05 -17.22
C GLY A 94 11.65 0.63 -17.07
N ALA A 95 11.14 0.66 -15.85
CA ALA A 95 9.84 1.28 -15.59
C ALA A 95 10.02 2.77 -15.34
N PHE A 96 9.03 3.39 -14.72
CA PHE A 96 9.05 4.82 -14.43
C PHE A 96 10.18 5.18 -13.46
N GLY A 97 10.69 4.17 -12.76
CA GLY A 97 11.75 4.38 -11.80
C GLY A 97 11.94 3.19 -10.89
N ILE A 98 10.89 2.39 -10.76
CA ILE A 98 10.93 1.19 -9.94
C ILE A 98 11.52 0.02 -10.72
N MET A 99 11.73 -1.09 -10.02
CA MET A 99 12.30 -2.29 -10.62
C MET A 99 11.39 -2.84 -11.71
N GLU A 100 12.01 -3.25 -12.81
CA GLU A 100 11.29 -3.77 -13.96
C GLU A 100 11.51 -5.27 -14.08
N PRO A 101 10.49 -6.08 -13.76
CA PRO A 101 10.57 -7.52 -13.95
C PRO A 101 10.45 -7.88 -15.43
N VAL A 102 11.56 -8.26 -16.04
CA VAL A 102 11.57 -8.53 -17.48
C VAL A 102 10.73 -9.76 -17.80
N GLU A 103 10.90 -10.82 -17.04
CA GLU A 103 10.15 -12.05 -17.23
C GLU A 103 9.77 -12.64 -15.88
N GLY A 104 9.06 -13.76 -15.90
CA GLY A 104 8.67 -14.40 -14.67
C GLY A 104 7.24 -14.92 -14.71
N GLU A 105 6.46 -14.57 -13.70
CA GLU A 105 5.09 -15.03 -13.62
C GLU A 105 4.14 -13.85 -13.62
N ARG A 106 3.28 -13.78 -14.63
CA ARG A 106 2.28 -12.73 -14.71
C ARG A 106 1.10 -13.09 -13.81
N VAL A 107 1.11 -12.54 -12.60
CA VAL A 107 0.12 -12.86 -11.61
C VAL A 107 -0.97 -11.80 -11.56
N ASN A 108 -2.20 -12.22 -11.81
CA ASN A 108 -3.34 -11.32 -11.71
C ASN A 108 -3.66 -11.08 -10.25
N PRO A 109 -4.28 -9.94 -9.91
CA PRO A 109 -4.65 -9.59 -8.53
C PRO A 109 -5.47 -10.66 -7.84
N GLU A 110 -6.08 -11.53 -8.64
CA GLU A 110 -6.85 -12.67 -8.13
C GLU A 110 -6.00 -13.54 -7.22
N ASP A 111 -4.76 -13.75 -7.61
CA ASP A 111 -3.86 -14.69 -6.93
C ASP A 111 -3.13 -14.01 -5.78
N VAL A 112 -3.25 -12.70 -5.69
CA VAL A 112 -2.53 -11.91 -4.69
C VAL A 112 -3.24 -11.97 -3.34
N ASP A 113 -2.48 -12.23 -2.29
CA ASP A 113 -3.02 -12.27 -0.94
C ASP A 113 -2.90 -10.91 -0.27
N PHE A 114 -1.71 -10.34 -0.35
CA PHE A 114 -1.38 -9.14 0.41
C PHE A 114 -0.75 -8.09 -0.50
N ILE A 115 -1.13 -6.84 -0.32
CA ILE A 115 -0.51 -5.73 -1.04
C ILE A 115 -0.42 -4.50 -0.13
N ALA A 116 0.69 -3.80 -0.23
CA ALA A 116 0.92 -2.62 0.60
C ALA A 116 1.02 -1.36 -0.24
N VAL A 117 0.21 -0.35 0.10
CA VAL A 117 0.20 0.91 -0.62
C VAL A 117 0.57 2.06 0.33
N PRO A 118 1.63 2.81 0.01
CA PRO A 118 2.07 3.95 0.84
C PRO A 118 1.13 5.15 0.78
N GLY A 119 0.63 5.45 -0.43
CA GLY A 119 -0.28 6.57 -0.60
C GLY A 119 0.34 7.90 -0.24
N VAL A 120 -0.48 8.80 0.31
CA VAL A 120 -0.02 10.11 0.77
C VAL A 120 -0.70 10.47 2.09
N ALA A 121 -2.00 10.26 2.14
CA ALA A 121 -2.78 10.51 3.35
C ALA A 121 -4.10 9.75 3.26
N PHE A 122 -4.72 9.48 4.41
CA PHE A 122 -5.96 8.72 4.44
C PHE A 122 -6.96 9.35 5.39
N ASP A 123 -8.22 8.93 5.30
CA ASP A 123 -9.26 9.41 6.20
C ASP A 123 -9.70 8.28 7.14
N LEU A 124 -10.76 8.51 7.91
CA LEU A 124 -11.19 7.53 8.91
C LEU A 124 -11.82 6.28 8.29
N GLU A 125 -12.17 6.32 7.01
CA GLU A 125 -12.79 5.16 6.38
C GLU A 125 -11.77 4.40 5.53
N GLY A 126 -10.70 5.08 5.14
CA GLY A 126 -9.62 4.42 4.46
C GLY A 126 -9.52 4.81 3.00
N TYR A 127 -9.88 6.05 2.69
CA TYR A 127 -9.77 6.56 1.34
C TYR A 127 -8.48 7.34 1.17
N ARG A 128 -7.91 7.28 -0.02
CA ARG A 128 -6.65 7.94 -0.31
C ARG A 128 -6.88 9.41 -0.66
N LEU A 129 -5.90 10.25 -0.36
CA LEU A 129 -5.93 11.65 -0.73
C LEU A 129 -5.19 11.85 -2.06
N GLY A 130 -4.94 10.77 -2.76
CA GLY A 130 -4.26 10.84 -4.04
C GLY A 130 -3.18 9.78 -4.17
N PHE A 131 -2.08 10.17 -4.81
CA PHE A 131 -0.94 9.27 -5.07
C PHE A 131 -1.29 8.27 -6.18
N GLY A 132 -0.63 8.44 -7.32
CA GLY A 132 -0.92 7.60 -8.47
C GLY A 132 -1.41 8.43 -9.63
N LYS A 133 -0.56 9.33 -10.10
CA LYS A 133 -0.91 10.24 -11.19
C LYS A 133 -1.06 9.45 -12.49
N GLY A 134 -2.16 9.69 -13.18
CA GLY A 134 -2.44 8.96 -14.40
C GLY A 134 -3.74 8.19 -14.30
N TYR A 135 -3.65 6.88 -14.30
CA TYR A 135 -4.84 6.03 -14.16
C TYR A 135 -4.57 4.92 -13.14
N TYR A 136 -4.18 3.75 -13.64
CA TYR A 136 -3.85 2.59 -12.80
C TYR A 136 -5.07 2.09 -12.01
N ASP A 137 -6.24 2.58 -12.43
CA ASP A 137 -7.51 2.18 -11.85
C ASP A 137 -7.73 0.68 -12.07
N ARG A 138 -7.34 0.22 -13.25
CA ARG A 138 -7.48 -1.18 -13.63
C ARG A 138 -6.67 -2.10 -12.71
N LEU A 139 -5.72 -1.54 -11.98
CA LEU A 139 -4.91 -2.33 -11.08
C LEU A 139 -5.49 -2.34 -9.68
N LEU A 140 -5.43 -1.19 -9.01
CA LEU A 140 -5.77 -1.12 -7.58
C LEU A 140 -7.23 -1.46 -7.31
N LYS A 141 -8.11 -1.14 -8.25
CA LYS A 141 -9.54 -1.39 -8.06
C LYS A 141 -9.87 -2.85 -8.37
N ARG A 142 -8.97 -3.54 -9.04
CA ARG A 142 -9.19 -4.94 -9.39
C ARG A 142 -8.41 -5.86 -8.46
N VAL A 143 -7.59 -5.28 -7.59
CA VAL A 143 -6.91 -6.05 -6.56
C VAL A 143 -7.94 -6.70 -5.63
N LYS A 144 -8.01 -8.02 -5.69
CA LYS A 144 -8.96 -8.77 -4.88
C LYS A 144 -8.33 -9.19 -3.56
N GLY A 145 -7.04 -8.96 -3.43
CA GLY A 145 -6.34 -9.30 -2.20
C GLY A 145 -6.54 -8.26 -1.12
N LEU A 146 -5.84 -8.42 -0.02
CA LEU A 146 -5.96 -7.51 1.10
C LEU A 146 -5.13 -6.24 0.85
N LYS A 147 -5.81 -5.14 0.58
CA LYS A 147 -5.14 -3.89 0.29
C LYS A 147 -4.83 -3.15 1.58
N VAL A 148 -3.57 -3.15 1.96
CA VAL A 148 -3.12 -2.55 3.20
C VAL A 148 -2.47 -1.19 2.94
N GLY A 149 -3.00 -0.17 3.59
CA GLY A 149 -2.41 1.15 3.49
C GLY A 149 -1.41 1.38 4.60
N VAL A 150 -0.28 2.00 4.27
CA VAL A 150 0.75 2.27 5.24
C VAL A 150 0.89 3.77 5.46
N ALA A 151 0.52 4.23 6.65
CA ALA A 151 0.55 5.65 6.97
C ALA A 151 0.75 5.88 8.46
N TYR A 152 1.15 7.09 8.82
CA TYR A 152 1.30 7.44 10.23
C TYR A 152 -0.03 7.89 10.81
N SER A 153 -0.07 8.06 12.12
CA SER A 153 -1.32 8.38 12.82
C SER A 153 -1.75 9.82 12.53
N PHE A 154 -0.77 10.73 12.47
CA PHE A 154 -1.07 12.13 12.18
C PHE A 154 -1.38 12.31 10.69
N GLN A 155 -1.17 11.25 9.93
CA GLN A 155 -1.36 11.27 8.49
C GLN A 155 -2.75 10.74 8.14
N VAL A 156 -3.43 10.23 9.15
CA VAL A 156 -4.80 9.77 8.99
C VAL A 156 -5.75 10.83 9.56
N PHE A 157 -6.48 11.48 8.68
CA PHE A 157 -7.39 12.55 9.08
C PHE A 157 -8.77 11.98 9.35
N GLU A 158 -9.69 12.85 9.72
CA GLU A 158 -11.06 12.42 9.98
C GLU A 158 -11.83 12.33 8.67
N ARG A 159 -11.81 13.41 7.91
CA ARG A 159 -12.52 13.45 6.64
C ARG A 159 -11.66 14.09 5.56
N LEU A 160 -11.73 13.54 4.37
CA LEU A 160 -11.06 14.09 3.20
C LEU A 160 -12.04 14.14 2.05
N PRO A 161 -11.79 14.98 1.03
CA PRO A 161 -12.61 15.00 -0.19
C PRO A 161 -12.68 13.61 -0.82
N ARG A 162 -13.79 12.93 -0.60
CA ARG A 162 -13.93 11.53 -0.94
C ARG A 162 -14.60 11.34 -2.30
N ASP A 163 -13.96 10.55 -3.15
CA ASP A 163 -14.54 10.16 -4.43
C ASP A 163 -15.21 8.79 -4.25
N ALA A 164 -16.40 8.63 -4.80
CA ALA A 164 -17.18 7.42 -4.59
C ALA A 164 -16.72 6.29 -5.51
N TRP A 165 -15.94 6.64 -6.53
CA TRP A 165 -15.42 5.66 -7.47
C TRP A 165 -13.90 5.64 -7.45
N ASP A 166 -13.33 6.10 -6.34
CA ASP A 166 -11.88 6.10 -6.17
C ASP A 166 -11.44 4.76 -5.56
N ILE A 167 -10.27 4.74 -4.92
CA ILE A 167 -9.70 3.50 -4.44
C ILE A 167 -9.38 3.58 -2.94
N PRO A 168 -10.16 2.90 -2.10
CA PRO A 168 -9.92 2.82 -0.68
C PRO A 168 -9.12 1.57 -0.30
N VAL A 169 -8.74 1.47 0.97
CA VAL A 169 -7.99 0.31 1.45
C VAL A 169 -8.88 -0.59 2.29
N ASP A 170 -8.34 -1.74 2.71
CA ASP A 170 -9.09 -2.68 3.53
C ASP A 170 -8.55 -2.65 4.96
N VAL A 171 -7.22 -2.65 5.07
CA VAL A 171 -6.55 -2.57 6.36
C VAL A 171 -5.57 -1.42 6.37
N LEU A 172 -5.48 -0.71 7.49
CA LEU A 172 -4.62 0.45 7.59
C LEU A 172 -3.60 0.27 8.70
N VAL A 173 -2.36 -0.04 8.31
CA VAL A 173 -1.29 -0.22 9.28
C VAL A 173 -0.62 1.12 9.56
N THR A 174 -0.67 1.54 10.81
CA THR A 174 -0.11 2.82 11.19
C THR A 174 1.14 2.64 12.05
N GLU A 175 1.66 3.78 12.50
CA GLU A 175 2.82 3.81 13.39
C GLU A 175 2.57 3.06 14.69
N LYS A 176 1.31 3.00 15.10
CA LYS A 176 0.96 2.46 16.40
C LYS A 176 0.07 1.23 16.29
N ASN A 177 -1.07 1.36 15.63
CA ASN A 177 -2.06 0.27 15.61
C ASN A 177 -2.31 -0.21 14.19
N VAL A 178 -3.11 -1.26 14.08
CA VAL A 178 -3.53 -1.78 12.79
C VAL A 178 -5.05 -1.61 12.68
N ARG A 179 -5.47 -0.57 11.99
CA ARG A 179 -6.88 -0.24 11.90
C ARG A 179 -7.60 -1.13 10.90
N ARG A 180 -8.64 -1.79 11.38
CA ARG A 180 -9.48 -2.62 10.55
C ARG A 180 -10.65 -1.81 10.01
N LEU A 181 -10.52 -1.30 8.79
CA LEU A 181 -11.55 -0.45 8.20
C LEU A 181 -12.85 -1.23 8.01
N ARG A 182 -12.75 -2.36 7.32
CA ARG A 182 -13.91 -3.20 7.07
C ARG A 182 -13.73 -4.57 7.71
N ASP A 183 -12.99 -4.59 8.82
CA ASP A 183 -12.66 -5.84 9.53
C ASP A 183 -11.73 -6.69 8.66
N GLY A 184 -12.30 -7.42 7.71
CA GLY A 184 -11.50 -8.19 6.77
C GLY A 184 -10.79 -9.37 7.40
N ARG A 185 -11.20 -9.76 8.60
CA ARG A 185 -10.56 -10.86 9.30
C ARG A 185 -11.58 -11.88 9.81
N SER A 186 -12.84 -11.60 9.60
CA SER A 186 -13.90 -12.53 9.93
C SER A 186 -13.93 -13.66 8.91
N LEU A 187 -13.93 -14.89 9.40
CA LEU A 187 -13.82 -16.07 8.54
C LEU A 187 -15.19 -16.58 8.10
N GLU A 188 -15.23 -17.85 7.71
CA GLU A 188 -16.45 -18.48 7.23
C GLU A 188 -17.42 -18.76 8.39
N HIS A 189 -18.55 -19.35 8.05
CA HIS A 189 -19.57 -19.66 9.04
C HIS A 189 -19.67 -21.17 9.24
N HIS A 190 -19.13 -21.90 8.27
CA HIS A 190 -19.08 -23.35 8.34
C HIS A 190 -18.03 -23.79 9.35
N HIS A 191 -18.48 -24.33 10.46
CA HIS A 191 -17.60 -24.68 11.57
C HIS A 191 -16.75 -25.90 11.24
N HIS A 192 -15.44 -25.75 11.39
CA HIS A 192 -14.50 -26.85 11.20
C HIS A 192 -13.71 -27.06 12.50
N HIS A 193 -12.39 -27.13 12.38
CA HIS A 193 -11.53 -27.05 13.58
C HIS A 193 -11.76 -25.69 14.21
N HIS A 194 -12.04 -24.72 13.35
CA HIS A 194 -12.49 -23.41 13.75
C HIS A 194 -13.38 -22.85 12.65
#